data_3OXO
#
_entry.id   3OXO
#
_cell.length_a   69.121
_cell.length_b   107.133
_cell.length_c   134.565
_cell.angle_alpha   89.60
_cell.angle_beta   80.21
_cell.angle_gamma   75.13
#
_symmetry.space_group_name_H-M   'P 1'
#
loop_
_entity.id
_entity.type
_entity.pdbx_description
1 polymer 'Succinyl-CoA:3-ketoacid-coenzyme A transferase 1, mitochondrial'
2 non-polymer 'CHLORIDE ION'
3 non-polymer 'COENZYME A'
4 water water
#
_entity_poly.entity_id   1
_entity_poly.type   'polypeptide(L)'
_entity_poly.pdbx_seq_one_letter_code
;TKFYTDAVEAVKDIPNGATVLVGGFGLCGIPENLIGALLKTGVKELTAVSNNAGVDNFGLGLLLQSKQIKRMISSYVGEN
AEFERQYLAGELEVELTPQGTLAERIRAGGAGVPAFYTSTGYGTLVQEGGSPIKYNKDGSIAIASKPREVREFNGQHFIL
EEAIRGDFALVKAWKADQAGNVTFRKSARNFNLPMCKAAETTVVEVEEIVDIGSFAPEDIHIPKIYVHRLVKGEKYEKRI
ERLSVRKEEDVKTRSGKLGDNVRERIIKRAALEFEDGMYANLGIGIPLLASNFISPNMTVHLQSENGILGLGPYPLQNEV
DADLINAGKETVTVLPGASYFSSDESFAMIRGGHVNLTMLGAMQVSKYGDLANWMIPGKLVKGMGGAMDLVSSAKTKVVV
TMEHSAKGNAHKIMEKCTLPLTGKQCVNRIITEKAVFDVDRKKGLTLIELWEGLTVDDIKKSTGCDFAVSPKLIPMQQLE
HHHHHHHH
;
_entity_poly.pdbx_strand_id   A,B,C,D,E,F,G,H
#
# COMPACT_ATOMS: atom_id res chain seq x y z
N THR A 1 -46.31 8.90 -5.75
CA THR A 1 -46.94 9.61 -6.89
C THR A 1 -47.58 8.62 -7.85
N LYS A 2 -48.88 8.73 -8.04
CA LYS A 2 -49.57 7.90 -9.02
C LYS A 2 -49.61 8.60 -10.37
N PHE A 3 -49.11 7.92 -11.40
CA PHE A 3 -49.08 8.49 -12.75
C PHE A 3 -50.38 8.22 -13.50
N TYR A 4 -50.81 9.21 -14.26
CA TYR A 4 -52.00 9.09 -15.09
C TYR A 4 -51.66 9.42 -16.55
N THR A 5 -52.39 8.79 -17.46
CA THR A 5 -52.31 9.11 -18.89
C THR A 5 -53.47 10.00 -19.32
N ASP A 6 -54.56 9.98 -18.56
CA ASP A 6 -55.76 10.73 -18.87
C ASP A 6 -56.08 11.74 -17.73
N ALA A 7 -56.21 13.01 -18.08
CA ALA A 7 -56.40 14.09 -17.10
C ALA A 7 -57.75 13.99 -16.38
N VAL A 8 -58.79 13.59 -17.12
CA VAL A 8 -60.13 13.44 -16.55
C VAL A 8 -60.14 12.37 -15.45
N GLU A 9 -59.40 11.30 -15.68
CA GLU A 9 -59.25 10.24 -14.69
C GLU A 9 -58.57 10.76 -13.42
N ALA A 10 -57.66 11.70 -13.59
CA ALA A 10 -56.92 12.29 -12.47
C ALA A 10 -57.76 13.20 -11.59
N VAL A 11 -58.86 13.75 -12.12
CA VAL A 11 -59.67 14.74 -11.42
C VAL A 11 -61.15 14.37 -11.25
N LYS A 12 -61.53 13.17 -11.68
CA LYS A 12 -62.94 12.80 -11.73
C LYS A 12 -63.61 12.66 -10.36
N ASP A 13 -62.82 12.57 -9.30
CA ASP A 13 -63.36 12.36 -7.96
C ASP A 13 -63.50 13.65 -7.12
N ILE A 14 -63.35 14.81 -7.75
CA ILE A 14 -63.52 16.07 -7.05
C ILE A 14 -65.01 16.28 -6.79
N PRO A 15 -65.41 16.41 -5.52
CA PRO A 15 -66.83 16.61 -5.20
C PRO A 15 -67.33 18.03 -5.46
N ASN A 16 -68.63 18.15 -5.66
CA ASN A 16 -69.26 19.47 -5.73
C ASN A 16 -69.06 20.19 -4.41
N GLY A 17 -68.83 21.50 -4.47
CA GLY A 17 -68.57 22.28 -3.27
C GLY A 17 -67.14 22.21 -2.74
N ALA A 18 -66.28 21.49 -3.43
CA ALA A 18 -64.89 21.32 -3.01
C ALA A 18 -64.14 22.65 -3.09
N THR A 19 -63.11 22.80 -2.26
CA THR A 19 -62.20 23.93 -2.38
C THR A 19 -61.01 23.48 -3.21
N VAL A 20 -60.75 24.16 -4.32
CA VAL A 20 -59.70 23.76 -5.24
C VAL A 20 -58.70 24.88 -5.48
N LEU A 21 -57.44 24.66 -5.12
CA LEU A 21 -56.39 25.62 -5.39
C LEU A 21 -55.98 25.48 -6.86
N VAL A 22 -55.83 26.59 -7.58
CA VAL A 22 -55.46 26.55 -8.99
C VAL A 22 -54.24 27.41 -9.28
N GLY A 23 -53.20 26.77 -9.78
CA GLY A 23 -51.94 27.46 -10.02
C GLY A 23 -52.08 28.52 -11.07
N GLY A 24 -51.22 29.52 -11.01
CA GLY A 24 -51.10 30.43 -12.13
C GLY A 24 -51.03 31.89 -11.76
N PHE A 25 -50.24 32.63 -12.55
CA PHE A 25 -50.23 34.09 -12.54
C PHE A 25 -50.69 34.54 -13.91
N GLY A 26 -51.87 35.14 -13.98
CA GLY A 26 -52.54 35.41 -15.25
C GLY A 26 -52.71 34.14 -16.05
N LEU A 27 -52.04 34.06 -17.20
CA LEU A 27 -52.04 32.84 -18.02
C LEU A 27 -50.67 32.17 -17.98
N CYS A 28 -49.80 32.64 -17.10
CA CYS A 28 -48.46 32.08 -16.94
C CYS A 28 -48.49 31.01 -15.85
N GLY A 29 -48.19 29.78 -16.24
CA GLY A 29 -48.20 28.65 -15.31
C GLY A 29 -49.58 28.20 -14.87
N ILE A 30 -50.53 28.19 -15.80
CA ILE A 30 -51.88 27.71 -15.49
C ILE A 30 -52.04 26.24 -15.90
N PRO A 31 -52.77 25.47 -15.10
CA PRO A 31 -53.02 24.06 -15.44
C PRO A 31 -54.15 23.90 -16.46
N GLU A 32 -53.85 24.22 -17.72
CA GLU A 32 -54.89 24.29 -18.76
C GLU A 32 -55.55 22.94 -19.12
N ASN A 33 -54.81 21.83 -19.00
CA ASN A 33 -55.37 20.51 -19.26
C ASN A 33 -56.27 20.03 -18.12
N LEU A 34 -55.90 20.38 -16.88
CA LEU A 34 -56.71 20.00 -15.72
C LEU A 34 -57.99 20.83 -15.69
N ILE A 35 -57.87 22.11 -15.97
CA ILE A 35 -59.03 22.99 -16.09
C ILE A 35 -59.94 22.46 -17.18
N GLY A 36 -59.35 22.02 -18.28
CA GLY A 36 -60.07 21.41 -19.40
C GLY A 36 -60.78 20.13 -19.01
N ALA A 37 -60.13 19.29 -18.19
CA ALA A 37 -60.77 18.11 -17.64
C ALA A 37 -61.95 18.45 -16.72
N LEU A 38 -61.87 19.57 -16.00
CA LEU A 38 -62.97 19.97 -15.08
C LEU A 38 -64.19 20.43 -15.86
N LEU A 39 -64.00 20.91 -17.08
CA LEU A 39 -65.13 21.24 -17.94
C LEU A 39 -65.90 19.96 -18.28
N LYS A 40 -65.16 18.89 -18.57
CA LYS A 40 -65.77 17.60 -18.94
C LYS A 40 -66.49 16.91 -17.77
N THR A 41 -65.87 16.90 -16.59
CA THR A 41 -66.52 16.29 -15.43
C THR A 41 -67.76 17.09 -15.02
N GLY A 42 -67.67 18.41 -15.13
CA GLY A 42 -68.78 19.30 -14.80
C GLY A 42 -69.00 19.49 -13.31
N VAL A 43 -67.98 19.24 -12.50
CA VAL A 43 -68.07 19.48 -11.05
C VAL A 43 -68.40 20.94 -10.80
N LYS A 44 -69.25 21.22 -9.81
CA LYS A 44 -69.82 22.56 -9.63
C LYS A 44 -69.78 23.05 -8.17
N GLU A 45 -70.17 24.30 -7.97
CA GLU A 45 -70.19 24.97 -6.65
C GLU A 45 -68.81 25.04 -5.99
N LEU A 46 -67.76 25.05 -6.81
CA LEU A 46 -66.38 25.06 -6.32
C LEU A 46 -66.02 26.38 -5.65
N THR A 47 -65.22 26.31 -4.59
CA THR A 47 -64.50 27.44 -4.09
C THR A 47 -63.10 27.39 -4.68
N ALA A 48 -62.83 28.24 -5.66
CA ALA A 48 -61.57 28.19 -6.40
C ALA A 48 -60.59 29.20 -5.83
N VAL A 49 -59.54 28.72 -5.19
CA VAL A 49 -58.46 29.58 -4.72
C VAL A 49 -57.43 29.71 -5.85
N SER A 50 -57.32 30.91 -6.40
CA SER A 50 -56.50 31.17 -7.57
C SER A 50 -56.13 32.63 -7.51
N ASN A 51 -54.93 32.98 -7.95
CA ASN A 51 -54.49 34.36 -7.84
C ASN A 51 -55.34 35.27 -8.69
N ASN A 52 -55.54 34.87 -9.95
CA ASN A 52 -56.37 35.61 -10.91
C ASN A 52 -57.46 34.73 -11.52
N ALA A 53 -58.30 35.34 -12.34
CA ALA A 53 -59.39 34.64 -13.00
C ALA A 53 -59.10 34.38 -14.47
N GLY A 54 -57.81 34.23 -14.81
CA GLY A 54 -57.40 34.03 -16.20
C GLY A 54 -57.89 35.16 -17.08
N VAL A 55 -58.36 34.82 -18.27
CA VAL A 55 -59.04 35.78 -19.14
C VAL A 55 -60.47 35.31 -19.37
N ASP A 56 -61.25 36.10 -20.09
CA ASP A 56 -62.65 35.78 -20.36
C ASP A 56 -62.86 34.37 -20.89
N ASN A 57 -62.02 33.98 -21.86
CA ASN A 57 -62.16 32.71 -22.58
C ASN A 57 -60.99 31.75 -22.42
N PHE A 58 -60.27 31.83 -21.30
CA PHE A 58 -59.18 30.90 -21.06
C PHE A 58 -58.77 30.89 -19.59
N GLY A 59 -58.08 29.83 -19.19
CA GLY A 59 -57.67 29.65 -17.80
C GLY A 59 -58.90 29.43 -16.96
N LEU A 60 -58.92 30.04 -15.77
CA LEU A 60 -60.00 29.87 -14.82
C LEU A 60 -61.32 30.50 -15.30
N GLY A 61 -61.22 31.45 -16.21
CA GLY A 61 -62.40 32.08 -16.81
C GLY A 61 -63.34 31.10 -17.52
N LEU A 62 -62.77 30.04 -18.09
CA LEU A 62 -63.57 28.96 -18.69
C LEU A 62 -64.54 28.33 -17.71
N LEU A 63 -64.10 28.13 -16.48
CA LEU A 63 -64.97 27.55 -15.43
C LEU A 63 -65.97 28.57 -14.89
N LEU A 64 -65.67 29.86 -15.03
CA LEU A 64 -66.63 30.91 -14.73
C LEU A 64 -67.67 30.96 -15.84
N GLN A 65 -67.22 30.70 -17.06
CA GLN A 65 -68.11 30.68 -18.23
C GLN A 65 -69.14 29.56 -18.10
N SER A 66 -68.71 28.43 -17.55
CA SER A 66 -69.60 27.28 -17.35
C SER A 66 -70.28 27.30 -15.97
N LYS A 67 -70.07 28.37 -15.20
CA LYS A 67 -70.69 28.55 -13.88
C LYS A 67 -70.43 27.41 -12.90
N GLN A 68 -69.24 26.81 -13.00
CA GLN A 68 -68.82 25.75 -12.10
C GLN A 68 -68.19 26.27 -10.80
N ILE A 69 -67.91 27.58 -10.74
CA ILE A 69 -67.31 28.19 -9.56
C ILE A 69 -68.32 29.04 -8.75
N LYS A 70 -68.43 28.74 -7.46
CA LYS A 70 -69.34 29.48 -6.55
C LYS A 70 -68.62 30.65 -5.92
N ARG A 71 -67.43 30.39 -5.37
CA ARG A 71 -66.62 31.43 -4.77
C ARG A 71 -65.19 31.45 -5.34
N MET A 72 -64.66 32.65 -5.53
CA MET A 72 -63.28 32.88 -5.95
C MET A 72 -62.53 33.51 -4.77
N ILE A 73 -61.37 32.96 -4.43
CA ILE A 73 -60.46 33.60 -3.48
C ILE A 73 -59.21 34.01 -4.29
N SER A 74 -59.05 35.31 -4.48
CA SER A 74 -58.12 35.85 -5.46
C SER A 74 -57.60 37.21 -5.02
N SER A 75 -56.55 37.66 -5.68
CA SER A 75 -55.95 38.97 -5.36
C SER A 75 -56.24 40.03 -6.42
N TYR A 76 -56.37 39.61 -7.68
CA TYR A 76 -56.55 40.54 -8.78
C TYR A 76 -57.41 39.94 -9.90
N VAL A 77 -58.45 40.67 -10.30
CA VAL A 77 -59.42 40.23 -11.31
C VAL A 77 -58.87 40.43 -12.71
N GLY A 78 -58.37 41.63 -12.98
CA GLY A 78 -57.67 41.90 -14.21
C GLY A 78 -58.60 41.99 -15.41
N GLU A 79 -58.17 41.39 -16.52
CA GLU A 79 -58.86 41.54 -17.80
C GLU A 79 -59.82 40.37 -18.04
N ASN A 80 -60.78 40.22 -17.13
CA ASN A 80 -61.83 39.22 -17.27
C ASN A 80 -63.18 39.89 -17.03
N ALA A 81 -63.81 40.31 -18.13
CA ALA A 81 -65.09 41.00 -18.09
C ALA A 81 -66.20 40.11 -17.53
N GLU A 82 -66.14 38.83 -17.85
CA GLU A 82 -67.11 37.87 -17.34
C GLU A 82 -67.05 37.73 -15.84
N PHE A 83 -65.85 37.71 -15.26
CA PHE A 83 -65.74 37.70 -13.82
C PHE A 83 -66.44 38.94 -13.27
N GLU A 84 -65.96 40.11 -13.72
CA GLU A 84 -66.45 41.38 -13.20
C GLU A 84 -67.96 41.40 -13.26
N ARG A 85 -68.50 40.92 -14.37
CA ARG A 85 -69.94 40.87 -14.55
C ARG A 85 -70.61 39.99 -13.50
N GLN A 86 -70.17 38.74 -13.41
CA GLN A 86 -70.75 37.79 -12.45
C GLN A 86 -70.65 38.28 -11.00
N TYR A 87 -69.52 38.89 -10.67
CA TYR A 87 -69.28 39.42 -9.34
C TYR A 87 -70.23 40.58 -9.06
N LEU A 88 -70.27 41.56 -9.97
CA LEU A 88 -71.15 42.72 -9.84
C LEU A 88 -72.64 42.33 -9.91
N ALA A 89 -72.94 41.30 -10.68
CA ALA A 89 -74.32 40.84 -10.87
C ALA A 89 -74.90 40.10 -9.66
N GLY A 90 -74.04 39.60 -8.78
CA GLY A 90 -74.46 38.82 -7.61
C GLY A 90 -74.48 37.32 -7.85
N GLU A 91 -73.84 36.88 -8.94
CA GLU A 91 -73.80 35.46 -9.32
C GLU A 91 -72.56 34.75 -8.73
N LEU A 92 -71.51 35.51 -8.46
CA LEU A 92 -70.24 34.96 -8.01
C LEU A 92 -69.78 35.60 -6.69
N GLU A 93 -69.35 34.76 -5.76
CA GLU A 93 -68.77 35.25 -4.51
C GLU A 93 -67.27 35.46 -4.70
N VAL A 94 -66.73 36.53 -4.15
CA VAL A 94 -65.31 36.86 -4.33
C VAL A 94 -64.69 37.44 -3.06
N GLU A 95 -63.75 36.71 -2.47
CA GLU A 95 -62.88 37.23 -1.40
C GLU A 95 -61.61 37.83 -2.00
N LEU A 96 -61.58 39.14 -2.18
CA LEU A 96 -60.39 39.81 -2.65
C LEU A 96 -59.34 39.82 -1.55
N THR A 97 -58.21 39.13 -1.80
CA THR A 97 -57.19 38.86 -0.79
C THR A 97 -55.83 39.39 -1.25
N PRO A 98 -55.12 40.12 -0.38
CA PRO A 98 -53.79 40.61 -0.78
C PRO A 98 -52.87 39.48 -1.27
N GLN A 99 -52.23 39.67 -2.41
CA GLN A 99 -51.50 38.57 -3.09
C GLN A 99 -50.49 37.87 -2.20
N GLY A 100 -49.63 38.63 -1.56
CA GLY A 100 -48.72 38.05 -0.56
C GLY A 100 -49.39 37.36 0.61
N THR A 101 -50.54 37.87 1.06
CA THR A 101 -51.29 37.21 2.14
C THR A 101 -51.87 35.88 1.66
N LEU A 102 -52.40 35.90 0.45
CA LEU A 102 -52.88 34.66 -0.20
C LEU A 102 -51.76 33.63 -0.30
N ALA A 103 -50.58 34.09 -0.65
CA ALA A 103 -49.42 33.21 -0.79
C ALA A 103 -48.96 32.63 0.53
N GLU A 104 -48.95 33.45 1.58
CA GLU A 104 -48.48 33.03 2.89
C GLU A 104 -49.49 32.15 3.61
N ARG A 105 -50.77 32.40 3.35
CA ARG A 105 -51.84 31.59 3.91
C ARG A 105 -51.87 30.21 3.27
N ILE A 106 -51.62 30.15 1.97
CA ILE A 106 -51.49 28.83 1.31
C ILE A 106 -50.31 28.10 1.90
N ARG A 107 -49.21 28.80 2.11
CA ARG A 107 -48.01 28.18 2.68
C ARG A 107 -48.29 27.65 4.06
N ALA A 108 -48.87 28.50 4.91
CA ALA A 108 -49.24 28.12 6.28
C ALA A 108 -50.08 26.85 6.27
N GLY A 109 -51.00 26.78 5.30
CA GLY A 109 -51.88 25.62 5.17
C GLY A 109 -51.18 24.32 4.82
N GLY A 110 -50.01 24.40 4.19
CA GLY A 110 -49.19 23.23 3.91
C GLY A 110 -48.13 22.98 4.96
N ALA A 111 -47.79 24.01 5.72
CA ALA A 111 -46.68 23.95 6.67
C ALA A 111 -47.11 23.76 8.13
N GLY A 112 -48.38 23.48 8.37
CA GLY A 112 -48.86 23.19 9.72
C GLY A 112 -49.04 24.41 10.62
N VAL A 113 -49.10 25.59 10.01
CA VAL A 113 -49.33 26.82 10.72
C VAL A 113 -50.77 27.23 10.48
N PRO A 114 -51.59 27.31 11.56
CA PRO A 114 -53.00 27.64 11.43
C PRO A 114 -53.25 29.13 11.21
N ALA A 115 -52.37 29.97 11.74
CA ALA A 115 -52.51 31.40 11.60
C ALA A 115 -51.20 32.08 11.84
N PHE A 116 -51.11 33.34 11.42
CA PHE A 116 -49.88 34.12 11.57
C PHE A 116 -50.25 35.57 11.41
N TYR A 117 -49.30 36.47 11.69
CA TYR A 117 -49.55 37.90 11.65
C TYR A 117 -48.82 38.57 10.52
N THR A 118 -49.44 39.62 9.99
CA THR A 118 -48.87 40.41 8.90
C THR A 118 -49.42 41.82 8.97
N SER A 119 -48.63 42.80 8.53
CA SER A 119 -49.09 44.19 8.48
C SER A 119 -49.88 44.51 7.22
N THR A 120 -49.77 43.64 6.21
CA THR A 120 -50.50 43.79 4.97
C THR A 120 -52.01 43.83 5.20
N GLY A 121 -52.63 44.93 4.77
CA GLY A 121 -54.07 45.10 4.88
C GLY A 121 -54.53 45.80 6.16
N TYR A 122 -53.59 46.16 7.04
CA TYR A 122 -53.94 46.94 8.24
C TYR A 122 -54.39 48.33 7.84
N GLY A 123 -55.46 48.81 8.49
CA GLY A 123 -56.04 50.10 8.17
C GLY A 123 -56.84 50.12 6.87
N THR A 124 -57.21 48.96 6.38
CA THR A 124 -57.97 48.84 5.13
C THR A 124 -59.16 47.93 5.38
N LEU A 125 -59.95 47.69 4.33
CA LEU A 125 -61.14 46.85 4.42
C LEU A 125 -60.84 45.40 4.77
N VAL A 126 -59.61 44.95 4.47
CA VAL A 126 -59.20 43.60 4.84
C VAL A 126 -59.20 43.48 6.37
N GLN A 127 -58.59 44.45 7.05
CA GLN A 127 -58.54 44.47 8.51
C GLN A 127 -59.89 44.85 9.13
N GLU A 128 -60.47 45.95 8.67
CA GLU A 128 -61.69 46.50 9.31
C GLU A 128 -62.97 45.81 8.86
N GLY A 129 -62.89 44.99 7.81
CA GLY A 129 -64.05 44.24 7.35
C GLY A 129 -64.91 45.12 6.45
N GLY A 130 -65.96 44.53 5.90
CA GLY A 130 -66.87 45.25 5.01
C GLY A 130 -66.52 45.20 3.53
N SER A 131 -65.51 44.40 3.17
CA SER A 131 -65.17 44.21 1.76
C SER A 131 -66.24 43.33 1.12
N PRO A 132 -66.84 43.79 0.02
CA PRO A 132 -67.94 43.01 -0.58
C PRO A 132 -67.51 41.63 -1.09
N ILE A 133 -68.08 40.59 -0.49
CA ILE A 133 -67.83 39.22 -0.91
C ILE A 133 -68.91 38.79 -1.90
N LYS A 134 -70.15 39.14 -1.60
CA LYS A 134 -71.27 38.89 -2.52
C LYS A 134 -72.19 40.10 -2.62
N TYR A 135 -72.66 40.36 -3.84
CA TYR A 135 -73.66 41.40 -4.08
C TYR A 135 -75.03 40.77 -4.25
N ASN A 136 -76.06 41.52 -3.87
CA ASN A 136 -77.44 41.15 -4.17
C ASN A 136 -77.81 41.52 -5.59
N LYS A 137 -78.93 40.93 -5.99
CA LYS A 137 -79.57 41.14 -7.28
C LYS A 137 -79.93 42.61 -7.45
N ASP A 138 -80.42 43.23 -6.37
CA ASP A 138 -80.70 44.67 -6.38
C ASP A 138 -79.45 45.55 -6.42
N GLY A 139 -78.28 44.97 -6.12
CA GLY A 139 -77.03 45.70 -6.14
C GLY A 139 -76.51 46.04 -4.74
N SER A 140 -77.29 45.69 -3.71
CA SER A 140 -76.85 45.84 -2.32
C SER A 140 -75.82 44.76 -2.00
N ILE A 141 -75.16 44.87 -0.84
CA ILE A 141 -74.19 43.86 -0.43
C ILE A 141 -74.90 42.72 0.27
N ALA A 142 -74.78 41.53 -0.30
CA ALA A 142 -75.33 40.31 0.30
C ALA A 142 -74.42 39.76 1.40
N ILE A 143 -73.14 39.58 1.08
CA ILE A 143 -72.13 39.14 2.06
C ILE A 143 -70.95 40.10 2.10
N ALA A 144 -70.55 40.48 3.31
CA ALA A 144 -69.39 41.35 3.52
C ALA A 144 -68.30 40.59 4.27
N SER A 145 -67.06 41.03 4.11
CA SER A 145 -65.94 40.36 4.78
C SER A 145 -65.92 40.69 6.26
N LYS A 146 -65.52 39.71 7.08
CA LYS A 146 -65.40 39.91 8.50
C LYS A 146 -64.06 40.56 8.85
N PRO A 147 -63.99 41.29 9.97
CA PRO A 147 -62.73 41.91 10.35
C PRO A 147 -61.65 40.91 10.74
N ARG A 148 -60.41 41.35 10.64
CA ARG A 148 -59.28 40.56 11.12
C ARG A 148 -58.84 41.14 12.47
N GLU A 149 -58.47 40.26 13.40
CA GLU A 149 -57.99 40.69 14.70
C GLU A 149 -56.69 41.46 14.55
N VAL A 150 -56.60 42.60 15.23
CA VAL A 150 -55.39 43.42 15.24
C VAL A 150 -54.58 43.13 16.49
N ARG A 151 -53.26 43.14 16.36
CA ARG A 151 -52.37 42.98 17.50
C ARG A 151 -51.07 43.73 17.27
N GLU A 152 -50.54 44.32 18.34
CA GLU A 152 -49.31 45.09 18.26
C GLU A 152 -48.09 44.27 18.59
N PHE A 153 -47.08 44.33 17.73
CA PHE A 153 -45.78 43.70 17.98
C PHE A 153 -44.70 44.75 17.74
N ASN A 154 -43.84 44.96 18.73
CA ASN A 154 -42.69 45.87 18.60
C ASN A 154 -43.08 47.25 18.08
N GLY A 155 -44.12 47.83 18.66
CA GLY A 155 -44.56 49.18 18.32
C GLY A 155 -45.25 49.34 16.99
N GLN A 156 -45.78 48.24 16.45
CA GLN A 156 -46.42 48.27 15.13
C GLN A 156 -47.65 47.35 15.12
N HIS A 157 -48.64 47.71 14.30
CA HIS A 157 -49.89 46.97 14.21
C HIS A 157 -49.91 45.93 13.08
N PHE A 158 -50.36 44.72 13.43
CA PHE A 158 -50.45 43.59 12.51
C PHE A 158 -51.84 42.97 12.61
N ILE A 159 -52.24 42.24 11.57
CA ILE A 159 -53.51 41.53 11.60
C ILE A 159 -53.29 40.02 11.50
N LEU A 160 -54.20 39.25 12.09
CA LEU A 160 -54.12 37.80 12.11
C LEU A 160 -54.75 37.22 10.86
N GLU A 161 -54.00 36.39 10.14
CA GLU A 161 -54.50 35.70 8.96
C GLU A 161 -54.45 34.17 9.14
N GLU A 162 -55.50 33.49 8.70
CA GLU A 162 -55.60 32.04 8.88
C GLU A 162 -55.16 31.26 7.65
N ALA A 163 -54.66 30.06 7.88
CA ALA A 163 -54.19 29.18 6.83
C ALA A 163 -55.31 28.89 5.82
N ILE A 164 -54.92 28.71 4.56
CA ILE A 164 -55.81 28.25 3.50
C ILE A 164 -55.34 26.88 3.09
N ARG A 165 -56.26 25.91 3.11
CA ARG A 165 -55.96 24.54 2.69
C ARG A 165 -57.05 24.05 1.76
N GLY A 166 -56.66 23.32 0.70
CA GLY A 166 -57.62 22.83 -0.28
C GLY A 166 -57.95 21.35 -0.11
N ASP A 167 -59.09 20.96 -0.67
CA ASP A 167 -59.40 19.54 -0.85
C ASP A 167 -58.54 19.04 -2.04
N PHE A 168 -58.40 19.87 -3.06
CA PHE A 168 -57.57 19.54 -4.22
C PHE A 168 -56.71 20.74 -4.62
N ALA A 169 -55.58 20.45 -5.25
CA ALA A 169 -54.75 21.47 -5.88
C ALA A 169 -54.49 21.06 -7.32
N LEU A 170 -54.75 21.98 -8.25
CA LEU A 170 -54.49 21.78 -9.66
C LEU A 170 -53.27 22.61 -10.00
N VAL A 171 -52.19 21.93 -10.39
CA VAL A 171 -50.87 22.54 -10.47
C VAL A 171 -50.23 22.31 -11.85
N LYS A 172 -49.60 23.35 -12.40
CA LYS A 172 -48.87 23.27 -13.65
C LYS A 172 -47.38 23.35 -13.35
N ALA A 173 -46.60 22.47 -13.99
CA ALA A 173 -45.16 22.45 -13.83
C ALA A 173 -44.47 22.09 -15.15
N TRP A 174 -43.18 22.37 -15.24
CA TRP A 174 -42.44 22.16 -16.49
C TRP A 174 -42.16 20.67 -16.69
N LYS A 175 -41.32 20.11 -15.82
CA LYS A 175 -40.89 18.74 -15.94
C LYS A 175 -41.11 17.97 -14.65
N ALA A 176 -41.34 16.67 -14.79
CA ALA A 176 -41.38 15.74 -13.67
C ALA A 176 -40.54 14.52 -14.02
N ASP A 177 -39.82 13.97 -13.07
CA ASP A 177 -39.10 12.71 -13.30
C ASP A 177 -40.05 11.54 -13.01
N GLN A 178 -39.61 10.31 -13.28
CA GLN A 178 -40.46 9.12 -13.06
C GLN A 178 -40.72 8.84 -11.57
N ALA A 179 -39.93 9.46 -10.69
CA ALA A 179 -40.13 9.33 -9.24
C ALA A 179 -41.24 10.26 -8.72
N GLY A 180 -41.56 11.30 -9.49
CA GLY A 180 -42.61 12.26 -9.10
C GLY A 180 -42.07 13.64 -8.73
N ASN A 181 -40.76 13.80 -8.73
CA ASN A 181 -40.16 15.12 -8.46
C ASN A 181 -40.50 16.08 -9.59
N VAL A 182 -40.61 17.36 -9.27
CA VAL A 182 -41.11 18.34 -10.23
C VAL A 182 -40.28 19.61 -10.23
N THR A 183 -40.23 20.28 -11.39
CA THR A 183 -39.59 21.58 -11.54
C THR A 183 -40.47 22.51 -12.35
N PHE A 184 -40.13 23.80 -12.30
CA PHE A 184 -40.90 24.85 -12.97
C PHE A 184 -39.98 25.71 -13.83
N ARG A 185 -40.55 26.32 -14.86
CA ARG A 185 -39.79 27.09 -15.82
C ARG A 185 -40.06 28.59 -15.73
N LYS A 186 -39.01 29.36 -15.43
CA LYS A 186 -39.08 30.81 -15.39
C LYS A 186 -40.18 31.31 -14.41
N SER A 187 -41.01 32.27 -14.82
CA SER A 187 -42.03 32.84 -13.94
C SER A 187 -43.33 32.04 -13.89
N ALA A 188 -43.34 30.88 -14.55
CA ALA A 188 -44.50 29.98 -14.51
C ALA A 188 -44.63 29.25 -13.17
N ARG A 189 -43.67 29.45 -12.26
CA ARG A 189 -43.70 28.84 -10.95
C ARG A 189 -44.76 29.49 -10.05
N ASN A 190 -44.64 30.81 -9.85
CA ASN A 190 -45.58 31.61 -9.04
C ASN A 190 -46.30 30.83 -7.93
N PHE A 191 -47.61 30.64 -8.05
CA PHE A 191 -48.43 30.05 -6.96
C PHE A 191 -48.47 28.54 -6.99
N ASN A 192 -47.96 27.96 -8.09
CA ASN A 192 -47.95 26.52 -8.25
C ASN A 192 -47.15 25.83 -7.18
N LEU A 193 -46.02 26.40 -6.77
CA LEU A 193 -45.18 25.75 -5.77
C LEU A 193 -45.90 25.67 -4.39
N PRO A 194 -46.26 26.82 -3.78
CA PRO A 194 -46.94 26.69 -2.46
C PRO A 194 -48.23 25.86 -2.49
N MET A 195 -49.08 26.07 -3.49
CA MET A 195 -50.33 25.33 -3.65
C MET A 195 -50.16 23.82 -3.70
N CYS A 196 -49.00 23.37 -4.17
CA CYS A 196 -48.67 21.95 -4.25
C CYS A 196 -48.52 21.29 -2.88
N LYS A 197 -48.40 22.10 -1.83
CA LYS A 197 -48.18 21.62 -0.48
C LYS A 197 -49.40 21.76 0.42
N ALA A 198 -50.41 22.51 -0.03
CA ALA A 198 -51.52 22.95 0.81
C ALA A 198 -52.85 22.30 0.53
N ALA A 199 -52.86 21.12 -0.07
CA ALA A 199 -54.11 20.43 -0.37
C ALA A 199 -54.06 18.96 0.01
N GLU A 200 -55.23 18.39 0.27
CA GLU A 200 -55.37 16.97 0.59
C GLU A 200 -54.88 16.10 -0.59
N THR A 201 -55.34 16.40 -1.80
CA THR A 201 -54.88 15.72 -3.02
C THR A 201 -54.33 16.74 -4.00
N THR A 202 -53.07 16.58 -4.40
CA THR A 202 -52.45 17.50 -5.33
C THR A 202 -52.29 16.81 -6.67
N VAL A 203 -52.78 17.45 -7.73
CA VAL A 203 -52.72 16.92 -9.08
C VAL A 203 -51.86 17.85 -9.92
N VAL A 204 -50.77 17.33 -10.45
CA VAL A 204 -49.82 18.12 -11.20
C VAL A 204 -49.80 17.69 -12.66
N GLU A 205 -49.88 18.65 -13.57
CA GLU A 205 -49.69 18.37 -14.98
C GLU A 205 -48.35 18.95 -15.41
N VAL A 206 -47.64 18.22 -16.27
CA VAL A 206 -46.31 18.62 -16.73
C VAL A 206 -46.18 18.53 -18.25
N GLU A 207 -45.27 19.31 -18.80
CA GLU A 207 -45.03 19.33 -20.24
C GLU A 207 -44.19 18.14 -20.70
N GLU A 208 -43.31 17.68 -19.81
CA GLU A 208 -42.40 16.60 -20.15
C GLU A 208 -42.14 15.71 -18.94
N ILE A 209 -42.00 14.41 -19.18
CA ILE A 209 -41.61 13.46 -18.14
C ILE A 209 -40.22 12.89 -18.47
N VAL A 210 -39.26 13.17 -17.60
CA VAL A 210 -37.87 12.75 -17.81
C VAL A 210 -37.56 11.58 -16.89
N ASP A 211 -36.41 10.96 -17.07
CA ASP A 211 -36.06 9.80 -16.24
C ASP A 211 -35.49 10.29 -14.92
N ILE A 212 -35.55 9.42 -13.91
CA ILE A 212 -34.98 9.66 -12.59
C ILE A 212 -33.47 9.85 -12.72
N GLY A 213 -32.94 10.88 -12.05
CA GLY A 213 -31.53 11.24 -12.18
C GLY A 213 -31.29 12.43 -13.08
N SER A 214 -32.31 12.81 -13.87
CA SER A 214 -32.20 13.94 -14.80
C SER A 214 -32.00 15.26 -14.06
N PHE A 215 -32.66 15.39 -12.91
CA PHE A 215 -32.54 16.58 -12.07
C PHE A 215 -31.35 16.43 -11.15
N ALA A 216 -30.60 17.51 -10.96
CA ALA A 216 -29.69 17.58 -9.84
C ALA A 216 -30.59 17.64 -8.60
N PRO A 217 -30.29 16.83 -7.56
CA PRO A 217 -31.18 16.72 -6.40
C PRO A 217 -31.36 18.04 -5.65
N GLU A 218 -30.36 18.93 -5.72
CA GLU A 218 -30.46 20.26 -5.12
C GLU A 218 -31.47 21.16 -5.83
N ASP A 219 -31.73 20.87 -7.10
CA ASP A 219 -32.52 21.73 -7.96
C ASP A 219 -33.91 21.19 -8.24
N ILE A 220 -34.39 20.29 -7.38
CA ILE A 220 -35.77 19.85 -7.42
C ILE A 220 -36.64 20.86 -6.65
N HIS A 221 -37.56 21.51 -7.34
CA HIS A 221 -38.34 22.60 -6.76
C HIS A 221 -39.44 22.10 -5.84
N ILE A 222 -40.14 21.05 -6.27
CA ILE A 222 -41.14 20.37 -5.46
C ILE A 222 -40.77 18.88 -5.38
N PRO A 223 -40.34 18.43 -4.19
CA PRO A 223 -40.07 17.02 -3.97
C PRO A 223 -41.30 16.15 -4.11
N LYS A 224 -41.09 14.90 -4.54
CA LYS A 224 -42.19 13.94 -4.80
C LYS A 224 -43.20 13.75 -3.65
N ILE A 225 -42.78 13.96 -2.41
CA ILE A 225 -43.69 13.82 -1.25
C ILE A 225 -44.96 14.65 -1.40
N TYR A 226 -44.84 15.81 -2.04
CA TYR A 226 -45.97 16.71 -2.26
C TYR A 226 -46.83 16.37 -3.47
N VAL A 227 -46.29 15.60 -4.42
CA VAL A 227 -46.97 15.28 -5.68
C VAL A 227 -47.73 13.95 -5.58
N HIS A 228 -49.05 14.01 -5.52
CA HIS A 228 -49.86 12.83 -5.30
C HIS A 228 -50.31 12.19 -6.60
N ARG A 229 -50.67 13.02 -7.57
CA ARG A 229 -51.08 12.55 -8.89
C ARG A 229 -50.36 13.36 -9.94
N LEU A 230 -49.80 12.67 -10.94
CA LEU A 230 -49.04 13.32 -11.99
C LEU A 230 -49.58 12.92 -13.35
N VAL A 231 -49.76 13.89 -14.22
CA VAL A 231 -50.22 13.65 -15.58
C VAL A 231 -49.38 14.45 -16.57
N LYS A 232 -49.10 13.85 -17.73
CA LYS A 232 -48.43 14.58 -18.80
C LYS A 232 -49.50 15.27 -19.63
N GLY A 233 -49.41 16.58 -19.74
CA GLY A 233 -50.42 17.35 -20.44
C GLY A 233 -50.44 17.07 -21.93
N GLU A 234 -51.64 16.89 -22.45
CA GLU A 234 -51.83 16.54 -23.87
C GLU A 234 -51.57 17.74 -24.78
N LYS A 235 -52.15 18.89 -24.42
CA LYS A 235 -52.08 20.08 -25.26
C LYS A 235 -51.59 21.29 -24.46
N TYR A 236 -50.61 22.01 -25.01
CA TYR A 236 -50.11 23.25 -24.40
C TYR A 236 -50.11 24.37 -25.42
N GLU A 237 -51.02 25.32 -25.26
CA GLU A 237 -51.26 26.35 -26.26
C GLU A 237 -50.33 27.55 -26.19
N LYS A 238 -49.48 27.59 -25.16
CA LYS A 238 -48.48 28.66 -25.01
C LYS A 238 -49.12 30.04 -25.18
N ARG A 239 -50.29 30.24 -24.58
CA ARG A 239 -51.04 31.48 -24.78
C ARG A 239 -50.39 32.67 -24.08
N ILE A 240 -50.40 33.80 -24.78
CA ILE A 240 -49.83 35.06 -24.27
C ILE A 240 -50.95 36.09 -24.17
N GLU A 241 -51.16 36.62 -22.97
CA GLU A 241 -52.23 37.58 -22.74
C GLU A 241 -51.91 38.95 -23.36
N ARG A 242 -50.75 39.49 -23.03
CA ARG A 242 -50.32 40.79 -23.54
C ARG A 242 -48.94 40.68 -24.20
N LEU A 243 -48.93 40.66 -25.52
CA LEU A 243 -47.69 40.64 -26.30
C LEU A 243 -47.07 42.04 -26.25
N SER A 244 -45.85 42.14 -25.74
CA SER A 244 -45.15 43.40 -25.61
C SER A 244 -43.72 43.23 -26.08
N VAL A 245 -43.35 43.96 -27.13
CA VAL A 245 -42.10 43.71 -27.85
C VAL A 245 -41.38 45.00 -28.19
N ARG A 246 -40.05 44.91 -28.27
CA ARG A 246 -39.17 46.04 -28.57
C ARG A 246 -38.75 46.04 -30.06
N LYS A 247 -38.54 47.24 -30.62
CA LYS A 247 -38.11 47.40 -32.02
C LYS A 247 -36.63 47.76 -32.11
N GLY A 259 -48.34 59.78 -23.17
CA GLY A 259 -46.93 60.12 -23.01
C GLY A 259 -46.65 61.59 -23.33
N ASP A 260 -47.36 62.48 -22.62
CA ASP A 260 -47.18 63.92 -22.79
C ASP A 260 -46.00 64.45 -21.96
N ASN A 261 -45.69 65.73 -22.11
CA ASN A 261 -44.54 66.34 -21.44
C ASN A 261 -44.69 66.36 -19.91
N VAL A 262 -45.93 66.46 -19.42
CA VAL A 262 -46.21 66.48 -17.98
C VAL A 262 -45.92 65.12 -17.34
N ARG A 263 -46.37 64.05 -17.99
CA ARG A 263 -45.99 62.69 -17.57
C ARG A 263 -44.49 62.51 -17.64
N GLU A 264 -43.90 62.94 -18.76
CA GLU A 264 -42.46 62.85 -18.99
C GLU A 264 -41.69 63.57 -17.88
N ARG A 265 -42.29 64.63 -17.33
CA ARG A 265 -41.71 65.38 -16.23
C ARG A 265 -41.60 64.53 -14.96
N ILE A 266 -42.69 63.86 -14.62
CA ILE A 266 -42.74 62.97 -13.45
C ILE A 266 -41.75 61.81 -13.62
N ILE A 267 -41.73 61.23 -14.82
CA ILE A 267 -40.84 60.10 -15.14
C ILE A 267 -39.37 60.47 -14.95
N LYS A 268 -38.97 61.63 -15.47
CA LYS A 268 -37.59 62.07 -15.38
C LYS A 268 -37.15 62.40 -13.95
N ARG A 269 -38.08 62.78 -13.08
CA ARG A 269 -37.75 63.01 -11.67
C ARG A 269 -37.76 61.69 -10.91
N ALA A 270 -38.74 60.84 -11.22
CA ALA A 270 -38.79 59.49 -10.69
C ALA A 270 -37.48 58.74 -10.97
N ALA A 271 -36.92 58.91 -12.16
CA ALA A 271 -35.66 58.27 -12.54
C ALA A 271 -34.48 58.66 -11.64
N LEU A 272 -34.58 59.78 -10.94
CA LEU A 272 -33.52 60.18 -10.02
C LEU A 272 -33.57 59.41 -8.69
N GLU A 273 -34.62 58.63 -8.47
CA GLU A 273 -34.71 57.81 -7.25
C GLU A 273 -33.80 56.60 -7.29
N PHE A 274 -33.38 56.17 -8.48
CA PHE A 274 -32.55 54.98 -8.62
C PHE A 274 -31.11 55.24 -8.20
N GLU A 275 -30.57 54.33 -7.39
CA GLU A 275 -29.17 54.36 -6.98
C GLU A 275 -28.47 53.11 -7.47
N ASP A 276 -27.14 53.14 -7.49
CA ASP A 276 -26.35 52.01 -7.93
C ASP A 276 -26.39 50.88 -6.91
N GLY A 277 -26.70 49.67 -7.36
CA GLY A 277 -26.85 48.51 -6.49
C GLY A 277 -28.19 48.42 -5.79
N MET A 278 -29.16 49.21 -6.24
CA MET A 278 -30.47 49.25 -5.61
C MET A 278 -31.34 48.07 -6.06
N TYR A 279 -32.15 47.58 -5.12
CA TYR A 279 -33.21 46.63 -5.42
C TYR A 279 -34.53 47.38 -5.42
N ALA A 280 -35.23 47.34 -6.55
CA ALA A 280 -36.47 48.09 -6.71
C ALA A 280 -37.59 47.25 -7.30
N ASN A 281 -38.82 47.52 -6.85
CA ASN A 281 -40.00 46.99 -7.47
C ASN A 281 -40.79 48.16 -8.03
N LEU A 282 -40.95 48.19 -9.34
CA LEU A 282 -41.56 49.32 -10.03
C LEU A 282 -42.95 48.94 -10.52
N GLY A 283 -43.92 49.81 -10.27
CA GLY A 283 -45.30 49.58 -10.69
C GLY A 283 -45.54 49.94 -12.14
N ILE A 284 -46.67 49.47 -12.66
CA ILE A 284 -47.10 49.74 -14.03
C ILE A 284 -47.20 51.24 -14.31
N GLY A 285 -46.78 51.64 -15.51
CA GLY A 285 -46.87 53.02 -15.94
C GLY A 285 -45.61 53.82 -15.67
N ILE A 286 -45.76 54.96 -15.01
CA ILE A 286 -44.66 55.92 -14.81
C ILE A 286 -43.41 55.33 -14.13
N PRO A 287 -43.60 54.54 -13.05
CA PRO A 287 -42.43 54.01 -12.36
C PRO A 287 -41.58 53.11 -13.24
N LEU A 288 -42.22 52.23 -13.99
CA LEU A 288 -41.51 51.30 -14.87
C LEU A 288 -40.84 52.03 -16.03
N LEU A 289 -41.52 53.05 -16.56
CA LEU A 289 -40.96 53.89 -17.62
C LEU A 289 -39.71 54.68 -17.16
N ALA A 290 -39.68 55.05 -15.87
CA ALA A 290 -38.53 55.74 -15.29
C ALA A 290 -37.25 54.91 -15.33
N SER A 291 -37.39 53.57 -15.38
CA SER A 291 -36.24 52.66 -15.45
C SER A 291 -35.48 52.75 -16.77
N ASN A 292 -36.13 53.24 -17.83
CA ASN A 292 -35.49 53.48 -19.13
C ASN A 292 -34.39 54.54 -19.03
N PHE A 293 -34.56 55.48 -18.10
CA PHE A 293 -33.65 56.62 -17.96
C PHE A 293 -32.46 56.32 -17.03
N ILE A 294 -32.43 55.12 -16.45
CA ILE A 294 -31.30 54.71 -15.61
C ILE A 294 -30.04 54.65 -16.45
N SER A 295 -28.94 55.16 -15.92
CA SER A 295 -27.66 55.18 -16.63
C SER A 295 -27.14 53.75 -16.83
N PRO A 296 -26.46 53.50 -17.98
CA PRO A 296 -25.83 52.20 -18.21
C PRO A 296 -24.75 51.87 -17.19
N ASN A 297 -24.09 52.90 -16.66
CA ASN A 297 -23.08 52.75 -15.59
C ASN A 297 -23.68 52.43 -14.23
N MET A 298 -24.99 52.65 -14.07
CA MET A 298 -25.69 52.32 -12.85
C MET A 298 -26.32 50.92 -12.96
N THR A 299 -26.15 50.13 -11.92
CA THR A 299 -26.74 48.79 -11.83
C THR A 299 -27.94 48.83 -10.89
N VAL A 300 -29.13 48.58 -11.45
CA VAL A 300 -30.36 48.50 -10.65
C VAL A 300 -31.04 47.15 -10.92
N HIS A 301 -31.26 46.38 -9.86
CA HIS A 301 -31.90 45.08 -9.96
C HIS A 301 -33.40 45.20 -9.72
N LEU A 302 -34.19 44.86 -10.73
CA LEU A 302 -35.64 45.01 -10.64
C LEU A 302 -36.33 43.70 -10.22
N GLN A 303 -37.18 43.81 -9.19
CA GLN A 303 -37.88 42.67 -8.64
C GLN A 303 -39.31 42.65 -9.16
N SER A 304 -39.82 41.45 -9.44
CA SER A 304 -41.19 41.29 -9.89
C SER A 304 -41.90 40.33 -8.95
N GLU A 305 -43.10 40.72 -8.54
CA GLU A 305 -43.84 40.02 -7.50
C GLU A 305 -44.27 38.62 -7.95
N ASN A 306 -44.45 38.41 -9.25
CA ASN A 306 -44.72 37.06 -9.76
C ASN A 306 -43.54 36.09 -9.66
N GLY A 307 -42.39 36.59 -9.18
CA GLY A 307 -41.31 35.72 -8.73
C GLY A 307 -40.05 35.80 -9.57
N ILE A 308 -39.61 37.02 -9.88
CA ILE A 308 -38.40 37.25 -10.65
C ILE A 308 -37.58 38.35 -9.98
N LEU A 309 -36.27 38.16 -9.95
CA LEU A 309 -35.32 39.21 -9.61
C LEU A 309 -34.38 39.35 -10.80
N GLY A 310 -34.26 40.58 -11.31
CA GLY A 310 -33.36 40.88 -12.42
C GLY A 310 -34.06 41.14 -13.75
N LEU A 311 -35.23 41.77 -13.70
CA LEU A 311 -35.98 42.10 -14.92
C LEU A 311 -35.16 42.95 -15.87
N GLY A 312 -35.23 42.59 -17.15
CA GLY A 312 -34.60 43.36 -18.21
C GLY A 312 -35.66 44.04 -19.07
N PRO A 313 -35.27 44.49 -20.27
CA PRO A 313 -36.21 45.17 -21.16
C PRO A 313 -37.22 44.22 -21.81
N TYR A 314 -38.15 44.76 -22.60
CA TYR A 314 -39.06 43.95 -23.38
C TYR A 314 -38.27 43.19 -24.46
N PRO A 315 -38.74 41.98 -24.81
CA PRO A 315 -38.01 41.13 -25.73
C PRO A 315 -38.10 41.57 -27.18
N LEU A 316 -37.06 41.29 -27.95
CA LEU A 316 -37.16 41.31 -29.40
C LEU A 316 -38.07 40.17 -29.81
N GLN A 317 -38.59 40.23 -31.04
CA GLN A 317 -39.55 39.24 -31.53
C GLN A 317 -39.14 37.79 -31.26
N ASN A 318 -37.88 37.49 -31.50
CA ASN A 318 -37.37 36.14 -31.32
C ASN A 318 -37.06 35.77 -29.85
N GLU A 319 -37.04 36.74 -28.94
CA GLU A 319 -36.76 36.50 -27.51
C GLU A 319 -38.04 36.22 -26.70
N VAL A 320 -39.20 36.35 -27.35
CA VAL A 320 -40.49 36.24 -26.68
C VAL A 320 -40.72 34.86 -26.08
N ASP A 321 -41.31 34.81 -24.89
CA ASP A 321 -41.52 33.56 -24.15
C ASP A 321 -42.77 33.63 -23.29
N ALA A 322 -43.64 32.63 -23.42
CA ALA A 322 -44.90 32.58 -22.68
C ALA A 322 -44.70 32.36 -21.17
N ASP A 323 -43.55 31.79 -20.80
CA ASP A 323 -43.21 31.50 -19.41
C ASP A 323 -42.53 32.67 -18.67
N LEU A 324 -42.30 33.78 -19.38
CA LEU A 324 -41.57 34.91 -18.79
C LEU A 324 -42.33 36.21 -18.99
N ILE A 325 -43.13 36.58 -17.99
CA ILE A 325 -43.87 37.84 -18.01
C ILE A 325 -43.65 38.64 -16.74
N ASN A 326 -43.88 39.95 -16.81
CA ASN A 326 -43.77 40.82 -15.63
C ASN A 326 -45.11 40.95 -14.89
N ALA A 327 -45.11 41.70 -13.80
CA ALA A 327 -46.30 41.80 -12.93
C ALA A 327 -47.52 42.35 -13.67
N GLY A 328 -47.29 43.12 -14.73
CA GLY A 328 -48.37 43.63 -15.58
C GLY A 328 -48.86 42.66 -16.64
N LYS A 329 -48.40 41.41 -16.58
CA LYS A 329 -48.76 40.37 -17.55
C LYS A 329 -48.10 40.57 -18.93
N GLU A 330 -47.14 41.49 -19.03
CA GLU A 330 -46.44 41.75 -20.30
C GLU A 330 -45.26 40.81 -20.44
N THR A 331 -45.00 40.38 -21.67
CA THR A 331 -43.80 39.62 -21.95
C THR A 331 -42.57 40.49 -21.69
N VAL A 332 -41.57 39.91 -21.02
CA VAL A 332 -40.32 40.60 -20.69
C VAL A 332 -39.12 39.71 -20.94
N THR A 333 -37.94 40.23 -20.62
CA THR A 333 -36.71 39.45 -20.58
C THR A 333 -36.10 39.59 -19.20
N VAL A 334 -35.01 38.87 -18.96
CA VAL A 334 -34.22 38.99 -17.74
C VAL A 334 -32.76 39.28 -18.08
N LEU A 335 -32.08 39.99 -17.18
CA LEU A 335 -30.67 40.31 -17.35
C LEU A 335 -29.80 39.15 -16.83
N PRO A 336 -28.48 39.20 -17.08
CA PRO A 336 -27.61 38.18 -16.50
C PRO A 336 -27.61 38.22 -14.99
N GLY A 337 -27.57 37.06 -14.34
CA GLY A 337 -27.55 36.98 -12.89
C GLY A 337 -28.93 37.05 -12.25
N ALA A 338 -29.97 36.95 -13.07
CA ALA A 338 -31.35 36.91 -12.60
C ALA A 338 -31.68 35.57 -11.95
N SER A 339 -32.73 35.57 -11.15
CA SER A 339 -33.22 34.36 -10.49
C SER A 339 -34.73 34.32 -10.54
N TYR A 340 -35.27 33.13 -10.36
CA TYR A 340 -36.70 32.90 -10.32
C TYR A 340 -37.05 32.26 -8.98
N PHE A 341 -38.25 32.54 -8.47
CA PHE A 341 -38.70 31.97 -7.20
C PHE A 341 -40.22 31.93 -7.12
N SER A 342 -40.74 31.22 -6.12
CA SER A 342 -42.17 31.07 -5.95
C SER A 342 -42.77 32.37 -5.47
N SER A 343 -44.10 32.41 -5.42
CA SER A 343 -44.85 33.58 -5.00
C SER A 343 -44.70 33.82 -3.50
N ASP A 344 -44.92 32.78 -2.71
CA ASP A 344 -44.72 32.85 -1.26
C ASP A 344 -43.36 33.46 -0.92
N GLU A 345 -42.34 33.07 -1.69
CA GLU A 345 -40.98 33.55 -1.49
C GLU A 345 -40.82 34.99 -1.94
N SER A 346 -41.48 35.34 -3.04
CA SER A 346 -41.45 36.72 -3.56
C SER A 346 -42.00 37.70 -2.52
N PHE A 347 -43.07 37.29 -1.85
CA PHE A 347 -43.68 38.18 -0.86
C PHE A 347 -43.01 38.06 0.51
N ALA A 348 -42.29 36.98 0.78
CA ALA A 348 -41.40 36.97 1.94
C ALA A 348 -40.34 38.05 1.73
N MET A 349 -39.80 38.08 0.52
CA MET A 349 -38.87 39.10 0.06
C MET A 349 -39.41 40.51 0.26
N ILE A 350 -40.59 40.77 -0.30
CA ILE A 350 -41.22 42.08 -0.24
C ILE A 350 -41.64 42.44 1.20
N ARG A 351 -42.41 41.55 1.82
CA ARG A 351 -42.96 41.81 3.16
C ARG A 351 -41.86 41.99 4.20
N GLY A 352 -40.70 41.38 3.96
CA GLY A 352 -39.57 41.45 4.88
C GLY A 352 -38.72 42.71 4.76
N GLY A 353 -39.05 43.57 3.78
CA GLY A 353 -38.33 44.82 3.60
C GLY A 353 -37.00 44.66 2.88
N HIS A 354 -36.87 43.62 2.07
CA HIS A 354 -35.60 43.36 1.39
C HIS A 354 -35.42 44.23 0.15
N VAL A 355 -36.52 44.63 -0.45
CA VAL A 355 -36.51 45.53 -1.60
C VAL A 355 -36.33 46.96 -1.11
N ASN A 356 -35.35 47.67 -1.68
CA ASN A 356 -34.95 48.99 -1.18
C ASN A 356 -35.95 50.09 -1.48
N LEU A 357 -36.53 50.03 -2.68
CA LEU A 357 -37.45 51.04 -3.17
C LEU A 357 -38.65 50.40 -3.85
N THR A 358 -39.86 50.70 -3.37
CA THR A 358 -41.06 50.43 -4.12
C THR A 358 -41.57 51.75 -4.67
N MET A 359 -41.86 51.77 -5.97
CA MET A 359 -42.32 52.98 -6.64
C MET A 359 -43.58 52.65 -7.44
N LEU A 360 -44.70 53.24 -7.04
CA LEU A 360 -45.98 52.97 -7.66
C LEU A 360 -46.80 54.23 -7.86
N GLY A 361 -47.84 54.12 -8.68
CA GLY A 361 -48.78 55.21 -8.89
C GLY A 361 -49.75 55.30 -7.72
N ALA A 362 -50.51 56.38 -7.68
CA ALA A 362 -51.53 56.53 -6.65
C ALA A 362 -52.71 57.35 -7.17
N MET A 363 -53.86 57.13 -6.56
CA MET A 363 -55.03 57.97 -6.79
C MET A 363 -55.08 59.07 -5.73
N GLN A 364 -54.77 58.70 -4.49
CA GLN A 364 -54.79 59.64 -3.36
C GLN A 364 -53.68 59.34 -2.35
N VAL A 365 -53.03 60.39 -1.84
CA VAL A 365 -52.12 60.28 -0.71
C VAL A 365 -52.55 61.25 0.39
N SER A 366 -52.46 60.81 1.65
CA SER A 366 -52.84 61.69 2.77
C SER A 366 -51.61 62.37 3.38
N LYS A 367 -51.88 63.30 4.28
CA LYS A 367 -50.88 64.13 4.95
C LYS A 367 -49.77 63.31 5.61
N TYR A 368 -50.14 62.17 6.18
CA TYR A 368 -49.21 61.34 6.94
C TYR A 368 -48.80 60.06 6.19
N GLY A 369 -49.20 59.96 4.91
CA GLY A 369 -48.71 58.88 4.05
C GLY A 369 -49.66 57.71 3.81
N ASP A 370 -50.94 57.85 4.19
CA ASP A 370 -51.96 56.87 3.80
C ASP A 370 -52.02 56.86 2.27
N LEU A 371 -52.30 55.70 1.69
CA LEU A 371 -52.29 55.52 0.23
C LEU A 371 -53.57 54.84 -0.25
N ALA A 372 -54.17 55.36 -1.31
CA ALA A 372 -55.30 54.72 -1.96
C ALA A 372 -54.97 54.55 -3.44
N ASN A 373 -54.88 53.30 -3.90
CA ASN A 373 -54.52 53.05 -5.30
C ASN A 373 -55.04 51.75 -5.88
N TRP A 374 -56.13 51.22 -5.34
CA TRP A 374 -56.64 49.91 -5.79
C TRP A 374 -58.15 49.82 -6.06
N MET A 375 -58.95 50.76 -5.51
CA MET A 375 -60.40 50.67 -5.62
C MET A 375 -61.11 52.03 -5.74
N ILE A 376 -62.03 52.11 -6.70
CA ILE A 376 -62.98 53.21 -6.84
C ILE A 376 -64.37 52.57 -6.80
N PRO A 377 -65.05 52.62 -5.64
CA PRO A 377 -66.29 51.85 -5.44
C PRO A 377 -67.32 52.06 -6.55
N GLY A 378 -67.86 50.97 -7.08
CA GLY A 378 -68.80 51.02 -8.20
C GLY A 378 -68.17 51.50 -9.50
N LYS A 379 -66.89 51.25 -9.68
CA LYS A 379 -66.19 51.66 -10.90
C LYS A 379 -64.93 50.82 -11.13
N LEU A 380 -64.01 50.86 -10.16
CA LEU A 380 -62.78 50.07 -10.19
C LEU A 380 -62.79 49.08 -9.03
N VAL A 381 -63.10 47.81 -9.32
CA VAL A 381 -63.05 46.74 -8.33
C VAL A 381 -62.36 45.51 -8.94
N LYS A 382 -61.13 45.72 -9.40
CA LYS A 382 -60.30 44.66 -9.98
C LYS A 382 -59.45 43.92 -8.93
N GLY A 383 -59.48 44.35 -7.67
CA GLY A 383 -58.63 43.78 -6.61
C GLY A 383 -57.37 44.58 -6.34
N MET A 384 -56.66 44.25 -5.28
CA MET A 384 -55.46 45.00 -4.87
C MET A 384 -54.13 44.42 -5.36
N GLY A 385 -54.13 43.16 -5.78
CA GLY A 385 -52.91 42.53 -6.23
C GLY A 385 -51.90 42.48 -5.11
N GLY A 386 -50.64 42.80 -5.43
CA GLY A 386 -49.59 42.84 -4.43
C GLY A 386 -49.33 44.23 -3.87
N ALA A 387 -50.15 45.20 -4.26
CA ALA A 387 -49.99 46.59 -3.85
C ALA A 387 -49.97 46.78 -2.31
N MET A 388 -50.79 46.02 -1.60
CA MET A 388 -50.89 46.15 -0.13
C MET A 388 -49.67 45.57 0.57
N ASP A 389 -49.08 44.51 0.00
CA ASP A 389 -47.85 43.96 0.57
C ASP A 389 -46.67 44.86 0.28
N LEU A 390 -46.68 45.49 -0.90
CA LEU A 390 -45.56 46.32 -1.37
C LEU A 390 -45.32 47.57 -0.54
N VAL A 391 -46.32 48.01 0.20
CA VAL A 391 -46.22 49.21 1.05
C VAL A 391 -46.25 48.84 2.54
N SER A 392 -46.19 47.54 2.84
CA SER A 392 -46.39 47.06 4.20
C SER A 392 -45.13 47.21 5.08
N SER A 393 -43.96 47.20 4.47
CA SER A 393 -42.71 47.29 5.21
C SER A 393 -42.29 48.74 5.49
N ALA A 394 -41.77 48.97 6.69
CA ALA A 394 -41.20 50.28 7.05
C ALA A 394 -39.76 50.42 6.53
N LYS A 395 -39.11 49.29 6.29
CA LYS A 395 -37.73 49.31 5.80
C LYS A 395 -37.62 49.71 4.32
N THR A 396 -38.67 49.45 3.56
CA THR A 396 -38.67 49.74 2.12
C THR A 396 -39.18 51.15 1.89
N LYS A 397 -38.39 51.96 1.16
CA LYS A 397 -38.81 53.31 0.82
C LYS A 397 -39.92 53.23 -0.22
N VAL A 398 -41.10 53.73 0.14
CA VAL A 398 -42.24 53.77 -0.79
C VAL A 398 -42.37 55.18 -1.39
N VAL A 399 -42.21 55.26 -2.71
CA VAL A 399 -42.28 56.52 -3.44
C VAL A 399 -43.45 56.50 -4.43
N VAL A 400 -44.36 57.46 -4.27
CA VAL A 400 -45.55 57.58 -5.12
C VAL A 400 -45.28 58.54 -6.28
N THR A 401 -45.74 58.17 -7.47
CA THR A 401 -45.63 59.01 -8.66
C THR A 401 -46.99 59.24 -9.27
N MET A 402 -47.43 60.51 -9.33
CA MET A 402 -48.76 60.84 -9.82
C MET A 402 -48.89 62.29 -10.28
N GLU A 403 -49.95 62.56 -11.05
CA GLU A 403 -50.38 63.94 -11.31
C GLU A 403 -50.77 64.58 -9.98
N HIS A 404 -50.49 65.87 -9.85
CA HIS A 404 -50.72 66.57 -8.59
C HIS A 404 -52.21 66.64 -8.25
N SER A 405 -53.03 67.02 -9.22
CA SER A 405 -54.47 67.21 -9.01
C SER A 405 -55.30 66.37 -9.96
N ALA A 406 -56.58 66.21 -9.61
CA ALA A 406 -57.53 65.42 -10.39
C ALA A 406 -58.43 66.32 -11.24
N LYS A 407 -59.44 65.71 -11.86
CA LYS A 407 -60.41 66.43 -12.70
C LYS A 407 -61.09 67.56 -11.93
N GLY A 408 -61.16 68.74 -12.54
CA GLY A 408 -61.71 69.94 -11.90
C GLY A 408 -60.78 70.49 -10.86
N ASN A 409 -59.47 70.28 -11.07
CA ASN A 409 -58.44 70.61 -10.08
C ASN A 409 -58.80 70.10 -8.66
N ALA A 410 -59.39 68.91 -8.59
CA ALA A 410 -59.73 68.30 -7.31
C ALA A 410 -58.47 67.74 -6.66
N HIS A 411 -58.45 67.72 -5.33
CA HIS A 411 -57.26 67.30 -4.59
C HIS A 411 -57.01 65.79 -4.67
N LYS A 412 -55.73 65.44 -4.87
CA LYS A 412 -55.24 64.07 -4.73
C LYS A 412 -54.34 63.93 -3.49
N ILE A 413 -53.63 65.00 -3.15
CA ILE A 413 -52.92 65.09 -1.87
C ILE A 413 -53.87 65.80 -0.89
N MET A 414 -54.17 65.16 0.25
CA MET A 414 -55.23 65.68 1.13
C MET A 414 -55.08 65.25 2.59
N GLU A 415 -55.94 65.82 3.45
CA GLU A 415 -55.93 65.55 4.90
C GLU A 415 -56.19 64.07 5.17
N LYS A 416 -57.27 63.56 4.58
CA LYS A 416 -57.61 62.15 4.67
C LYS A 416 -58.09 61.66 3.31
N CYS A 417 -57.67 60.45 2.93
CA CYS A 417 -58.13 59.84 1.69
C CYS A 417 -59.62 59.56 1.75
N THR A 418 -60.29 59.74 0.63
CA THR A 418 -61.73 59.46 0.52
C THR A 418 -61.97 58.15 -0.20
N LEU A 419 -60.98 57.69 -0.97
CA LEU A 419 -61.02 56.35 -1.58
C LEU A 419 -60.47 55.28 -0.63
N PRO A 420 -60.83 54.01 -0.84
CA PRO A 420 -60.35 52.89 -0.03
C PRO A 420 -58.82 52.75 0.05
N LEU A 421 -58.31 52.55 1.26
CA LEU A 421 -56.88 52.59 1.50
C LEU A 421 -56.16 51.31 1.07
N THR A 422 -54.97 51.50 0.50
CA THR A 422 -54.03 50.42 0.24
C THR A 422 -53.19 50.21 1.50
N GLY A 423 -52.90 51.28 2.22
CA GLY A 423 -52.17 51.21 3.48
C GLY A 423 -52.22 52.52 4.23
N LYS A 424 -51.95 52.45 5.54
CA LYS A 424 -51.91 53.62 6.41
C LYS A 424 -50.47 54.02 6.70
N GLN A 425 -50.15 55.29 6.49
CA GLN A 425 -48.85 55.85 6.84
C GLN A 425 -47.73 54.98 6.28
N CYS A 426 -47.71 54.90 4.95
CA CYS A 426 -46.84 53.97 4.22
C CYS A 426 -46.05 54.59 3.09
N VAL A 427 -46.36 55.84 2.74
CA VAL A 427 -45.68 56.57 1.67
C VAL A 427 -44.60 57.43 2.28
N ASN A 428 -43.40 57.38 1.68
CA ASN A 428 -42.26 58.15 2.17
C ASN A 428 -41.98 59.38 1.33
N ARG A 429 -42.39 59.36 0.06
CA ARG A 429 -42.15 60.48 -0.87
C ARG A 429 -43.22 60.52 -1.94
N ILE A 430 -43.61 61.73 -2.35
CA ILE A 430 -44.60 61.94 -3.41
C ILE A 430 -43.98 62.81 -4.49
N ILE A 431 -43.88 62.26 -5.71
CA ILE A 431 -43.40 62.99 -6.87
C ILE A 431 -44.59 63.31 -7.78
N THR A 432 -44.80 64.59 -8.04
CA THR A 432 -45.80 65.05 -9.02
C THR A 432 -45.10 65.93 -10.05
N GLU A 433 -45.86 66.44 -11.02
CA GLU A 433 -45.30 67.33 -12.05
C GLU A 433 -45.02 68.76 -11.51
N LYS A 434 -45.61 69.08 -10.36
CA LYS A 434 -45.46 70.40 -9.75
C LYS A 434 -44.42 70.40 -8.62
N ALA A 435 -44.42 69.35 -7.79
CA ALA A 435 -43.62 69.32 -6.57
C ALA A 435 -43.08 67.93 -6.23
N VAL A 436 -42.11 67.89 -5.32
CA VAL A 436 -41.70 66.66 -4.65
C VAL A 436 -41.85 66.84 -3.13
N PHE A 437 -42.55 65.91 -2.48
CA PHE A 437 -42.80 65.96 -1.04
C PHE A 437 -42.13 64.80 -0.30
N ASP A 438 -41.49 65.12 0.81
CA ASP A 438 -41.13 64.10 1.80
C ASP A 438 -42.32 63.95 2.73
N VAL A 439 -42.64 62.71 3.08
CA VAL A 439 -43.79 62.41 3.93
C VAL A 439 -43.29 61.79 5.23
N ASP A 440 -43.79 62.28 6.35
CA ASP A 440 -43.50 61.69 7.66
C ASP A 440 -44.80 61.28 8.34
N ARG A 441 -44.75 60.17 9.06
CA ARG A 441 -45.94 59.62 9.72
C ARG A 441 -46.42 60.48 10.90
N LYS A 442 -45.50 61.27 11.48
CA LYS A 442 -45.81 62.12 12.62
C LYS A 442 -45.92 63.59 12.23
N LYS A 443 -44.99 64.07 11.39
CA LYS A 443 -44.90 65.49 11.06
C LYS A 443 -45.61 65.91 9.77
N GLY A 444 -45.89 64.96 8.88
CA GLY A 444 -46.64 65.23 7.67
C GLY A 444 -45.78 65.55 6.47
N LEU A 445 -46.24 66.46 5.61
CA LEU A 445 -45.57 66.76 4.34
C LEU A 445 -44.51 67.86 4.45
N THR A 446 -43.45 67.74 3.65
CA THR A 446 -42.43 68.77 3.51
C THR A 446 -42.05 68.93 2.03
N LEU A 447 -42.33 70.10 1.48
CA LEU A 447 -41.98 70.40 0.09
C LEU A 447 -40.47 70.55 -0.03
N ILE A 448 -39.82 69.62 -0.73
CA ILE A 448 -38.36 69.62 -0.88
C ILE A 448 -37.89 69.98 -2.29
N GLU A 449 -38.75 69.81 -3.29
CA GLU A 449 -38.47 70.31 -4.64
C GLU A 449 -39.71 70.97 -5.24
N LEU A 450 -39.47 72.01 -6.04
CA LEU A 450 -40.53 72.82 -6.63
C LEU A 450 -40.24 73.03 -8.10
N TRP A 451 -41.19 72.70 -8.96
CA TRP A 451 -41.01 72.87 -10.40
C TRP A 451 -40.86 74.36 -10.75
N GLU A 452 -39.95 74.63 -11.69
CA GLU A 452 -39.68 75.99 -12.15
C GLU A 452 -40.92 76.69 -12.68
N GLY A 453 -41.05 77.97 -12.39
CA GLY A 453 -42.22 78.76 -12.81
C GLY A 453 -43.36 78.74 -11.80
N LEU A 454 -43.35 77.77 -10.90
CA LEU A 454 -44.40 77.66 -9.90
C LEU A 454 -43.93 78.26 -8.57
N THR A 455 -44.88 78.58 -7.71
CA THR A 455 -44.59 79.13 -6.39
C THR A 455 -45.24 78.28 -5.30
N VAL A 456 -44.82 78.50 -4.06
CA VAL A 456 -45.36 77.78 -2.92
C VAL A 456 -46.88 77.99 -2.77
N ASP A 457 -47.35 79.17 -3.18
CA ASP A 457 -48.79 79.47 -3.18
C ASP A 457 -49.55 78.64 -4.21
N ASP A 458 -48.94 78.41 -5.38
CA ASP A 458 -49.52 77.53 -6.39
C ASP A 458 -49.73 76.12 -5.86
N ILE A 459 -48.76 75.63 -5.10
CA ILE A 459 -48.81 74.29 -4.51
C ILE A 459 -49.86 74.23 -3.39
N LYS A 460 -50.01 75.30 -2.62
CA LYS A 460 -50.98 75.36 -1.52
C LYS A 460 -52.42 75.19 -2.00
N LYS A 461 -52.75 75.82 -3.11
CA LYS A 461 -54.11 75.75 -3.65
C LYS A 461 -54.34 74.55 -4.58
N SER A 462 -53.31 73.72 -4.76
CA SER A 462 -53.47 72.42 -5.42
C SER A 462 -53.32 71.26 -4.44
N THR A 463 -53.21 71.56 -3.15
CA THR A 463 -52.98 70.56 -2.12
C THR A 463 -54.04 70.68 -1.02
N GLY A 464 -54.67 69.57 -0.67
CA GLY A 464 -55.80 69.55 0.25
C GLY A 464 -55.47 69.56 1.73
N CYS A 465 -54.18 69.67 2.05
CA CYS A 465 -53.72 69.81 3.43
C CYS A 465 -52.53 70.76 3.43
N ASP A 466 -52.19 71.27 4.62
CA ASP A 466 -51.03 72.16 4.75
C ASP A 466 -49.74 71.35 4.76
N PHE A 467 -48.61 72.06 4.63
CA PHE A 467 -47.30 71.42 4.57
C PHE A 467 -46.18 72.37 4.98
N ALA A 468 -45.12 71.83 5.58
CA ALA A 468 -43.90 72.58 5.83
C ALA A 468 -43.14 72.76 4.53
N VAL A 469 -42.34 73.82 4.45
CA VAL A 469 -41.44 74.06 3.33
C VAL A 469 -40.01 73.85 3.80
N SER A 470 -39.23 73.14 3.01
CA SER A 470 -37.83 72.87 3.34
C SER A 470 -37.02 74.17 3.20
N PRO A 471 -36.14 74.44 4.17
CA PRO A 471 -35.22 75.57 4.00
C PRO A 471 -34.19 75.37 2.88
N LYS A 472 -34.03 74.14 2.40
CA LYS A 472 -33.17 73.87 1.24
C LYS A 472 -34.00 73.45 0.02
N LEU A 473 -35.18 74.05 -0.13
CA LEU A 473 -36.02 73.85 -1.31
C LEU A 473 -35.26 74.19 -2.56
N ILE A 474 -35.08 73.21 -3.45
CA ILE A 474 -34.40 73.44 -4.75
C ILE A 474 -35.43 73.38 -5.88
N PRO A 475 -35.06 73.89 -7.08
CA PRO A 475 -35.92 73.63 -8.23
C PRO A 475 -35.92 72.14 -8.58
N MET A 476 -37.03 71.64 -9.11
CA MET A 476 -37.21 70.19 -9.31
C MET A 476 -36.24 69.66 -10.36
N GLN A 477 -35.63 68.52 -10.05
CA GLN A 477 -34.59 67.92 -10.88
C GLN A 477 -35.17 67.10 -12.03
N GLN A 478 -34.37 66.93 -13.08
CA GLN A 478 -34.74 66.11 -14.23
C GLN A 478 -33.50 65.37 -14.73
N LEU A 479 -33.65 64.07 -15.01
CA LEU A 479 -32.57 63.26 -15.61
C LEU A 479 -32.86 63.04 -17.09
N GLU A 480 -31.96 63.50 -17.95
CA GLU A 480 -32.15 63.43 -19.40
C GLU A 480 -31.35 62.29 -20.00
N THR B 1 -24.28 43.16 -3.34
CA THR B 1 -23.36 42.27 -2.58
C THR B 1 -21.93 42.83 -2.64
N LYS B 2 -21.37 43.14 -1.49
CA LYS B 2 -19.99 43.60 -1.39
C LYS B 2 -19.07 42.40 -1.22
N PHE B 3 -18.10 42.26 -2.13
CA PHE B 3 -17.15 41.14 -2.09
C PHE B 3 -15.96 41.47 -1.20
N TYR B 4 -15.51 40.47 -0.44
CA TYR B 4 -14.35 40.59 0.43
C TYR B 4 -13.32 39.52 0.11
N THR B 5 -12.05 39.86 0.29
CA THR B 5 -10.95 38.88 0.17
C THR B 5 -10.52 38.37 1.53
N ASP B 6 -10.80 39.15 2.58
CA ASP B 6 -10.40 38.83 3.94
C ASP B 6 -11.63 38.70 4.84
N ALA B 7 -11.76 37.55 5.51
CA ALA B 7 -12.92 37.23 6.33
C ALA B 7 -13.05 38.11 7.58
N VAL B 8 -11.91 38.46 8.18
CA VAL B 8 -11.90 39.34 9.35
C VAL B 8 -12.47 40.71 9.02
N GLU B 9 -12.13 41.20 7.82
CA GLU B 9 -12.64 42.49 7.33
C GLU B 9 -14.18 42.43 7.18
N ALA B 10 -14.69 41.27 6.78
CA ALA B 10 -16.13 41.07 6.58
C ALA B 10 -16.93 41.04 7.89
N VAL B 11 -16.29 40.74 9.01
CA VAL B 11 -17.00 40.59 10.29
C VAL B 11 -16.49 41.49 11.42
N LYS B 12 -15.55 42.39 11.14
CA LYS B 12 -14.89 43.17 12.18
C LYS B 12 -15.79 44.17 12.90
N ASP B 13 -16.96 44.47 12.32
CA ASP B 13 -17.85 45.48 12.87
C ASP B 13 -19.00 44.90 13.70
N ILE B 14 -18.94 43.60 14.04
CA ILE B 14 -19.95 43.00 14.90
C ILE B 14 -19.73 43.49 16.32
N PRO B 15 -20.75 44.14 16.91
CA PRO B 15 -20.61 44.64 18.28
C PRO B 15 -20.75 43.57 19.35
N ASN B 16 -20.18 43.84 20.52
CA ASN B 16 -20.37 42.97 21.67
C ASN B 16 -21.85 42.94 22.00
N GLY B 17 -22.35 41.79 22.44
CA GLY B 17 -23.77 41.64 22.75
C GLY B 17 -24.69 41.44 21.56
N ALA B 18 -24.12 41.38 20.35
CA ALA B 18 -24.90 41.22 19.13
C ALA B 18 -25.57 39.84 19.11
N THR B 19 -26.71 39.76 18.42
CA THR B 19 -27.34 38.47 18.12
C THR B 19 -26.85 38.00 16.75
N VAL B 20 -26.20 36.84 16.71
CA VAL B 20 -25.62 36.33 15.48
C VAL B 20 -26.21 34.96 15.14
N LEU B 21 -26.83 34.87 13.96
CA LEU B 21 -27.31 33.59 13.45
C LEU B 21 -26.12 32.86 12.83
N VAL B 22 -25.97 31.57 13.12
CA VAL B 22 -24.85 30.80 12.58
C VAL B 22 -25.35 29.55 11.89
N GLY B 23 -25.04 29.43 10.61
CA GLY B 23 -25.50 28.31 9.81
C GLY B 23 -24.90 27.00 10.27
N GLY B 24 -25.58 25.91 9.97
CA GLY B 24 -25.01 24.60 10.14
C GLY B 24 -25.88 23.58 10.84
N PHE B 25 -25.75 22.33 10.40
CA PHE B 25 -26.30 21.18 11.09
C PHE B 25 -25.13 20.30 11.52
N GLY B 26 -24.89 20.23 12.83
CA GLY B 26 -23.66 19.65 13.36
C GLY B 26 -22.44 20.37 12.80
N LEU B 27 -21.63 19.65 12.02
CA LEU B 27 -20.49 20.22 11.30
C LEU B 27 -20.77 20.28 9.80
N CYS B 28 -22.00 20.00 9.40
CA CYS B 28 -22.39 20.04 8.00
C CYS B 28 -22.92 21.44 7.66
N GLY B 29 -22.22 22.12 6.76
CA GLY B 29 -22.59 23.48 6.34
C GLY B 29 -22.36 24.54 7.39
N ILE B 30 -21.23 24.44 8.11
CA ILE B 30 -20.87 25.46 9.09
C ILE B 30 -19.95 26.49 8.45
N PRO B 31 -20.07 27.77 8.85
CA PRO B 31 -19.19 28.81 8.36
C PRO B 31 -17.86 28.85 9.13
N GLU B 32 -16.97 27.91 8.82
CA GLU B 32 -15.74 27.71 9.62
C GLU B 32 -14.72 28.86 9.50
N ASN B 33 -14.67 29.52 8.34
CA ASN B 33 -13.76 30.67 8.17
C ASN B 33 -14.27 31.92 8.87
N LEU B 34 -15.58 32.10 8.91
CA LEU B 34 -16.19 33.26 9.59
C LEU B 34 -16.14 33.10 11.12
N ILE B 35 -16.37 31.88 11.59
CA ILE B 35 -16.18 31.54 13.00
C ILE B 35 -14.72 31.77 13.37
N GLY B 36 -13.81 31.35 12.48
CA GLY B 36 -12.38 31.57 12.66
C GLY B 36 -12.01 33.04 12.74
N ALA B 37 -12.66 33.86 11.91
CA ALA B 37 -12.46 35.31 11.98
C ALA B 37 -13.01 35.93 13.29
N LEU B 38 -14.06 35.33 13.85
CA LEU B 38 -14.61 35.83 15.12
C LEU B 38 -13.67 35.54 16.30
N LEU B 39 -12.86 34.50 16.18
CA LEU B 39 -11.85 34.22 17.20
C LEU B 39 -10.82 35.36 17.22
N LYS B 40 -10.43 35.81 16.03
CA LYS B 40 -9.43 36.88 15.89
C LYS B 40 -9.95 38.23 16.37
N THR B 41 -11.17 38.59 15.99
CA THR B 41 -11.75 39.87 16.42
C THR B 41 -11.98 39.87 17.94
N GLY B 42 -12.42 38.73 18.47
CA GLY B 42 -12.63 38.59 19.89
C GLY B 42 -13.92 39.23 20.40
N VAL B 43 -14.88 39.47 19.50
CA VAL B 43 -16.17 39.99 19.89
C VAL B 43 -16.80 39.05 20.91
N LYS B 44 -17.48 39.61 21.91
CA LYS B 44 -17.94 38.83 23.08
C LYS B 44 -19.39 39.14 23.50
N GLU B 45 -19.90 38.35 24.45
CA GLU B 45 -21.27 38.45 24.96
C GLU B 45 -22.36 38.19 23.90
N LEU B 46 -22.01 37.44 22.87
CA LEU B 46 -22.90 37.17 21.74
C LEU B 46 -24.08 36.31 22.15
N THR B 47 -25.25 36.58 21.58
CA THR B 47 -26.36 35.64 21.56
C THR B 47 -26.29 34.92 20.23
N ALA B 48 -25.82 33.66 20.25
CA ALA B 48 -25.60 32.90 19.02
C ALA B 48 -26.79 32.00 18.74
N VAL B 49 -27.52 32.30 17.67
CA VAL B 49 -28.61 31.46 17.21
C VAL B 49 -28.04 30.46 16.21
N SER B 50 -28.04 29.20 16.62
CA SER B 50 -27.41 28.13 15.85
C SER B 50 -28.10 26.85 16.25
N ASN B 51 -28.28 25.93 15.31
CA ASN B 51 -29.03 24.72 15.61
C ASN B 51 -28.32 23.87 16.66
N ASN B 52 -27.02 23.68 16.47
CA ASN B 52 -26.19 22.93 17.39
C ASN B 52 -24.96 23.75 17.81
N ALA B 53 -24.17 23.20 18.72
CA ALA B 53 -22.97 23.87 19.22
C ALA B 53 -21.70 23.27 18.62
N GLY B 54 -21.80 22.71 17.41
CA GLY B 54 -20.67 22.04 16.77
C GLY B 54 -20.17 20.88 17.60
N VAL B 55 -18.85 20.74 17.68
CA VAL B 55 -18.20 19.81 18.60
C VAL B 55 -17.34 20.58 19.58
N ASP B 56 -16.76 19.89 20.55
CA ASP B 56 -15.93 20.52 21.58
C ASP B 56 -14.87 21.50 21.03
N ASN B 57 -14.20 21.10 19.94
CA ASN B 57 -13.05 21.84 19.41
C ASN B 57 -13.22 22.22 17.95
N PHE B 58 -14.47 22.39 17.51
CA PHE B 58 -14.72 22.86 16.14
C PHE B 58 -16.12 23.40 15.98
N GLY B 59 -16.32 24.21 14.95
CA GLY B 59 -17.57 24.88 14.71
C GLY B 59 -17.82 25.91 15.81
N LEU B 60 -19.07 25.98 16.27
CA LEU B 60 -19.46 26.96 17.27
C LEU B 60 -18.83 26.71 18.63
N GLY B 61 -18.41 25.47 18.88
CA GLY B 61 -17.73 25.11 20.12
C GLY B 61 -16.45 25.90 20.38
N LEU B 62 -15.74 26.27 19.32
CA LEU B 62 -14.55 27.12 19.41
C LEU B 62 -14.84 28.45 20.10
N LEU B 63 -15.98 29.04 19.80
CA LEU B 63 -16.39 30.31 20.40
C LEU B 63 -16.90 30.12 21.83
N LEU B 64 -17.35 28.91 22.16
CA LEU B 64 -17.67 28.56 23.54
C LEU B 64 -16.38 28.35 24.32
N GLN B 65 -15.37 27.80 23.63
CA GLN B 65 -14.06 27.57 24.22
C GLN B 65 -13.41 28.91 24.61
N SER B 66 -13.60 29.94 23.78
CA SER B 66 -13.06 31.27 24.02
C SER B 66 -14.02 32.16 24.82
N LYS B 67 -15.15 31.60 25.24
CA LYS B 67 -16.16 32.30 26.06
C LYS B 67 -16.70 33.60 25.44
N GLN B 68 -16.78 33.61 24.11
CA GLN B 68 -17.30 34.75 23.37
C GLN B 68 -18.83 34.73 23.26
N ILE B 69 -19.46 33.61 23.64
CA ILE B 69 -20.92 33.45 23.55
C ILE B 69 -21.57 33.51 24.94
N LYS B 70 -22.55 34.40 25.09
CA LYS B 70 -23.28 34.58 26.36
C LYS B 70 -24.51 33.67 26.38
N ARG B 71 -25.29 33.71 25.30
CA ARG B 71 -26.49 32.89 25.19
C ARG B 71 -26.47 32.08 23.89
N MET B 72 -26.93 30.84 23.98
CA MET B 72 -27.14 29.98 22.82
C MET B 72 -28.64 29.78 22.64
N ILE B 73 -29.13 29.96 21.41
CA ILE B 73 -30.49 29.57 21.04
C ILE B 73 -30.37 28.42 20.03
N SER B 74 -30.73 27.22 20.50
CA SER B 74 -30.39 25.97 19.81
C SER B 74 -31.43 24.90 20.07
N SER B 75 -31.42 23.86 19.25
CA SER B 75 -32.36 22.75 19.41
C SER B 75 -31.73 21.51 20.02
N TYR B 76 -30.44 21.31 19.76
CA TYR B 76 -29.77 20.09 20.21
C TYR B 76 -28.29 20.33 20.52
N VAL B 77 -27.88 19.92 21.72
CA VAL B 77 -26.51 20.12 22.20
C VAL B 77 -25.55 19.12 21.58
N GLY B 78 -25.92 17.85 21.68
CA GLY B 78 -25.18 16.78 21.03
C GLY B 78 -23.88 16.44 21.70
N GLU B 79 -22.84 16.25 20.89
CA GLU B 79 -21.54 15.77 21.37
C GLU B 79 -20.58 16.93 21.61
N ASN B 80 -20.99 17.85 22.49
CA ASN B 80 -20.16 18.94 22.94
C ASN B 80 -20.16 18.98 24.47
N ALA B 81 -19.15 18.35 25.05
CA ALA B 81 -19.00 18.29 26.50
C ALA B 81 -18.81 19.67 27.11
N GLU B 82 -18.06 20.53 26.42
CA GLU B 82 -17.82 21.89 26.88
C GLU B 82 -19.12 22.69 26.95
N PHE B 83 -19.96 22.53 25.93
CA PHE B 83 -21.31 23.11 25.89
C PHE B 83 -22.05 22.70 27.16
N GLU B 84 -22.17 21.39 27.38
CA GLU B 84 -22.90 20.83 28.51
C GLU B 84 -22.34 21.31 29.85
N ARG B 85 -21.01 21.36 29.94
CA ARG B 85 -20.34 21.83 31.14
C ARG B 85 -20.72 23.27 31.46
N GLN B 86 -20.50 24.16 30.49
CA GLN B 86 -20.77 25.59 30.69
C GLN B 86 -22.23 25.86 31.04
N TYR B 87 -23.13 25.11 30.40
CA TYR B 87 -24.56 25.25 30.63
C TYR B 87 -24.92 24.79 32.03
N LEU B 88 -24.47 23.59 32.40
CA LEU B 88 -24.71 23.05 33.74
C LEU B 88 -23.99 23.85 34.84
N ALA B 89 -22.83 24.43 34.51
CA ALA B 89 -22.04 25.20 35.47
C ALA B 89 -22.61 26.57 35.80
N GLY B 90 -23.49 27.09 34.92
CA GLY B 90 -24.07 28.42 35.10
C GLY B 90 -23.29 29.51 34.38
N GLU B 91 -22.41 29.11 33.46
CA GLU B 91 -21.60 30.04 32.69
C GLU B 91 -22.23 30.46 31.37
N LEU B 92 -23.11 29.59 30.83
CA LEU B 92 -23.73 29.81 29.52
C LEU B 92 -25.25 29.76 29.61
N GLU B 93 -25.91 30.73 28.98
CA GLU B 93 -27.37 30.73 28.88
C GLU B 93 -27.78 29.92 27.66
N VAL B 94 -28.86 29.16 27.78
CA VAL B 94 -29.30 28.29 26.69
C VAL B 94 -30.82 28.19 26.58
N GLU B 95 -31.38 28.73 25.49
CA GLU B 95 -32.79 28.53 25.15
C GLU B 95 -32.93 27.33 24.24
N LEU B 96 -33.27 26.18 24.82
CA LEU B 96 -33.53 24.97 24.04
C LEU B 96 -34.86 25.15 23.28
N THR B 97 -34.76 25.16 21.95
CA THR B 97 -35.88 25.50 21.07
C THR B 97 -36.13 24.34 20.10
N PRO B 98 -37.39 23.92 19.94
CA PRO B 98 -37.66 22.86 18.95
C PRO B 98 -37.12 23.23 17.55
N GLN B 99 -36.42 22.28 16.93
CA GLN B 99 -35.68 22.56 15.67
C GLN B 99 -36.55 23.20 14.60
N GLY B 100 -37.71 22.61 14.33
CA GLY B 100 -38.67 23.21 13.37
C GLY B 100 -39.20 24.58 13.78
N THR B 101 -39.41 24.77 15.08
CA THR B 101 -39.81 26.09 15.57
C THR B 101 -38.71 27.11 15.37
N LEU B 102 -37.48 26.72 15.68
CA LEU B 102 -36.32 27.57 15.43
C LEU B 102 -36.25 27.96 13.96
N ALA B 103 -36.50 27.00 13.08
CA ALA B 103 -36.42 27.24 11.63
C ALA B 103 -37.52 28.18 11.16
N GLU B 104 -38.72 27.98 11.68
CA GLU B 104 -39.88 28.77 11.26
C GLU B 104 -39.82 30.18 11.82
N ARG B 105 -39.26 30.32 13.01
CA ARG B 105 -39.09 31.64 13.63
C ARG B 105 -38.03 32.48 12.93
N ILE B 106 -36.96 31.83 12.46
CA ILE B 106 -35.96 32.50 11.65
C ILE B 106 -36.59 32.93 10.32
N ARG B 107 -37.40 32.06 9.75
CA ARG B 107 -38.08 32.38 8.48
C ARG B 107 -38.99 33.56 8.65
N ALA B 108 -39.83 33.50 9.69
CA ALA B 108 -40.73 34.59 10.02
C ALA B 108 -39.95 35.88 10.13
N GLY B 109 -38.78 35.81 10.77
CA GLY B 109 -37.94 37.00 10.98
C GLY B 109 -37.41 37.64 9.71
N GLY B 110 -37.30 36.85 8.65
CA GLY B 110 -36.91 37.37 7.35
C GLY B 110 -38.09 37.67 6.45
N ALA B 111 -39.25 37.11 6.76
CA ALA B 111 -40.44 37.22 5.92
C ALA B 111 -41.48 38.24 6.42
N GLY B 112 -41.14 39.05 7.42
CA GLY B 112 -42.04 40.11 7.89
C GLY B 112 -43.21 39.62 8.75
N VAL B 113 -43.09 38.41 9.28
CA VAL B 113 -44.08 37.83 10.15
C VAL B 113 -43.53 37.91 11.57
N PRO B 114 -44.21 38.67 12.45
CA PRO B 114 -43.75 38.83 13.83
C PRO B 114 -44.05 37.61 14.70
N ALA B 115 -45.12 36.90 14.40
CA ALA B 115 -45.49 35.74 15.21
C ALA B 115 -46.40 34.83 14.43
N PHE B 116 -46.50 33.57 14.88
CA PHE B 116 -47.30 32.57 14.22
C PHE B 116 -47.58 31.46 15.20
N TYR B 117 -48.49 30.57 14.84
CA TYR B 117 -48.90 29.48 15.70
C TYR B 117 -48.40 28.12 15.24
N THR B 118 -48.11 27.26 16.21
CA THR B 118 -47.64 25.92 15.94
C THR B 118 -48.03 25.01 17.10
N SER B 119 -48.28 23.74 16.82
CA SER B 119 -48.61 22.78 17.87
C SER B 119 -47.37 22.19 18.53
N THR B 120 -46.21 22.39 17.88
CA THR B 120 -44.93 21.94 18.39
C THR B 120 -44.61 22.55 19.75
N GLY B 121 -44.46 21.69 20.75
CA GLY B 121 -44.14 22.13 22.11
C GLY B 121 -45.34 22.34 23.01
N TYR B 122 -46.55 22.12 22.49
CA TYR B 122 -47.75 22.21 23.33
C TYR B 122 -47.77 21.04 24.35
N GLY B 123 -48.13 21.36 25.59
CA GLY B 123 -48.13 20.37 26.66
C GLY B 123 -46.75 20.02 27.19
N THR B 124 -45.76 20.84 26.86
CA THR B 124 -44.39 20.63 27.30
C THR B 124 -43.87 21.89 27.95
N LEU B 125 -42.61 21.86 28.40
CA LEU B 125 -41.98 23.01 29.05
C LEU B 125 -41.87 24.24 28.13
N VAL B 126 -41.82 24.02 26.82
CA VAL B 126 -41.80 25.12 25.86
C VAL B 126 -43.07 25.95 26.04
N GLN B 127 -44.22 25.28 26.07
CA GLN B 127 -45.52 25.95 26.23
C GLN B 127 -45.75 26.42 27.68
N GLU B 128 -45.55 25.52 28.65
CA GLU B 128 -45.84 25.80 30.05
C GLU B 128 -44.83 26.73 30.70
N GLY B 129 -43.63 26.80 30.14
CA GLY B 129 -42.56 27.57 30.73
C GLY B 129 -41.81 26.74 31.75
N GLY B 130 -40.75 27.31 32.32
CA GLY B 130 -39.94 26.64 33.32
C GLY B 130 -38.78 25.82 32.76
N SER B 131 -38.50 25.95 31.47
CA SER B 131 -37.32 25.30 30.89
C SER B 131 -36.08 26.08 31.31
N PRO B 132 -35.08 25.39 31.90
CA PRO B 132 -33.92 26.11 32.39
C PRO B 132 -33.14 26.81 31.28
N ILE B 133 -33.07 28.14 31.37
CA ILE B 133 -32.27 28.94 30.45
C ILE B 133 -30.89 29.20 31.05
N LYS B 134 -30.85 29.52 32.33
CA LYS B 134 -29.58 29.68 33.06
C LYS B 134 -29.62 29.00 34.43
N TYR B 135 -28.50 28.37 34.80
CA TYR B 135 -28.33 27.78 36.12
C TYR B 135 -27.49 28.69 37.00
N ASN B 136 -27.74 28.66 38.30
CA ASN B 136 -26.87 29.28 39.30
C ASN B 136 -25.65 28.40 39.55
N LYS B 137 -24.58 29.00 40.07
CA LYS B 137 -23.38 28.27 40.49
C LYS B 137 -23.78 27.15 41.45
N ASP B 138 -24.47 27.54 42.53
CA ASP B 138 -24.91 26.59 43.57
C ASP B 138 -25.66 25.35 43.06
N GLY B 139 -26.23 25.43 41.86
CA GLY B 139 -26.94 24.31 41.24
C GLY B 139 -28.41 24.60 41.05
N SER B 140 -28.92 25.59 41.79
CA SER B 140 -30.28 26.07 41.63
C SER B 140 -30.42 26.84 40.32
N ILE B 141 -31.64 27.26 40.00
CA ILE B 141 -31.92 27.79 38.68
C ILE B 141 -31.96 29.31 38.67
N ALA B 142 -31.24 29.90 37.73
CA ALA B 142 -31.14 31.35 37.66
C ALA B 142 -32.22 31.98 36.76
N ILE B 143 -32.31 31.51 35.52
CA ILE B 143 -33.33 31.98 34.58
C ILE B 143 -34.13 30.80 34.01
N ALA B 144 -35.45 30.94 34.02
CA ALA B 144 -36.35 29.93 33.46
C ALA B 144 -37.10 30.52 32.25
N SER B 145 -37.55 29.65 31.35
CA SER B 145 -38.27 30.09 30.16
C SER B 145 -39.67 30.54 30.51
N LYS B 146 -40.15 31.56 29.82
CA LYS B 146 -41.50 32.05 30.00
C LYS B 146 -42.49 31.21 29.19
N PRO B 147 -43.76 31.15 29.63
CA PRO B 147 -44.75 30.38 28.89
C PRO B 147 -45.07 30.98 27.54
N ARG B 148 -45.59 30.14 26.64
CA ARG B 148 -46.09 30.59 25.35
C ARG B 148 -47.61 30.60 25.43
N GLU B 149 -48.21 31.62 24.82
CA GLU B 149 -49.68 31.74 24.80
C GLU B 149 -50.27 30.60 24.00
N VAL B 150 -51.31 29.98 24.56
CA VAL B 150 -52.02 28.89 23.91
C VAL B 150 -53.29 29.42 23.24
N ARG B 151 -53.60 28.88 22.08
CA ARG B 151 -54.85 29.24 21.40
C ARG B 151 -55.36 28.06 20.58
N GLU B 152 -56.69 27.91 20.57
CA GLU B 152 -57.32 26.80 19.86
C GLU B 152 -57.75 27.20 18.46
N PHE B 153 -57.35 26.38 17.48
CA PHE B 153 -57.78 26.53 16.09
C PHE B 153 -58.32 25.18 15.60
N ASN B 154 -59.54 25.18 15.08
CA ASN B 154 -60.15 23.97 14.52
C ASN B 154 -60.08 22.75 15.44
N GLY B 155 -60.43 22.95 16.71
CA GLY B 155 -60.50 21.86 17.69
C GLY B 155 -59.16 21.37 18.20
N GLN B 156 -58.11 22.16 18.03
CA GLN B 156 -56.76 21.74 18.40
C GLN B 156 -55.99 22.90 19.02
N HIS B 157 -55.09 22.57 19.94
CA HIS B 157 -54.31 23.58 20.66
C HIS B 157 -52.95 23.88 20.03
N PHE B 158 -52.64 25.16 19.90
CA PHE B 158 -51.41 25.66 19.31
C PHE B 158 -50.81 26.71 20.23
N ILE B 159 -49.51 26.93 20.10
CA ILE B 159 -48.84 27.98 20.87
C ILE B 159 -48.28 29.06 19.95
N LEU B 160 -48.22 30.28 20.47
CA LEU B 160 -47.70 31.43 19.71
C LEU B 160 -46.19 31.54 19.83
N GLU B 161 -45.51 31.56 18.68
CA GLU B 161 -44.06 31.73 18.64
C GLU B 161 -43.70 33.01 17.88
N GLU B 162 -42.69 33.72 18.37
CA GLU B 162 -42.28 35.01 17.80
C GLU B 162 -41.07 34.89 16.89
N ALA B 163 -41.01 35.78 15.91
CA ALA B 163 -39.93 35.80 14.95
C ALA B 163 -38.57 35.96 15.63
N ILE B 164 -37.55 35.36 15.03
CA ILE B 164 -36.17 35.53 15.43
C ILE B 164 -35.45 36.27 14.31
N ARG B 165 -34.82 37.39 14.66
CA ARG B 165 -34.05 38.19 13.69
C ARG B 165 -32.68 38.54 14.27
N GLY B 166 -31.65 38.48 13.44
CA GLY B 166 -30.30 38.73 13.91
C GLY B 166 -29.78 40.10 13.52
N ASP B 167 -28.75 40.56 14.23
CA ASP B 167 -27.97 41.72 13.82
C ASP B 167 -27.06 41.26 12.68
N PHE B 168 -26.52 40.05 12.79
CA PHE B 168 -25.69 39.45 11.76
C PHE B 168 -26.10 38.01 11.52
N ALA B 169 -25.81 37.52 10.31
CA ALA B 169 -25.92 36.11 9.99
C ALA B 169 -24.61 35.64 9.37
N LEU B 170 -24.07 34.54 9.89
CA LEU B 170 -22.85 33.93 9.37
C LEU B 170 -23.26 32.66 8.66
N VAL B 171 -23.03 32.63 7.34
CA VAL B 171 -23.64 31.63 6.47
C VAL B 171 -22.59 30.93 5.61
N LYS B 172 -22.70 29.61 5.50
CA LYS B 172 -21.83 28.82 4.63
C LYS B 172 -22.64 28.38 3.42
N ALA B 173 -22.03 28.48 2.24
CA ALA B 173 -22.65 28.05 0.98
C ALA B 173 -21.61 27.43 0.04
N TRP B 174 -22.08 26.72 -0.96
CA TRP B 174 -21.18 26.02 -1.88
C TRP B 174 -20.55 27.00 -2.87
N LYS B 175 -21.38 27.59 -3.72
CA LYS B 175 -20.91 28.47 -4.78
C LYS B 175 -21.67 29.79 -4.76
N ALA B 176 -20.98 30.85 -5.21
CA ALA B 176 -21.61 32.14 -5.46
C ALA B 176 -21.14 32.63 -6.82
N ASP B 177 -22.03 33.28 -7.56
CA ASP B 177 -21.62 33.92 -8.81
C ASP B 177 -21.13 35.34 -8.51
N GLN B 178 -20.61 36.02 -9.53
CA GLN B 178 -20.03 37.35 -9.34
C GLN B 178 -21.09 38.42 -9.10
N ALA B 179 -22.37 38.07 -9.30
CA ALA B 179 -23.50 38.94 -8.98
C ALA B 179 -23.93 38.84 -7.50
N GLY B 180 -23.54 37.76 -6.82
CA GLY B 180 -23.88 37.56 -5.41
C GLY B 180 -24.90 36.47 -5.15
N ASN B 181 -25.40 35.84 -6.21
CA ASN B 181 -26.32 34.70 -6.09
C ASN B 181 -25.58 33.50 -5.52
N VAL B 182 -26.29 32.67 -4.76
CA VAL B 182 -25.64 31.62 -3.99
C VAL B 182 -26.39 30.29 -4.12
N THR B 183 -25.63 29.19 -4.00
CA THR B 183 -26.20 27.84 -3.97
C THR B 183 -25.56 27.02 -2.86
N PHE B 184 -26.18 25.90 -2.51
CA PHE B 184 -25.73 25.02 -1.44
C PHE B 184 -25.59 23.60 -1.97
N ARG B 185 -24.74 22.81 -1.32
CA ARG B 185 -24.46 21.45 -1.76
C ARG B 185 -25.01 20.42 -0.78
N LYS B 186 -25.90 19.57 -1.29
CA LYS B 186 -26.46 18.44 -0.54
C LYS B 186 -27.09 18.90 0.80
N SER B 187 -26.81 18.22 1.90
CA SER B 187 -27.43 18.55 3.18
C SER B 187 -26.73 19.69 3.92
N ALA B 188 -25.74 20.32 3.28
CA ALA B 188 -25.04 21.47 3.86
C ALA B 188 -25.88 22.76 3.82
N ARG B 189 -27.06 22.69 3.22
CA ARG B 189 -27.98 23.81 3.16
C ARG B 189 -28.64 24.09 4.52
N ASN B 190 -29.33 23.09 5.06
CA ASN B 190 -29.99 23.18 6.37
C ASN B 190 -30.45 24.59 6.79
N PHE B 191 -29.83 25.16 7.83
CA PHE B 191 -30.28 26.43 8.39
C PHE B 191 -29.68 27.63 7.70
N ASN B 192 -28.71 27.38 6.81
CA ASN B 192 -28.03 28.47 6.12
C ASN B 192 -28.96 29.29 5.25
N LEU B 193 -29.91 28.62 4.60
CA LEU B 193 -30.84 29.31 3.71
C LEU B 193 -31.78 30.29 4.49
N PRO B 194 -32.60 29.78 5.44
CA PRO B 194 -33.44 30.75 6.17
C PRO B 194 -32.67 31.86 6.88
N MET B 195 -31.57 31.50 7.56
CA MET B 195 -30.75 32.48 8.28
C MET B 195 -30.22 33.61 7.42
N CYS B 196 -30.05 33.33 6.14
CA CYS B 196 -29.57 34.31 5.15
C CYS B 196 -30.56 35.45 4.91
N LYS B 197 -31.81 35.25 5.31
CA LYS B 197 -32.89 36.21 5.10
C LYS B 197 -33.29 36.96 6.37
N ALA B 198 -32.84 36.48 7.54
CA ALA B 198 -33.36 36.95 8.84
C ALA B 198 -32.40 37.83 9.64
N ALA B 199 -31.46 38.48 8.99
CA ALA B 199 -30.51 39.34 9.70
C ALA B 199 -30.28 40.68 9.00
N GLU B 200 -29.93 41.68 9.80
CA GLU B 200 -29.65 43.03 9.30
C GLU B 200 -28.49 43.02 8.32
N THR B 201 -27.39 42.35 8.69
CA THR B 201 -26.26 42.12 7.78
C THR B 201 -25.97 40.63 7.65
N THR B 202 -25.99 40.13 6.43
CA THR B 202 -25.72 38.72 6.18
C THR B 202 -24.35 38.59 5.54
N VAL B 203 -23.51 37.74 6.12
CA VAL B 203 -22.17 37.48 5.61
C VAL B 203 -22.09 36.02 5.20
N VAL B 204 -21.79 35.79 3.93
CA VAL B 204 -21.76 34.45 3.37
C VAL B 204 -20.34 34.10 2.96
N GLU B 205 -19.88 32.91 3.33
CA GLU B 205 -18.62 32.38 2.83
C GLU B 205 -18.93 31.25 1.86
N VAL B 206 -18.15 31.18 0.78
CA VAL B 206 -18.34 30.15 -0.24
C VAL B 206 -17.03 29.45 -0.62
N GLU B 207 -17.16 28.22 -1.10
CA GLU B 207 -16.00 27.43 -1.50
C GLU B 207 -15.47 27.87 -2.86
N GLU B 208 -16.36 28.35 -3.71
CA GLU B 208 -15.98 28.73 -5.07
C GLU B 208 -16.80 29.92 -5.54
N ILE B 209 -16.16 30.80 -6.33
CA ILE B 209 -16.82 31.91 -6.97
C ILE B 209 -16.81 31.68 -8.48
N VAL B 210 -17.99 31.54 -9.08
CA VAL B 210 -18.13 31.29 -10.49
C VAL B 210 -18.60 32.52 -11.24
N ASP B 211 -18.63 32.44 -12.56
CA ASP B 211 -19.12 33.52 -13.42
C ASP B 211 -20.62 33.74 -13.28
N ILE B 212 -21.07 34.96 -13.58
CA ILE B 212 -22.50 35.23 -13.76
C ILE B 212 -22.96 34.48 -15.00
N GLY B 213 -24.09 33.78 -14.89
CA GLY B 213 -24.59 32.94 -15.96
C GLY B 213 -24.33 31.45 -15.73
N SER B 214 -23.45 31.13 -14.78
CA SER B 214 -23.12 29.74 -14.45
C SER B 214 -24.30 28.98 -13.89
N PHE B 215 -25.11 29.66 -13.07
CA PHE B 215 -26.32 29.07 -12.52
C PHE B 215 -27.49 29.20 -13.49
N ALA B 216 -28.31 28.16 -13.59
CA ALA B 216 -29.63 28.31 -14.18
C ALA B 216 -30.43 29.18 -13.21
N PRO B 217 -31.08 30.22 -13.73
CA PRO B 217 -31.76 31.18 -12.85
C PRO B 217 -32.82 30.54 -11.96
N GLU B 218 -33.42 29.45 -12.41
CA GLU B 218 -34.40 28.70 -11.60
C GLU B 218 -33.77 28.01 -10.39
N ASP B 219 -32.47 27.72 -10.50
CA ASP B 219 -31.77 26.90 -9.52
C ASP B 219 -30.88 27.70 -8.57
N ILE B 220 -31.11 29.00 -8.48
CA ILE B 220 -30.43 29.84 -7.50
C ILE B 220 -31.17 29.71 -6.17
N HIS B 221 -30.50 29.22 -5.14
CA HIS B 221 -31.15 28.89 -3.88
C HIS B 221 -31.38 30.12 -3.02
N ILE B 222 -30.39 31.01 -2.98
CA ILE B 222 -30.51 32.28 -2.31
C ILE B 222 -30.16 33.37 -3.32
N PRO B 223 -31.17 34.15 -3.75
CA PRO B 223 -30.93 35.30 -4.62
C PRO B 223 -30.05 36.37 -3.98
N LYS B 224 -29.32 37.09 -4.82
CA LYS B 224 -28.36 38.12 -4.37
C LYS B 224 -28.93 39.19 -3.43
N ILE B 225 -30.23 39.47 -3.52
CA ILE B 225 -30.87 40.45 -2.64
C ILE B 225 -30.63 40.18 -1.15
N TYR B 226 -30.52 38.91 -0.79
CA TYR B 226 -30.28 38.48 0.58
C TYR B 226 -28.81 38.49 1.00
N VAL B 227 -27.91 38.45 0.03
CA VAL B 227 -26.47 38.35 0.31
C VAL B 227 -25.80 39.74 0.35
N HIS B 228 -25.44 40.19 1.55
CA HIS B 228 -24.92 41.56 1.72
C HIS B 228 -23.39 41.58 1.61
N ARG B 229 -22.74 40.59 2.21
CA ARG B 229 -21.28 40.48 2.14
C ARG B 229 -20.88 39.07 1.76
N LEU B 230 -19.99 38.94 0.79
CA LEU B 230 -19.57 37.65 0.28
C LEU B 230 -18.06 37.52 0.37
N VAL B 231 -17.61 36.38 0.88
CA VAL B 231 -16.18 36.07 0.98
C VAL B 231 -15.89 34.66 0.49
N LYS B 232 -14.79 34.47 -0.23
CA LYS B 232 -14.35 33.15 -0.61
C LYS B 232 -13.52 32.58 0.52
N GLY B 233 -13.94 31.43 1.06
CA GLY B 233 -13.27 30.84 2.21
C GLY B 233 -11.87 30.38 1.88
N GLU B 234 -10.93 30.70 2.77
CA GLU B 234 -9.52 30.36 2.56
C GLU B 234 -9.27 28.87 2.77
N LYS B 235 -9.80 28.33 3.87
CA LYS B 235 -9.54 26.95 4.27
C LYS B 235 -10.84 26.20 4.51
N TYR B 236 -10.96 25.00 3.91
CA TYR B 236 -12.10 24.12 4.15
C TYR B 236 -11.64 22.72 4.54
N GLU B 237 -11.80 22.37 5.81
CA GLU B 237 -11.23 21.15 6.38
C GLU B 237 -12.08 19.91 6.14
N LYS B 238 -13.28 20.07 5.57
CA LYS B 238 -14.14 18.93 5.24
C LYS B 238 -14.29 17.96 6.41
N ARG B 239 -14.47 18.50 7.62
CA ARG B 239 -14.48 17.69 8.84
C ARG B 239 -15.75 16.85 8.95
N ILE B 240 -15.57 15.60 9.38
CA ILE B 240 -16.66 14.64 9.54
C ILE B 240 -16.73 14.26 11.02
N GLU B 241 -17.89 14.49 11.63
CA GLU B 241 -18.08 14.22 13.05
C GLU B 241 -18.16 12.72 13.35
N ARG B 242 -19.04 12.01 12.64
CA ARG B 242 -19.22 10.57 12.80
C ARG B 242 -19.11 9.82 11.48
N LEU B 243 -17.97 9.18 11.24
CA LEU B 243 -17.84 8.37 10.04
C LEU B 243 -18.63 7.08 10.26
N SER B 244 -19.47 6.75 9.29
CA SER B 244 -20.26 5.52 9.35
C SER B 244 -20.20 4.85 7.99
N VAL B 245 -19.26 3.92 7.85
CA VAL B 245 -18.95 3.32 6.57
C VAL B 245 -19.57 1.93 6.51
N ARG B 246 -19.81 1.47 5.29
CA ARG B 246 -20.33 0.13 5.03
C ARG B 246 -19.29 -0.67 4.25
N LYS B 247 -19.34 -2.00 4.39
CA LYS B 247 -18.49 -2.92 3.62
C LYS B 247 -19.30 -4.08 3.06
N VAL B 262 -33.54 -9.47 22.18
CA VAL B 262 -34.70 -8.69 22.62
C VAL B 262 -34.87 -7.40 21.80
N ARG B 263 -33.78 -6.67 21.59
CA ARG B 263 -33.78 -5.53 20.66
C ARG B 263 -34.13 -5.98 19.25
N GLU B 264 -33.51 -7.07 18.82
CA GLU B 264 -33.74 -7.66 17.50
C GLU B 264 -35.22 -8.00 17.32
N ARG B 265 -35.89 -8.36 18.41
CA ARG B 265 -37.32 -8.65 18.39
C ARG B 265 -38.15 -7.42 18.06
N ILE B 266 -37.84 -6.31 18.74
CA ILE B 266 -38.53 -5.04 18.50
C ILE B 266 -38.27 -4.53 17.07
N ILE B 267 -37.03 -4.65 16.61
CA ILE B 267 -36.64 -4.23 15.26
C ILE B 267 -37.42 -4.97 14.18
N LYS B 268 -37.52 -6.29 14.33
CA LYS B 268 -38.22 -7.13 13.35
C LYS B 268 -39.74 -6.89 13.31
N ARG B 269 -40.31 -6.44 14.43
CA ARG B 269 -41.72 -6.08 14.44
C ARG B 269 -41.91 -4.67 13.89
N ALA B 270 -41.01 -3.76 14.29
CA ALA B 270 -40.99 -2.41 13.75
C ALA B 270 -40.90 -2.42 12.23
N ALA B 271 -40.10 -3.33 11.68
CA ALA B 271 -39.95 -3.46 10.24
C ALA B 271 -41.27 -3.77 9.51
N LEU B 272 -42.25 -4.34 10.21
CA LEU B 272 -43.57 -4.59 9.61
C LEU B 272 -44.45 -3.34 9.47
N GLU B 273 -44.00 -2.21 10.02
CA GLU B 273 -44.73 -0.95 9.87
C GLU B 273 -44.55 -0.33 8.47
N PHE B 274 -43.49 -0.70 7.77
CA PHE B 274 -43.21 -0.13 6.45
C PHE B 274 -44.13 -0.68 5.38
N GLU B 275 -44.71 0.22 4.59
CA GLU B 275 -45.55 -0.11 3.45
C GLU B 275 -44.90 0.40 2.17
N ASP B 276 -45.33 -0.13 1.04
CA ASP B 276 -44.79 0.27 -0.26
C ASP B 276 -45.27 1.66 -0.63
N GLY B 277 -44.33 2.54 -0.97
CA GLY B 277 -44.63 3.94 -1.30
C GLY B 277 -44.78 4.84 -0.09
N MET B 278 -44.35 4.35 1.07
CA MET B 278 -44.48 5.10 2.32
C MET B 278 -43.41 6.17 2.46
N TYR B 279 -43.78 7.29 3.06
CA TYR B 279 -42.82 8.33 3.46
C TYR B 279 -42.64 8.22 4.96
N ALA B 280 -41.41 7.97 5.41
CA ALA B 280 -41.12 7.75 6.82
C ALA B 280 -39.94 8.58 7.32
N ASN B 281 -40.05 9.03 8.56
CA ASN B 281 -38.92 9.59 9.27
C ASN B 281 -38.61 8.68 10.45
N LEU B 282 -37.41 8.11 10.44
CA LEU B 282 -37.01 7.10 11.41
C LEU B 282 -35.98 7.68 12.37
N GLY B 283 -36.21 7.48 13.67
CA GLY B 283 -35.30 7.97 14.70
C GLY B 283 -34.08 7.09 14.91
N ILE B 284 -33.09 7.65 15.58
CA ILE B 284 -31.85 6.93 15.90
C ILE B 284 -32.11 5.63 16.66
N GLY B 285 -31.34 4.60 16.35
CA GLY B 285 -31.44 3.32 17.04
C GLY B 285 -32.38 2.34 16.34
N ILE B 286 -33.31 1.79 17.11
CA ILE B 286 -34.20 0.70 16.64
C ILE B 286 -34.96 1.03 15.36
N PRO B 287 -35.59 2.22 15.29
CA PRO B 287 -36.38 2.55 14.10
C PRO B 287 -35.56 2.54 12.81
N LEU B 288 -34.37 3.14 12.84
CA LEU B 288 -33.50 3.21 11.67
C LEU B 288 -32.97 1.82 11.29
N LEU B 289 -32.66 1.00 12.30
CA LEU B 289 -32.22 -0.38 12.07
C LEU B 289 -33.30 -1.25 11.45
N ALA B 290 -34.57 -0.95 11.76
CA ALA B 290 -35.71 -1.66 11.15
C ALA B 290 -35.78 -1.48 9.63
N SER B 291 -35.22 -0.39 9.12
CA SER B 291 -35.20 -0.11 7.68
C SER B 291 -34.32 -1.08 6.87
N ASN B 292 -33.37 -1.73 7.55
CA ASN B 292 -32.55 -2.77 6.93
C ASN B 292 -33.37 -3.97 6.50
N PHE B 293 -34.47 -4.24 7.21
CA PHE B 293 -35.30 -5.41 6.98
C PHE B 293 -36.39 -5.18 5.93
N ILE B 294 -36.47 -3.96 5.40
CA ILE B 294 -37.43 -3.66 4.33
C ILE B 294 -37.08 -4.49 3.10
N SER B 295 -38.10 -5.05 2.45
CA SER B 295 -37.90 -5.86 1.27
C SER B 295 -37.38 -5.02 0.10
N PRO B 296 -36.51 -5.59 -0.75
CA PRO B 296 -36.05 -4.89 -1.96
C PRO B 296 -37.18 -4.54 -2.92
N ASN B 297 -38.23 -5.36 -2.94
CA ASN B 297 -39.43 -5.11 -3.75
C ASN B 297 -40.31 -3.99 -3.21
N MET B 298 -40.09 -3.62 -1.94
CA MET B 298 -40.82 -2.51 -1.33
C MET B 298 -40.01 -1.22 -1.46
N THR B 299 -40.70 -0.14 -1.85
CA THR B 299 -40.11 1.18 -1.97
C THR B 299 -40.54 2.04 -0.78
N VAL B 300 -39.58 2.42 0.06
CA VAL B 300 -39.83 3.31 1.20
C VAL B 300 -38.90 4.52 1.09
N HIS B 301 -39.48 5.71 1.08
CA HIS B 301 -38.71 6.93 1.00
C HIS B 301 -38.50 7.51 2.39
N LEU B 302 -37.23 7.62 2.78
CA LEU B 302 -36.89 8.06 4.11
C LEU B 302 -36.55 9.55 4.12
N GLN B 303 -37.18 10.27 5.06
CA GLN B 303 -37.02 11.71 5.19
C GLN B 303 -36.07 12.01 6.35
N SER B 304 -35.25 13.04 6.19
CA SER B 304 -34.35 13.47 7.25
C SER B 304 -34.58 14.92 7.53
N GLU B 305 -34.68 15.26 8.82
CA GLU B 305 -35.11 16.57 9.26
C GLU B 305 -34.08 17.65 8.90
N ASN B 306 -32.80 17.28 8.84
CA ASN B 306 -31.78 18.22 8.34
C ASN B 306 -31.92 18.59 6.86
N GLY B 307 -32.90 17.99 6.16
CA GLY B 307 -33.35 18.51 4.87
C GLY B 307 -33.05 17.58 3.69
N ILE B 308 -33.36 16.30 3.85
CA ILE B 308 -33.16 15.31 2.80
C ILE B 308 -34.41 14.46 2.70
N LEU B 309 -34.79 14.13 1.47
CA LEU B 309 -35.77 13.09 1.19
C LEU B 309 -35.09 12.05 0.29
N GLY B 310 -35.15 10.78 0.70
CA GLY B 310 -34.59 9.67 -0.08
C GLY B 310 -33.29 9.11 0.48
N LEU B 311 -33.18 9.05 1.81
CA LEU B 311 -31.98 8.52 2.46
C LEU B 311 -31.71 7.09 2.02
N GLY B 312 -30.45 6.79 1.74
CA GLY B 312 -30.01 5.45 1.43
C GLY B 312 -29.18 4.87 2.58
N PRO B 313 -28.40 3.82 2.30
CA PRO B 313 -27.56 3.20 3.33
C PRO B 313 -26.32 4.04 3.67
N TYR B 314 -25.53 3.57 4.63
CA TYR B 314 -24.25 4.20 4.92
C TYR B 314 -23.29 4.02 3.74
N PRO B 315 -22.41 5.01 3.51
CA PRO B 315 -21.54 4.98 2.35
C PRO B 315 -20.41 3.96 2.46
N LEU B 316 -19.96 3.45 1.31
CA LEU B 316 -18.66 2.79 1.23
C LEU B 316 -17.59 3.85 1.41
N GLN B 317 -16.37 3.43 1.71
CA GLN B 317 -15.26 4.35 1.98
C GLN B 317 -15.14 5.46 0.91
N ASN B 318 -15.29 5.08 -0.35
CA ASN B 318 -15.17 6.02 -1.48
C ASN B 318 -16.38 6.95 -1.68
N GLU B 319 -17.49 6.62 -1.03
CA GLU B 319 -18.73 7.39 -1.17
C GLU B 319 -18.89 8.46 -0.09
N VAL B 320 -17.99 8.49 0.88
CA VAL B 320 -18.12 9.37 2.05
C VAL B 320 -18.08 10.84 1.65
N ASP B 321 -18.90 11.66 2.31
CA ASP B 321 -19.04 13.09 2.00
C ASP B 321 -19.39 13.90 3.24
N ALA B 322 -18.64 14.97 3.49
CA ALA B 322 -18.88 15.83 4.66
C ALA B 322 -20.18 16.61 4.57
N ASP B 323 -20.65 16.83 3.34
CA ASP B 323 -21.88 17.59 3.09
C ASP B 323 -23.16 16.75 3.15
N LEU B 324 -23.03 15.44 3.41
CA LEU B 324 -24.18 14.54 3.39
C LEU B 324 -24.23 13.67 4.64
N ILE B 325 -24.94 14.16 5.66
CA ILE B 325 -25.15 13.42 6.90
C ILE B 325 -26.64 13.28 7.25
N ASN B 326 -26.96 12.28 8.06
CA ASN B 326 -28.34 12.08 8.53
C ASN B 326 -28.58 12.85 9.83
N ALA B 327 -29.80 12.76 10.36
CA ALA B 327 -30.20 13.52 11.55
C ALA B 327 -29.34 13.19 12.76
N GLY B 328 -28.77 11.98 12.80
CA GLY B 328 -27.87 11.58 13.87
C GLY B 328 -26.43 12.05 13.71
N LYS B 329 -26.19 12.90 12.71
CA LYS B 329 -24.85 13.41 12.39
C LYS B 329 -23.93 12.36 11.74
N GLU B 330 -24.47 11.22 11.33
CA GLU B 330 -23.70 10.16 10.69
C GLU B 330 -23.64 10.39 9.20
N THR B 331 -22.50 10.07 8.59
CA THR B 331 -22.37 10.11 7.13
C THR B 331 -23.32 9.09 6.51
N VAL B 332 -24.03 9.51 5.47
CA VAL B 332 -24.98 8.63 4.77
C VAL B 332 -24.84 8.76 3.27
N THR B 333 -25.69 8.05 2.54
CA THR B 333 -25.86 8.26 1.10
C THR B 333 -27.31 8.55 0.80
N VAL B 334 -27.61 8.87 -0.46
CA VAL B 334 -28.98 9.04 -0.93
C VAL B 334 -29.25 8.11 -2.10
N LEU B 335 -30.51 7.68 -2.22
CA LEU B 335 -30.95 6.83 -3.32
C LEU B 335 -31.29 7.68 -4.55
N PRO B 336 -31.54 7.04 -5.70
CA PRO B 336 -31.95 7.80 -6.88
C PRO B 336 -33.29 8.47 -6.69
N GLY B 337 -33.44 9.69 -7.19
CA GLY B 337 -34.69 10.44 -7.03
C GLY B 337 -34.81 11.22 -5.72
N ALA B 338 -33.72 11.29 -4.98
CA ALA B 338 -33.69 12.05 -3.73
C ALA B 338 -33.65 13.54 -4.00
N SER B 339 -34.01 14.33 -2.98
CA SER B 339 -33.98 15.78 -3.07
C SER B 339 -33.46 16.38 -1.77
N TYR B 340 -32.97 17.61 -1.87
CA TYR B 340 -32.46 18.33 -0.72
C TYR B 340 -33.27 19.61 -0.55
N PHE B 341 -33.41 20.06 0.70
CA PHE B 341 -34.18 21.29 0.98
C PHE B 341 -33.73 21.91 2.28
N SER B 342 -34.19 23.12 2.54
CA SER B 342 -33.82 23.85 3.74
C SER B 342 -34.51 23.27 4.98
N SER B 343 -34.10 23.75 6.15
CA SER B 343 -34.66 23.28 7.42
C SER B 343 -36.09 23.75 7.64
N ASP B 344 -36.35 25.03 7.40
CA ASP B 344 -37.72 25.57 7.43
C ASP B 344 -38.67 24.71 6.60
N GLU B 345 -38.22 24.32 5.41
CA GLU B 345 -39.00 23.51 4.48
C GLU B 345 -39.17 22.08 4.98
N SER B 346 -38.12 21.52 5.57
CA SER B 346 -38.17 20.17 6.12
C SER B 346 -39.22 20.09 7.23
N PHE B 347 -39.30 21.12 8.05
CA PHE B 347 -40.31 21.10 9.12
C PHE B 347 -41.67 21.58 8.67
N ALA B 348 -41.75 22.34 7.58
CA ALA B 348 -43.04 22.55 6.93
C ALA B 348 -43.61 21.20 6.51
N MET B 349 -42.75 20.38 5.90
CA MET B 349 -43.04 19.00 5.49
C MET B 349 -43.55 18.16 6.67
N ILE B 350 -42.74 18.11 7.72
CA ILE B 350 -43.07 17.34 8.92
C ILE B 350 -44.30 17.88 9.65
N ARG B 351 -44.27 19.18 9.97
CA ARG B 351 -45.36 19.81 10.75
C ARG B 351 -46.72 19.78 10.02
N GLY B 352 -46.67 19.70 8.68
CA GLY B 352 -47.88 19.65 7.87
C GLY B 352 -48.51 18.28 7.78
N GLY B 353 -47.84 17.26 8.32
CA GLY B 353 -48.35 15.89 8.24
C GLY B 353 -48.11 15.18 6.90
N HIS B 354 -47.07 15.58 6.18
CA HIS B 354 -46.81 15.01 4.86
C HIS B 354 -46.10 13.66 4.95
N VAL B 355 -45.34 13.46 6.03
CA VAL B 355 -44.67 12.20 6.30
C VAL B 355 -45.68 11.24 6.89
N ASN B 356 -45.76 10.03 6.31
CA ASN B 356 -46.79 9.06 6.66
C ASN B 356 -46.59 8.44 8.03
N LEU B 357 -45.33 8.11 8.34
CA LEU B 357 -44.96 7.40 9.55
C LEU B 357 -43.75 8.04 10.19
N THR B 358 -43.88 8.45 11.46
CA THR B 358 -42.72 8.77 12.27
C THR B 358 -42.55 7.65 13.27
N MET B 359 -41.33 7.13 13.37
CA MET B 359 -41.03 6.03 14.26
C MET B 359 -39.81 6.40 15.08
N LEU B 360 -39.99 6.50 16.38
CA LEU B 360 -38.92 6.91 17.29
C LEU B 360 -38.94 6.11 18.59
N GLY B 361 -37.83 6.18 19.32
CA GLY B 361 -37.75 5.58 20.64
C GLY B 361 -38.51 6.40 21.67
N ALA B 362 -38.66 5.85 22.87
CA ALA B 362 -39.29 6.58 23.97
C ALA B 362 -38.76 6.11 25.31
N MET B 363 -38.83 7.01 26.29
CA MET B 363 -38.55 6.66 27.67
C MET B 363 -39.86 6.29 28.37
N GLN B 364 -40.91 7.06 28.08
CA GLN B 364 -42.23 6.84 28.69
C GLN B 364 -43.37 7.15 27.73
N VAL B 365 -44.38 6.30 27.73
CA VAL B 365 -45.64 6.59 27.03
C VAL B 365 -46.79 6.50 28.03
N SER B 366 -47.77 7.39 27.90
CA SER B 366 -48.95 7.34 28.77
C SER B 366 -50.12 6.63 28.11
N LYS B 367 -51.16 6.40 28.91
CA LYS B 367 -52.37 5.67 28.51
C LYS B 367 -53.01 6.23 27.25
N TYR B 368 -53.00 7.55 27.10
CA TYR B 368 -53.65 8.22 25.99
C TYR B 368 -52.69 8.74 24.92
N GLY B 369 -51.41 8.39 25.04
CA GLY B 369 -50.42 8.67 24.00
C GLY B 369 -49.49 9.86 24.23
N ASP B 370 -49.45 10.38 25.46
CA ASP B 370 -48.41 11.35 25.84
C ASP B 370 -47.04 10.66 25.70
N LEU B 371 -46.02 11.43 25.31
CA LEU B 371 -44.69 10.89 25.05
C LEU B 371 -43.65 11.71 25.80
N ALA B 372 -42.68 11.00 26.40
CA ALA B 372 -41.50 11.62 27.00
C ALA B 372 -40.26 10.95 26.43
N ASN B 373 -39.45 11.68 25.69
CA ASN B 373 -38.24 11.10 25.07
C ASN B 373 -37.08 12.07 24.82
N TRP B 374 -37.02 13.17 25.58
CA TRP B 374 -35.99 14.19 25.36
C TRP B 374 -35.24 14.71 26.60
N MET B 375 -35.79 14.49 27.79
CA MET B 375 -35.21 15.06 29.01
C MET B 375 -35.36 14.17 30.26
N ILE B 376 -34.25 14.00 30.97
CA ILE B 376 -34.20 13.40 32.30
C ILE B 376 -33.55 14.44 33.21
N PRO B 377 -34.35 15.18 34.00
CA PRO B 377 -33.84 16.35 34.73
C PRO B 377 -32.62 16.06 35.60
N GLY B 378 -31.57 16.88 35.45
CA GLY B 378 -30.31 16.67 36.13
C GLY B 378 -29.54 15.44 35.66
N LYS B 379 -29.71 15.08 34.39
CA LYS B 379 -29.02 13.92 33.81
C LYS B 379 -28.95 14.03 32.29
N LEU B 380 -30.11 14.11 31.63
CA LEU B 380 -30.19 14.27 30.18
C LEU B 380 -30.86 15.61 29.87
N VAL B 381 -30.05 16.60 29.50
CA VAL B 381 -30.56 17.90 29.07
C VAL B 381 -29.82 18.36 27.79
N LYS B 382 -29.87 17.51 26.77
CA LYS B 382 -29.25 17.79 25.47
C LYS B 382 -30.17 18.56 24.50
N GLY B 383 -31.41 18.81 24.90
CA GLY B 383 -32.41 19.46 24.03
C GLY B 383 -33.36 18.45 23.38
N MET B 384 -34.40 18.96 22.73
CA MET B 384 -35.42 18.10 22.11
C MET B 384 -35.20 17.83 20.62
N GLY B 385 -34.37 18.64 19.97
CA GLY B 385 -34.15 18.50 18.53
C GLY B 385 -35.45 18.68 17.77
N GLY B 386 -35.69 17.83 16.77
CA GLY B 386 -36.92 17.87 15.99
C GLY B 386 -38.00 16.91 16.49
N ALA B 387 -37.74 16.27 17.64
CA ALA B 387 -38.67 15.30 18.24
C ALA B 387 -40.06 15.87 18.51
N MET B 388 -40.14 17.11 18.95
CA MET B 388 -41.45 17.72 19.29
C MET B 388 -42.26 18.08 18.04
N ASP B 389 -41.57 18.44 16.96
CA ASP B 389 -42.25 18.69 15.69
C ASP B 389 -42.70 17.38 15.05
N LEU B 390 -41.91 16.33 15.22
CA LEU B 390 -42.18 15.02 14.59
C LEU B 390 -43.44 14.31 15.10
N VAL B 391 -43.92 14.69 16.28
CA VAL B 391 -45.12 14.10 16.87
C VAL B 391 -46.27 15.10 16.90
N SER B 392 -46.09 16.24 16.24
CA SER B 392 -47.04 17.35 16.36
C SER B 392 -48.27 17.18 15.48
N SER B 393 -48.12 16.47 14.35
CA SER B 393 -49.22 16.28 13.40
C SER B 393 -50.12 15.08 13.75
N ALA B 394 -51.42 15.26 13.60
CA ALA B 394 -52.38 14.19 13.77
C ALA B 394 -52.46 13.30 12.51
N LYS B 395 -52.04 13.84 11.37
CA LYS B 395 -52.09 13.09 10.11
C LYS B 395 -50.97 12.04 10.01
N THR B 396 -49.88 12.26 10.72
CA THR B 396 -48.72 11.38 10.68
C THR B 396 -48.86 10.30 11.75
N LYS B 397 -48.74 9.04 11.35
CA LYS B 397 -48.79 7.94 12.32
C LYS B 397 -47.49 7.92 13.12
N VAL B 398 -47.59 8.14 14.42
CA VAL B 398 -46.45 8.09 15.32
C VAL B 398 -46.39 6.73 15.99
N VAL B 399 -45.30 6.00 15.74
CA VAL B 399 -45.10 4.67 16.32
C VAL B 399 -43.86 4.66 17.20
N VAL B 400 -44.04 4.29 18.47
CA VAL B 400 -42.95 4.24 19.44
C VAL B 400 -42.37 2.84 19.50
N THR B 401 -41.05 2.75 19.61
CA THR B 401 -40.34 1.47 19.75
C THR B 401 -39.47 1.52 21.01
N MET B 402 -39.71 0.61 21.95
CA MET B 402 -38.97 0.62 23.19
C MET B 402 -39.06 -0.71 23.96
N GLU B 403 -38.14 -0.90 24.90
CA GLU B 403 -38.27 -1.97 25.88
C GLU B 403 -39.51 -1.71 26.72
N HIS B 404 -40.18 -2.78 27.10
CA HIS B 404 -41.46 -2.66 27.79
C HIS B 404 -41.31 -2.02 29.16
N SER B 405 -40.33 -2.48 29.92
CA SER B 405 -40.11 -2.00 31.29
C SER B 405 -38.69 -1.45 31.49
N ALA B 406 -38.53 -0.70 32.57
CA ALA B 406 -37.25 -0.07 32.93
C ALA B 406 -36.53 -0.86 34.02
N LYS B 407 -35.44 -0.29 34.53
CA LYS B 407 -34.66 -0.91 35.61
C LYS B 407 -35.50 -1.19 36.85
N GLY B 408 -35.36 -2.40 37.39
CA GLY B 408 -36.16 -2.86 38.52
C GLY B 408 -37.59 -3.17 38.11
N ASN B 409 -37.77 -3.57 36.86
CA ASN B 409 -39.07 -3.76 36.24
C ASN B 409 -40.03 -2.57 36.49
N ALA B 410 -39.47 -1.35 36.45
CA ALA B 410 -40.25 -0.13 36.60
C ALA B 410 -41.03 0.15 35.32
N HIS B 411 -42.20 0.76 35.47
CA HIS B 411 -43.08 1.01 34.33
C HIS B 411 -42.56 2.09 33.38
N LYS B 412 -42.69 1.82 32.08
CA LYS B 412 -42.46 2.81 31.03
C LYS B 412 -43.79 3.18 30.37
N ILE B 413 -44.71 2.21 30.28
CA ILE B 413 -46.09 2.47 29.87
C ILE B 413 -46.89 2.70 31.14
N MET B 414 -47.56 3.84 31.26
CA MET B 414 -48.18 4.24 32.53
C MET B 414 -49.37 5.20 32.40
N GLU B 415 -50.03 5.48 33.52
CA GLU B 415 -51.19 6.37 33.57
C GLU B 415 -50.81 7.78 33.10
N LYS B 416 -49.77 8.33 33.73
CA LYS B 416 -49.22 9.63 33.38
C LYS B 416 -47.71 9.55 33.39
N CYS B 417 -47.07 10.19 32.41
CA CYS B 417 -45.61 10.27 32.36
C CYS B 417 -45.11 11.06 33.55
N THR B 418 -43.96 10.64 34.08
CA THR B 418 -43.29 11.35 35.16
C THR B 418 -42.14 12.22 34.63
N LEU B 419 -41.60 11.84 33.47
CA LEU B 419 -40.57 12.62 32.79
C LEU B 419 -41.21 13.74 31.97
N PRO B 420 -40.44 14.79 31.64
CA PRO B 420 -40.92 15.87 30.78
C PRO B 420 -41.43 15.42 29.41
N LEU B 421 -42.56 15.97 28.99
CA LEU B 421 -43.24 15.53 27.79
C LEU B 421 -42.63 16.09 26.49
N THR B 422 -42.59 15.23 25.48
CA THR B 422 -42.29 15.64 24.11
C THR B 422 -43.58 16.11 23.43
N GLY B 423 -44.69 15.46 23.79
CA GLY B 423 -46.01 15.84 23.28
C GLY B 423 -47.14 15.17 24.05
N LYS B 424 -48.35 15.72 23.93
CA LYS B 424 -49.54 15.17 24.56
C LYS B 424 -50.41 14.45 23.54
N GLN B 425 -50.79 13.22 23.86
CA GLN B 425 -51.71 12.45 23.03
C GLN B 425 -51.26 12.46 21.58
N CYS B 426 -50.07 11.90 21.35
CA CYS B 426 -49.41 11.99 20.06
C CYS B 426 -48.91 10.65 19.51
N VAL B 427 -48.92 9.62 20.35
CA VAL B 427 -48.49 8.28 19.96
C VAL B 427 -49.68 7.49 19.50
N ASN B 428 -49.53 6.79 18.37
CA ASN B 428 -50.61 5.98 17.79
C ASN B 428 -50.43 4.49 18.05
N ARG B 429 -49.17 4.07 18.25
CA ARG B 429 -48.83 2.66 18.43
C ARG B 429 -47.53 2.50 19.24
N ILE B 430 -47.50 1.49 20.10
CA ILE B 430 -46.33 1.18 20.94
C ILE B 430 -45.91 -0.25 20.67
N ILE B 431 -44.67 -0.41 20.17
CA ILE B 431 -44.08 -1.72 19.95
C ILE B 431 -43.02 -1.97 21.01
N THR B 432 -43.18 -3.04 21.78
CA THR B 432 -42.15 -3.49 22.72
C THR B 432 -41.81 -4.95 22.41
N GLU B 433 -40.89 -5.52 23.19
CA GLU B 433 -40.48 -6.91 23.00
C GLU B 433 -41.54 -7.91 23.52
N LYS B 434 -42.48 -7.41 24.32
CA LYS B 434 -43.55 -8.24 24.90
C LYS B 434 -44.88 -8.11 24.14
N ALA B 435 -45.22 -6.88 23.72
CA ALA B 435 -46.54 -6.58 23.18
C ALA B 435 -46.51 -5.49 22.12
N VAL B 436 -47.62 -5.39 21.39
CA VAL B 436 -47.89 -4.24 20.52
C VAL B 436 -49.24 -3.63 20.93
N PHE B 437 -49.24 -2.32 21.17
CA PHE B 437 -50.44 -1.61 21.59
C PHE B 437 -50.89 -0.59 20.55
N ASP B 438 -52.19 -0.56 20.27
CA ASP B 438 -52.79 0.59 19.62
C ASP B 438 -53.17 1.59 20.72
N VAL B 439 -52.92 2.87 20.46
CA VAL B 439 -53.18 3.93 21.41
C VAL B 439 -54.26 4.87 20.84
N ASP B 440 -55.25 5.18 21.65
CA ASP B 440 -56.28 6.16 21.29
C ASP B 440 -56.30 7.30 22.31
N ARG B 441 -56.55 8.51 21.83
CA ARG B 441 -56.55 9.71 22.68
C ARG B 441 -57.73 9.75 23.66
N LYS B 442 -58.80 9.04 23.32
CA LYS B 442 -60.01 9.00 24.13
C LYS B 442 -60.17 7.66 24.90
N LYS B 443 -59.89 6.56 24.21
CA LYS B 443 -60.16 5.22 24.77
C LYS B 443 -58.96 4.54 25.42
N GLY B 444 -57.75 4.99 25.08
CA GLY B 444 -56.54 4.47 25.71
C GLY B 444 -55.89 3.34 24.94
N LEU B 445 -55.30 2.38 25.67
CA LEU B 445 -54.53 1.28 25.07
C LEU B 445 -55.37 0.07 24.69
N THR B 446 -54.97 -0.59 23.60
CA THR B 446 -55.55 -1.86 23.17
C THR B 446 -54.44 -2.83 22.72
N LEU B 447 -54.27 -3.92 23.47
CA LEU B 447 -53.28 -4.94 23.14
C LEU B 447 -53.73 -5.67 21.88
N ILE B 448 -52.99 -5.48 20.78
CA ILE B 448 -53.33 -6.11 19.49
C ILE B 448 -52.39 -7.24 19.09
N GLU B 449 -51.17 -7.25 19.63
CA GLU B 449 -50.26 -8.37 19.43
C GLU B 449 -49.55 -8.73 20.73
N LEU B 450 -49.32 -10.02 20.93
CA LEU B 450 -48.75 -10.56 22.15
C LEU B 450 -47.64 -11.52 21.80
N TRP B 451 -46.45 -11.32 22.37
CA TRP B 451 -45.31 -12.19 22.11
C TRP B 451 -45.57 -13.60 22.64
N GLU B 452 -45.17 -14.59 21.86
CA GLU B 452 -45.35 -16.01 22.21
C GLU B 452 -44.72 -16.37 23.55
N GLY B 453 -45.41 -17.21 24.33
CA GLY B 453 -44.94 -17.59 25.65
C GLY B 453 -45.41 -16.69 26.77
N LEU B 454 -45.86 -15.48 26.43
CA LEU B 454 -46.37 -14.53 27.42
C LEU B 454 -47.90 -14.55 27.45
N THR B 455 -48.46 -14.07 28.55
CA THR B 455 -49.91 -14.00 28.73
C THR B 455 -50.34 -12.56 29.02
N VAL B 456 -51.64 -12.33 28.93
CA VAL B 456 -52.20 -11.01 29.21
C VAL B 456 -51.91 -10.56 30.65
N ASP B 457 -51.82 -11.51 31.57
CA ASP B 457 -51.45 -11.22 32.97
C ASP B 457 -50.01 -10.74 33.10
N ASP B 458 -49.10 -11.34 32.31
CA ASP B 458 -47.70 -10.91 32.26
C ASP B 458 -47.58 -9.45 31.82
N ILE B 459 -48.41 -9.06 30.85
CA ILE B 459 -48.44 -7.68 30.34
C ILE B 459 -49.04 -6.72 31.37
N LYS B 460 -50.05 -7.16 32.10
CA LYS B 460 -50.71 -6.33 33.11
C LYS B 460 -49.76 -5.88 34.22
N LYS B 461 -48.92 -6.80 34.68
CA LYS B 461 -47.96 -6.48 35.75
C LYS B 461 -46.64 -5.87 35.25
N SER B 462 -46.53 -5.67 33.93
CA SER B 462 -45.43 -4.87 33.37
C SER B 462 -45.92 -3.53 32.81
N THR B 463 -47.21 -3.23 33.02
CA THR B 463 -47.82 -2.02 32.48
C THR B 463 -48.48 -1.23 33.60
N GLY B 464 -48.17 0.08 33.67
CA GLY B 464 -48.60 0.93 34.77
C GLY B 464 -50.02 1.48 34.69
N CYS B 465 -50.75 1.07 33.64
CA CYS B 465 -52.15 1.45 33.48
C CYS B 465 -52.90 0.25 32.90
N ASP B 466 -54.22 0.27 33.02
CA ASP B 466 -55.04 -0.80 32.45
C ASP B 466 -55.20 -0.63 30.94
N PHE B 467 -55.69 -1.67 30.29
CA PHE B 467 -55.83 -1.67 28.83
C PHE B 467 -56.88 -2.67 28.36
N ALA B 468 -57.56 -2.34 27.26
CA ALA B 468 -58.44 -3.27 26.60
C ALA B 468 -57.63 -4.33 25.84
N VAL B 469 -58.22 -5.50 25.65
CA VAL B 469 -57.61 -6.55 24.84
C VAL B 469 -58.41 -6.69 23.55
N SER B 470 -57.72 -6.79 22.42
CA SER B 470 -58.37 -6.94 21.13
C SER B 470 -58.96 -8.34 21.00
N PRO B 471 -60.19 -8.44 20.48
CA PRO B 471 -60.76 -9.76 20.22
C PRO B 471 -60.06 -10.50 19.09
N LYS B 472 -59.25 -9.81 18.29
CA LYS B 472 -58.42 -10.45 17.27
C LYS B 472 -56.92 -10.38 17.64
N LEU B 473 -56.62 -10.47 18.93
CA LEU B 473 -55.24 -10.54 19.42
C LEU B 473 -54.50 -11.70 18.75
N ILE B 474 -53.45 -11.41 18.02
CA ILE B 474 -52.62 -12.44 17.38
C ILE B 474 -51.27 -12.55 18.09
N PRO B 475 -50.53 -13.64 17.84
CA PRO B 475 -49.14 -13.67 18.32
C PRO B 475 -48.29 -12.64 17.58
N MET B 476 -47.30 -12.07 18.26
CA MET B 476 -46.55 -10.95 17.69
C MET B 476 -45.75 -11.36 16.46
N GLN B 477 -45.83 -10.53 15.41
CA GLN B 477 -45.22 -10.82 14.11
C GLN B 477 -43.72 -10.48 14.07
N GLN B 478 -43.02 -11.13 13.16
CA GLN B 478 -41.59 -10.88 12.94
C GLN B 478 -41.28 -10.99 11.45
N LEU B 479 -40.52 -10.03 10.93
CA LEU B 479 -40.07 -10.04 9.53
C LEU B 479 -38.60 -10.45 9.48
N GLU B 480 -38.31 -11.56 8.80
CA GLU B 480 -36.96 -12.11 8.75
C GLU B 480 -36.28 -11.77 7.42
N THR C 1 -23.28 -26.75 -41.53
CA THR C 1 -24.06 -25.94 -42.50
C THR C 1 -24.83 -26.86 -43.46
N LYS C 2 -26.15 -26.74 -43.44
CA LYS C 2 -27.00 -27.50 -44.37
C LYS C 2 -27.21 -26.70 -45.64
N PHE C 3 -26.86 -27.30 -46.78
CA PHE C 3 -27.00 -26.63 -48.07
C PHE C 3 -28.39 -26.84 -48.67
N TYR C 4 -28.93 -25.78 -49.27
CA TYR C 4 -30.23 -25.83 -49.94
C TYR C 4 -30.10 -25.38 -51.39
N THR C 5 -30.95 -25.94 -52.24
CA THR C 5 -31.06 -25.51 -53.64
C THR C 5 -32.25 -24.59 -53.84
N ASP C 6 -33.22 -24.66 -52.93
CA ASP C 6 -34.46 -23.88 -53.00
C ASP C 6 -34.60 -22.97 -51.76
N ALA C 7 -34.75 -21.67 -52.00
CA ALA C 7 -34.79 -20.69 -50.92
C ALA C 7 -36.04 -20.83 -50.03
N VAL C 8 -37.17 -21.17 -50.64
CA VAL C 8 -38.42 -21.35 -49.90
C VAL C 8 -38.29 -22.49 -48.90
N GLU C 9 -37.61 -23.55 -49.30
CA GLU C 9 -37.34 -24.70 -48.43
C GLU C 9 -36.49 -24.28 -47.22
N ALA C 10 -35.59 -23.33 -47.45
CA ALA C 10 -34.68 -22.82 -46.40
C ALA C 10 -35.40 -21.97 -45.35
N VAL C 11 -36.55 -21.38 -45.68
CA VAL C 11 -37.23 -20.46 -44.78
C VAL C 11 -38.67 -20.84 -44.45
N LYS C 12 -39.14 -22.00 -44.91
CA LYS C 12 -40.56 -22.36 -44.80
C LYS C 12 -41.04 -22.59 -43.36
N ASP C 13 -40.11 -22.77 -42.43
CA ASP C 13 -40.46 -23.10 -41.05
C ASP C 13 -40.45 -21.88 -40.10
N ILE C 14 -40.40 -20.67 -40.65
CA ILE C 14 -40.45 -19.47 -39.84
C ILE C 14 -41.88 -19.26 -39.36
N PRO C 15 -42.10 -19.23 -38.03
CA PRO C 15 -43.45 -19.07 -37.51
C PRO C 15 -43.96 -17.64 -37.58
N ASN C 16 -45.28 -17.50 -37.59
CA ASN C 16 -45.90 -16.19 -37.48
C ASN C 16 -45.49 -15.58 -36.15
N GLY C 17 -45.26 -14.27 -36.14
CA GLY C 17 -44.83 -13.57 -34.91
C GLY C 17 -43.34 -13.70 -34.60
N ALA C 18 -42.59 -14.35 -35.47
CA ALA C 18 -41.15 -14.54 -35.26
C ALA C 18 -40.43 -13.21 -35.32
N THR C 19 -39.29 -13.13 -34.64
CA THR C 19 -38.37 -11.99 -34.79
C THR C 19 -37.31 -12.39 -35.81
N VAL C 20 -37.23 -11.64 -36.91
CA VAL C 20 -36.32 -11.96 -37.99
C VAL C 20 -35.35 -10.80 -38.24
N LEU C 21 -34.05 -11.08 -38.11
CA LEU C 21 -33.02 -10.09 -38.45
C LEU C 21 -32.83 -10.13 -39.97
N VAL C 22 -32.74 -8.97 -40.60
CA VAL C 22 -32.58 -8.91 -42.05
C VAL C 22 -31.39 -8.03 -42.41
N GLY C 23 -30.44 -8.63 -43.12
CA GLY C 23 -29.23 -7.92 -43.49
C GLY C 23 -29.51 -6.77 -44.42
N GLY C 24 -28.63 -5.79 -44.45
CA GLY C 24 -28.66 -4.77 -45.48
C GLY C 24 -28.52 -3.35 -45.01
N PHE C 25 -27.85 -2.56 -45.85
CA PHE C 25 -27.80 -1.10 -45.71
C PHE C 25 -28.43 -0.52 -46.97
N GLY C 26 -29.61 0.06 -46.82
CA GLY C 26 -30.46 0.43 -47.96
C GLY C 26 -30.75 -0.81 -48.81
N LEU C 27 -30.26 -0.80 -50.06
CA LEU C 27 -30.38 -1.95 -50.95
C LEU C 27 -29.02 -2.62 -51.15
N CYS C 28 -28.02 -2.19 -50.38
CA CYS C 28 -26.70 -2.76 -50.45
C CYS C 28 -26.60 -3.93 -49.45
N GLY C 29 -26.35 -5.12 -49.98
CA GLY C 29 -26.24 -6.33 -49.16
C GLY C 29 -27.55 -6.80 -48.55
N ILE C 30 -28.62 -6.74 -49.34
CA ILE C 30 -29.92 -7.24 -48.90
C ILE C 30 -30.13 -8.67 -49.38
N PRO C 31 -30.76 -9.52 -48.55
CA PRO C 31 -31.08 -10.89 -48.96
C PRO C 31 -32.33 -10.96 -49.82
N GLU C 32 -32.22 -10.56 -51.08
CA GLU C 32 -33.40 -10.39 -51.96
C GLU C 32 -34.12 -11.70 -52.34
N ASN C 33 -33.38 -12.81 -52.41
CA ASN C 33 -33.99 -14.11 -52.68
C ASN C 33 -34.73 -14.69 -51.47
N LEU C 34 -34.20 -14.45 -50.28
CA LEU C 34 -34.84 -14.91 -49.04
C LEU C 34 -36.09 -14.08 -48.73
N ILE C 35 -36.01 -12.77 -48.94
CA ILE C 35 -37.16 -11.89 -48.84
C ILE C 35 -38.21 -12.33 -49.84
N GLY C 36 -37.77 -12.69 -51.05
CA GLY C 36 -38.64 -13.20 -52.10
C GLY C 36 -39.33 -14.49 -51.69
N ALA C 37 -38.58 -15.38 -51.04
CA ALA C 37 -39.14 -16.61 -50.51
C ALA C 37 -40.16 -16.37 -49.39
N LEU C 38 -39.98 -15.29 -48.62
CA LEU C 38 -40.94 -14.95 -47.55
C LEU C 38 -42.26 -14.43 -48.11
N LEU C 39 -42.23 -13.87 -49.30
CA LEU C 39 -43.47 -13.47 -49.97
C LEU C 39 -44.30 -14.71 -50.31
N LYS C 40 -43.63 -15.76 -50.77
CA LYS C 40 -44.30 -17.01 -51.16
C LYS C 40 -44.86 -17.78 -49.96
N THR C 41 -44.09 -17.90 -48.88
CA THR C 41 -44.56 -18.58 -47.68
C THR C 41 -45.71 -17.83 -47.04
N GLY C 42 -45.63 -16.50 -47.04
CA GLY C 42 -46.67 -15.65 -46.50
C GLY C 42 -46.68 -15.55 -44.98
N VAL C 43 -45.56 -15.89 -44.35
CA VAL C 43 -45.45 -15.75 -42.89
C VAL C 43 -45.73 -14.31 -42.49
N LYS C 44 -46.41 -14.11 -41.36
CA LYS C 44 -46.94 -12.79 -41.00
C LYS C 44 -46.70 -12.42 -39.54
N GLU C 45 -47.04 -11.18 -39.19
CA GLU C 45 -46.87 -10.63 -37.84
C GLU C 45 -45.41 -10.58 -37.37
N LEU C 46 -44.49 -10.52 -38.32
CA LEU C 46 -43.06 -10.55 -38.03
C LEU C 46 -42.60 -9.29 -37.29
N THR C 47 -41.65 -9.46 -36.37
CA THR C 47 -40.84 -8.34 -35.89
C THR C 47 -39.53 -8.38 -36.69
N ALA C 48 -39.40 -7.47 -37.64
CA ALA C 48 -38.26 -7.44 -38.54
C ALA C 48 -37.19 -6.48 -38.05
N VAL C 49 -36.07 -7.01 -37.59
CA VAL C 49 -34.93 -6.19 -37.21
C VAL C 49 -34.06 -5.99 -38.45
N SER C 50 -33.99 -4.75 -38.91
CA SER C 50 -33.33 -4.41 -40.15
C SER C 50 -32.97 -2.94 -40.05
N ASN C 51 -31.83 -2.56 -40.61
CA ASN C 51 -31.36 -1.18 -40.46
C ASN C 51 -32.33 -0.21 -41.12
N ASN C 52 -32.70 -0.53 -42.36
CA ASN C 52 -33.64 0.28 -43.12
C ASN C 52 -34.81 -0.56 -43.63
N ALA C 53 -35.75 0.09 -44.29
CA ALA C 53 -36.93 -0.57 -44.84
C ALA C 53 -36.84 -0.72 -46.37
N GLY C 54 -35.62 -0.81 -46.89
CA GLY C 54 -35.40 -0.88 -48.35
C GLY C 54 -35.99 0.33 -49.06
N VAL C 55 -36.61 0.09 -50.20
CA VAL C 55 -37.39 1.11 -50.90
C VAL C 55 -38.85 0.64 -50.98
N ASP C 56 -39.72 1.49 -51.50
CA ASP C 56 -41.15 1.19 -51.60
C ASP C 56 -41.46 -0.18 -52.21
N ASN C 57 -40.78 -0.53 -53.30
CA ASN C 57 -41.06 -1.76 -54.04
C ASN C 57 -39.89 -2.75 -54.11
N PHE C 58 -38.99 -2.68 -53.14
CA PHE C 58 -37.88 -3.62 -53.12
C PHE C 58 -37.27 -3.75 -51.73
N GLY C 59 -36.55 -4.85 -51.52
CA GLY C 59 -35.97 -5.14 -50.23
C GLY C 59 -37.06 -5.42 -49.23
N LEU C 60 -36.90 -4.89 -48.02
CA LEU C 60 -37.85 -5.14 -46.93
C LEU C 60 -39.20 -4.47 -47.18
N GLY C 61 -39.23 -3.45 -48.02
CA GLY C 61 -40.47 -2.77 -48.39
C GLY C 61 -41.52 -3.69 -49.02
N LEU C 62 -41.06 -4.70 -49.74
CA LEU C 62 -41.95 -5.71 -50.33
C LEU C 62 -42.80 -6.42 -49.26
N LEU C 63 -42.18 -6.72 -48.13
CA LEU C 63 -42.88 -7.38 -47.02
C LEU C 63 -43.79 -6.41 -46.26
N LEU C 64 -43.49 -5.11 -46.33
CA LEU C 64 -44.39 -4.07 -45.81
C LEU C 64 -45.57 -3.92 -46.76
N GLN C 65 -45.30 -4.09 -48.07
CA GLN C 65 -46.34 -4.01 -49.10
C GLN C 65 -47.37 -5.14 -48.90
N SER C 66 -46.89 -6.31 -48.51
CA SER C 66 -47.74 -7.48 -48.28
C SER C 66 -48.23 -7.58 -46.83
N LYS C 67 -47.90 -6.59 -46.02
CA LYS C 67 -48.31 -6.49 -44.62
C LYS C 67 -47.93 -7.70 -43.76
N GLN C 68 -46.78 -8.29 -44.07
CA GLN C 68 -46.27 -9.44 -43.32
C GLN C 68 -45.46 -9.02 -42.09
N ILE C 69 -45.16 -7.73 -41.97
CA ILE C 69 -44.38 -7.20 -40.85
C ILE C 69 -45.27 -6.42 -39.87
N LYS C 70 -45.19 -6.80 -38.59
CA LYS C 70 -45.95 -6.14 -37.52
C LYS C 70 -45.14 -5.00 -36.91
N ARG C 71 -43.89 -5.30 -36.55
CA ARG C 71 -43.00 -4.31 -35.97
C ARG C 71 -41.67 -4.26 -36.74
N MET C 72 -41.15 -3.04 -36.91
CA MET C 72 -39.83 -2.80 -37.48
C MET C 72 -38.92 -2.27 -36.38
N ILE C 73 -37.74 -2.85 -36.25
CA ILE C 73 -36.68 -2.28 -35.39
C ILE C 73 -35.57 -1.82 -36.34
N SER C 74 -35.43 -0.50 -36.45
CA SER C 74 -34.64 0.12 -37.51
C SER C 74 -34.05 1.44 -37.06
N SER C 75 -33.06 1.93 -37.81
CA SER C 75 -32.41 3.21 -37.47
C SER C 75 -32.85 4.34 -38.38
N TYR C 76 -33.16 4.02 -39.63
CA TYR C 76 -33.48 5.05 -40.61
C TYR C 76 -34.49 4.54 -41.65
N VAL C 77 -35.56 5.31 -41.82
CA VAL C 77 -36.66 4.96 -42.73
C VAL C 77 -36.30 5.23 -44.17
N GLY C 78 -35.81 6.44 -44.43
CA GLY C 78 -35.28 6.80 -45.74
C GLY C 78 -36.35 7.01 -46.78
N GLU C 79 -36.10 6.49 -47.98
CA GLU C 79 -36.96 6.74 -49.13
C GLU C 79 -37.96 5.60 -49.33
N ASN C 80 -38.77 5.37 -48.31
CA ASN C 80 -39.85 4.41 -48.37
C ASN C 80 -41.14 5.08 -47.89
N ALA C 81 -41.91 5.58 -48.85
CA ALA C 81 -43.16 6.26 -48.57
C ALA C 81 -44.18 5.33 -47.91
N GLU C 82 -44.20 4.08 -48.36
CA GLU C 82 -45.12 3.09 -47.80
C GLU C 82 -44.81 2.85 -46.32
N PHE C 83 -43.52 2.83 -45.98
CA PHE C 83 -43.06 2.64 -44.61
C PHE C 83 -43.51 3.80 -43.72
N GLU C 84 -43.36 5.02 -44.23
CA GLU C 84 -43.81 6.24 -43.54
C GLU C 84 -45.32 6.27 -43.39
N ARG C 85 -46.03 5.89 -44.45
CA ARG C 85 -47.49 5.85 -44.45
C ARG C 85 -48.01 4.90 -43.37
N GLN C 86 -47.58 3.65 -43.43
CA GLN C 86 -48.04 2.62 -42.48
C GLN C 86 -47.73 2.99 -41.04
N TYR C 87 -46.56 3.59 -40.83
CA TYR C 87 -46.13 4.02 -39.50
C TYR C 87 -47.00 5.16 -38.97
N LEU C 88 -47.16 6.19 -39.79
CA LEU C 88 -48.02 7.33 -39.45
C LEU C 88 -49.49 6.96 -39.36
N ALA C 89 -49.92 5.99 -40.16
CA ALA C 89 -51.33 5.54 -40.19
C ALA C 89 -51.73 4.71 -38.96
N GLY C 90 -50.76 4.14 -38.26
CA GLY C 90 -51.03 3.28 -37.10
C GLY C 90 -51.11 1.81 -37.45
N GLU C 91 -50.64 1.45 -38.65
CA GLU C 91 -50.66 0.08 -39.14
C GLU C 91 -49.37 -0.68 -38.79
N LEU C 92 -48.28 0.05 -38.63
CA LEU C 92 -46.97 -0.56 -38.40
C LEU C 92 -46.34 -0.01 -37.12
N GLU C 93 -45.79 -0.92 -36.30
CA GLU C 93 -45.03 -0.54 -35.11
C GLU C 93 -43.57 -0.31 -35.52
N VAL C 94 -42.93 0.70 -34.93
CA VAL C 94 -41.55 1.03 -35.29
C VAL C 94 -40.75 1.52 -34.08
N GLU C 95 -39.75 0.73 -33.69
CA GLU C 95 -38.75 1.15 -32.72
C GLU C 95 -37.58 1.79 -33.45
N LEU C 96 -37.55 3.12 -33.51
CA LEU C 96 -36.40 3.84 -34.09
C LEU C 96 -35.22 3.74 -33.13
N THR C 97 -34.15 3.09 -33.60
CA THR C 97 -33.00 2.73 -32.76
C THR C 97 -31.71 3.28 -33.37
N PRO C 98 -30.87 3.95 -32.56
CA PRO C 98 -29.61 4.46 -33.11
C PRO C 98 -28.80 3.36 -33.81
N GLN C 99 -28.32 3.65 -35.01
CA GLN C 99 -27.71 2.61 -35.87
C GLN C 99 -26.61 1.84 -35.16
N GLY C 100 -25.68 2.54 -34.53
CA GLY C 100 -24.61 1.90 -33.74
C GLY C 100 -25.11 1.12 -32.55
N THR C 101 -26.17 1.60 -31.91
CA THR C 101 -26.79 0.85 -30.81
C THR C 101 -27.44 -0.43 -31.32
N LEU C 102 -28.13 -0.32 -32.45
CA LEU C 102 -28.71 -1.49 -33.11
C LEU C 102 -27.62 -2.53 -33.44
N ALA C 103 -26.48 -2.05 -33.92
CA ALA C 103 -25.39 -2.93 -34.31
C ALA C 103 -24.79 -3.61 -33.08
N GLU C 104 -24.60 -2.84 -32.02
CA GLU C 104 -23.94 -3.36 -30.81
C GLU C 104 -24.84 -4.31 -30.04
N ARG C 105 -26.14 -4.04 -30.07
CA ARG C 105 -27.13 -4.91 -29.45
C ARG C 105 -27.25 -6.24 -30.18
N ILE C 106 -27.19 -6.21 -31.51
CA ILE C 106 -27.17 -7.46 -32.29
C ILE C 106 -25.91 -8.24 -31.95
N ARG C 107 -24.78 -7.55 -31.86
CA ARG C 107 -23.54 -8.20 -31.50
C ARG C 107 -23.63 -8.84 -30.12
N ALA C 108 -24.10 -8.06 -29.14
CA ALA C 108 -24.29 -8.56 -27.79
C ALA C 108 -25.11 -9.85 -27.79
N GLY C 109 -26.16 -9.84 -28.59
CA GLY C 109 -27.07 -10.98 -28.68
C GLY C 109 -26.45 -12.24 -29.25
N GLY C 110 -25.37 -12.09 -30.02
CA GLY C 110 -24.64 -13.23 -30.50
C GLY C 110 -23.44 -13.56 -29.63
N ALA C 111 -22.97 -12.59 -28.85
CA ALA C 111 -21.75 -12.74 -28.06
C ALA C 111 -21.98 -13.02 -26.56
N GLY C 112 -23.21 -13.35 -26.17
CA GLY C 112 -23.51 -13.75 -24.79
C GLY C 112 -23.56 -12.61 -23.79
N VAL C 113 -23.68 -11.38 -24.28
CA VAL C 113 -23.79 -10.19 -23.46
C VAL C 113 -25.25 -9.76 -23.45
N PRO C 114 -25.89 -9.78 -22.27
CA PRO C 114 -27.30 -9.43 -22.17
C PRO C 114 -27.56 -7.93 -22.23
N ALA C 115 -26.60 -7.14 -21.74
CA ALA C 115 -26.76 -5.69 -21.75
C ALA C 115 -25.40 -5.04 -21.65
N PHE C 116 -25.35 -3.77 -22.02
CA PHE C 116 -24.12 -2.99 -22.00
C PHE C 116 -24.48 -1.52 -21.96
N TYR C 117 -23.48 -0.66 -21.71
CA TYR C 117 -23.70 0.76 -21.62
C TYR C 117 -23.14 1.52 -22.82
N THR C 118 -23.82 2.60 -23.19
CA THR C 118 -23.40 3.48 -24.26
C THR C 118 -23.91 4.88 -24.00
N SER C 119 -23.19 5.89 -24.46
CA SER C 119 -23.64 7.29 -24.32
C SER C 119 -24.59 7.70 -25.45
N THR C 120 -24.63 6.89 -26.50
CA THR C 120 -25.52 7.13 -27.63
C THR C 120 -26.98 7.17 -27.19
N GLY C 121 -27.64 8.30 -27.44
CA GLY C 121 -29.04 8.47 -27.10
C GLY C 121 -29.31 9.08 -25.73
N TYR C 122 -28.26 9.37 -24.97
CA TYR C 122 -28.42 10.04 -23.68
C TYR C 122 -28.92 11.47 -23.89
N GLY C 123 -29.88 11.90 -23.06
CA GLY C 123 -30.48 13.21 -23.19
C GLY C 123 -31.45 13.34 -24.36
N THR C 124 -31.88 12.21 -24.91
CA THR C 124 -32.80 12.18 -26.03
C THR C 124 -33.97 11.27 -25.69
N LEU C 125 -34.91 11.14 -26.63
CA LEU C 125 -36.10 10.30 -26.42
C LEU C 125 -35.76 8.82 -26.24
N VAL C 126 -34.60 8.39 -26.75
CA VAL C 126 -34.16 7.02 -26.54
C VAL C 126 -33.96 6.77 -25.04
N GLN C 127 -33.24 7.68 -24.39
CA GLN C 127 -32.97 7.59 -22.96
C GLN C 127 -34.20 7.94 -22.11
N GLU C 128 -34.79 9.11 -22.37
CA GLU C 128 -35.94 9.59 -21.62
C GLU C 128 -37.18 8.71 -21.79
N GLY C 129 -37.36 8.15 -22.98
CA GLY C 129 -38.59 7.47 -23.34
C GLY C 129 -39.55 8.40 -24.05
N GLY C 130 -40.68 7.86 -24.51
CA GLY C 130 -41.68 8.65 -25.20
C GLY C 130 -41.54 8.71 -26.71
N SER C 131 -40.61 7.94 -27.26
CA SER C 131 -40.48 7.86 -28.71
C SER C 131 -41.64 7.05 -29.27
N PRO C 132 -42.37 7.59 -30.26
CA PRO C 132 -43.53 6.87 -30.75
C PRO C 132 -43.18 5.54 -31.40
N ILE C 133 -43.68 4.45 -30.82
CA ILE C 133 -43.54 3.12 -31.37
C ILE C 133 -44.74 2.78 -32.24
N LYS C 134 -45.95 3.11 -31.75
CA LYS C 134 -47.17 2.93 -32.52
C LYS C 134 -48.09 4.15 -32.39
N TYR C 135 -48.72 4.51 -33.51
CA TYR C 135 -49.73 5.57 -33.53
C TYR C 135 -51.13 4.96 -33.57
N ASN C 136 -52.09 5.68 -32.98
CA ASN C 136 -53.51 5.36 -33.13
C ASN C 136 -54.00 5.91 -34.46
N LYS C 137 -55.16 5.44 -34.91
CA LYS C 137 -55.73 5.87 -36.19
C LYS C 137 -55.87 7.40 -36.28
N ASP C 138 -56.25 8.03 -35.17
CA ASP C 138 -56.52 9.46 -35.16
C ASP C 138 -55.25 10.32 -35.21
N GLY C 139 -54.21 9.94 -34.48
CA GLY C 139 -52.97 10.72 -34.43
C GLY C 139 -52.22 10.73 -33.10
N SER C 140 -52.86 10.24 -32.03
CA SER C 140 -52.20 10.12 -30.73
C SER C 140 -51.24 8.92 -30.72
N ILE C 141 -50.42 8.85 -29.68
CA ILE C 141 -49.45 7.76 -29.52
C ILE C 141 -50.09 6.52 -28.87
N ALA C 142 -50.24 5.42 -29.62
CA ALA C 142 -50.77 4.17 -29.07
C ALA C 142 -49.73 3.53 -28.14
N ILE C 143 -48.51 3.35 -28.65
CA ILE C 143 -47.40 2.82 -27.86
C ILE C 143 -46.21 3.77 -27.91
N ALA C 144 -45.63 4.05 -26.74
CA ALA C 144 -44.45 4.91 -26.63
C ALA C 144 -43.28 4.08 -26.10
N SER C 145 -42.06 4.51 -26.39
CA SER C 145 -40.86 3.79 -25.95
C SER C 145 -40.64 4.01 -24.45
N LYS C 146 -40.14 2.98 -23.79
CA LYS C 146 -39.82 3.05 -22.37
C LYS C 146 -38.42 3.64 -22.17
N PRO C 147 -38.20 4.29 -21.01
CA PRO C 147 -36.89 4.89 -20.77
C PRO C 147 -35.78 3.85 -20.62
N ARG C 148 -34.54 4.29 -20.84
CA ARG C 148 -33.37 3.47 -20.59
C ARG C 148 -32.70 3.95 -19.30
N GLU C 149 -32.25 3.00 -18.49
CA GLU C 149 -31.61 3.32 -17.24
C GLU C 149 -30.32 4.09 -17.48
N VAL C 150 -30.13 5.18 -16.74
CA VAL C 150 -28.92 6.00 -16.85
C VAL C 150 -27.94 5.61 -15.76
N ARG C 151 -26.66 5.62 -16.07
CA ARG C 151 -25.62 5.38 -15.08
C ARG C 151 -24.36 6.14 -15.43
N GLU C 152 -23.68 6.64 -14.40
CA GLU C 152 -22.47 7.42 -14.59
C GLU C 152 -21.23 6.54 -14.49
N PHE C 153 -20.34 6.68 -15.48
CA PHE C 153 -19.03 6.04 -15.47
C PHE C 153 -17.97 7.10 -15.78
N ASN C 154 -16.98 7.23 -14.91
CA ASN C 154 -15.86 8.14 -15.12
C ASN C 154 -16.31 9.57 -15.48
N GLY C 155 -17.24 10.10 -14.70
CA GLY C 155 -17.70 11.48 -14.86
C GLY C 155 -18.58 11.74 -16.07
N GLN C 156 -19.18 10.69 -16.62
CA GLN C 156 -19.99 10.82 -17.83
C GLN C 156 -21.21 9.91 -17.76
N HIS C 157 -22.30 10.33 -18.39
CA HIS C 157 -23.56 9.60 -18.35
C HIS C 157 -23.74 8.65 -19.54
N PHE C 158 -24.16 7.43 -19.23
CA PHE C 158 -24.40 6.38 -20.21
C PHE C 158 -25.77 5.76 -19.97
N ILE C 159 -26.32 5.11 -20.99
CA ILE C 159 -27.60 4.40 -20.84
C ILE C 159 -27.43 2.91 -21.11
N LEU C 160 -28.24 2.10 -20.44
CA LEU C 160 -28.17 0.64 -20.54
C LEU C 160 -28.99 0.17 -21.73
N GLU C 161 -28.36 -0.61 -22.62
CA GLU C 161 -29.04 -1.20 -23.76
C GLU C 161 -28.96 -2.72 -23.70
N GLU C 162 -30.06 -3.39 -24.06
CA GLU C 162 -30.16 -4.84 -23.98
C GLU C 162 -29.93 -5.52 -25.31
N ALA C 163 -29.40 -6.74 -25.25
CA ALA C 163 -29.09 -7.51 -26.45
C ALA C 163 -30.35 -7.72 -27.29
N ILE C 164 -30.14 -7.81 -28.60
CA ILE C 164 -31.16 -8.19 -29.56
C ILE C 164 -30.79 -9.53 -30.14
N ARG C 165 -31.70 -10.50 -30.06
CA ARG C 165 -31.49 -11.83 -30.62
C ARG C 165 -32.70 -12.26 -31.45
N GLY C 166 -32.46 -12.89 -32.58
CA GLY C 166 -33.56 -13.30 -33.46
C GLY C 166 -33.89 -14.77 -33.36
N ASP C 167 -35.09 -15.12 -33.78
CA ASP C 167 -35.46 -16.51 -34.04
C ASP C 167 -34.79 -16.94 -35.34
N PHE C 168 -34.75 -16.03 -36.32
CA PHE C 168 -34.10 -16.25 -37.61
C PHE C 168 -33.29 -15.03 -38.04
N ALA C 169 -32.26 -15.29 -38.84
CA ALA C 169 -31.52 -14.23 -39.50
C ALA C 169 -31.48 -14.51 -40.99
N LEU C 170 -31.84 -13.51 -41.79
CA LEU C 170 -31.77 -13.60 -43.24
C LEU C 170 -30.60 -12.75 -43.69
N VAL C 171 -29.59 -13.40 -44.27
CA VAL C 171 -28.29 -12.80 -44.49
C VAL C 171 -27.86 -12.91 -45.96
N LYS C 172 -27.31 -11.82 -46.50
CA LYS C 172 -26.75 -11.82 -47.84
C LYS C 172 -25.24 -11.76 -47.74
N ALA C 173 -24.56 -12.58 -48.55
CA ALA C 173 -23.10 -12.60 -48.60
C ALA C 173 -22.62 -12.84 -50.04
N TRP C 174 -21.35 -12.59 -50.28
CA TRP C 174 -20.79 -12.71 -51.62
C TRP C 174 -20.54 -14.16 -52.00
N LYS C 175 -19.63 -14.81 -51.29
CA LYS C 175 -19.23 -16.17 -51.58
C LYS C 175 -19.27 -17.03 -50.33
N ALA C 176 -19.54 -18.32 -50.54
CA ALA C 176 -19.42 -19.32 -49.50
C ALA C 176 -18.65 -20.49 -50.06
N ASP C 177 -17.80 -21.13 -49.25
CA ASP C 177 -17.15 -22.37 -49.69
C ASP C 177 -18.04 -23.56 -49.36
N GLN C 178 -17.63 -24.75 -49.79
CA GLN C 178 -18.42 -25.97 -49.59
C GLN C 178 -18.39 -26.49 -48.14
N ALA C 179 -17.63 -25.83 -47.27
CA ALA C 179 -17.65 -26.08 -45.84
C ALA C 179 -18.66 -25.20 -45.09
N GLY C 180 -19.08 -24.09 -45.70
CA GLY C 180 -20.03 -23.17 -45.09
C GLY C 180 -19.44 -21.83 -44.67
N ASN C 181 -18.13 -21.65 -44.86
CA ASN C 181 -17.49 -20.37 -44.57
C ASN C 181 -17.96 -19.32 -45.56
N VAL C 182 -18.03 -18.07 -45.13
CA VAL C 182 -18.65 -17.01 -45.92
C VAL C 182 -17.82 -15.74 -45.95
N THR C 183 -17.90 -15.00 -47.06
CA THR C 183 -17.26 -13.68 -47.20
C THR C 183 -18.23 -12.67 -47.81
N PHE C 184 -17.89 -11.39 -47.70
CA PHE C 184 -18.73 -10.29 -48.16
C PHE C 184 -17.94 -9.38 -49.07
N ARG C 185 -18.64 -8.68 -49.96
CA ARG C 185 -18.00 -7.84 -50.95
C ARG C 185 -18.25 -6.36 -50.69
N LYS C 186 -17.16 -5.62 -50.50
CA LYS C 186 -17.20 -4.18 -50.33
C LYS C 186 -18.15 -3.76 -49.19
N SER C 187 -19.00 -2.76 -49.41
CA SER C 187 -19.88 -2.25 -48.34
C SER C 187 -21.16 -3.07 -48.18
N ALA C 188 -21.29 -4.17 -48.92
CA ALA C 188 -22.45 -5.07 -48.78
C ALA C 188 -22.44 -5.90 -47.48
N ARG C 189 -21.36 -5.77 -46.70
CA ARG C 189 -21.20 -6.49 -45.45
C ARG C 189 -22.12 -5.90 -44.36
N ASN C 190 -21.95 -4.61 -44.09
CA ASN C 190 -22.75 -3.87 -43.09
C ASN C 190 -23.34 -4.73 -41.95
N PHE C 191 -24.65 -4.92 -41.92
CA PHE C 191 -25.30 -5.59 -40.79
C PHE C 191 -25.34 -7.09 -40.94
N ASN C 192 -24.99 -7.59 -42.12
CA ASN C 192 -25.03 -9.00 -42.39
C ASN C 192 -24.11 -9.81 -41.48
N LEU C 193 -22.94 -9.25 -41.19
CA LEU C 193 -21.96 -9.96 -40.36
C LEU C 193 -22.47 -10.16 -38.91
N PRO C 194 -22.78 -9.07 -38.18
CA PRO C 194 -23.25 -9.30 -36.79
C PRO C 194 -24.55 -10.13 -36.72
N MET C 195 -25.51 -9.82 -37.57
CA MET C 195 -26.79 -10.55 -37.61
C MET C 195 -26.64 -12.06 -37.79
N CYS C 196 -25.56 -12.46 -38.46
CA CYS C 196 -25.26 -13.87 -38.68
C CYS C 196 -24.96 -14.64 -37.40
N LYS C 197 -24.67 -13.91 -36.32
CA LYS C 197 -24.27 -14.49 -35.05
C LYS C 197 -25.35 -14.42 -33.99
N ALA C 198 -26.40 -13.63 -34.25
CA ALA C 198 -27.37 -13.26 -33.21
C ALA C 198 -28.75 -13.90 -33.36
N ALA C 199 -28.83 -15.02 -34.08
CA ALA C 199 -30.12 -15.70 -34.25
C ALA C 199 -30.04 -17.19 -34.01
N GLU C 200 -31.18 -17.77 -33.61
CA GLU C 200 -31.30 -19.21 -33.38
C GLU C 200 -31.01 -19.99 -34.66
N THR C 201 -31.63 -19.59 -35.77
CA THR C 201 -31.34 -20.16 -37.09
C THR C 201 -30.90 -19.06 -38.05
N THR C 202 -29.72 -19.20 -38.64
CA THR C 202 -29.21 -18.22 -39.59
C THR C 202 -29.26 -18.81 -40.98
N VAL C 203 -29.87 -18.07 -41.91
CA VAL C 203 -30.00 -18.50 -43.29
C VAL C 203 -29.26 -17.50 -44.15
N VAL C 204 -28.26 -17.97 -44.86
CA VAL C 204 -27.41 -17.12 -45.68
C VAL C 204 -27.60 -17.45 -47.15
N GLU C 205 -27.79 -16.42 -47.98
CA GLU C 205 -27.80 -16.59 -49.42
C GLU C 205 -26.52 -15.99 -49.99
N VAL C 206 -25.94 -16.66 -50.98
CA VAL C 206 -24.69 -16.23 -51.59
C VAL C 206 -24.77 -16.20 -53.11
N GLU C 207 -23.95 -15.36 -53.73
CA GLU C 207 -23.90 -15.23 -55.19
C GLU C 207 -23.16 -16.38 -55.85
N GLU C 208 -22.17 -16.92 -55.15
CA GLU C 208 -21.32 -17.97 -55.68
C GLU C 208 -20.91 -18.95 -54.58
N ILE C 209 -20.82 -20.22 -54.95
CA ILE C 209 -20.30 -21.26 -54.06
C ILE C 209 -18.98 -21.78 -54.63
N VAL C 210 -17.90 -21.59 -53.87
CA VAL C 210 -16.56 -21.99 -54.30
C VAL C 210 -16.08 -23.22 -53.53
N ASP C 211 -14.92 -23.74 -53.90
CA ASP C 211 -14.37 -24.96 -53.32
C ASP C 211 -13.67 -24.67 -52.00
N ILE C 212 -13.73 -25.61 -51.07
CA ILE C 212 -13.01 -25.48 -49.80
C ILE C 212 -11.53 -25.30 -50.12
N GLY C 213 -10.90 -24.32 -49.47
CA GLY C 213 -9.52 -23.97 -49.76
C GLY C 213 -9.40 -22.70 -50.59
N SER C 214 -10.50 -22.26 -51.20
CA SER C 214 -10.51 -21.05 -52.03
C SER C 214 -10.20 -19.79 -51.23
N PHE C 215 -10.70 -19.74 -49.99
CA PHE C 215 -10.44 -18.63 -49.09
C PHE C 215 -9.13 -18.87 -48.36
N ALA C 216 -8.35 -17.80 -48.18
CA ALA C 216 -7.30 -17.80 -47.20
C ALA C 216 -8.01 -17.85 -45.83
N PRO C 217 -7.59 -18.76 -44.94
CA PRO C 217 -8.29 -18.93 -43.67
C PRO C 217 -8.35 -17.67 -42.80
N GLU C 218 -7.37 -16.79 -42.95
CA GLU C 218 -7.36 -15.51 -42.23
C GLU C 218 -8.46 -14.57 -42.73
N ASP C 219 -8.87 -14.75 -43.97
CA ASP C 219 -9.77 -13.83 -44.64
C ASP C 219 -11.21 -14.33 -44.75
N ILE C 220 -11.57 -15.29 -43.90
CA ILE C 220 -12.95 -15.73 -43.77
C ILE C 220 -13.69 -14.78 -42.81
N HIS C 221 -14.69 -14.08 -43.32
CA HIS C 221 -15.37 -13.03 -42.55
C HIS C 221 -16.36 -13.61 -41.54
N ILE C 222 -17.11 -14.62 -41.96
CA ILE C 222 -17.99 -15.35 -41.06
C ILE C 222 -17.65 -16.84 -41.15
N PRO C 223 -17.05 -17.40 -40.07
CA PRO C 223 -16.77 -18.83 -40.00
C PRO C 223 -18.03 -19.69 -40.04
N LYS C 224 -17.89 -20.88 -40.58
CA LYS C 224 -19.01 -21.82 -40.78
C LYS C 224 -19.84 -22.11 -39.53
N ILE C 225 -19.26 -22.00 -38.34
CA ILE C 225 -20.00 -22.23 -37.07
C ILE C 225 -21.27 -21.38 -36.97
N TYR C 226 -21.24 -20.18 -37.55
CA TYR C 226 -22.37 -19.27 -37.54
C TYR C 226 -23.41 -19.52 -38.62
N VAL C 227 -23.01 -20.20 -39.70
CA VAL C 227 -23.86 -20.41 -40.86
C VAL C 227 -24.63 -21.73 -40.77
N HIS C 228 -25.92 -21.67 -40.49
CA HIS C 228 -26.72 -22.87 -40.25
C HIS C 228 -27.35 -23.41 -41.53
N ARG C 229 -27.84 -22.50 -42.38
CA ARG C 229 -28.41 -22.87 -43.67
C ARG C 229 -27.84 -21.98 -44.76
N LEU C 230 -27.41 -22.59 -45.86
CA LEU C 230 -26.79 -21.87 -46.95
C LEU C 230 -27.53 -22.16 -48.25
N VAL C 231 -27.82 -21.11 -49.02
CA VAL C 231 -28.47 -21.25 -50.31
C VAL C 231 -27.76 -20.39 -51.34
N LYS C 232 -27.64 -20.89 -52.57
CA LYS C 232 -27.12 -20.08 -53.67
C LYS C 232 -28.28 -19.33 -54.28
N GLY C 233 -28.19 -18.00 -54.31
CA GLY C 233 -29.29 -17.17 -54.79
C GLY C 233 -29.52 -17.35 -56.28
N GLU C 234 -30.79 -17.48 -56.65
CA GLU C 234 -31.17 -17.71 -58.04
C GLU C 234 -31.02 -16.44 -58.89
N LYS C 235 -31.52 -15.33 -58.37
CA LYS C 235 -31.57 -14.07 -59.11
C LYS C 235 -30.93 -12.94 -58.29
N TYR C 236 -30.03 -12.18 -58.91
CA TYR C 236 -29.44 -10.99 -58.29
C TYR C 236 -29.56 -9.79 -59.21
N GLU C 237 -30.44 -8.85 -58.85
CA GLU C 237 -30.82 -7.75 -59.73
C GLU C 237 -29.86 -6.56 -59.68
N LYS C 238 -28.88 -6.61 -58.77
CA LYS C 238 -27.86 -5.56 -58.67
C LYS C 238 -28.49 -4.15 -58.64
N ARG C 239 -29.57 -4.00 -57.87
CA ARG C 239 -30.33 -2.75 -57.88
C ARG C 239 -29.58 -1.63 -57.19
N ILE C 240 -29.66 -0.44 -57.78
CA ILE C 240 -29.02 0.76 -57.26
C ILE C 240 -30.10 1.78 -56.93
N GLU C 241 -30.13 2.23 -55.68
CA GLU C 241 -31.14 3.16 -55.22
C GLU C 241 -30.90 4.58 -55.74
N ARG C 242 -29.69 5.10 -55.54
CA ARG C 242 -29.32 6.44 -56.01
C ARG C 242 -28.07 6.47 -56.84
N LEU C 243 -28.23 6.85 -58.10
CA LEU C 243 -27.08 7.03 -58.94
C LEU C 243 -26.54 8.44 -58.75
N SER C 244 -25.32 8.52 -58.24
CA SER C 244 -24.52 9.74 -58.25
C SER C 244 -23.30 9.47 -59.12
N VAL C 245 -23.26 10.11 -60.29
CA VAL C 245 -22.14 9.96 -61.23
C VAL C 245 -21.53 11.32 -61.49
N ARG C 246 -20.20 11.40 -61.56
CA ARG C 246 -19.52 12.62 -61.98
C ARG C 246 -19.13 12.47 -63.45
N ASN C 261 -25.05 31.79 -52.63
CA ASN C 261 -23.79 32.31 -52.09
C ASN C 261 -23.72 32.24 -50.57
N VAL C 262 -24.85 31.98 -49.91
CA VAL C 262 -24.91 31.83 -48.45
C VAL C 262 -24.52 30.43 -47.98
N ARG C 263 -25.06 29.40 -48.65
CA ARG C 263 -24.62 28.01 -48.43
C ARG C 263 -23.14 27.84 -48.77
N GLU C 264 -22.75 28.40 -49.92
CA GLU C 264 -21.37 28.37 -50.39
C GLU C 264 -20.41 29.00 -49.37
N ARG C 265 -20.92 29.99 -48.64
CA ARG C 265 -20.16 30.64 -47.58
C ARG C 265 -19.85 29.69 -46.42
N ILE C 266 -20.87 28.95 -45.98
CA ILE C 266 -20.73 27.97 -44.91
C ILE C 266 -19.80 26.82 -45.33
N ILE C 267 -19.97 26.36 -46.57
CA ILE C 267 -19.14 25.30 -47.14
C ILE C 267 -17.66 25.67 -47.14
N LYS C 268 -17.36 26.86 -47.61
CA LYS C 268 -15.97 27.33 -47.71
C LYS C 268 -15.29 27.54 -46.36
N ARG C 269 -16.08 27.81 -45.33
CA ARG C 269 -15.53 27.91 -43.97
C ARG C 269 -15.41 26.53 -43.35
N ALA C 270 -16.42 25.70 -43.57
CA ALA C 270 -16.39 24.31 -43.15
C ALA C 270 -15.14 23.61 -43.69
N ALA C 271 -14.80 23.90 -44.95
CA ALA C 271 -13.60 23.32 -45.61
C ALA C 271 -12.29 23.65 -44.89
N LEU C 272 -12.27 24.70 -44.08
CA LEU C 272 -11.08 25.02 -43.27
C LEU C 272 -10.91 24.14 -42.03
N GLU C 273 -11.91 23.31 -41.72
CA GLU C 273 -11.80 22.38 -40.59
C GLU C 273 -10.89 21.18 -40.90
N PHE C 274 -10.70 20.88 -42.19
CA PHE C 274 -9.89 19.72 -42.58
C PHE C 274 -8.39 19.96 -42.39
N GLU C 275 -7.73 18.98 -41.75
CA GLU C 275 -6.29 19.00 -41.56
C GLU C 275 -5.68 17.81 -42.29
N ASP C 276 -4.37 17.86 -42.49
CA ASP C 276 -3.66 16.77 -43.19
C ASP C 276 -3.53 15.57 -42.26
N GLY C 277 -3.93 14.41 -42.77
CA GLY C 277 -3.91 13.16 -42.00
C GLY C 277 -5.13 12.99 -41.09
N MET C 278 -6.15 13.80 -41.30
CA MET C 278 -7.34 13.77 -40.46
C MET C 278 -8.26 12.61 -40.87
N TYR C 279 -8.92 12.04 -39.86
CA TYR C 279 -10.02 11.09 -40.06
C TYR C 279 -11.31 11.82 -39.78
N ALA C 280 -12.20 11.86 -40.77
CA ALA C 280 -13.46 12.61 -40.67
C ALA C 280 -14.66 11.80 -41.15
N ASN C 281 -15.79 12.01 -40.48
CA ASN C 281 -17.07 11.53 -40.95
C ASN C 281 -17.93 12.75 -41.25
N LEU C 282 -18.32 12.89 -42.51
CA LEU C 282 -19.03 14.06 -42.98
C LEU C 282 -20.47 13.72 -43.30
N GLY C 283 -21.39 14.55 -42.80
CA GLY C 283 -22.81 14.34 -43.00
C GLY C 283 -23.31 14.81 -44.36
N ILE C 284 -24.50 14.38 -44.71
CA ILE C 284 -25.14 14.77 -45.96
C ILE C 284 -25.27 16.29 -46.08
N GLY C 285 -25.07 16.81 -47.29
CA GLY C 285 -25.22 18.23 -47.57
C GLY C 285 -23.93 19.00 -47.44
N ILE C 286 -23.96 20.08 -46.65
CA ILE C 286 -22.85 21.04 -46.56
C ILE C 286 -21.52 20.40 -46.18
N PRO C 287 -21.51 19.54 -45.13
CA PRO C 287 -20.25 18.96 -44.70
C PRO C 287 -19.55 18.16 -45.81
N LEU C 288 -20.31 17.32 -46.51
CA LEU C 288 -19.76 16.48 -47.57
C LEU C 288 -19.30 17.33 -48.75
N LEU C 289 -20.04 18.39 -49.08
CA LEU C 289 -19.66 19.33 -50.13
C LEU C 289 -18.36 20.09 -49.80
N ALA C 290 -18.11 20.33 -48.51
CA ALA C 290 -16.88 20.99 -48.06
C ALA C 290 -15.62 20.18 -48.39
N SER C 291 -15.78 18.87 -48.54
CA SER C 291 -14.66 17.98 -48.89
C SER C 291 -14.12 18.18 -50.31
N ASN C 292 -14.94 18.76 -51.18
CA ASN C 292 -14.51 19.12 -52.54
C ASN C 292 -13.42 20.19 -52.52
N PHE C 293 -13.43 21.05 -51.50
CA PHE C 293 -12.51 22.18 -51.40
C PHE C 293 -11.19 21.81 -50.70
N ILE C 294 -11.06 20.57 -50.26
CA ILE C 294 -9.81 20.11 -49.65
C ILE C 294 -8.70 20.14 -50.70
N SER C 295 -7.52 20.62 -50.30
CA SER C 295 -6.39 20.71 -51.20
C SER C 295 -5.89 19.32 -51.62
N PRO C 296 -5.43 19.18 -52.88
CA PRO C 296 -4.84 17.91 -53.34
C PRO C 296 -3.60 17.50 -52.53
N ASN C 297 -2.85 18.49 -52.03
CA ASN C 297 -1.70 18.24 -51.16
C ASN C 297 -2.07 17.80 -49.75
N MET C 298 -3.33 17.98 -49.38
CA MET C 298 -3.83 17.54 -48.08
C MET C 298 -4.46 16.15 -48.21
N THR C 299 -4.13 15.27 -47.28
CA THR C 299 -4.70 13.92 -47.22
C THR C 299 -5.73 13.84 -46.10
N VAL C 300 -6.99 13.64 -46.47
CA VAL C 300 -8.07 13.47 -45.50
C VAL C 300 -8.78 12.15 -45.78
N HIS C 301 -8.83 11.28 -44.78
CA HIS C 301 -9.47 9.98 -44.90
C HIS C 301 -10.89 10.04 -44.38
N LEU C 302 -11.85 9.78 -45.26
CA LEU C 302 -13.25 9.91 -44.93
C LEU C 302 -13.85 8.58 -44.53
N GLN C 303 -14.54 8.56 -43.41
CA GLN C 303 -15.14 7.36 -42.86
C GLN C 303 -16.64 7.36 -43.15
N SER C 304 -17.19 6.18 -43.43
CA SER C 304 -18.62 6.04 -43.66
C SER C 304 -19.19 5.00 -42.71
N GLU C 305 -20.30 5.34 -42.08
CA GLU C 305 -20.85 4.55 -41.00
C GLU C 305 -21.35 3.18 -41.47
N ASN C 306 -21.76 3.10 -42.73
CA ASN C 306 -22.09 1.78 -43.33
C ASN C 306 -20.89 0.83 -43.50
N GLY C 307 -19.70 1.29 -43.15
CA GLY C 307 -18.55 0.41 -42.98
C GLY C 307 -17.45 0.57 -44.00
N ILE C 308 -17.06 1.82 -44.29
CA ILE C 308 -15.98 2.14 -45.22
C ILE C 308 -15.06 3.16 -44.58
N LEU C 309 -13.77 2.99 -44.80
CA LEU C 309 -12.78 4.02 -44.52
C LEU C 309 -12.04 4.30 -45.82
N GLY C 310 -12.02 5.58 -46.24
CA GLY C 310 -11.31 6.01 -47.43
C GLY C 310 -12.21 6.38 -48.59
N LEU C 311 -13.35 6.99 -48.31
CA LEU C 311 -14.29 7.40 -49.36
C LEU C 311 -13.61 8.32 -50.37
N GLY C 312 -13.90 8.10 -51.64
CA GLY C 312 -13.46 8.97 -52.72
C GLY C 312 -14.64 9.72 -53.29
N PRO C 313 -14.47 10.26 -54.52
CA PRO C 313 -15.55 11.02 -55.18
C PRO C 313 -16.63 10.11 -55.76
N TYR C 314 -17.69 10.72 -56.30
CA TYR C 314 -18.73 9.97 -56.99
C TYR C 314 -18.11 9.30 -58.23
N PRO C 315 -18.62 8.12 -58.62
CA PRO C 315 -18.06 7.38 -59.72
C PRO C 315 -18.40 7.96 -61.10
N LEU C 316 -17.50 7.75 -62.05
CA LEU C 316 -17.84 7.91 -63.46
C LEU C 316 -18.78 6.77 -63.85
N GLN C 317 -19.50 6.94 -64.96
CA GLN C 317 -20.51 5.98 -65.39
C GLN C 317 -20.03 4.51 -65.33
N ASN C 318 -18.80 4.24 -65.75
CA ASN C 318 -18.28 2.87 -65.76
C ASN C 318 -17.76 2.39 -64.40
N GLU C 319 -17.63 3.31 -63.44
CA GLU C 319 -17.14 2.96 -62.10
C GLU C 319 -18.27 2.58 -61.14
N VAL C 320 -19.52 2.75 -61.59
CA VAL C 320 -20.68 2.56 -60.72
C VAL C 320 -20.78 1.11 -60.22
N ASP C 321 -21.19 0.96 -58.96
CA ASP C 321 -21.27 -0.35 -58.30
C ASP C 321 -22.37 -0.39 -57.23
N ALA C 322 -23.24 -1.39 -57.30
CA ALA C 322 -24.37 -1.53 -56.38
C ALA C 322 -23.92 -1.86 -54.95
N ASP C 323 -22.74 -2.46 -54.84
CA ASP C 323 -22.17 -2.86 -53.56
C ASP C 323 -21.37 -1.75 -52.86
N LEU C 324 -21.25 -0.58 -53.48
CA LEU C 324 -20.45 0.50 -52.91
C LEU C 324 -21.23 1.81 -52.85
N ILE C 325 -21.86 2.08 -51.72
CA ILE C 325 -22.60 3.33 -51.50
C ILE C 325 -22.15 4.01 -50.22
N ASN C 326 -22.40 5.31 -50.11
CA ASN C 326 -22.11 6.07 -48.89
C ASN C 326 -23.30 6.11 -47.93
N ALA C 327 -23.14 6.77 -46.78
CA ALA C 327 -24.16 6.79 -45.75
C ALA C 327 -25.49 7.36 -46.25
N GLY C 328 -25.42 8.24 -47.25
CA GLY C 328 -26.63 8.80 -47.87
C GLY C 328 -27.30 7.91 -48.91
N LYS C 329 -26.82 6.68 -49.04
CA LYS C 329 -27.33 5.72 -50.02
C LYS C 329 -26.90 6.05 -51.47
N GLU C 330 -25.98 6.99 -51.63
CA GLU C 330 -25.51 7.38 -52.97
C GLU C 330 -24.37 6.48 -53.41
N THR C 331 -24.31 6.15 -54.69
CA THR C 331 -23.15 5.43 -55.24
C THR C 331 -21.90 6.27 -55.09
N VAL C 332 -20.82 5.64 -54.64
CA VAL C 332 -19.54 6.35 -54.44
C VAL C 332 -18.39 5.49 -54.96
N THR C 333 -17.17 6.01 -54.80
CA THR C 333 -15.95 5.25 -55.03
C THR C 333 -15.11 5.28 -53.76
N VAL C 334 -14.01 4.54 -53.78
CA VAL C 334 -13.03 4.57 -52.69
C VAL C 334 -11.64 4.88 -53.23
N LEU C 335 -10.83 5.55 -52.42
CA LEU C 335 -9.46 5.91 -52.78
C LEU C 335 -8.54 4.73 -52.51
N PRO C 336 -7.27 4.82 -52.97
CA PRO C 336 -6.31 3.76 -52.66
C PRO C 336 -6.04 3.67 -51.16
N GLY C 337 -5.93 2.46 -50.63
CA GLY C 337 -5.66 2.23 -49.22
C GLY C 337 -6.92 2.20 -48.36
N ALA C 338 -8.08 2.18 -49.01
CA ALA C 338 -9.36 2.08 -48.31
C ALA C 338 -9.56 0.69 -47.73
N SER C 339 -10.48 0.60 -46.76
CA SER C 339 -10.84 -0.67 -46.17
C SER C 339 -12.34 -0.74 -45.97
N TYR C 340 -12.84 -1.96 -45.79
CA TYR C 340 -14.26 -2.21 -45.55
C TYR C 340 -14.40 -2.99 -44.25
N PHE C 341 -15.51 -2.78 -43.55
CA PHE C 341 -15.73 -3.46 -42.27
C PHE C 341 -17.22 -3.53 -41.96
N SER C 342 -17.56 -4.31 -40.94
CA SER C 342 -18.96 -4.48 -40.56
C SER C 342 -19.50 -3.22 -39.86
N SER C 343 -20.80 -3.23 -39.59
CA SER C 343 -21.47 -2.11 -38.95
C SER C 343 -21.10 -1.99 -37.49
N ASP C 344 -21.17 -3.11 -36.76
CA ASP C 344 -20.72 -3.15 -35.35
C ASP C 344 -19.32 -2.55 -35.20
N GLU C 345 -18.43 -2.87 -36.14
CA GLU C 345 -17.05 -2.40 -36.14
C GLU C 345 -16.98 -0.93 -36.49
N SER C 346 -17.82 -0.49 -37.43
CA SER C 346 -17.86 0.92 -37.81
C SER C 346 -18.26 1.81 -36.65
N PHE C 347 -19.21 1.33 -35.84
CA PHE C 347 -19.62 2.11 -34.68
C PHE C 347 -18.77 1.88 -33.44
N ALA C 348 -17.99 0.80 -33.41
CA ALA C 348 -16.92 0.69 -32.41
C ALA C 348 -15.90 1.80 -32.67
N MET C 349 -15.56 1.96 -33.95
CA MET C 349 -14.70 3.03 -34.46
C MET C 349 -15.21 4.43 -34.06
N ILE C 350 -16.47 4.70 -34.39
CA ILE C 350 -17.09 6.00 -34.09
C ILE C 350 -17.28 6.22 -32.59
N ARG C 351 -17.94 5.28 -31.93
CA ARG C 351 -18.23 5.39 -30.50
C ARG C 351 -16.97 5.50 -29.65
N GLY C 352 -15.87 4.92 -30.13
CA GLY C 352 -14.60 4.93 -29.40
C GLY C 352 -13.81 6.21 -29.54
N GLY C 353 -14.31 7.14 -30.35
CA GLY C 353 -13.62 8.42 -30.55
C GLY C 353 -12.41 8.33 -31.48
N HIS C 354 -12.40 7.37 -32.40
CA HIS C 354 -11.25 7.19 -33.30
C HIS C 354 -11.27 8.16 -34.47
N VAL C 355 -12.46 8.62 -34.84
CA VAL C 355 -12.64 9.61 -35.90
C VAL C 355 -12.38 10.99 -35.31
N ASN C 356 -11.52 11.76 -35.96
CA ASN C 356 -11.05 13.02 -35.41
C ASN C 356 -12.10 14.12 -35.43
N LEU C 357 -12.86 14.18 -36.53
CA LEU C 357 -13.84 15.23 -36.76
C LEU C 357 -15.12 14.65 -37.31
N THR C 358 -16.23 14.89 -36.60
CA THR C 358 -17.55 14.66 -37.17
C THR C 358 -18.14 16.01 -37.51
N MET C 359 -18.63 16.14 -38.75
CA MET C 359 -19.20 17.40 -39.20
C MET C 359 -20.56 17.11 -39.82
N LEU C 360 -21.60 17.67 -39.19
CA LEU C 360 -22.98 17.43 -39.61
C LEU C 360 -23.83 18.70 -39.55
N GLY C 361 -24.98 18.65 -40.21
CA GLY C 361 -25.96 19.74 -40.15
C GLY C 361 -26.71 19.70 -38.83
N ALA C 362 -27.47 20.75 -38.57
CA ALA C 362 -28.31 20.80 -37.37
C ALA C 362 -29.54 21.66 -37.59
N MET C 363 -30.58 21.37 -36.83
CA MET C 363 -31.77 22.21 -36.78
C MET C 363 -31.64 23.20 -35.64
N GLN C 364 -31.12 22.74 -34.50
CA GLN C 364 -30.95 23.56 -33.30
C GLN C 364 -29.70 23.18 -32.50
N VAL C 365 -28.98 24.19 -32.03
CA VAL C 365 -27.89 24.00 -31.08
C VAL C 365 -28.14 24.85 -29.84
N SER C 366 -27.85 24.31 -28.66
CA SER C 366 -28.03 25.07 -27.43
C SER C 366 -26.72 25.71 -26.98
N LYS C 367 -26.83 26.55 -25.94
CA LYS C 367 -25.73 27.33 -25.37
C LYS C 367 -24.54 26.49 -24.97
N TYR C 368 -24.80 25.30 -24.45
CA TYR C 368 -23.75 24.41 -23.95
C TYR C 368 -23.45 23.21 -24.88
N GLY C 369 -24.04 23.21 -26.07
CA GLY C 369 -23.71 22.21 -27.10
C GLY C 369 -24.69 21.05 -27.25
N ASP C 370 -25.89 21.15 -26.70
CA ASP C 370 -26.96 20.21 -27.01
C ASP C 370 -27.27 20.33 -28.50
N LEU C 371 -27.66 19.22 -29.12
CA LEU C 371 -27.91 19.17 -30.56
C LEU C 371 -29.26 18.53 -30.85
N ALA C 372 -30.01 19.12 -31.78
CA ALA C 372 -31.24 18.53 -32.30
C ALA C 372 -31.15 18.50 -33.81
N ASN C 373 -31.13 17.30 -34.41
CA ASN C 373 -31.02 17.19 -35.87
C ASN C 373 -31.64 15.93 -36.50
N TRP C 374 -32.61 15.33 -35.81
CA TRP C 374 -33.21 14.07 -36.29
C TRP C 374 -34.74 13.99 -36.30
N MET C 375 -35.42 14.86 -35.55
CA MET C 375 -36.87 14.76 -35.40
C MET C 375 -37.61 16.11 -35.26
N ILE C 376 -38.66 16.26 -36.05
CA ILE C 376 -39.62 17.37 -35.95
C ILE C 376 -40.99 16.72 -35.76
N PRO C 377 -41.47 16.65 -34.50
CA PRO C 377 -42.65 15.83 -34.17
C PRO C 377 -43.85 16.12 -35.07
N GLY C 378 -44.46 15.07 -35.61
CA GLY C 378 -45.57 15.21 -36.55
C GLY C 378 -45.17 15.80 -37.89
N LYS C 379 -43.93 15.60 -38.30
CA LYS C 379 -43.43 16.12 -39.58
C LYS C 379 -42.23 15.34 -40.09
N LEU C 380 -41.17 15.29 -39.28
CA LEU C 380 -39.96 14.53 -39.59
C LEU C 380 -39.78 13.44 -38.53
N VAL C 381 -40.14 12.21 -38.88
CA VAL C 381 -39.91 11.05 -38.01
C VAL C 381 -39.34 9.89 -38.83
N LYS C 382 -38.21 10.15 -39.49
CA LYS C 382 -37.49 9.16 -40.29
C LYS C 382 -36.47 8.34 -39.48
N GLY C 383 -36.29 8.66 -38.20
CA GLY C 383 -35.28 8.02 -37.35
C GLY C 383 -34.01 8.83 -37.21
N MET C 384 -33.12 8.42 -36.32
CA MET C 384 -31.89 9.15 -36.04
C MET C 384 -30.66 8.64 -36.80
N GLY C 385 -30.74 7.42 -37.33
CA GLY C 385 -29.60 6.82 -38.04
C GLY C 385 -28.41 6.66 -37.13
N GLY C 386 -27.23 7.04 -37.61
CA GLY C 386 -26.00 7.02 -36.81
C GLY C 386 -25.64 8.35 -36.17
N ALA C 387 -26.55 9.32 -36.30
CA ALA C 387 -26.33 10.68 -35.79
C ALA C 387 -26.05 10.74 -34.28
N MET C 388 -26.75 9.90 -33.51
CA MET C 388 -26.59 9.90 -32.05
C MET C 388 -25.27 9.28 -31.62
N ASP C 389 -24.78 8.29 -32.37
CA ASP C 389 -23.48 7.68 -32.07
C ASP C 389 -22.33 8.60 -32.49
N LEU C 390 -22.56 9.36 -33.56
CA LEU C 390 -21.56 10.25 -34.11
C LEU C 390 -21.17 11.44 -33.23
N VAL C 391 -22.04 11.80 -32.29
CA VAL C 391 -21.79 12.91 -31.37
C VAL C 391 -21.57 12.40 -29.94
N SER C 392 -21.46 11.08 -29.77
CA SER C 392 -21.43 10.47 -28.44
C SER C 392 -20.07 10.57 -27.75
N SER C 393 -19.00 10.64 -28.54
CA SER C 393 -17.63 10.68 -28.02
C SER C 393 -17.17 12.09 -27.69
N ALA C 394 -16.45 12.21 -26.57
CA ALA C 394 -15.84 13.49 -26.20
C ALA C 394 -14.51 13.69 -26.93
N LYS C 395 -13.91 12.60 -27.38
CA LYS C 395 -12.63 12.67 -28.08
C LYS C 395 -12.76 13.20 -29.50
N THR C 396 -13.92 13.04 -30.10
CA THR C 396 -14.17 13.43 -31.49
C THR C 396 -14.70 14.86 -31.52
N LYS C 397 -14.05 15.72 -32.30
CA LYS C 397 -14.52 17.09 -32.45
C LYS C 397 -15.79 17.10 -33.30
N VAL C 398 -16.90 17.57 -32.71
CA VAL C 398 -18.17 17.68 -33.41
C VAL C 398 -18.39 19.12 -33.85
N VAL C 399 -18.46 19.33 -35.17
CA VAL C 399 -18.64 20.64 -35.75
C VAL C 399 -19.95 20.70 -36.53
N VAL C 400 -20.83 21.62 -36.14
CA VAL C 400 -22.13 21.79 -36.77
C VAL C 400 -22.05 22.87 -37.84
N THR C 401 -22.73 22.62 -38.96
CA THR C 401 -22.80 23.55 -40.08
C THR C 401 -24.26 23.83 -40.44
N MET C 402 -24.68 25.08 -40.31
CA MET C 402 -26.09 25.43 -40.54
C MET C 402 -26.30 26.92 -40.81
N GLU C 403 -27.45 27.24 -41.39
CA GLU C 403 -27.90 28.63 -41.45
C GLU C 403 -28.10 29.14 -40.02
N HIS C 404 -27.79 30.41 -39.82
CA HIS C 404 -27.81 30.99 -38.48
C HIS C 404 -29.20 31.01 -37.89
N SER C 405 -30.18 31.47 -38.67
CA SER C 405 -31.56 31.62 -38.21
C SER C 405 -32.55 30.84 -39.09
N ALA C 406 -33.75 30.66 -38.55
CA ALA C 406 -34.82 29.92 -39.21
C ALA C 406 -35.85 30.87 -39.81
N LYS C 407 -36.94 30.31 -40.32
CA LYS C 407 -38.03 31.09 -40.93
C LYS C 407 -38.58 32.13 -39.96
N GLY C 408 -38.75 33.36 -40.46
CA GLY C 408 -39.19 34.49 -39.63
C GLY C 408 -38.10 34.97 -38.70
N ASN C 409 -36.85 34.80 -39.13
CA ASN C 409 -35.67 35.04 -38.30
C ASN C 409 -35.79 34.41 -36.89
N ALA C 410 -36.36 33.21 -36.83
CA ALA C 410 -36.48 32.47 -35.57
C ALA C 410 -35.12 31.87 -35.19
N HIS C 411 -34.87 31.74 -33.91
CA HIS C 411 -33.58 31.27 -33.41
C HIS C 411 -33.33 29.78 -33.66
N LYS C 412 -32.11 29.47 -34.10
CA LYS C 412 -31.62 28.09 -34.17
C LYS C 412 -30.55 27.87 -33.09
N ILE C 413 -29.77 28.90 -32.79
CA ILE C 413 -28.87 28.88 -31.65
C ILE C 413 -29.62 29.48 -30.47
N MET C 414 -29.72 28.76 -29.35
CA MET C 414 -30.63 29.16 -28.27
C MET C 414 -30.25 28.62 -26.89
N GLU C 415 -30.95 29.09 -25.86
CA GLU C 415 -30.70 28.68 -24.47
C GLU C 415 -30.91 27.18 -24.29
N LYS C 416 -32.06 26.71 -24.75
CA LYS C 416 -32.39 25.28 -24.73
C LYS C 416 -33.10 24.93 -26.02
N CYS C 417 -32.76 23.77 -26.57
CA CYS C 417 -33.42 23.27 -27.78
C CYS C 417 -34.89 22.97 -27.47
N THR C 418 -35.74 23.25 -28.45
CA THR C 418 -37.17 22.94 -28.35
C THR C 418 -37.52 21.66 -29.11
N LEU C 419 -36.69 21.30 -30.10
CA LEU C 419 -36.83 20.04 -30.82
C LEU C 419 -36.16 18.91 -30.04
N PRO C 420 -36.54 17.64 -30.33
CA PRO C 420 -35.92 16.48 -29.70
C PRO C 420 -34.40 16.39 -29.91
N LEU C 421 -33.68 16.05 -28.84
CA LEU C 421 -32.23 16.08 -28.85
C LEU C 421 -31.59 14.85 -29.51
N THR C 422 -30.52 15.11 -30.26
CA THR C 422 -29.62 14.06 -30.75
C THR C 422 -28.58 13.74 -29.68
N GLY C 423 -28.18 14.75 -28.91
CA GLY C 423 -27.25 14.57 -27.80
C GLY C 423 -27.16 15.81 -26.93
N LYS C 424 -26.68 15.63 -25.70
CA LYS C 424 -26.50 16.72 -24.75
C LYS C 424 -25.03 17.12 -24.65
N GLN C 425 -24.75 18.41 -24.78
CA GLN C 425 -23.40 18.94 -24.61
C GLN C 425 -22.40 18.15 -25.45
N CYS C 426 -22.61 18.18 -26.76
CA CYS C 426 -21.87 17.34 -27.69
C CYS C 426 -21.28 18.08 -28.89
N VAL C 427 -21.67 19.34 -29.07
CA VAL C 427 -21.16 20.17 -30.16
C VAL C 427 -19.98 21.01 -29.66
N ASN C 428 -18.90 21.03 -30.44
CA ASN C 428 -17.69 21.76 -30.08
C ASN C 428 -17.54 23.08 -30.84
N ARG C 429 -18.18 23.17 -32.01
CA ARG C 429 -18.09 24.35 -32.87
C ARG C 429 -19.31 24.48 -33.78
N ILE C 430 -19.76 25.72 -33.98
CA ILE C 430 -20.91 26.02 -34.83
C ILE C 430 -20.47 26.98 -35.94
N ILE C 431 -20.59 26.55 -37.19
CA ILE C 431 -20.30 27.39 -38.33
C ILE C 431 -21.61 27.78 -39.02
N THR C 432 -21.86 29.08 -39.10
CA THR C 432 -23.01 29.60 -39.85
C THR C 432 -22.50 30.59 -40.88
N GLU C 433 -23.41 31.16 -41.67
CA GLU C 433 -23.02 32.14 -42.70
C GLU C 433 -22.66 33.52 -42.09
N LYS C 434 -23.05 33.73 -40.84
CA LYS C 434 -22.79 34.98 -40.13
C LYS C 434 -21.58 34.92 -39.19
N ALA C 435 -21.44 33.79 -38.48
CA ALA C 435 -20.46 33.67 -37.40
C ALA C 435 -19.89 32.26 -37.27
N VAL C 436 -18.79 32.15 -36.54
CA VAL C 436 -18.27 30.86 -36.08
C VAL C 436 -18.17 30.92 -34.55
N PHE C 437 -18.74 29.91 -33.88
CA PHE C 437 -18.74 29.85 -32.41
C PHE C 437 -17.96 28.65 -31.92
N ASP C 438 -17.14 28.86 -30.89
CA ASP C 438 -16.63 27.76 -30.08
C ASP C 438 -17.65 27.50 -28.97
N VAL C 439 -17.90 26.22 -28.69
CA VAL C 439 -18.89 25.83 -27.70
C VAL C 439 -18.20 25.09 -26.56
N ASP C 440 -18.52 25.48 -25.33
CA ASP C 440 -18.00 24.78 -24.14
C ASP C 440 -19.17 24.27 -23.31
N ARG C 441 -19.00 23.10 -22.70
CA ARG C 441 -20.06 22.46 -21.90
C ARG C 441 -20.32 23.21 -20.60
N LYS C 442 -19.34 23.96 -20.12
CA LYS C 442 -19.45 24.72 -18.87
C LYS C 442 -19.62 26.22 -19.09
N LYS C 443 -18.86 26.79 -20.03
CA LYS C 443 -18.82 28.24 -20.22
C LYS C 443 -19.73 28.76 -21.34
N GLY C 444 -20.15 27.89 -22.26
CA GLY C 444 -21.09 28.27 -23.31
C GLY C 444 -20.42 28.70 -24.60
N LEU C 445 -21.02 29.66 -25.29
CA LEU C 445 -20.58 30.10 -26.62
C LEU C 445 -19.51 31.20 -26.58
N THR C 446 -18.60 31.15 -27.55
CA THR C 446 -17.60 32.21 -27.76
C THR C 446 -17.48 32.50 -29.26
N LEU C 447 -17.87 33.72 -29.66
CA LEU C 447 -17.76 34.14 -31.05
C LEU C 447 -16.29 34.32 -31.39
N ILE C 448 -15.77 33.46 -32.27
CA ILE C 448 -14.34 33.51 -32.66
C ILE C 448 -14.12 34.04 -34.08
N GLU C 449 -15.12 33.94 -34.94
CA GLU C 449 -15.06 34.54 -36.28
C GLU C 449 -16.39 35.23 -36.61
N LEU C 450 -16.28 36.35 -37.34
CA LEU C 450 -17.42 37.18 -37.67
C LEU C 450 -17.38 37.53 -39.15
N TRP C 451 -18.47 37.27 -39.85
CA TRP C 451 -18.53 37.57 -41.29
C TRP C 451 -18.43 39.08 -41.53
N GLU C 452 -17.69 39.46 -42.56
CA GLU C 452 -17.49 40.86 -42.93
C GLU C 452 -18.80 41.59 -43.19
N GLY C 453 -18.88 42.85 -42.77
CA GLY C 453 -20.09 43.64 -42.92
C GLY C 453 -21.07 43.52 -41.75
N LEU C 454 -20.92 42.47 -40.93
CA LEU C 454 -21.78 42.26 -39.78
C LEU C 454 -21.09 42.72 -38.50
N THR C 455 -21.89 42.95 -37.46
CA THR C 455 -21.39 43.38 -36.17
C THR C 455 -21.84 42.43 -35.07
N VAL C 456 -21.23 42.56 -33.91
CA VAL C 456 -21.57 41.72 -32.76
C VAL C 456 -23.04 41.91 -32.34
N ASP C 457 -23.57 43.11 -32.55
CA ASP C 457 -24.99 43.38 -32.30
C ASP C 457 -25.91 42.62 -33.27
N ASP C 458 -25.49 42.52 -34.54
CA ASP C 458 -26.25 41.73 -35.52
C ASP C 458 -26.37 40.27 -35.10
N ILE C 459 -25.29 39.73 -34.55
CA ILE C 459 -25.24 38.34 -34.07
C ILE C 459 -26.07 38.15 -32.80
N LYS C 460 -26.08 39.15 -31.93
CA LYS C 460 -26.87 39.09 -30.68
C LYS C 460 -28.37 38.95 -30.93
N LYS C 461 -28.88 39.70 -31.90
CA LYS C 461 -30.32 39.65 -32.22
C LYS C 461 -30.68 38.53 -33.20
N SER C 462 -29.70 37.74 -33.64
CA SER C 462 -29.97 36.50 -34.38
C SER C 462 -29.66 35.25 -33.54
N THR C 463 -29.34 35.45 -32.26
CA THR C 463 -28.94 34.36 -31.37
C THR C 463 -29.81 34.37 -30.11
N GLY C 464 -30.38 33.20 -29.77
CA GLY C 464 -31.34 33.09 -28.68
C GLY C 464 -30.76 32.97 -27.29
N CYS C 465 -29.43 33.07 -27.18
CA CYS C 465 -28.75 33.08 -25.90
C CYS C 465 -27.57 34.05 -25.98
N ASP C 466 -27.05 34.44 -24.83
CA ASP C 466 -25.89 35.34 -24.80
C ASP C 466 -24.61 34.55 -25.06
N PHE C 467 -23.53 35.29 -25.32
CA PHE C 467 -22.25 34.68 -25.65
C PHE C 467 -21.08 35.60 -25.35
N ALA C 468 -19.94 35.02 -24.99
CA ALA C 468 -18.70 35.77 -24.88
C ALA C 468 -18.14 36.08 -26.27
N VAL C 469 -17.37 37.15 -26.37
CA VAL C 469 -16.67 37.52 -27.60
C VAL C 469 -15.17 37.28 -27.40
N SER C 470 -14.53 36.66 -28.38
CA SER C 470 -13.11 36.38 -28.32
C SER C 470 -12.33 37.68 -28.48
N PRO C 471 -11.29 37.88 -27.65
CA PRO C 471 -10.41 39.05 -27.86
C PRO C 471 -9.58 38.97 -29.15
N LYS C 472 -9.49 37.78 -29.76
CA LYS C 472 -8.85 37.63 -31.06
C LYS C 472 -9.87 37.31 -32.16
N LEU C 473 -11.07 37.89 -32.04
CA LEU C 473 -12.10 37.78 -33.08
C LEU C 473 -11.57 38.27 -34.42
N ILE C 474 -11.52 37.37 -35.41
CA ILE C 474 -11.07 37.73 -36.76
C ILE C 474 -12.27 37.75 -37.71
N PRO C 475 -12.10 38.36 -38.90
CA PRO C 475 -13.14 38.21 -39.91
C PRO C 475 -13.20 36.76 -40.39
N MET C 476 -14.40 36.29 -40.77
CA MET C 476 -14.59 34.87 -41.08
C MET C 476 -13.81 34.46 -42.31
N GLN C 477 -13.14 33.30 -42.21
CA GLN C 477 -12.26 32.80 -43.26
C GLN C 477 -13.04 32.08 -44.37
N GLN C 478 -12.40 32.01 -45.54
CA GLN C 478 -12.96 31.29 -46.69
C GLN C 478 -11.82 30.60 -47.45
N LEU C 479 -12.02 29.34 -47.83
CA LEU C 479 -11.06 28.60 -48.66
C LEU C 479 -11.60 28.52 -50.09
N GLU C 480 -10.84 29.05 -51.04
CA GLU C 480 -11.26 29.11 -52.44
C GLU C 480 -10.56 28.03 -53.27
N THR D 1 -0.80 7.29 -39.79
CA THR D 1 0.22 6.34 -39.27
C THR D 1 1.61 6.92 -39.49
N LYS D 2 2.34 7.12 -38.41
CA LYS D 2 3.73 7.57 -38.49
C LYS D 2 4.65 6.37 -38.56
N PHE D 3 5.48 6.31 -39.59
CA PHE D 3 6.42 5.20 -39.77
C PHE D 3 7.75 5.45 -39.05
N TYR D 4 8.28 4.41 -38.45
CA TYR D 4 9.56 4.46 -37.75
C TYR D 4 10.52 3.42 -38.31
N THR D 5 11.81 3.74 -38.27
CA THR D 5 12.87 2.78 -38.62
C THR D 5 13.49 2.17 -37.37
N ASP D 6 13.36 2.86 -36.23
CA ASP D 6 13.95 2.44 -34.97
C ASP D 6 12.85 2.24 -33.90
N ALA D 7 12.82 1.04 -33.31
CA ALA D 7 11.78 0.66 -32.35
C ALA D 7 11.84 1.46 -31.06
N VAL D 8 13.05 1.77 -30.59
CA VAL D 8 13.24 2.55 -29.36
C VAL D 8 12.65 3.94 -29.51
N GLU D 9 12.81 4.52 -30.69
CA GLU D 9 12.23 5.83 -31.02
C GLU D 9 10.70 5.78 -30.97
N ALA D 10 10.14 4.65 -31.37
CA ALA D 10 8.70 4.45 -31.38
C ALA D 10 8.07 4.34 -29.99
N VAL D 11 8.87 3.96 -28.98
CA VAL D 11 8.34 3.70 -27.63
C VAL D 11 9.01 4.51 -26.52
N LYS D 12 9.90 5.43 -26.87
CA LYS D 12 10.71 6.14 -25.87
C LYS D 12 9.92 7.08 -24.97
N ASP D 13 8.70 7.42 -25.35
CA ASP D 13 7.89 8.37 -24.59
C ASP D 13 6.87 7.72 -23.64
N ILE D 14 6.98 6.41 -23.42
CA ILE D 14 6.10 5.75 -22.47
C ILE D 14 6.51 6.12 -21.06
N PRO D 15 5.60 6.72 -20.27
CA PRO D 15 5.92 7.13 -18.92
C PRO D 15 5.94 5.98 -17.92
N ASN D 16 6.67 6.16 -16.83
CA ASN D 16 6.64 5.20 -15.73
C ASN D 16 5.22 5.14 -15.19
N GLY D 17 4.77 3.96 -14.80
CA GLY D 17 3.41 3.78 -14.29
C GLY D 17 2.33 3.67 -15.36
N ALA D 18 2.72 3.71 -16.63
CA ALA D 18 1.78 3.62 -17.74
C ALA D 18 1.11 2.25 -17.78
N THR D 19 -0.10 2.21 -18.30
CA THR D 19 -0.78 0.95 -18.59
C THR D 19 -0.48 0.61 -20.04
N VAL D 20 0.13 -0.55 -20.27
CA VAL D 20 0.53 -0.96 -21.61
C VAL D 20 -0.08 -2.30 -21.98
N LEU D 21 -0.90 -2.32 -23.03
CA LEU D 21 -1.46 -3.57 -23.56
C LEU D 21 -0.37 -4.25 -24.41
N VAL D 22 -0.20 -5.56 -24.24
CA VAL D 22 0.83 -6.28 -24.99
C VAL D 22 0.25 -7.48 -25.70
N GLY D 23 0.34 -7.48 -27.02
CA GLY D 23 -0.23 -8.53 -27.84
C GLY D 23 0.42 -9.88 -27.59
N GLY D 24 -0.30 -10.95 -27.84
CA GLY D 24 0.30 -12.27 -27.83
C GLY D 24 -0.47 -13.33 -27.09
N PHE D 25 -0.42 -14.55 -27.63
CA PHE D 25 -0.89 -15.76 -26.98
C PHE D 25 0.32 -16.65 -26.78
N GLY D 26 0.74 -16.82 -25.53
CA GLY D 26 2.04 -17.44 -25.23
C GLY D 26 3.18 -16.68 -25.92
N LEU D 27 3.85 -17.35 -26.86
CA LEU D 27 4.88 -16.72 -27.68
C LEU D 27 4.40 -16.54 -29.12
N CYS D 28 3.11 -16.78 -29.36
CA CYS D 28 2.54 -16.63 -30.68
C CYS D 28 1.98 -15.22 -30.84
N GLY D 29 2.54 -14.46 -31.76
CA GLY D 29 2.12 -13.09 -32.01
C GLY D 29 2.53 -12.10 -30.93
N ILE D 30 3.74 -12.26 -30.41
CA ILE D 30 4.25 -11.32 -29.40
C ILE D 30 5.10 -10.23 -30.08
N PRO D 31 5.01 -8.99 -29.57
CA PRO D 31 5.81 -7.90 -30.11
C PRO D 31 7.24 -7.91 -29.56
N GLU D 32 8.07 -8.83 -30.05
CA GLU D 32 9.40 -9.08 -29.45
C GLU D 32 10.40 -7.93 -29.63
N ASN D 33 10.30 -7.17 -30.73
CA ASN D 33 11.17 -6.01 -30.93
C ASN D 33 10.77 -4.81 -30.07
N LEU D 34 9.48 -4.65 -29.83
CA LEU D 34 8.99 -3.56 -28.98
C LEU D 34 9.29 -3.85 -27.51
N ILE D 35 9.08 -5.10 -27.11
CA ILE D 35 9.47 -5.54 -25.76
C ILE D 35 10.97 -5.32 -25.58
N GLY D 36 11.74 -5.66 -26.62
CA GLY D 36 13.18 -5.46 -26.63
C GLY D 36 13.57 -4.00 -26.50
N ALA D 37 12.83 -3.12 -27.15
CA ALA D 37 13.04 -1.67 -27.01
C ALA D 37 12.70 -1.17 -25.59
N LEU D 38 11.73 -1.81 -24.93
CA LEU D 38 11.36 -1.40 -23.57
C LEU D 38 12.45 -1.77 -22.56
N LEU D 39 13.23 -2.80 -22.87
CA LEU D 39 14.37 -3.15 -22.03
C LEU D 39 15.40 -2.02 -22.08
N LYS D 40 15.63 -1.47 -23.27
CA LYS D 40 16.60 -0.40 -23.47
C LYS D 40 16.17 0.92 -22.83
N THR D 41 14.91 1.30 -23.00
CA THR D 41 14.40 2.54 -22.39
C THR D 41 14.37 2.43 -20.87
N GLY D 42 14.02 1.25 -20.37
CA GLY D 42 14.00 0.99 -18.94
C GLY D 42 12.83 1.61 -18.21
N VAL D 43 11.74 1.88 -18.94
CA VAL D 43 10.51 2.37 -18.32
C VAL D 43 10.02 1.35 -17.29
N LYS D 44 9.48 1.82 -16.16
CA LYS D 44 9.20 0.97 -15.00
C LYS D 44 7.83 1.23 -14.38
N GLU D 45 7.47 0.38 -13.42
CA GLU D 45 6.19 0.44 -12.71
C GLU D 45 4.96 0.24 -13.61
N LEU D 46 5.16 -0.43 -14.75
CA LEU D 46 4.11 -0.61 -15.75
C LEU D 46 2.98 -1.52 -15.24
N THR D 47 1.76 -1.18 -15.62
CA THR D 47 0.65 -2.13 -15.56
C THR D 47 0.54 -2.75 -16.94
N ALA D 48 0.97 -4.01 -17.07
CA ALA D 48 1.02 -4.67 -18.38
C ALA D 48 -0.22 -5.56 -18.58
N VAL D 49 -1.09 -5.15 -19.50
CA VAL D 49 -2.24 -5.96 -19.86
C VAL D 49 -1.83 -6.89 -20.99
N SER D 50 -1.78 -8.18 -20.68
CA SER D 50 -1.28 -9.18 -21.60
C SER D 50 -1.93 -10.49 -21.21
N ASN D 51 -2.24 -11.34 -22.18
CA ASN D 51 -2.93 -12.58 -21.88
C ASN D 51 -2.08 -13.48 -20.99
N ASN D 52 -0.82 -13.66 -21.39
CA ASN D 52 0.13 -14.48 -20.65
C ASN D 52 1.39 -13.69 -20.33
N ALA D 53 2.30 -14.33 -19.61
CA ALA D 53 3.57 -13.72 -19.22
C ALA D 53 4.74 -14.24 -20.05
N GLY D 54 4.47 -14.69 -21.27
CA GLY D 54 5.49 -15.31 -22.11
C GLY D 54 6.10 -16.52 -21.43
N VAL D 55 7.43 -16.66 -21.58
CA VAL D 55 8.19 -17.66 -20.83
C VAL D 55 9.20 -16.96 -19.94
N ASP D 56 9.91 -17.72 -19.12
CA ASP D 56 10.87 -17.17 -18.17
C ASP D 56 11.84 -16.13 -18.76
N ASN D 57 12.33 -16.42 -19.95
CA ASN D 57 13.39 -15.62 -20.54
C ASN D 57 13.05 -15.16 -21.96
N PHE D 58 11.76 -14.99 -22.25
CA PHE D 58 11.32 -14.42 -23.53
C PHE D 58 9.92 -13.85 -23.43
N GLY D 59 9.57 -12.98 -24.38
CA GLY D 59 8.29 -12.29 -24.38
C GLY D 59 8.20 -11.34 -23.20
N LEU D 60 7.04 -11.32 -22.56
CA LEU D 60 6.80 -10.41 -21.43
C LEU D 60 7.62 -10.78 -20.21
N GLY D 61 8.05 -12.04 -20.11
CA GLY D 61 8.90 -12.49 -19.01
C GLY D 61 10.21 -11.72 -18.87
N LEU D 62 10.75 -11.26 -19.99
CA LEU D 62 11.95 -10.41 -20.00
C LEU D 62 11.79 -9.13 -19.19
N LEU D 63 10.60 -8.54 -19.26
CA LEU D 63 10.30 -7.32 -18.52
C LEU D 63 9.99 -7.61 -17.05
N LEU D 64 9.59 -8.85 -16.76
CA LEU D 64 9.47 -9.31 -15.37
C LEU D 64 10.85 -9.58 -14.80
N GLN D 65 11.75 -10.06 -15.65
CA GLN D 65 13.14 -10.32 -15.29
C GLN D 65 13.83 -9.03 -14.89
N SER D 66 13.52 -7.94 -15.59
CA SER D 66 14.11 -6.63 -15.34
C SER D 66 13.27 -5.78 -14.36
N LYS D 67 12.22 -6.39 -13.81
CA LYS D 67 11.35 -5.76 -12.81
C LYS D 67 10.75 -4.42 -13.25
N GLN D 68 10.46 -4.32 -14.54
CA GLN D 68 9.85 -3.12 -15.13
C GLN D 68 8.32 -3.14 -15.03
N ILE D 69 7.75 -4.29 -14.64
CA ILE D 69 6.29 -4.43 -14.53
C ILE D 69 5.85 -4.48 -13.07
N LYS D 70 4.91 -3.61 -12.71
CA LYS D 70 4.37 -3.54 -11.35
C LYS D 70 3.15 -4.44 -11.20
N ARG D 71 2.21 -4.32 -12.14
CA ARG D 71 1.01 -5.14 -12.17
C ARG D 71 0.83 -5.84 -13.52
N MET D 72 0.38 -7.10 -13.46
CA MET D 72 0.01 -7.88 -14.64
C MET D 72 -1.50 -8.09 -14.62
N ILE D 73 -2.15 -7.81 -15.75
CA ILE D 73 -3.55 -8.17 -15.95
C ILE D 73 -3.59 -9.23 -17.04
N SER D 74 -3.89 -10.47 -16.63
CA SER D 74 -3.66 -11.63 -17.44
C SER D 74 -4.68 -12.72 -17.12
N SER D 75 -4.76 -13.73 -18.00
CA SER D 75 -5.69 -14.85 -17.80
C SER D 75 -4.97 -16.13 -17.38
N TYR D 76 -3.75 -16.31 -17.82
CA TYR D 76 -3.03 -17.55 -17.57
C TYR D 76 -1.53 -17.32 -17.46
N VAL D 77 -0.95 -17.82 -16.37
CA VAL D 77 0.48 -17.65 -16.07
C VAL D 77 1.33 -18.60 -16.88
N GLY D 78 0.97 -19.87 -16.84
CA GLY D 78 1.60 -20.89 -17.68
C GLY D 78 2.99 -21.27 -17.22
N GLU D 79 3.90 -21.41 -18.18
CA GLU D 79 5.25 -21.92 -17.92
C GLU D 79 6.24 -20.78 -17.73
N ASN D 80 5.96 -19.93 -16.74
CA ASN D 80 6.86 -18.86 -16.35
C ASN D 80 7.08 -18.93 -14.83
N ALA D 81 8.16 -19.61 -14.45
CA ALA D 81 8.51 -19.79 -13.04
C ALA D 81 8.79 -18.44 -12.36
N GLU D 82 9.45 -17.54 -13.09
CA GLU D 82 9.76 -16.21 -12.56
C GLU D 82 8.49 -15.42 -12.23
N PHE D 83 7.49 -15.49 -13.11
CA PHE D 83 6.18 -14.88 -12.85
C PHE D 83 5.60 -15.42 -11.56
N GLU D 84 5.52 -16.75 -11.45
CA GLU D 84 4.96 -17.42 -10.29
C GLU D 84 5.71 -17.03 -9.02
N ARG D 85 7.04 -16.98 -9.12
CA ARG D 85 7.88 -16.60 -7.99
C ARG D 85 7.57 -15.19 -7.52
N GLN D 86 7.66 -14.23 -8.43
CA GLN D 86 7.41 -12.82 -8.10
C GLN D 86 6.02 -12.59 -7.53
N TYR D 87 5.04 -13.28 -8.09
CA TYR D 87 3.65 -13.18 -7.64
C TYR D 87 3.48 -13.75 -6.23
N LEU D 88 3.97 -14.96 -6.02
CA LEU D 88 3.93 -15.61 -4.71
C LEU D 88 4.81 -14.87 -3.67
N ALA D 89 5.91 -14.28 -4.14
CA ALA D 89 6.84 -13.58 -3.25
C ALA D 89 6.33 -12.23 -2.74
N GLY D 90 5.34 -11.66 -3.42
CA GLY D 90 4.80 -10.35 -3.06
C GLY D 90 5.44 -9.19 -3.81
N GLU D 91 6.19 -9.51 -4.87
CA GLU D 91 6.91 -8.52 -5.67
C GLU D 91 6.07 -8.01 -6.84
N LEU D 92 5.14 -8.83 -7.32
CA LEU D 92 4.34 -8.53 -8.50
C LEU D 92 2.85 -8.59 -8.19
N GLU D 93 2.11 -7.58 -8.66
CA GLU D 93 0.64 -7.58 -8.55
C GLU D 93 0.05 -8.28 -9.75
N VAL D 94 -1.00 -9.07 -9.55
CA VAL D 94 -1.60 -9.85 -10.63
C VAL D 94 -3.12 -9.94 -10.52
N GLU D 95 -3.82 -9.33 -11.48
CA GLU D 95 -5.26 -9.51 -11.64
C GLU D 95 -5.53 -10.66 -12.60
N LEU D 96 -5.78 -11.85 -12.07
CA LEU D 96 -6.17 -13.00 -12.90
C LEU D 96 -7.57 -12.78 -13.44
N THR D 97 -7.68 -12.68 -14.77
CA THR D 97 -8.92 -12.28 -15.44
C THR D 97 -9.32 -13.35 -16.45
N PRO D 98 -10.58 -13.78 -16.45
CA PRO D 98 -11.01 -14.74 -17.47
C PRO D 98 -10.66 -14.26 -18.90
N GLN D 99 -10.07 -15.15 -19.70
CA GLN D 99 -9.54 -14.77 -21.03
C GLN D 99 -10.55 -14.05 -21.93
N GLY D 100 -11.74 -14.62 -22.07
CA GLY D 100 -12.82 -13.96 -22.81
C GLY D 100 -13.29 -12.63 -22.23
N THR D 101 -13.27 -12.51 -20.89
CA THR D 101 -13.61 -11.24 -20.24
C THR D 101 -12.54 -10.20 -20.51
N LEU D 102 -11.27 -10.62 -20.43
CA LEU D 102 -10.15 -9.75 -20.78
C LEU D 102 -10.28 -9.25 -22.22
N ALA D 103 -10.68 -10.14 -23.13
CA ALA D 103 -10.80 -9.79 -24.55
C ALA D 103 -11.96 -8.82 -24.77
N GLU D 104 -13.06 -9.08 -24.10
CA GLU D 104 -14.26 -8.25 -24.29
C GLU D 104 -14.09 -6.88 -23.65
N ARG D 105 -13.36 -6.82 -22.55
CA ARG D 105 -13.10 -5.57 -21.86
C ARG D 105 -12.15 -4.70 -22.64
N ILE D 106 -11.16 -5.31 -23.30
CA ILE D 106 -10.28 -4.56 -24.20
C ILE D 106 -11.10 -4.03 -25.38
N ARG D 107 -12.01 -4.86 -25.90
CA ARG D 107 -12.85 -4.43 -27.01
C ARG D 107 -13.72 -3.27 -26.60
N ALA D 108 -14.41 -3.43 -25.46
CA ALA D 108 -15.24 -2.35 -24.91
C ALA D 108 -14.46 -1.06 -24.82
N GLY D 109 -13.20 -1.16 -24.38
CA GLY D 109 -12.33 0.00 -24.22
C GLY D 109 -11.98 0.73 -25.49
N GLY D 110 -12.05 0.02 -26.63
CA GLY D 110 -11.81 0.64 -27.92
C GLY D 110 -13.11 0.99 -28.61
N ALA D 111 -14.20 0.38 -28.19
CA ALA D 111 -15.52 0.55 -28.84
C ALA D 111 -16.47 1.51 -28.11
N GLY D 112 -15.99 2.27 -27.12
CA GLY D 112 -16.82 3.29 -26.44
C GLY D 112 -17.84 2.72 -25.48
N VAL D 113 -17.64 1.49 -25.05
CA VAL D 113 -18.51 0.84 -24.09
C VAL D 113 -17.77 0.81 -22.75
N PRO D 114 -18.32 1.51 -21.73
CA PRO D 114 -17.66 1.56 -20.43
C PRO D 114 -17.83 0.28 -19.62
N ALA D 115 -18.95 -0.41 -19.81
CA ALA D 115 -19.20 -1.64 -19.07
C ALA D 115 -20.21 -2.50 -19.77
N PHE D 116 -20.24 -3.78 -19.42
CA PHE D 116 -21.14 -4.72 -20.02
C PHE D 116 -21.29 -5.91 -19.10
N TYR D 117 -22.26 -6.77 -19.39
CA TYR D 117 -22.55 -7.93 -18.55
C TYR D 117 -22.13 -9.24 -19.21
N THR D 118 -21.71 -10.17 -18.36
CA THR D 118 -21.29 -11.49 -18.80
C THR D 118 -21.53 -12.48 -17.67
N SER D 119 -21.82 -13.73 -18.01
CA SER D 119 -22.00 -14.77 -16.98
C SER D 119 -20.66 -15.39 -16.55
N THR D 120 -19.62 -15.16 -17.35
CA THR D 120 -18.28 -15.65 -17.06
C THR D 120 -17.78 -15.14 -15.72
N GLY D 121 -17.47 -16.07 -14.82
CA GLY D 121 -16.96 -15.74 -13.49
C GLY D 121 -18.03 -15.63 -12.41
N TYR D 122 -19.30 -15.78 -12.77
CA TYR D 122 -20.38 -15.77 -11.76
C TYR D 122 -20.27 -16.99 -10.84
N GLY D 123 -20.44 -16.77 -9.55
CA GLY D 123 -20.28 -17.83 -8.55
C GLY D 123 -18.84 -18.21 -8.27
N THR D 124 -17.90 -17.36 -8.65
CA THR D 124 -16.48 -17.61 -8.45
C THR D 124 -15.87 -16.39 -7.78
N LEU D 125 -14.56 -16.45 -7.52
CA LEU D 125 -13.84 -15.36 -6.88
C LEU D 125 -13.83 -14.07 -7.72
N VAL D 126 -13.99 -14.20 -9.04
CA VAL D 126 -14.10 -13.01 -9.89
C VAL D 126 -15.33 -12.20 -9.46
N GLN D 127 -16.47 -12.88 -9.35
CA GLN D 127 -17.72 -12.24 -8.94
C GLN D 127 -17.75 -11.91 -7.45
N GLU D 128 -17.43 -12.92 -6.64
CA GLU D 128 -17.48 -12.81 -5.18
C GLU D 128 -16.40 -11.87 -4.59
N GLY D 129 -15.29 -11.74 -5.29
CA GLY D 129 -14.14 -10.98 -4.80
C GLY D 129 -13.26 -11.87 -3.96
N GLY D 130 -12.12 -11.34 -3.52
CA GLY D 130 -11.18 -12.09 -2.69
C GLY D 130 -10.11 -12.84 -3.46
N SER D 131 -10.03 -12.62 -4.77
CA SER D 131 -8.96 -13.21 -5.57
C SER D 131 -7.66 -12.47 -5.27
N PRO D 132 -6.59 -13.19 -4.88
CA PRO D 132 -5.36 -12.49 -4.50
C PRO D 132 -4.73 -11.70 -5.65
N ILE D 133 -4.66 -10.39 -5.50
CA ILE D 133 -3.99 -9.52 -6.45
C ILE D 133 -2.54 -9.31 -6.03
N LYS D 134 -2.31 -9.09 -4.74
CA LYS D 134 -0.96 -8.98 -4.19
C LYS D 134 -0.81 -9.76 -2.90
N TYR D 135 0.34 -10.41 -2.74
CA TYR D 135 0.71 -11.09 -1.50
C TYR D 135 1.69 -10.25 -0.67
N ASN D 136 1.61 -10.40 0.65
CA ASN D 136 2.63 -9.86 1.56
C ASN D 136 3.80 -10.84 1.60
N LYS D 137 4.92 -10.45 2.19
CA LYS D 137 6.07 -11.35 2.23
C LYS D 137 5.83 -12.63 3.07
N ASP D 138 4.87 -12.57 4.00
CA ASP D 138 4.55 -13.70 4.87
C ASP D 138 3.39 -14.57 4.37
N GLY D 139 3.10 -14.53 3.08
CA GLY D 139 2.06 -15.39 2.48
C GLY D 139 0.62 -14.89 2.59
N SER D 140 0.41 -13.82 3.35
CA SER D 140 -0.92 -13.23 3.50
C SER D 140 -1.28 -12.37 2.27
N ILE D 141 -2.56 -12.09 2.09
CA ILE D 141 -3.04 -11.34 0.93
C ILE D 141 -2.98 -9.83 1.20
N ALA D 142 -2.03 -9.15 0.56
CA ALA D 142 -1.87 -7.69 0.70
C ALA D 142 -3.04 -6.98 0.03
N ILE D 143 -3.31 -7.34 -1.22
CA ILE D 143 -4.44 -6.80 -1.97
C ILE D 143 -5.31 -7.93 -2.51
N ALA D 144 -6.63 -7.82 -2.30
CA ALA D 144 -7.58 -8.79 -2.81
C ALA D 144 -8.49 -8.11 -3.83
N SER D 145 -9.07 -8.90 -4.73
CA SER D 145 -9.95 -8.37 -5.78
C SER D 145 -11.29 -7.97 -5.20
N LYS D 146 -11.86 -6.90 -5.75
CA LYS D 146 -13.17 -6.42 -5.32
C LYS D 146 -14.27 -7.19 -6.05
N PRO D 147 -15.46 -7.29 -5.43
CA PRO D 147 -16.55 -8.01 -6.08
C PRO D 147 -17.06 -7.32 -7.32
N ARG D 148 -17.70 -8.09 -8.21
CA ARG D 148 -18.39 -7.54 -9.37
C ARG D 148 -19.87 -7.54 -9.09
N GLU D 149 -20.56 -6.48 -9.51
CA GLU D 149 -22.00 -6.36 -9.30
C GLU D 149 -22.72 -7.44 -10.09
N VAL D 150 -23.67 -8.12 -9.44
CA VAL D 150 -24.47 -9.15 -10.07
C VAL D 150 -25.80 -8.57 -10.51
N ARG D 151 -26.30 -9.04 -11.65
CA ARG D 151 -27.62 -8.63 -12.12
C ARG D 151 -28.27 -9.74 -12.92
N GLU D 152 -29.58 -9.89 -12.78
CA GLU D 152 -30.32 -10.94 -13.46
C GLU D 152 -30.93 -10.45 -14.77
N PHE D 153 -30.68 -11.19 -15.85
CA PHE D 153 -31.30 -10.93 -17.15
C PHE D 153 -31.91 -12.23 -17.64
N ASN D 154 -33.20 -12.22 -17.97
CA ASN D 154 -33.89 -13.37 -18.55
C ASN D 154 -33.72 -14.65 -17.75
N GLY D 155 -33.88 -14.56 -16.43
CA GLY D 155 -33.81 -15.71 -15.55
C GLY D 155 -32.41 -16.26 -15.29
N GLN D 156 -31.38 -15.43 -15.54
CA GLN D 156 -30.00 -15.87 -15.38
C GLN D 156 -29.14 -14.75 -14.78
N HIS D 157 -28.12 -15.14 -14.04
CA HIS D 157 -27.24 -14.19 -13.35
C HIS D 157 -25.98 -13.85 -14.16
N PHE D 158 -25.69 -12.56 -14.22
CA PHE D 158 -24.55 -12.02 -14.94
C PHE D 158 -23.81 -11.06 -14.02
N ILE D 159 -22.53 -10.81 -14.32
CA ILE D 159 -21.75 -9.81 -13.59
C ILE D 159 -21.31 -8.66 -14.50
N LEU D 160 -21.17 -7.47 -13.91
CA LEU D 160 -20.78 -6.27 -14.64
C LEU D 160 -19.26 -6.17 -14.75
N GLU D 161 -18.76 -6.05 -15.98
CA GLU D 161 -17.33 -5.88 -16.20
C GLU D 161 -17.09 -4.55 -16.89
N GLU D 162 -16.00 -3.87 -16.50
CA GLU D 162 -15.67 -2.55 -17.03
C GLU D 162 -14.61 -2.60 -18.11
N ALA D 163 -14.66 -1.63 -19.02
CA ALA D 163 -13.72 -1.53 -20.12
C ALA D 163 -12.28 -1.41 -19.62
N ILE D 164 -11.36 -1.96 -20.40
CA ILE D 164 -9.93 -1.81 -20.18
C ILE D 164 -9.36 -0.99 -21.33
N ARG D 165 -8.69 0.10 -21.00
CA ARG D 165 -8.08 0.96 -22.00
C ARG D 165 -6.63 1.26 -21.60
N GLY D 166 -5.74 1.28 -22.57
CA GLY D 166 -4.33 1.52 -22.29
C GLY D 166 -3.86 2.91 -22.66
N ASP D 167 -2.75 3.32 -22.05
CA ASP D 167 -2.02 4.51 -22.50
C ASP D 167 -1.28 4.14 -23.79
N PHE D 168 -0.75 2.92 -23.84
CA PHE D 168 -0.07 2.41 -25.02
C PHE D 168 -0.49 0.97 -25.33
N ALA D 169 -0.38 0.60 -26.60
CA ALA D 169 -0.55 -0.79 -27.01
C ALA D 169 0.67 -1.20 -27.82
N LEU D 170 1.26 -2.34 -27.48
CA LEU D 170 2.38 -2.90 -28.20
C LEU D 170 1.87 -4.12 -28.97
N VAL D 171 1.90 -4.03 -30.30
CA VAL D 171 1.18 -4.96 -31.14
C VAL D 171 2.08 -5.59 -32.18
N LYS D 172 1.93 -6.90 -32.38
CA LYS D 172 2.66 -7.63 -33.42
C LYS D 172 1.69 -7.98 -34.53
N ALA D 173 2.11 -7.77 -35.78
CA ALA D 173 1.32 -8.12 -36.95
C ALA D 173 2.22 -8.63 -38.07
N TRP D 174 1.62 -9.29 -39.06
CA TRP D 174 2.37 -9.90 -40.14
C TRP D 174 2.85 -8.85 -41.14
N LYS D 175 1.91 -8.20 -41.81
CA LYS D 175 2.23 -7.24 -42.85
C LYS D 175 1.49 -5.93 -42.64
N ALA D 176 2.11 -4.84 -43.07
CA ALA D 176 1.45 -3.54 -43.14
C ALA D 176 1.73 -2.95 -44.51
N ASP D 177 0.75 -2.25 -45.08
CA ASP D 177 1.00 -1.51 -46.32
C ASP D 177 1.53 -0.13 -45.98
N GLN D 178 1.93 0.63 -47.00
CA GLN D 178 2.51 1.95 -46.81
C GLN D 178 1.49 2.97 -46.27
N ALA D 179 0.20 2.64 -46.34
CA ALA D 179 -0.86 3.49 -45.81
C ALA D 179 -1.07 3.30 -44.31
N GLY D 180 -0.59 2.17 -43.77
CA GLY D 180 -0.73 1.86 -42.36
C GLY D 180 -1.70 0.73 -42.04
N ASN D 181 -2.36 0.18 -43.08
CA ASN D 181 -3.26 -0.96 -42.89
C ASN D 181 -2.44 -2.17 -42.52
N VAL D 182 -3.05 -3.08 -41.74
CA VAL D 182 -2.31 -4.19 -41.16
C VAL D 182 -3.07 -5.51 -41.27
N THR D 183 -2.33 -6.62 -41.36
CA THR D 183 -2.91 -7.96 -41.35
C THR D 183 -2.12 -8.86 -40.40
N PHE D 184 -2.70 -10.00 -40.06
CA PHE D 184 -2.09 -10.96 -39.14
C PHE D 184 -2.05 -12.35 -39.78
N ARG D 185 -1.11 -13.17 -39.34
CA ARG D 185 -0.90 -14.49 -39.92
C ARG D 185 -1.31 -15.59 -38.95
N LYS D 186 -2.27 -16.41 -39.37
CA LYS D 186 -2.71 -17.60 -38.63
C LYS D 186 -3.14 -17.24 -37.20
N SER D 187 -2.72 -18.00 -36.20
CA SER D 187 -3.16 -17.79 -34.83
C SER D 187 -2.34 -16.71 -34.11
N ALA D 188 -1.44 -16.02 -34.83
CA ALA D 188 -0.67 -14.91 -34.27
C ALA D 188 -1.50 -13.64 -34.09
N ARG D 189 -2.75 -13.66 -34.51
CA ARG D 189 -3.65 -12.53 -34.36
C ARG D 189 -4.10 -12.36 -32.90
N ASN D 190 -4.72 -13.40 -32.35
CA ASN D 190 -5.21 -13.42 -30.97
C ASN D 190 -5.60 -12.05 -30.38
N PHE D 191 -4.83 -11.54 -29.40
CA PHE D 191 -5.18 -10.32 -28.67
C PHE D 191 -4.69 -9.06 -29.36
N ASN D 192 -3.84 -9.25 -30.37
CA ASN D 192 -3.25 -8.11 -31.09
C ASN D 192 -4.31 -7.25 -31.76
N LEU D 193 -5.35 -7.87 -32.28
CA LEU D 193 -6.39 -7.12 -32.99
C LEU D 193 -7.19 -6.20 -32.03
N PRO D 194 -7.84 -6.75 -31.00
CA PRO D 194 -8.59 -5.85 -30.10
C PRO D 194 -7.72 -4.79 -29.42
N MET D 195 -6.55 -5.19 -28.92
CA MET D 195 -5.62 -4.28 -28.25
C MET D 195 -5.19 -3.08 -29.10
N CYS D 196 -5.23 -3.26 -30.41
CA CYS D 196 -4.89 -2.22 -31.38
C CYS D 196 -5.89 -1.07 -31.37
N LYS D 197 -7.07 -1.31 -30.83
CA LYS D 197 -8.16 -0.34 -30.81
C LYS D 197 -8.37 0.31 -29.44
N ALA D 198 -7.76 -0.23 -28.39
CA ALA D 198 -8.11 0.13 -27.00
C ALA D 198 -7.04 0.95 -26.28
N ALA D 199 -6.18 1.64 -27.02
CA ALA D 199 -5.13 2.44 -26.39
C ALA D 199 -5.02 3.83 -27.01
N GLU D 200 -4.54 4.77 -26.19
CA GLU D 200 -4.33 6.15 -26.63
C GLU D 200 -3.32 6.18 -27.78
N THR D 201 -2.18 5.50 -27.61
CA THR D 201 -1.18 5.36 -28.68
C THR D 201 -0.91 3.90 -28.96
N THR D 202 -1.12 3.49 -30.21
CA THR D 202 -0.90 2.10 -30.59
C THR D 202 0.36 2.01 -31.43
N VAL D 203 1.26 1.13 -31.02
CA VAL D 203 2.53 0.92 -31.73
C VAL D 203 2.55 -0.50 -32.26
N VAL D 204 2.65 -0.62 -33.58
CA VAL D 204 2.61 -1.92 -34.24
C VAL D 204 3.95 -2.23 -34.89
N GLU D 205 4.45 -3.44 -34.66
CA GLU D 205 5.62 -3.92 -35.38
C GLU D 205 5.19 -4.99 -36.36
N VAL D 206 5.78 -4.97 -37.56
CA VAL D 206 5.43 -5.92 -38.62
C VAL D 206 6.67 -6.58 -39.23
N GLU D 207 6.47 -7.77 -39.78
CA GLU D 207 7.55 -8.52 -40.41
C GLU D 207 7.89 -7.98 -41.79
N GLU D 208 6.89 -7.44 -42.47
CA GLU D 208 7.06 -6.96 -43.84
C GLU D 208 6.19 -5.73 -44.11
N ILE D 209 6.73 -4.80 -44.89
CA ILE D 209 5.97 -3.64 -45.35
C ILE D 209 5.78 -3.74 -46.86
N VAL D 210 4.52 -3.83 -47.28
CA VAL D 210 4.18 -3.99 -48.69
C VAL D 210 3.60 -2.71 -49.25
N ASP D 211 3.31 -2.70 -50.55
CA ASP D 211 2.78 -1.53 -51.22
C ASP D 211 1.29 -1.35 -50.95
N ILE D 212 0.83 -0.10 -51.02
CA ILE D 212 -0.60 0.17 -50.96
C ILE D 212 -1.23 -0.48 -52.18
N GLY D 213 -2.32 -1.20 -51.96
CA GLY D 213 -2.98 -1.97 -53.02
C GLY D 213 -2.70 -3.46 -52.94
N SER D 214 -1.69 -3.84 -52.15
CA SER D 214 -1.32 -5.25 -52.00
C SER D 214 -2.42 -6.06 -51.33
N PHE D 215 -3.10 -5.44 -50.37
CA PHE D 215 -4.22 -6.08 -49.69
C PHE D 215 -5.50 -5.88 -50.49
N ALA D 216 -6.33 -6.91 -50.53
CA ALA D 216 -7.72 -6.73 -50.90
C ALA D 216 -8.37 -5.93 -49.77
N PRO D 217 -9.09 -4.85 -50.09
CA PRO D 217 -9.63 -3.97 -49.06
C PRO D 217 -10.58 -4.67 -48.07
N GLU D 218 -11.24 -5.73 -48.51
CA GLU D 218 -12.10 -6.54 -47.64
C GLU D 218 -11.30 -7.31 -46.58
N ASP D 219 -10.05 -7.61 -46.89
CA ASP D 219 -9.21 -8.51 -46.09
C ASP D 219 -8.18 -7.77 -45.24
N ILE D 220 -8.41 -6.48 -45.00
CA ILE D 220 -7.58 -5.72 -44.07
C ILE D 220 -8.13 -5.93 -42.65
N HIS D 221 -7.31 -6.54 -41.79
CA HIS D 221 -7.78 -6.95 -40.46
C HIS D 221 -7.87 -5.77 -39.49
N ILE D 222 -6.88 -4.89 -39.52
CA ILE D 222 -6.89 -3.66 -38.74
C ILE D 222 -6.68 -2.48 -39.68
N PRO D 223 -7.74 -1.67 -39.89
CA PRO D 223 -7.62 -0.47 -40.73
C PRO D 223 -6.66 0.55 -40.15
N LYS D 224 -6.04 1.33 -41.03
CA LYS D 224 -5.03 2.33 -40.64
C LYS D 224 -5.44 3.32 -39.55
N ILE D 225 -6.74 3.60 -39.44
CA ILE D 225 -7.24 4.50 -38.41
C ILE D 225 -6.77 4.10 -37.00
N TYR D 226 -6.64 2.80 -36.75
CA TYR D 226 -6.21 2.28 -35.46
C TYR D 226 -4.70 2.27 -35.25
N VAL D 227 -3.94 2.32 -36.33
CA VAL D 227 -2.48 2.19 -36.28
C VAL D 227 -1.81 3.56 -36.23
N HIS D 228 -1.28 3.93 -35.07
CA HIS D 228 -0.72 5.28 -34.87
C HIS D 228 0.77 5.33 -35.19
N ARG D 229 1.51 4.30 -34.78
CA ARG D 229 2.94 4.20 -35.06
C ARG D 229 3.24 2.82 -35.60
N LEU D 230 4.00 2.77 -36.69
CA LEU D 230 4.33 1.51 -37.36
C LEU D 230 5.84 1.37 -37.49
N VAL D 231 6.35 0.20 -37.14
CA VAL D 231 7.78 -0.09 -37.26
C VAL D 231 7.97 -1.47 -37.91
N LYS D 232 8.98 -1.59 -38.78
CA LYS D 232 9.34 -2.89 -39.32
C LYS D 232 10.33 -3.54 -38.38
N GLY D 233 9.98 -4.71 -37.87
CA GLY D 233 10.79 -5.38 -36.87
C GLY D 233 12.12 -5.83 -37.44
N GLU D 234 13.19 -5.57 -36.68
CA GLU D 234 14.56 -5.88 -37.10
C GLU D 234 14.84 -7.38 -37.03
N LYS D 235 14.46 -8.00 -35.92
CA LYS D 235 14.76 -9.41 -35.67
C LYS D 235 13.51 -10.20 -35.29
N TYR D 236 13.29 -11.33 -35.96
CA TYR D 236 12.19 -12.24 -35.63
C TYR D 236 12.71 -13.66 -35.42
N GLU D 237 12.72 -14.10 -34.16
CA GLU D 237 13.36 -15.36 -33.78
C GLU D 237 12.48 -16.59 -33.98
N LYS D 238 11.22 -16.40 -34.36
CA LYS D 238 10.30 -17.51 -34.66
C LYS D 238 10.32 -18.56 -33.56
N ARG D 239 10.32 -18.11 -32.30
CA ARG D 239 10.47 -19.02 -31.16
C ARG D 239 9.24 -19.87 -30.92
N ILE D 240 9.47 -21.15 -30.62
CA ILE D 240 8.41 -22.12 -30.37
C ILE D 240 8.55 -22.61 -28.93
N GLU D 241 7.48 -22.45 -28.15
CA GLU D 241 7.49 -22.83 -26.75
C GLU D 241 7.43 -24.34 -26.55
N ARG D 242 6.46 -24.99 -27.17
CA ARG D 242 6.31 -26.45 -27.10
C ARG D 242 6.29 -27.07 -28.50
N LEU D 243 7.44 -27.61 -28.91
CA LEU D 243 7.58 -28.30 -30.19
C LEU D 243 6.94 -29.69 -30.09
N SER D 244 5.80 -29.86 -30.75
CA SER D 244 5.06 -31.12 -30.75
C SER D 244 4.96 -31.61 -32.18
N VAL D 245 5.81 -32.56 -32.56
CA VAL D 245 5.84 -33.08 -33.93
C VAL D 245 5.34 -34.51 -33.96
N ARG D 246 4.45 -34.80 -34.90
CA ARG D 246 3.91 -36.16 -35.09
C ARG D 246 4.98 -37.08 -35.69
N ASP D 260 -2.14 -44.66 -18.77
CA ASP D 260 -2.40 -46.07 -18.46
C ASP D 260 -3.73 -46.52 -19.06
N ASN D 261 -4.05 -47.81 -18.88
CA ASN D 261 -5.33 -48.38 -19.32
C ASN D 261 -6.56 -47.69 -18.74
N VAL D 262 -6.43 -47.13 -17.52
CA VAL D 262 -7.52 -46.43 -16.86
C VAL D 262 -7.80 -45.08 -17.54
N ARG D 263 -6.75 -44.32 -17.83
CA ARG D 263 -6.89 -43.11 -18.65
C ARG D 263 -7.45 -43.44 -20.02
N GLU D 264 -6.89 -44.49 -20.63
CA GLU D 264 -7.32 -44.96 -21.95
C GLU D 264 -8.82 -45.31 -21.95
N ARG D 265 -9.32 -45.76 -20.80
CA ARG D 265 -10.73 -46.07 -20.62
C ARG D 265 -11.60 -44.82 -20.73
N ILE D 266 -11.20 -43.77 -20.02
CA ILE D 266 -11.92 -42.48 -20.05
C ILE D 266 -11.86 -41.85 -21.46
N ILE D 267 -10.70 -41.93 -22.10
CA ILE D 267 -10.50 -41.40 -23.45
C ILE D 267 -11.44 -42.06 -24.46
N LYS D 268 -11.51 -43.38 -24.42
CA LYS D 268 -12.35 -44.14 -25.35
C LYS D 268 -13.85 -43.91 -25.16
N ARG D 269 -14.26 -43.56 -23.94
CA ARG D 269 -15.66 -43.22 -23.69
C ARG D 269 -15.91 -41.77 -24.08
N ALA D 270 -14.97 -40.90 -23.73
CA ALA D 270 -15.02 -39.49 -24.15
C ALA D 270 -15.15 -39.38 -25.67
N ALA D 271 -14.45 -40.24 -26.40
CA ALA D 271 -14.51 -40.28 -27.85
C ALA D 271 -15.92 -40.53 -28.40
N LEU D 272 -16.79 -41.16 -27.61
CA LEU D 272 -18.18 -41.38 -28.05
C LEU D 272 -19.06 -40.13 -27.97
N GLU D 273 -18.55 -39.05 -27.39
CA GLU D 273 -19.28 -37.78 -27.33
C GLU D 273 -19.32 -37.05 -28.67
N PHE D 274 -18.38 -37.36 -29.56
CA PHE D 274 -18.30 -36.69 -30.85
C PHE D 274 -19.37 -37.15 -31.82
N GLU D 275 -20.04 -36.19 -32.45
CA GLU D 275 -21.03 -36.45 -33.49
C GLU D 275 -20.57 -35.83 -34.80
N ASP D 276 -21.18 -36.27 -35.89
CA ASP D 276 -20.83 -35.75 -37.21
C ASP D 276 -21.36 -34.34 -37.39
N GLY D 277 -20.47 -33.43 -37.80
CA GLY D 277 -20.81 -32.02 -37.96
C GLY D 277 -20.78 -31.21 -36.67
N MET D 278 -20.20 -31.79 -35.63
CA MET D 278 -20.14 -31.15 -34.32
C MET D 278 -19.04 -30.09 -34.27
N TYR D 279 -19.32 -29.01 -33.53
CA TYR D 279 -18.31 -28.02 -33.17
C TYR D 279 -17.92 -28.25 -31.72
N ALA D 280 -16.63 -28.52 -31.49
CA ALA D 280 -16.14 -28.83 -30.16
C ALA D 280 -14.90 -28.05 -29.76
N ASN D 281 -14.82 -27.70 -28.48
CA ASN D 281 -13.60 -27.18 -27.91
C ASN D 281 -13.12 -28.17 -26.86
N LEU D 282 -11.94 -28.73 -27.11
CA LEU D 282 -11.40 -29.81 -26.28
C LEU D 282 -10.25 -29.30 -25.43
N GLY D 283 -10.27 -29.62 -24.15
CA GLY D 283 -9.24 -29.20 -23.22
C GLY D 283 -8.00 -30.08 -23.26
N ILE D 284 -6.92 -29.56 -22.69
CA ILE D 284 -5.64 -30.28 -22.61
C ILE D 284 -5.79 -31.65 -21.92
N GLY D 285 -5.08 -32.65 -22.44
CA GLY D 285 -5.08 -33.98 -21.85
C GLY D 285 -6.11 -34.90 -22.47
N ILE D 286 -6.93 -35.52 -21.62
CA ILE D 286 -7.87 -36.58 -22.04
C ILE D 286 -8.82 -36.16 -23.18
N PRO D 287 -9.44 -34.96 -23.05
CA PRO D 287 -10.41 -34.55 -24.09
C PRO D 287 -9.78 -34.45 -25.48
N LEU D 288 -8.60 -33.83 -25.56
CA LEU D 288 -7.91 -33.67 -26.84
C LEU D 288 -7.45 -35.01 -27.40
N LEU D 289 -6.98 -35.90 -26.52
CA LEU D 289 -6.59 -37.26 -26.91
C LEU D 289 -7.76 -38.10 -27.46
N ALA D 290 -8.96 -37.84 -26.96
CA ALA D 290 -10.17 -38.52 -27.43
C ALA D 290 -10.47 -38.21 -28.91
N SER D 291 -9.98 -37.07 -29.40
CA SER D 291 -10.18 -36.68 -30.81
C SER D 291 -9.44 -37.58 -31.81
N ASN D 292 -8.39 -38.27 -31.33
CA ASN D 292 -7.66 -39.24 -32.15
C ASN D 292 -8.54 -40.42 -32.54
N PHE D 293 -9.52 -40.74 -31.69
CA PHE D 293 -10.39 -41.90 -31.90
C PHE D 293 -11.63 -41.59 -32.76
N ILE D 294 -11.78 -40.34 -33.18
CA ILE D 294 -12.88 -39.96 -34.06
C ILE D 294 -12.73 -40.68 -35.40
N SER D 295 -13.83 -41.21 -35.93
CA SER D 295 -13.80 -41.92 -37.19
C SER D 295 -13.47 -40.98 -38.36
N PRO D 296 -12.72 -41.47 -39.37
CA PRO D 296 -12.44 -40.67 -40.57
C PRO D 296 -13.70 -40.26 -41.34
N ASN D 297 -14.74 -41.09 -41.27
CA ASN D 297 -16.04 -40.79 -41.87
C ASN D 297 -16.82 -39.71 -41.12
N MET D 298 -16.42 -39.44 -39.87
CA MET D 298 -17.05 -38.40 -39.07
C MET D 298 -16.28 -37.08 -39.21
N THR D 299 -17.02 -36.00 -39.39
CA THR D 299 -16.45 -34.66 -39.49
C THR D 299 -16.70 -33.89 -38.19
N VAL D 300 -15.62 -33.59 -37.46
CA VAL D 300 -15.70 -32.79 -36.23
C VAL D 300 -14.80 -31.59 -36.35
N HIS D 301 -15.37 -30.40 -36.21
CA HIS D 301 -14.61 -29.16 -36.32
C HIS D 301 -14.20 -28.69 -34.93
N LEU D 302 -12.89 -28.62 -34.71
CA LEU D 302 -12.35 -28.27 -33.41
C LEU D 302 -12.02 -26.79 -33.32
N GLN D 303 -12.51 -26.15 -32.25
CA GLN D 303 -12.34 -24.72 -32.01
C GLN D 303 -11.26 -24.50 -30.98
N SER D 304 -10.44 -23.46 -31.19
CA SER D 304 -9.39 -23.11 -30.24
C SER D 304 -9.59 -21.68 -29.81
N GLU D 305 -9.48 -21.46 -28.50
CA GLU D 305 -9.83 -20.17 -27.90
C GLU D 305 -8.86 -19.06 -28.32
N ASN D 306 -7.62 -19.41 -28.63
CA ASN D 306 -6.67 -18.44 -29.18
C ASN D 306 -7.03 -17.95 -30.60
N GLY D 307 -8.08 -18.50 -31.19
CA GLY D 307 -8.72 -17.90 -32.36
C GLY D 307 -8.61 -18.72 -33.65
N ILE D 308 -8.89 -20.02 -33.53
CA ILE D 308 -8.85 -20.92 -34.67
C ILE D 308 -10.09 -21.78 -34.64
N LEU D 309 -10.65 -22.02 -35.83
CA LEU D 309 -11.68 -23.03 -36.03
C LEU D 309 -11.18 -23.97 -37.12
N GLY D 310 -11.14 -25.26 -36.80
CA GLY D 310 -10.69 -26.29 -37.75
C GLY D 310 -9.33 -26.89 -37.44
N LEU D 311 -9.01 -27.03 -36.14
CA LEU D 311 -7.74 -27.63 -35.72
C LEU D 311 -7.55 -29.01 -36.31
N GLY D 312 -6.34 -29.27 -36.78
CA GLY D 312 -5.94 -30.60 -37.26
C GLY D 312 -4.96 -31.25 -36.30
N PRO D 313 -4.24 -32.28 -36.77
CA PRO D 313 -3.25 -32.97 -35.94
C PRO D 313 -1.97 -32.15 -35.75
N TYR D 314 -1.06 -32.67 -34.91
CA TYR D 314 0.26 -32.06 -34.76
C TYR D 314 1.03 -32.14 -36.08
N PRO D 315 1.89 -31.15 -36.34
CA PRO D 315 2.58 -31.07 -37.62
C PRO D 315 3.72 -32.09 -37.76
N LEU D 316 3.98 -32.48 -39.00
CA LEU D 316 5.24 -33.12 -39.34
C LEU D 316 6.34 -32.06 -39.23
N GLN D 317 7.59 -32.51 -39.14
CA GLN D 317 8.72 -31.59 -38.97
C GLN D 317 8.66 -30.45 -39.98
N ASN D 318 8.26 -30.81 -41.22
CA ASN D 318 8.17 -29.89 -42.36
C ASN D 318 6.95 -28.95 -42.39
N GLU D 319 6.05 -29.14 -41.43
CA GLU D 319 4.83 -28.34 -41.32
C GLU D 319 4.83 -27.38 -40.14
N VAL D 320 5.87 -27.41 -39.31
CA VAL D 320 5.92 -26.62 -38.08
C VAL D 320 5.91 -25.12 -38.36
N ASP D 321 5.19 -24.37 -37.52
CA ASP D 321 5.00 -22.92 -37.69
C ASP D 321 4.83 -22.22 -36.34
N ALA D 322 5.60 -21.16 -36.12
CA ALA D 322 5.56 -20.41 -34.86
C ALA D 322 4.25 -19.64 -34.69
N ASP D 323 3.61 -19.32 -35.82
CA ASP D 323 2.37 -18.55 -35.84
C ASP D 323 1.12 -19.41 -35.67
N LEU D 324 1.28 -20.73 -35.55
CA LEU D 324 0.13 -21.63 -35.45
C LEU D 324 0.26 -22.60 -34.28
N ILE D 325 -0.29 -22.21 -33.14
CA ILE D 325 -0.30 -23.06 -31.95
C ILE D 325 -1.73 -23.25 -31.43
N ASN D 326 -1.93 -24.29 -30.63
CA ASN D 326 -3.23 -24.53 -29.96
C ASN D 326 -3.28 -23.90 -28.57
N ALA D 327 -4.42 -24.05 -27.89
CA ALA D 327 -4.65 -23.39 -26.60
C ALA D 327 -3.63 -23.80 -25.55
N GLY D 328 -3.05 -25.00 -25.72
CA GLY D 328 -2.00 -25.48 -24.83
C GLY D 328 -0.59 -25.01 -25.16
N LYS D 329 -0.49 -24.06 -26.10
CA LYS D 329 0.79 -23.50 -26.56
C LYS D 329 1.60 -24.49 -27.41
N GLU D 330 0.98 -25.58 -27.85
CA GLU D 330 1.65 -26.58 -28.69
C GLU D 330 1.51 -26.23 -30.15
N THR D 331 2.54 -26.50 -30.93
CA THR D 331 2.46 -26.33 -32.39
C THR D 331 1.43 -27.32 -32.95
N VAL D 332 0.57 -26.82 -33.84
CA VAL D 332 -0.48 -27.64 -34.45
C VAL D 332 -0.56 -27.38 -35.95
N THR D 333 -1.52 -28.04 -36.60
CA THR D 333 -1.88 -27.73 -37.97
C THR D 333 -3.36 -27.43 -38.01
N VAL D 334 -3.84 -27.03 -39.19
CA VAL D 334 -5.27 -26.82 -39.44
C VAL D 334 -5.71 -27.67 -40.64
N LEU D 335 -6.97 -28.08 -40.61
CA LEU D 335 -7.57 -28.84 -41.69
C LEU D 335 -8.06 -27.90 -42.78
N PRO D 336 -8.47 -28.44 -43.95
CA PRO D 336 -9.05 -27.59 -44.99
C PRO D 336 -10.35 -26.94 -44.52
N GLY D 337 -10.58 -25.69 -44.91
CA GLY D 337 -11.79 -24.98 -44.54
C GLY D 337 -11.73 -24.31 -43.17
N ALA D 338 -10.55 -24.30 -42.56
CA ALA D 338 -10.33 -23.64 -41.28
C ALA D 338 -10.32 -22.12 -41.45
N SER D 339 -10.52 -21.43 -40.32
CA SER D 339 -10.50 -19.98 -40.27
C SER D 339 -9.78 -19.49 -39.02
N TYR D 340 -9.31 -18.26 -39.09
CA TYR D 340 -8.65 -17.61 -37.98
C TYR D 340 -9.43 -16.37 -37.59
N PHE D 341 -9.38 -16.01 -36.31
CA PHE D 341 -10.10 -14.81 -35.82
C PHE D 341 -9.47 -14.29 -34.54
N SER D 342 -9.89 -13.10 -34.13
CA SER D 342 -9.34 -12.47 -32.94
C SER D 342 -9.83 -13.17 -31.68
N SER D 343 -9.27 -12.77 -30.54
CA SER D 343 -9.64 -13.35 -29.24
C SER D 343 -11.04 -12.91 -28.80
N ASP D 344 -11.32 -11.62 -28.91
CA ASP D 344 -12.67 -11.10 -28.61
C ASP D 344 -13.74 -11.87 -29.37
N GLU D 345 -13.45 -12.17 -30.63
CA GLU D 345 -14.38 -12.90 -31.49
C GLU D 345 -14.48 -14.37 -31.07
N SER D 346 -13.35 -14.97 -30.68
CA SER D 346 -13.31 -16.37 -30.26
C SER D 346 -14.20 -16.54 -29.04
N PHE D 347 -14.14 -15.59 -28.12
CA PHE D 347 -14.97 -15.71 -26.92
C PHE D 347 -16.40 -15.19 -27.11
N ALA D 348 -16.65 -14.38 -28.14
CA ALA D 348 -18.02 -14.12 -28.56
C ALA D 348 -18.64 -15.44 -29.01
N MET D 349 -17.87 -16.19 -29.82
CA MET D 349 -18.22 -17.53 -30.27
C MET D 349 -18.56 -18.45 -29.11
N ILE D 350 -17.63 -18.58 -28.16
CA ILE D 350 -17.76 -19.46 -27.01
C ILE D 350 -18.88 -18.99 -26.09
N ARG D 351 -18.79 -17.73 -25.65
CA ARG D 351 -19.75 -17.17 -24.68
C ARG D 351 -21.19 -17.18 -25.22
N GLY D 352 -21.33 -17.12 -26.55
CA GLY D 352 -22.64 -17.13 -27.20
C GLY D 352 -23.29 -18.49 -27.32
N GLY D 353 -22.58 -19.54 -26.93
CA GLY D 353 -23.10 -20.90 -27.04
C GLY D 353 -23.03 -21.51 -28.44
N HIS D 354 -22.12 -21.02 -29.28
CA HIS D 354 -22.04 -21.51 -30.67
C HIS D 354 -21.34 -22.86 -30.78
N VAL D 355 -20.42 -23.12 -29.86
CA VAL D 355 -19.71 -24.39 -29.79
C VAL D 355 -20.62 -25.43 -29.13
N ASN D 356 -20.80 -26.57 -29.79
CA ASN D 356 -21.80 -27.57 -29.38
C ASN D 356 -21.39 -28.31 -28.11
N LEU D 357 -20.11 -28.64 -28.02
CA LEU D 357 -19.56 -29.44 -26.92
C LEU D 357 -18.26 -28.81 -26.42
N THR D 358 -18.21 -28.51 -25.13
CA THR D 358 -16.94 -28.25 -24.46
C THR D 358 -16.61 -29.44 -23.57
N MET D 359 -15.40 -29.97 -23.73
CA MET D 359 -14.97 -31.14 -22.98
C MET D 359 -13.63 -30.83 -22.31
N LEU D 360 -13.63 -30.83 -20.99
CA LEU D 360 -12.45 -30.48 -20.23
C LEU D 360 -12.28 -31.38 -19.02
N GLY D 361 -11.09 -31.35 -18.43
CA GLY D 361 -10.82 -32.07 -17.20
C GLY D 361 -11.43 -31.35 -16.00
N ALA D 362 -11.37 -31.98 -14.84
CA ALA D 362 -11.84 -31.33 -13.61
C ALA D 362 -11.12 -31.91 -12.40
N MET D 363 -11.06 -31.10 -11.35
CA MET D 363 -10.56 -31.56 -10.05
C MET D 363 -11.74 -31.99 -9.20
N GLN D 364 -12.84 -31.23 -9.27
CA GLN D 364 -14.05 -31.51 -8.50
C GLN D 364 -15.32 -31.14 -9.26
N VAL D 365 -16.33 -32.01 -9.19
CA VAL D 365 -17.67 -31.67 -9.67
C VAL D 365 -18.67 -31.85 -8.52
N SER D 366 -19.65 -30.97 -8.43
CA SER D 366 -20.67 -31.09 -7.39
C SER D 366 -21.93 -31.77 -7.93
N LYS D 367 -22.85 -32.05 -7.01
CA LYS D 367 -24.12 -32.75 -7.28
C LYS D 367 -24.94 -32.10 -8.40
N TYR D 368 -24.93 -30.77 -8.44
CA TYR D 368 -25.74 -30.01 -9.38
C TYR D 368 -24.93 -29.41 -10.54
N GLY D 369 -23.66 -29.76 -10.63
CA GLY D 369 -22.83 -29.38 -11.78
C GLY D 369 -21.88 -28.22 -11.60
N ASP D 370 -21.65 -27.80 -10.35
CA ASP D 370 -20.58 -26.84 -10.05
C ASP D 370 -19.26 -27.50 -10.45
N LEU D 371 -18.30 -26.69 -10.91
CA LEU D 371 -17.02 -27.20 -11.42
C LEU D 371 -15.87 -26.45 -10.76
N ALA D 372 -14.83 -27.18 -10.36
CA ALA D 372 -13.57 -26.59 -9.89
C ALA D 372 -12.42 -27.21 -10.69
N ASN D 373 -11.72 -26.40 -11.48
CA ASN D 373 -10.63 -26.93 -12.29
C ASN D 373 -9.53 -25.93 -12.63
N TRP D 374 -9.36 -24.90 -11.81
CA TRP D 374 -8.36 -23.85 -12.10
C TRP D 374 -7.44 -23.43 -10.95
N MET D 375 -7.80 -23.74 -9.70
CA MET D 375 -7.03 -23.27 -8.55
C MET D 375 -7.01 -24.25 -7.37
N ILE D 376 -5.79 -24.47 -6.84
CA ILE D 376 -5.57 -25.18 -5.58
C ILE D 376 -4.79 -24.19 -4.70
N PRO D 377 -5.47 -23.51 -3.77
CA PRO D 377 -4.86 -22.40 -3.01
C PRO D 377 -3.52 -22.76 -2.36
N GLY D 378 -2.51 -21.93 -2.59
CA GLY D 378 -1.15 -22.19 -2.10
C GLY D 378 -0.47 -23.36 -2.78
N LYS D 379 -0.82 -23.62 -4.04
CA LYS D 379 -0.23 -24.73 -4.80
C LYS D 379 -0.37 -24.51 -6.31
N LEU D 380 -1.61 -24.37 -6.77
CA LEU D 380 -1.91 -24.10 -8.17
C LEU D 380 -2.60 -22.74 -8.25
N VAL D 381 -1.86 -21.72 -8.67
CA VAL D 381 -2.43 -20.39 -8.93
C VAL D 381 -1.88 -19.84 -10.25
N LYS D 382 -2.08 -20.60 -11.33
CA LYS D 382 -1.65 -20.21 -12.67
C LYS D 382 -2.70 -19.38 -13.43
N GLY D 383 -3.88 -19.17 -12.83
CA GLY D 383 -4.99 -18.47 -13.49
C GLY D 383 -6.01 -19.42 -14.09
N MET D 384 -7.14 -18.87 -14.54
CA MET D 384 -8.25 -19.70 -15.06
C MET D 384 -8.27 -19.83 -16.59
N GLY D 385 -7.55 -18.97 -17.29
CA GLY D 385 -7.54 -19.00 -18.74
C GLY D 385 -8.94 -18.78 -19.30
N GLY D 386 -9.31 -19.57 -20.30
CA GLY D 386 -10.63 -19.47 -20.90
C GLY D 386 -11.64 -20.45 -20.30
N ALA D 387 -11.22 -21.18 -19.26
CA ALA D 387 -12.05 -22.21 -18.64
C ALA D 387 -13.39 -21.68 -18.12
N MET D 388 -13.41 -20.46 -17.59
CA MET D 388 -14.65 -19.90 -17.01
C MET D 388 -15.63 -19.46 -18.12
N ASP D 389 -15.10 -19.00 -19.24
CA ASP D 389 -15.97 -18.66 -20.36
C ASP D 389 -16.51 -19.92 -21.04
N LEU D 390 -15.70 -20.98 -21.06
CA LEU D 390 -16.04 -22.22 -21.76
C LEU D 390 -17.22 -22.99 -21.14
N VAL D 391 -17.53 -22.70 -19.88
CA VAL D 391 -18.63 -23.35 -19.17
C VAL D 391 -19.75 -22.37 -18.86
N SER D 392 -19.68 -21.17 -19.44
CA SER D 392 -20.60 -20.08 -19.09
C SER D 392 -21.95 -20.20 -19.81
N SER D 393 -21.96 -20.81 -20.99
CA SER D 393 -23.18 -20.94 -21.78
C SER D 393 -24.02 -22.16 -21.39
N ALA D 394 -25.34 -21.99 -21.37
CA ALA D 394 -26.27 -23.10 -21.15
C ALA D 394 -26.53 -23.87 -22.44
N LYS D 395 -26.28 -23.24 -23.58
CA LYS D 395 -26.51 -23.88 -24.88
C LYS D 395 -25.43 -24.91 -25.21
N THR D 396 -24.24 -24.73 -24.65
CA THR D 396 -23.10 -25.62 -24.94
C THR D 396 -23.09 -26.77 -23.95
N LYS D 397 -23.02 -27.98 -24.46
CA LYS D 397 -22.93 -29.16 -23.60
C LYS D 397 -21.53 -29.23 -23.00
N VAL D 398 -21.45 -29.11 -21.67
CA VAL D 398 -20.17 -29.22 -20.97
C VAL D 398 -20.01 -30.62 -20.41
N VAL D 399 -18.99 -31.33 -20.89
CA VAL D 399 -18.71 -32.71 -20.46
C VAL D 399 -17.35 -32.75 -19.77
N VAL D 400 -17.36 -33.24 -18.52
CA VAL D 400 -16.13 -33.37 -17.73
C VAL D 400 -15.55 -34.78 -17.86
N THR D 401 -14.21 -34.85 -17.97
CA THR D 401 -13.50 -36.12 -18.03
C THR D 401 -12.45 -36.18 -16.94
N MET D 402 -12.57 -37.15 -16.03
CA MET D 402 -11.64 -37.24 -14.91
C MET D 402 -11.62 -38.62 -14.26
N GLU D 403 -10.58 -38.88 -13.48
CA GLU D 403 -10.56 -40.02 -12.56
C GLU D 403 -11.67 -39.85 -11.55
N HIS D 404 -12.29 -40.95 -11.15
CA HIS D 404 -13.45 -40.90 -10.28
C HIS D 404 -13.10 -40.37 -8.89
N SER D 405 -12.00 -40.88 -8.31
CA SER D 405 -11.59 -40.50 -6.96
C SER D 405 -10.16 -39.96 -6.93
N ALA D 406 -9.83 -39.30 -5.82
CA ALA D 406 -8.52 -38.70 -5.62
C ALA D 406 -7.66 -39.55 -4.69
N LYS D 407 -6.51 -39.01 -4.30
CA LYS D 407 -5.57 -39.71 -3.40
C LYS D 407 -6.23 -40.11 -2.09
N GLY D 408 -6.01 -41.36 -1.67
CA GLY D 408 -6.64 -41.92 -0.48
C GLY D 408 -8.11 -42.20 -0.70
N ASN D 409 -8.47 -42.50 -1.95
CA ASN D 409 -9.86 -42.64 -2.39
C ASN D 409 -10.75 -41.49 -1.90
N ALA D 410 -10.21 -40.26 -1.92
CA ALA D 410 -10.95 -39.07 -1.55
C ALA D 410 -11.91 -38.69 -2.67
N HIS D 411 -13.04 -38.09 -2.31
CA HIS D 411 -14.08 -37.77 -3.28
C HIS D 411 -13.70 -36.62 -4.22
N LYS D 412 -14.01 -36.78 -5.50
CA LYS D 412 -13.95 -35.71 -6.48
C LYS D 412 -15.36 -35.30 -6.91
N ILE D 413 -16.28 -36.27 -6.95
CA ILE D 413 -17.72 -36.00 -7.13
C ILE D 413 -18.33 -35.88 -5.74
N MET D 414 -18.97 -34.75 -5.44
CA MET D 414 -19.38 -34.46 -4.06
C MET D 414 -20.57 -33.51 -3.94
N GLU D 415 -21.06 -33.32 -2.71
CA GLU D 415 -22.20 -32.44 -2.42
C GLU D 415 -21.90 -31.01 -2.81
N LYS D 416 -20.77 -30.51 -2.31
CA LYS D 416 -20.28 -29.16 -2.64
C LYS D 416 -18.78 -29.23 -2.85
N CYS D 417 -18.30 -28.51 -3.85
CA CYS D 417 -16.87 -28.42 -4.11
C CYS D 417 -16.18 -27.71 -2.95
N THR D 418 -14.97 -28.15 -2.63
CA THR D 418 -14.14 -27.52 -1.60
C THR D 418 -13.08 -26.62 -2.23
N LEU D 419 -12.72 -26.90 -3.48
CA LEU D 419 -11.80 -26.06 -4.23
C LEU D 419 -12.55 -24.89 -4.87
N PRO D 420 -11.82 -23.81 -5.24
CA PRO D 420 -12.42 -22.65 -5.92
C PRO D 420 -13.13 -22.98 -7.24
N LEU D 421 -14.31 -22.41 -7.42
CA LEU D 421 -15.18 -22.77 -8.55
C LEU D 421 -14.78 -22.10 -9.86
N THR D 422 -14.87 -22.87 -10.94
CA THR D 422 -14.78 -22.36 -12.30
C THR D 422 -16.16 -21.87 -12.75
N GLY D 423 -17.20 -22.55 -12.30
CA GLY D 423 -18.58 -22.15 -12.56
C GLY D 423 -19.58 -22.88 -11.69
N LYS D 424 -20.78 -22.33 -11.57
CA LYS D 424 -21.88 -22.94 -10.82
C LYS D 424 -22.89 -23.59 -11.76
N GLN D 425 -23.22 -24.84 -11.50
CA GLN D 425 -24.26 -25.55 -12.25
C GLN D 425 -24.01 -25.40 -13.75
N CYS D 426 -22.87 -25.94 -14.19
CA CYS D 426 -22.40 -25.75 -15.55
C CYS D 426 -21.97 -27.04 -16.27
N VAL D 427 -21.89 -28.14 -15.53
CA VAL D 427 -21.52 -29.44 -16.08
C VAL D 427 -22.79 -30.21 -16.42
N ASN D 428 -22.80 -30.80 -17.61
CA ASN D 428 -23.95 -31.58 -18.08
C ASN D 428 -23.72 -33.09 -17.99
N ARG D 429 -22.45 -33.51 -17.99
CA ARG D 429 -22.09 -34.93 -17.99
C ARG D 429 -20.70 -35.14 -17.40
N ILE D 430 -20.54 -36.22 -16.63
CA ILE D 430 -19.26 -36.56 -16.00
C ILE D 430 -18.86 -37.96 -16.46
N ILE D 431 -17.71 -38.07 -17.13
CA ILE D 431 -17.16 -39.36 -17.55
C ILE D 431 -15.97 -39.68 -16.67
N THR D 432 -16.03 -40.82 -15.98
CA THR D 432 -14.89 -41.34 -15.23
C THR D 432 -14.58 -42.75 -15.71
N GLU D 433 -13.56 -43.38 -15.14
CA GLU D 433 -13.20 -44.75 -15.49
C GLU D 433 -14.16 -45.80 -14.91
N LYS D 434 -14.97 -45.39 -13.94
CA LYS D 434 -15.94 -46.26 -13.28
C LYS D 434 -17.36 -46.08 -13.84
N ALA D 435 -17.75 -44.83 -14.08
CA ALA D 435 -19.14 -44.49 -14.40
C ALA D 435 -19.27 -43.32 -15.38
N VAL D 436 -20.48 -43.17 -15.93
CA VAL D 436 -20.88 -41.95 -16.65
C VAL D 436 -22.14 -41.39 -15.99
N PHE D 437 -22.11 -40.10 -15.64
CA PHE D 437 -23.24 -39.43 -14.98
C PHE D 437 -23.82 -38.34 -15.85
N ASP D 438 -25.16 -38.30 -15.92
CA ASP D 438 -25.85 -37.10 -16.40
C ASP D 438 -26.07 -36.19 -15.20
N VAL D 439 -25.85 -34.90 -15.40
CA VAL D 439 -25.96 -33.92 -14.33
C VAL D 439 -27.10 -32.97 -14.66
N ASP D 440 -27.97 -32.73 -13.67
CA ASP D 440 -29.04 -31.73 -13.80
C ASP D 440 -28.91 -30.68 -12.70
N ARG D 441 -29.22 -29.42 -13.04
CA ARG D 441 -29.09 -28.31 -12.11
C ARG D 441 -30.12 -28.35 -10.97
N LYS D 442 -31.24 -29.04 -11.21
CA LYS D 442 -32.32 -29.16 -10.23
C LYS D 442 -32.36 -30.56 -9.57
N LYS D 443 -32.19 -31.60 -10.37
CA LYS D 443 -32.38 -32.97 -9.89
C LYS D 443 -31.08 -33.70 -9.49
N GLY D 444 -29.93 -33.21 -9.95
CA GLY D 444 -28.64 -33.77 -9.56
C GLY D 444 -28.13 -34.84 -10.50
N LEU D 445 -27.44 -35.84 -9.94
CA LEU D 445 -26.77 -36.87 -10.73
C LEU D 445 -27.65 -38.06 -11.07
N THR D 446 -27.41 -38.63 -12.26
CA THR D 446 -28.05 -39.87 -12.70
C THR D 446 -27.03 -40.78 -13.37
N LEU D 447 -26.75 -41.93 -12.75
CA LEU D 447 -25.83 -42.90 -13.31
C LEU D 447 -26.45 -43.53 -14.56
N ILE D 448 -25.88 -43.24 -15.73
CA ILE D 448 -26.41 -43.76 -16.99
C ILE D 448 -25.54 -44.86 -17.62
N GLU D 449 -24.26 -44.89 -17.28
CA GLU D 449 -23.38 -46.00 -17.69
C GLU D 449 -22.50 -46.46 -16.54
N LEU D 450 -22.24 -47.76 -16.50
CA LEU D 450 -21.50 -48.39 -15.41
C LEU D 450 -20.44 -49.30 -16.01
N TRP D 451 -19.19 -49.14 -15.60
CA TRP D 451 -18.10 -49.98 -16.09
C TRP D 451 -18.28 -51.42 -15.64
N GLU D 452 -17.99 -52.36 -16.54
CA GLU D 452 -18.13 -53.78 -16.28
C GLU D 452 -17.31 -54.25 -15.07
N GLY D 453 -17.88 -55.16 -14.29
CA GLY D 453 -17.22 -55.64 -13.08
C GLY D 453 -17.53 -54.83 -11.84
N LEU D 454 -18.03 -53.61 -12.00
CA LEU D 454 -18.39 -52.74 -10.89
C LEU D 454 -19.89 -52.80 -10.63
N THR D 455 -20.28 -52.39 -9.42
CA THR D 455 -21.68 -52.36 -9.04
C THR D 455 -22.06 -50.96 -8.57
N VAL D 456 -23.37 -50.72 -8.45
CA VAL D 456 -23.88 -49.43 -7.98
C VAL D 456 -23.38 -49.09 -6.57
N ASP D 457 -23.16 -50.13 -5.75
CA ASP D 457 -22.59 -49.93 -4.40
C ASP D 457 -21.13 -49.46 -4.45
N ASP D 458 -20.37 -49.98 -5.40
CA ASP D 458 -18.98 -49.54 -5.62
C ASP D 458 -18.93 -48.03 -5.94
N ILE D 459 -19.88 -47.58 -6.77
CA ILE D 459 -19.99 -46.17 -7.15
C ILE D 459 -20.43 -45.29 -5.97
N LYS D 460 -21.32 -45.81 -5.14
CA LYS D 460 -21.83 -45.07 -3.96
C LYS D 460 -20.73 -44.71 -2.98
N LYS D 461 -19.82 -45.65 -2.72
CA LYS D 461 -18.72 -45.41 -1.78
C LYS D 461 -17.49 -44.76 -2.41
N SER D 462 -17.57 -44.44 -3.71
CA SER D 462 -16.56 -43.60 -4.37
C SER D 462 -17.12 -42.22 -4.74
N THR D 463 -18.36 -41.95 -4.31
CA THR D 463 -19.05 -40.71 -4.65
C THR D 463 -19.53 -40.00 -3.38
N GLY D 464 -19.22 -38.72 -3.26
CA GLY D 464 -19.48 -37.95 -2.04
C GLY D 464 -20.90 -37.41 -1.88
N CYS D 465 -21.76 -37.73 -2.83
CA CYS D 465 -23.17 -37.37 -2.76
C CYS D 465 -24.00 -38.53 -3.32
N ASP D 466 -25.30 -38.52 -3.02
CA ASP D 466 -26.20 -39.55 -3.54
C ASP D 466 -26.57 -39.27 -5.00
N PHE D 467 -27.16 -40.26 -5.66
CA PHE D 467 -27.51 -40.15 -7.07
C PHE D 467 -28.62 -41.12 -7.47
N ALA D 468 -29.44 -40.70 -8.43
CA ALA D 468 -30.43 -41.59 -9.03
C ALA D 468 -29.73 -42.56 -9.98
N VAL D 469 -30.34 -43.73 -10.18
CA VAL D 469 -29.87 -44.70 -11.14
C VAL D 469 -30.84 -44.74 -12.31
N SER D 470 -30.32 -44.74 -13.53
CA SER D 470 -31.14 -44.79 -14.72
C SER D 470 -31.76 -46.18 -14.86
N PRO D 471 -33.06 -46.25 -15.21
CA PRO D 471 -33.67 -47.55 -15.48
C PRO D 471 -33.13 -48.21 -16.77
N LYS D 472 -32.45 -47.43 -17.61
CA LYS D 472 -31.77 -47.98 -18.80
C LYS D 472 -30.25 -47.91 -18.66
N LEU D 473 -29.75 -48.12 -17.43
CA LEU D 473 -28.32 -48.23 -17.16
C LEU D 473 -27.70 -49.32 -18.03
N ILE D 474 -26.75 -48.95 -18.87
CA ILE D 474 -26.03 -49.91 -19.71
C ILE D 474 -24.58 -50.07 -19.21
N PRO D 475 -23.89 -51.13 -19.65
CA PRO D 475 -22.45 -51.18 -19.37
C PRO D 475 -21.72 -50.08 -20.14
N MET D 476 -20.64 -49.56 -19.58
CA MET D 476 -19.98 -48.39 -20.16
C MET D 476 -19.37 -48.69 -21.53
N GLN D 477 -19.59 -47.78 -22.47
CA GLN D 477 -19.18 -47.96 -23.86
C GLN D 477 -17.71 -47.61 -24.09
N GLN D 478 -17.13 -48.17 -25.15
CA GLN D 478 -15.76 -47.90 -25.55
C GLN D 478 -15.68 -47.87 -27.08
N LEU D 479 -15.00 -46.86 -27.62
CA LEU D 479 -14.75 -46.76 -29.07
C LEU D 479 -13.30 -47.16 -29.37
N GLU D 480 -13.12 -48.20 -30.17
CA GLU D 480 -11.79 -48.74 -30.46
C GLU D 480 -11.31 -48.29 -31.84
N THR E 1 4.79 -17.87 44.91
CA THR E 1 5.93 -17.71 45.84
C THR E 1 5.84 -18.74 46.95
N LYS E 2 6.85 -19.60 47.06
CA LYS E 2 6.93 -20.57 48.15
C LYS E 2 7.66 -19.97 49.33
N PHE E 3 7.03 -19.98 50.49
CA PHE E 3 7.62 -19.41 51.71
C PHE E 3 8.45 -20.45 52.45
N TYR E 4 9.60 -20.01 52.98
CA TYR E 4 10.49 -20.86 53.76
C TYR E 4 10.74 -20.23 55.14
N THR E 5 10.94 -21.10 56.14
CA THR E 5 11.34 -20.67 57.47
C THR E 5 12.85 -20.84 57.67
N ASP E 6 13.46 -21.71 56.87
CA ASP E 6 14.88 -22.04 56.97
C ASP E 6 15.60 -21.71 55.66
N ALA E 7 16.65 -20.89 55.75
CA ALA E 7 17.37 -20.40 54.59
C ALA E 7 18.14 -21.49 53.85
N VAL E 8 18.69 -22.45 54.59
CA VAL E 8 19.42 -23.58 54.00
C VAL E 8 18.49 -24.41 53.11
N GLU E 9 17.26 -24.61 53.59
CA GLU E 9 16.24 -25.34 52.83
C GLU E 9 15.93 -24.63 51.51
N ALA E 10 15.98 -23.30 51.53
CA ALA E 10 15.69 -22.48 50.35
C ALA E 10 16.79 -22.55 49.27
N VAL E 11 18.01 -22.92 49.65
CA VAL E 11 19.13 -22.90 48.73
C VAL E 11 19.86 -24.23 48.57
N LYS E 12 19.36 -25.28 49.22
CA LYS E 12 20.10 -26.55 49.29
C LYS E 12 20.25 -27.27 47.94
N ASP E 13 19.45 -26.87 46.94
CA ASP E 13 19.45 -27.55 45.65
C ASP E 13 20.30 -26.86 44.58
N ILE E 14 21.12 -25.89 44.98
CA ILE E 14 22.00 -25.23 44.03
C ILE E 14 23.15 -26.19 43.68
N PRO E 15 23.30 -26.51 42.38
CA PRO E 15 24.34 -27.44 41.97
C PRO E 15 25.72 -26.80 41.93
N ASN E 16 26.75 -27.63 42.04
CA ASN E 16 28.13 -27.18 41.85
C ASN E 16 28.26 -26.66 40.42
N GLY E 17 29.03 -25.60 40.22
CA GLY E 17 29.20 -25.01 38.89
C GLY E 17 28.08 -24.09 38.45
N ALA E 18 27.07 -23.89 39.30
CA ALA E 18 25.94 -23.03 38.99
C ALA E 18 26.38 -21.58 38.82
N THR E 19 25.63 -20.82 38.03
CA THR E 19 25.79 -19.37 37.97
C THR E 19 24.80 -18.77 38.95
N VAL E 20 25.29 -18.01 39.91
CA VAL E 20 24.44 -17.40 40.94
C VAL E 20 24.59 -15.89 40.93
N LEU E 21 23.48 -15.18 40.73
CA LEU E 21 23.47 -13.73 40.85
C LEU E 21 23.35 -13.39 42.34
N VAL E 22 24.15 -12.44 42.81
CA VAL E 22 24.10 -12.05 44.23
C VAL E 22 23.89 -10.55 44.38
N GLY E 23 22.80 -10.18 45.03
CA GLY E 23 22.45 -8.77 45.20
C GLY E 23 23.45 -8.03 46.07
N GLY E 24 23.57 -6.74 45.85
CA GLY E 24 24.32 -5.89 46.76
C GLY E 24 25.24 -4.90 46.11
N PHE E 25 25.36 -3.74 46.76
CA PHE E 25 26.37 -2.73 46.45
C PHE E 25 27.23 -2.60 47.70
N GLY E 26 28.48 -3.05 47.60
CA GLY E 26 29.35 -3.20 48.76
C GLY E 26 28.72 -4.13 49.79
N LEU E 27 28.38 -3.59 50.95
CA LEU E 27 27.65 -4.32 51.99
C LEU E 27 26.22 -3.80 52.13
N CYS E 28 25.81 -2.92 51.22
CA CYS E 28 24.48 -2.37 51.23
C CYS E 28 23.57 -3.23 50.37
N GLY E 29 22.56 -3.83 51.01
CA GLY E 29 21.60 -4.70 50.34
C GLY E 29 22.17 -6.05 49.93
N ILE E 30 22.99 -6.65 50.80
CA ILE E 30 23.52 -7.98 50.53
C ILE E 30 22.66 -9.04 51.20
N PRO E 31 22.51 -10.20 50.55
CA PRO E 31 21.74 -11.29 51.13
C PRO E 31 22.59 -12.12 52.12
N GLU E 32 22.80 -11.57 53.31
CA GLU E 32 23.76 -12.15 54.27
C GLU E 32 23.32 -13.51 54.86
N ASN E 33 22.03 -13.74 55.00
CA ASN E 33 21.52 -15.04 55.48
C ASN E 33 21.59 -16.14 54.41
N LEU E 34 21.40 -15.76 53.15
CA LEU E 34 21.50 -16.71 52.03
C LEU E 34 22.94 -17.06 51.75
N ILE E 35 23.82 -16.07 51.79
CA ILE E 35 25.26 -16.30 51.71
C ILE E 35 25.70 -17.20 52.87
N GLY E 36 25.15 -16.95 54.06
CA GLY E 36 25.42 -17.76 55.24
C GLY E 36 24.95 -19.20 55.07
N ALA E 37 23.80 -19.39 54.44
CA ALA E 37 23.31 -20.74 54.12
C ALA E 37 24.18 -21.45 53.08
N LEU E 38 24.81 -20.70 52.18
CA LEU E 38 25.70 -21.30 51.17
C LEU E 38 27.01 -21.79 51.78
N LEU E 39 27.42 -21.19 52.90
CA LEU E 39 28.57 -21.69 53.62
C LEU E 39 28.27 -23.08 54.18
N LYS E 40 27.07 -23.26 54.72
CA LYS E 40 26.65 -24.54 55.30
C LYS E 40 26.47 -25.65 54.27
N THR E 41 25.84 -25.35 53.14
CA THR E 41 25.66 -26.34 52.07
C THR E 41 26.99 -26.72 51.45
N GLY E 42 27.87 -25.74 51.29
CA GLY E 42 29.20 -25.98 50.76
C GLY E 42 29.25 -26.16 49.25
N VAL E 43 28.22 -25.69 48.55
CA VAL E 43 28.21 -25.74 47.09
C VAL E 43 29.43 -25.00 46.56
N LYS E 44 30.04 -25.52 45.48
CA LYS E 44 31.34 -25.04 45.02
C LYS E 44 31.41 -24.85 43.50
N GLU E 45 32.53 -24.28 43.04
CA GLU E 45 32.78 -23.98 41.62
C GLU E 45 31.77 -22.99 41.01
N LEU E 46 31.19 -22.14 41.87
CA LEU E 46 30.17 -21.18 41.44
C LEU E 46 30.73 -20.09 40.54
N THR E 47 29.92 -19.68 39.55
CA THR E 47 30.16 -18.41 38.86
C THR E 47 29.25 -17.39 39.50
N ALA E 48 29.82 -16.52 40.32
CA ALA E 48 29.04 -15.58 41.12
C ALA E 48 28.98 -14.23 40.43
N VAL E 49 27.78 -13.85 39.97
CA VAL E 49 27.56 -12.55 39.36
C VAL E 49 27.13 -11.61 40.48
N SER E 50 27.99 -10.64 40.77
CA SER E 50 27.81 -9.75 41.89
C SER E 50 28.59 -8.50 41.58
N ASN E 51 28.08 -7.34 41.98
CA ASN E 51 28.73 -6.10 41.62
C ASN E 51 30.11 -5.99 42.26
N ASN E 52 30.17 -6.30 43.54
CA ASN E 52 31.41 -6.28 44.30
C ASN E 52 31.63 -7.61 45.01
N ALA E 53 32.77 -7.73 45.68
CA ALA E 53 33.13 -8.94 46.42
C ALA E 53 32.97 -8.74 47.93
N GLY E 54 32.07 -7.86 48.34
CA GLY E 54 31.89 -7.54 49.76
C GLY E 54 33.18 -7.03 50.37
N VAL E 55 33.46 -7.46 51.59
CA VAL E 55 34.75 -7.21 52.23
C VAL E 55 35.44 -8.53 52.52
N ASP E 56 36.69 -8.47 52.99
CA ASP E 56 37.48 -9.68 53.26
C ASP E 56 36.70 -10.75 54.00
N ASN E 57 35.97 -10.33 55.02
CA ASN E 57 35.38 -11.26 55.95
C ASN E 57 33.85 -11.17 56.04
N PHE E 58 33.22 -10.58 55.03
CA PHE E 58 31.76 -10.47 55.04
C PHE E 58 31.22 -10.30 53.64
N GLY E 59 29.93 -10.60 53.48
CA GLY E 59 29.29 -10.59 52.17
C GLY E 59 29.84 -11.72 51.32
N LEU E 60 30.08 -11.42 50.05
CA LEU E 60 30.54 -12.42 49.09
C LEU E 60 31.98 -12.88 49.40
N GLY E 61 32.75 -12.05 50.10
CA GLY E 61 34.10 -12.41 50.51
C GLY E 61 34.20 -13.68 51.36
N LEU E 62 33.16 -13.95 52.15
CA LEU E 62 33.06 -15.20 52.92
C LEU E 62 33.13 -16.45 52.03
N LEU E 63 32.48 -16.40 50.87
CA LEU E 63 32.47 -17.51 49.93
C LEU E 63 33.78 -17.61 49.16
N LEU E 64 34.50 -16.48 49.07
CA LEU E 64 35.86 -16.48 48.52
C LEU E 64 36.83 -17.07 49.53
N GLN E 65 36.54 -16.80 50.81
CA GLN E 65 37.33 -17.33 51.93
C GLN E 65 37.24 -18.86 51.96
N SER E 66 36.05 -19.39 51.69
CA SER E 66 35.81 -20.82 51.67
C SER E 66 36.06 -21.46 50.29
N LYS E 67 36.53 -20.66 49.34
CA LYS E 67 36.86 -21.11 47.98
C LYS E 67 35.71 -21.81 47.25
N GLN E 68 34.49 -21.36 47.51
CA GLN E 68 33.30 -21.89 46.86
C GLN E 68 33.02 -21.23 45.52
N ILE E 69 33.74 -20.14 45.19
CA ILE E 69 33.54 -19.39 43.96
C ILE E 69 34.69 -19.63 42.98
N LYS E 70 34.35 -20.04 41.76
CA LYS E 70 35.34 -20.27 40.70
C LYS E 70 35.55 -19.00 39.90
N ARG E 71 34.46 -18.39 39.45
CA ARG E 71 34.52 -17.15 38.67
C ARG E 71 33.66 -16.06 39.28
N MET E 72 34.17 -14.84 39.27
CA MET E 72 33.44 -13.64 39.67
C MET E 72 33.16 -12.80 38.43
N ILE E 73 31.91 -12.39 38.26
CA ILE E 73 31.57 -11.38 37.25
C ILE E 73 31.12 -10.13 38.01
N SER E 74 31.96 -9.09 37.95
CA SER E 74 31.88 -7.94 38.85
C SER E 74 32.41 -6.68 38.18
N SER E 75 32.08 -5.52 38.75
CA SER E 75 32.53 -4.24 38.22
C SER E 75 33.67 -3.63 39.05
N TYR E 76 33.68 -3.90 40.35
CA TYR E 76 34.63 -3.26 41.24
C TYR E 76 35.02 -4.17 42.42
N VAL E 77 36.32 -4.36 42.60
CA VAL E 77 36.85 -5.24 43.64
C VAL E 77 36.82 -4.58 45.01
N GLY E 78 37.36 -3.36 45.07
CA GLY E 78 37.26 -2.54 46.26
C GLY E 78 38.18 -3.00 47.36
N GLU E 79 37.65 -3.00 48.59
CA GLU E 79 38.45 -3.26 49.79
C GLU E 79 38.33 -4.73 50.22
N ASN E 80 38.70 -5.62 49.32
CA ASN E 80 38.78 -7.04 49.60
C ASN E 80 40.15 -7.55 49.18
N ALA E 81 41.07 -7.59 50.14
CA ALA E 81 42.44 -8.06 49.90
C ALA E 81 42.47 -9.53 49.46
N GLU E 82 41.59 -10.34 50.04
CA GLU E 82 41.51 -11.76 49.68
C GLU E 82 41.11 -11.93 48.22
N PHE E 83 40.15 -11.13 47.75
CA PHE E 83 39.75 -11.13 46.35
C PHE E 83 40.96 -10.83 45.47
N GLU E 84 41.64 -9.73 45.76
CA GLU E 84 42.79 -9.30 44.99
C GLU E 84 43.87 -10.36 44.98
N ARG E 85 44.10 -10.98 46.14
CA ARG E 85 45.10 -12.03 46.28
C ARG E 85 44.76 -13.22 45.38
N GLN E 86 43.57 -13.77 45.55
CA GLN E 86 43.14 -14.95 44.78
C GLN E 86 43.18 -14.69 43.27
N TYR E 87 42.76 -13.49 42.88
CA TYR E 87 42.75 -13.10 41.47
C TYR E 87 44.16 -12.99 40.91
N LEU E 88 45.03 -12.27 41.63
CA LEU E 88 46.43 -12.14 41.22
C LEU E 88 47.23 -13.45 41.33
N ALA E 89 46.84 -14.31 42.27
CA ALA E 89 47.50 -15.61 42.49
C ALA E 89 47.17 -16.66 41.41
N GLY E 90 46.07 -16.48 40.70
CA GLY E 90 45.63 -17.45 39.68
C GLY E 90 44.63 -18.46 40.21
N GLU E 91 44.07 -18.19 41.38
CA GLU E 91 43.10 -19.07 42.03
C GLU E 91 41.65 -18.74 41.66
N LEU E 92 41.40 -17.48 41.28
CA LEU E 92 40.05 -16.99 41.01
C LEU E 92 39.97 -16.38 39.62
N GLU E 93 38.93 -16.73 38.88
CA GLU E 93 38.65 -16.11 37.58
C GLU E 93 37.78 -14.87 37.80
N VAL E 94 38.07 -13.80 37.06
CA VAL E 94 37.36 -12.54 37.23
C VAL E 94 37.11 -11.79 35.93
N GLU E 95 35.84 -11.70 35.53
CA GLU E 95 35.42 -10.86 34.41
C GLU E 95 35.06 -9.49 34.92
N LEU E 96 36.01 -8.54 34.82
CA LEU E 96 35.73 -7.15 35.20
C LEU E 96 34.80 -6.53 34.15
N THR E 97 33.60 -6.15 34.59
CA THR E 97 32.52 -5.70 33.70
C THR E 97 32.03 -4.33 34.11
N PRO E 98 31.94 -3.38 33.16
CA PRO E 98 31.41 -2.07 33.52
C PRO E 98 30.07 -2.16 34.26
N GLN E 99 29.94 -1.41 35.37
CA GLN E 99 28.79 -1.56 36.27
C GLN E 99 27.44 -1.43 35.53
N GLY E 100 27.28 -0.37 34.76
CA GLY E 100 26.07 -0.19 33.98
C GLY E 100 25.83 -1.25 32.91
N THR E 101 26.92 -1.77 32.34
CA THR E 101 26.80 -2.88 31.40
C THR E 101 26.36 -4.15 32.12
N LEU E 102 26.95 -4.39 33.29
CA LEU E 102 26.53 -5.53 34.12
C LEU E 102 25.04 -5.42 34.45
N ALA E 103 24.57 -4.21 34.74
CA ALA E 103 23.17 -4.00 35.15
C ALA E 103 22.23 -4.20 33.98
N GLU E 104 22.63 -3.70 32.81
CA GLU E 104 21.79 -3.80 31.62
C GLU E 104 21.76 -5.22 31.06
N ARG E 105 22.87 -5.94 31.20
CA ARG E 105 22.94 -7.33 30.75
C ARG E 105 22.09 -8.24 31.63
N ILE E 106 22.06 -7.97 32.93
CA ILE E 106 21.17 -8.69 33.84
C ILE E 106 19.72 -8.39 33.49
N ARG E 107 19.42 -7.13 33.23
CA ARG E 107 18.08 -6.75 32.84
C ARG E 107 17.69 -7.49 31.56
N ALA E 108 18.53 -7.40 30.54
CA ALA E 108 18.27 -8.08 29.26
C ALA E 108 17.96 -9.54 29.50
N GLY E 109 18.72 -10.17 30.40
CA GLY E 109 18.55 -11.57 30.72
C GLY E 109 17.23 -11.94 31.36
N GLY E 110 16.57 -10.96 32.00
CA GLY E 110 15.23 -11.16 32.53
C GLY E 110 14.15 -10.66 31.61
N ALA E 111 14.50 -9.79 30.67
CA ALA E 111 13.53 -9.13 29.78
C ALA E 111 13.44 -9.74 28.37
N GLY E 112 14.07 -10.88 28.13
CA GLY E 112 13.98 -11.58 26.84
C GLY E 112 14.80 -10.96 25.72
N VAL E 113 15.78 -10.13 26.08
CA VAL E 113 16.68 -9.50 25.12
C VAL E 113 18.00 -10.26 25.22
N PRO E 114 18.44 -10.91 24.11
CA PRO E 114 19.68 -11.67 24.11
C PRO E 114 20.92 -10.78 24.05
N ALA E 115 20.80 -9.64 23.37
CA ALA E 115 21.93 -8.75 23.19
C ALA E 115 21.47 -7.34 22.86
N PHE E 116 22.36 -6.39 23.08
CA PHE E 116 22.06 -4.98 22.87
C PHE E 116 23.36 -4.24 22.70
N TYR E 117 23.27 -2.98 22.27
CA TYR E 117 24.44 -2.16 22.02
C TYR E 117 24.61 -1.06 23.05
N THR E 118 25.86 -0.74 23.36
CA THR E 118 26.20 0.31 24.29
C THR E 118 27.57 0.87 23.91
N SER E 119 27.79 2.15 24.16
CA SER E 119 29.10 2.78 23.89
C SER E 119 30.07 2.54 25.04
N THR E 120 29.56 2.13 26.21
CA THR E 120 30.38 1.84 27.38
C THR E 120 31.41 0.77 27.09
N GLY E 121 32.68 1.13 27.26
CA GLY E 121 33.78 0.20 27.05
C GLY E 121 34.37 0.23 25.65
N TYR E 122 33.83 1.05 24.76
CA TYR E 122 34.41 1.19 23.42
C TYR E 122 35.78 1.87 23.52
N GLY E 123 36.74 1.37 22.75
CA GLY E 123 38.12 1.87 22.77
C GLY E 123 38.90 1.47 24.01
N THR E 124 38.41 0.45 24.72
CA THR E 124 39.06 -0.06 25.93
C THR E 124 39.23 -1.58 25.78
N LEU E 125 39.80 -2.20 26.82
CA LEU E 125 39.99 -3.64 26.84
C LEU E 125 38.69 -4.44 26.82
N VAL E 126 37.58 -3.83 27.25
CA VAL E 126 36.29 -4.51 27.17
C VAL E 126 35.97 -4.76 25.69
N GLN E 127 36.10 -3.71 24.87
CA GLN E 127 35.81 -3.81 23.44
C GLN E 127 36.90 -4.58 22.69
N GLU E 128 38.15 -4.18 22.90
CA GLU E 128 39.27 -4.73 22.14
C GLU E 128 39.69 -6.12 22.60
N GLY E 129 39.29 -6.51 23.82
CA GLY E 129 39.67 -7.81 24.36
C GLY E 129 41.03 -7.75 25.03
N GLY E 130 41.44 -8.85 25.67
CA GLY E 130 42.72 -8.90 26.36
C GLY E 130 42.68 -8.49 27.82
N SER E 131 41.49 -8.32 28.39
CA SER E 131 41.36 -8.06 29.82
C SER E 131 41.61 -9.36 30.55
N PRO E 132 42.55 -9.37 31.52
CA PRO E 132 42.84 -10.61 32.22
C PRO E 132 41.66 -11.18 33.00
N ILE E 133 41.21 -12.38 32.61
CA ILE E 133 40.16 -13.10 33.32
C ILE E 133 40.78 -14.06 34.33
N LYS E 134 41.84 -14.75 33.91
CA LYS E 134 42.59 -15.62 34.80
C LYS E 134 44.10 -15.46 34.63
N TYR E 135 44.82 -15.49 35.74
CA TYR E 135 46.28 -15.47 35.74
C TYR E 135 46.84 -16.88 35.97
N ASN E 136 48.00 -17.14 35.40
CA ASN E 136 48.77 -18.35 35.72
C ASN E 136 49.53 -18.12 37.02
N LYS E 137 50.03 -19.19 37.62
CA LYS E 137 50.79 -19.11 38.87
C LYS E 137 52.06 -18.26 38.75
N ASP E 138 52.66 -18.24 37.57
CA ASP E 138 53.92 -17.52 37.34
C ASP E 138 53.75 -16.00 37.23
N GLY E 139 52.60 -15.55 36.73
CA GLY E 139 52.38 -14.13 36.47
C GLY E 139 52.04 -13.80 35.02
N SER E 140 51.94 -14.83 34.18
CA SER E 140 51.46 -14.66 32.82
C SER E 140 49.95 -14.89 32.79
N ILE E 141 49.29 -14.46 31.71
CA ILE E 141 47.85 -14.57 31.59
C ILE E 141 47.41 -15.98 31.19
N ALA E 142 46.51 -16.57 31.97
CA ALA E 142 45.92 -17.87 31.61
C ALA E 142 44.73 -17.70 30.67
N ILE E 143 43.76 -16.88 31.07
CA ILE E 143 42.58 -16.57 30.25
C ILE E 143 42.42 -15.07 30.07
N ALA E 144 42.21 -14.64 28.83
CA ALA E 144 41.99 -13.24 28.50
C ALA E 144 40.57 -13.06 27.97
N SER E 145 40.04 -11.84 28.07
CA SER E 145 38.68 -11.56 27.60
C SER E 145 38.65 -11.47 26.07
N LYS E 146 37.55 -11.93 25.49
CA LYS E 146 37.36 -11.87 24.05
C LYS E 146 36.81 -10.51 23.65
N PRO E 147 37.10 -10.08 22.40
CA PRO E 147 36.61 -8.78 21.96
C PRO E 147 35.09 -8.72 21.84
N ARG E 148 34.55 -7.51 21.88
CA ARG E 148 33.13 -7.30 21.62
C ARG E 148 33.00 -6.71 20.22
N GLU E 149 31.98 -7.16 19.49
CA GLU E 149 31.73 -6.67 18.15
C GLU E 149 31.38 -5.19 18.18
N VAL E 150 32.00 -4.42 17.31
CA VAL E 150 31.75 -2.99 17.20
C VAL E 150 30.78 -2.72 16.05
N ARG E 151 29.90 -1.75 16.24
CA ARG E 151 28.98 -1.34 15.19
C ARG E 151 28.64 0.14 15.32
N GLU E 152 28.50 0.81 14.19
CA GLU E 152 28.22 2.24 14.17
C GLU E 152 26.72 2.50 14.04
N PHE E 153 26.21 3.36 14.92
CA PHE E 153 24.83 3.85 14.86
C PHE E 153 24.85 5.36 14.94
N ASN E 154 24.24 6.03 13.96
CA ASN E 154 24.12 7.49 13.98
C ASN E 154 25.44 8.23 14.19
N GLY E 155 26.47 7.80 13.46
CA GLY E 155 27.78 8.46 13.50
C GLY E 155 28.61 8.18 14.75
N GLN E 156 28.28 7.13 15.48
CA GLN E 156 28.95 6.82 16.74
C GLN E 156 29.15 5.32 16.89
N HIS E 157 30.24 4.94 17.57
CA HIS E 157 30.58 3.53 17.74
C HIS E 157 30.06 2.93 19.05
N PHE E 158 29.48 1.74 18.93
CA PHE E 158 28.90 1.00 20.05
C PHE E 158 29.41 -0.43 19.99
N ILE E 159 29.37 -1.12 21.12
CA ILE E 159 29.73 -2.54 21.18
C ILE E 159 28.55 -3.40 21.58
N LEU E 160 28.53 -4.64 21.11
CA LEU E 160 27.45 -5.58 21.40
C LEU E 160 27.70 -6.32 22.71
N GLU E 161 26.72 -6.27 23.61
CA GLU E 161 26.82 -6.98 24.89
C GLU E 161 25.68 -7.98 24.99
N GLU E 162 25.96 -9.15 25.54
CA GLU E 162 24.98 -10.24 25.64
C GLU E 162 24.35 -10.35 27.02
N ALA E 163 23.12 -10.83 27.04
CA ALA E 163 22.37 -10.99 28.28
C ALA E 163 23.11 -11.88 29.27
N ILE E 164 22.92 -11.59 30.56
CA ILE E 164 23.39 -12.43 31.65
C ILE E 164 22.18 -13.01 32.36
N ARG E 165 22.13 -14.33 32.47
CA ARG E 165 21.04 -14.99 33.16
C ARG E 165 21.59 -16.04 34.12
N GLY E 166 21.00 -16.14 35.30
CA GLY E 166 21.49 -17.07 36.32
C GLY E 166 20.66 -18.32 36.46
N ASP E 167 21.27 -19.35 37.03
CA ASP E 167 20.52 -20.53 37.47
C ASP E 167 19.77 -20.14 38.74
N PHE E 168 20.43 -19.36 39.59
CA PHE E 168 19.84 -18.86 40.82
C PHE E 168 20.13 -17.37 41.03
N ALA E 169 19.24 -16.70 41.75
CA ALA E 169 19.49 -15.34 42.21
C ALA E 169 19.29 -15.27 43.72
N LEU E 170 20.27 -14.72 44.42
CA LEU E 170 20.19 -14.51 45.86
C LEU E 170 19.97 -13.02 46.11
N VAL E 171 18.81 -12.69 46.66
CA VAL E 171 18.33 -11.32 46.68
C VAL E 171 17.97 -10.87 48.10
N LYS E 172 18.37 -9.66 48.44
CA LYS E 172 18.02 -9.05 49.73
C LYS E 172 17.00 -7.95 49.48
N ALA E 173 15.93 -7.95 50.27
CA ALA E 173 14.90 -6.91 50.20
C ALA E 173 14.42 -6.51 51.60
N TRP E 174 13.72 -5.39 51.69
CA TRP E 174 13.28 -4.86 52.98
C TRP E 174 12.07 -5.63 53.50
N LYS E 175 10.96 -5.54 52.78
CA LYS E 175 9.71 -6.16 53.18
C LYS E 175 9.12 -6.99 52.07
N ALA E 176 8.38 -8.03 52.46
CA ALA E 176 7.55 -8.81 51.55
C ALA E 176 6.17 -8.98 52.17
N ASP E 177 5.13 -8.94 51.35
CA ASP E 177 3.79 -9.27 51.85
C ASP E 177 3.57 -10.77 51.74
N GLN E 178 2.44 -11.29 52.21
CA GLN E 178 2.20 -12.73 52.23
C GLN E 178 1.92 -13.27 50.82
N ALA E 179 1.66 -12.37 49.88
CA ALA E 179 1.44 -12.76 48.50
C ALA E 179 2.75 -12.99 47.76
N GLY E 180 3.85 -12.42 48.29
CA GLY E 180 5.17 -12.56 47.67
C GLY E 180 5.70 -11.27 47.06
N ASN E 181 4.91 -10.20 47.09
CA ASN E 181 5.37 -8.91 46.59
C ASN E 181 6.47 -8.37 47.50
N VAL E 182 7.40 -7.60 46.94
CA VAL E 182 8.60 -7.19 47.65
C VAL E 182 8.93 -5.71 47.45
N THR E 183 9.54 -5.10 48.47
CA THR E 183 10.02 -3.72 48.39
C THR E 183 11.43 -3.62 48.97
N PHE E 184 12.11 -2.51 48.67
CA PHE E 184 13.49 -2.28 49.08
C PHE E 184 13.59 -0.94 49.82
N ARG E 185 14.59 -0.82 50.66
CA ARG E 185 14.77 0.36 51.49
C ARG E 185 16.01 1.15 51.08
N LYS E 186 15.78 2.39 50.67
CA LYS E 186 16.84 3.33 50.36
C LYS E 186 17.77 2.76 49.27
N SER E 187 19.09 2.91 49.44
CA SER E 187 20.05 2.49 48.43
C SER E 187 20.37 0.98 48.48
N ALA E 188 19.68 0.24 49.35
CA ALA E 188 19.83 -1.21 49.43
C ALA E 188 19.19 -1.94 48.26
N ARG E 189 18.52 -1.22 47.37
CA ARG E 189 17.89 -1.80 46.20
C ARG E 189 18.95 -2.22 45.15
N ASN E 190 19.74 -1.25 44.70
CA ASN E 190 20.80 -1.45 43.71
C ASN E 190 20.56 -2.63 42.74
N PHE E 191 21.36 -3.69 42.84
CA PHE E 191 21.32 -4.77 41.85
C PHE E 191 20.29 -5.83 42.19
N ASN E 192 19.71 -5.74 43.38
CA ASN E 192 18.73 -6.72 43.83
C ASN E 192 17.50 -6.75 42.96
N LEU E 193 17.09 -5.58 42.46
CA LEU E 193 15.87 -5.50 41.64
C LEU E 193 16.04 -6.22 40.27
N PRO E 194 17.02 -5.79 39.44
CA PRO E 194 17.18 -6.50 38.15
C PRO E 194 17.50 -7.99 38.29
N MET E 195 18.40 -8.34 39.21
CA MET E 195 18.78 -9.74 39.45
C MET E 195 17.59 -10.65 39.78
N CYS E 196 16.56 -10.07 40.38
CA CYS E 196 15.35 -10.79 40.77
C CYS E 196 14.55 -11.30 39.55
N LYS E 197 14.85 -10.73 38.38
CA LYS E 197 14.14 -11.05 37.15
C LYS E 197 14.95 -11.93 36.19
N ALA E 198 16.24 -12.09 36.44
CA ALA E 198 17.17 -12.68 35.47
C ALA E 198 17.68 -14.07 35.84
N ALA E 199 16.95 -14.81 36.66
CA ALA E 199 17.39 -16.16 37.06
C ALA E 199 16.26 -17.17 36.99
N GLU E 200 16.64 -18.43 36.78
CA GLU E 200 15.68 -19.55 36.73
C GLU E 200 14.93 -19.68 38.06
N THR E 201 15.68 -19.68 39.17
CA THR E 201 15.09 -19.66 40.50
C THR E 201 15.60 -18.45 41.28
N THR E 202 14.67 -17.63 41.78
CA THR E 202 15.02 -16.45 42.55
C THR E 202 14.66 -16.67 44.01
N VAL E 203 15.64 -16.48 44.89
CA VAL E 203 15.46 -16.65 46.31
C VAL E 203 15.66 -15.30 46.98
N VAL E 204 14.63 -14.82 47.65
CA VAL E 204 14.66 -13.50 48.28
C VAL E 204 14.58 -13.65 49.79
N GLU E 205 15.47 -12.94 50.49
CA GLU E 205 15.37 -12.84 51.94
C GLU E 205 14.92 -11.42 52.32
N VAL E 206 14.06 -11.34 53.31
CA VAL E 206 13.49 -10.06 53.74
C VAL E 206 13.60 -9.88 55.25
N GLU E 207 13.63 -8.62 55.69
CA GLU E 207 13.71 -8.27 57.11
C GLU E 207 12.38 -8.45 57.81
N GLU E 208 11.29 -8.22 57.08
CA GLU E 208 9.95 -8.27 57.66
C GLU E 208 8.96 -8.83 56.66
N ILE E 209 7.99 -9.59 57.16
CA ILE E 209 6.87 -10.06 56.35
C ILE E 209 5.59 -9.40 56.85
N VAL E 210 4.95 -8.61 55.98
CA VAL E 210 3.74 -7.88 56.32
C VAL E 210 2.50 -8.52 55.67
N ASP E 211 1.33 -8.00 56.03
CA ASP E 211 0.06 -8.50 55.48
C ASP E 211 -0.20 -8.03 54.06
N ILE E 212 -0.89 -8.86 53.28
CA ILE E 212 -1.33 -8.46 51.94
C ILE E 212 -2.23 -7.23 52.09
N GLY E 213 -1.98 -6.22 51.28
CA GLY E 213 -2.69 -4.95 51.37
C GLY E 213 -1.87 -3.86 52.05
N SER E 214 -0.78 -4.24 52.70
CA SER E 214 0.12 -3.30 53.38
C SER E 214 0.78 -2.34 52.40
N PHE E 215 1.14 -2.84 51.23
CA PHE E 215 1.74 -2.02 50.17
C PHE E 215 0.66 -1.37 49.34
N ALA E 216 0.89 -0.11 48.96
CA ALA E 216 0.12 0.49 47.88
C ALA E 216 0.57 -0.24 46.61
N PRO E 217 -0.40 -0.72 45.81
CA PRO E 217 -0.05 -1.55 44.65
C PRO E 217 0.87 -0.84 43.66
N GLU E 218 0.82 0.49 43.58
CA GLU E 218 1.71 1.28 42.74
C GLU E 218 3.17 1.25 43.22
N ASP E 219 3.35 1.00 44.51
CA ASP E 219 4.66 1.11 45.15
C ASP E 219 5.30 -0.24 45.46
N ILE E 220 4.84 -1.29 44.77
CA ILE E 220 5.49 -2.61 44.84
C ILE E 220 6.65 -2.63 43.86
N HIS E 221 7.87 -2.76 44.37
CA HIS E 221 9.07 -2.63 43.54
C HIS E 221 9.33 -3.88 42.69
N ILE E 222 9.15 -5.05 43.30
CA ILE E 222 9.23 -6.31 42.58
C ILE E 222 7.94 -7.07 42.81
N PRO E 223 7.11 -7.20 41.76
CA PRO E 223 5.89 -7.99 41.84
C PRO E 223 6.15 -9.47 42.11
N LYS E 224 5.20 -10.12 42.77
CA LYS E 224 5.33 -11.54 43.16
C LYS E 224 5.71 -12.52 42.03
N ILE E 225 5.34 -12.22 40.79
CA ILE E 225 5.67 -13.07 39.64
C ILE E 225 7.17 -13.41 39.57
N TYR E 226 8.01 -12.46 39.98
CA TYR E 226 9.46 -12.63 39.97
C TYR E 226 10.03 -13.37 41.18
N VAL E 227 9.28 -13.40 42.28
CA VAL E 227 9.75 -13.98 43.54
C VAL E 227 9.32 -15.45 43.66
N HIS E 228 10.28 -16.37 43.53
CA HIS E 228 9.97 -17.81 43.52
C HIS E 228 10.05 -18.43 44.91
N ARG E 229 11.07 -18.03 45.68
CA ARG E 229 11.22 -18.49 47.05
C ARG E 229 11.46 -17.30 47.96
N LEU E 230 10.75 -17.26 49.08
CA LEU E 230 10.85 -16.15 50.02
C LEU E 230 11.18 -16.66 51.42
N VAL E 231 12.16 -16.05 52.07
CA VAL E 231 12.54 -16.42 53.43
C VAL E 231 12.67 -15.15 54.28
N LYS E 232 12.24 -15.22 55.53
CA LYS E 232 12.47 -14.13 56.48
C LYS E 232 13.84 -14.35 57.10
N GLY E 233 14.72 -13.37 56.96
CA GLY E 233 16.08 -13.49 57.46
C GLY E 233 16.15 -13.54 58.97
N GLU E 234 16.94 -14.47 59.48
CA GLU E 234 17.07 -14.70 60.91
C GLU E 234 17.88 -13.59 61.57
N LYS E 235 19.03 -13.25 60.98
CA LYS E 235 19.97 -12.31 61.57
C LYS E 235 20.33 -11.21 60.58
N TYR E 236 20.23 -9.95 61.02
CA TYR E 236 20.67 -8.80 60.21
C TYR E 236 21.62 -7.91 60.99
N GLU E 237 22.89 -7.95 60.61
CA GLU E 237 23.96 -7.32 61.38
C GLU E 237 24.14 -5.83 61.10
N LYS E 238 23.41 -5.30 60.11
CA LYS E 238 23.45 -3.87 59.78
C LYS E 238 24.88 -3.36 59.65
N ARG E 239 25.72 -4.12 58.97
CA ARG E 239 27.15 -3.80 58.90
C ARG E 239 27.44 -2.60 58.02
N ILE E 240 28.34 -1.74 58.48
CA ILE E 240 28.75 -0.55 57.76
C ILE E 240 30.22 -0.66 57.43
N GLU E 241 30.54 -0.56 56.14
CA GLU E 241 31.92 -0.70 55.68
C GLU E 241 32.76 0.53 56.03
N ARG E 242 32.29 1.71 55.63
CA ARG E 242 33.01 2.96 55.91
C ARG E 242 32.12 3.94 56.64
N LEU E 243 32.32 4.03 57.95
CA LEU E 243 31.63 5.00 58.75
C LEU E 243 32.29 6.37 58.51
N SER E 244 31.56 7.24 57.82
CA SER E 244 31.98 8.62 57.58
C SER E 244 30.94 9.51 58.24
N VAL E 245 31.35 10.25 59.28
CA VAL E 245 30.44 11.04 60.10
C VAL E 245 30.98 12.46 60.30
N ARG E 246 30.12 13.40 60.66
CA ARG E 246 30.55 14.76 61.01
C ARG E 246 29.85 15.28 62.27
N ARG E 265 41.63 20.58 49.46
CA ARG E 265 41.94 21.67 48.53
C ARG E 265 41.31 21.43 47.16
N ILE E 266 41.41 20.20 46.66
CA ILE E 266 40.93 19.84 45.33
C ILE E 266 39.40 19.85 45.26
N ILE E 267 38.74 19.41 46.33
CA ILE E 267 37.28 19.41 46.40
C ILE E 267 36.76 20.85 46.51
N LYS E 268 37.57 21.72 47.12
CA LYS E 268 37.19 23.11 47.33
C LYS E 268 37.28 23.94 46.04
N ARG E 269 38.10 23.46 45.10
CA ARG E 269 38.13 23.99 43.74
C ARG E 269 37.13 23.26 42.84
N ALA E 270 37.01 21.95 43.05
CA ALA E 270 36.08 21.12 42.28
C ALA E 270 34.62 21.56 42.47
N ALA E 271 34.27 21.89 43.71
CA ALA E 271 32.91 22.34 44.05
C ALA E 271 32.47 23.59 43.28
N LEU E 272 33.43 24.40 42.82
CA LEU E 272 33.13 25.60 42.02
C LEU E 272 32.70 25.29 40.58
N GLU E 273 32.84 24.03 40.16
CA GLU E 273 32.37 23.59 38.84
C GLU E 273 30.85 23.41 38.81
N PHE E 274 30.24 23.28 39.99
CA PHE E 274 28.80 23.16 40.11
C PHE E 274 28.08 24.45 39.70
N GLU E 275 27.00 24.30 38.96
CA GLU E 275 26.09 25.39 38.62
C GLU E 275 24.74 25.12 39.26
N ASP E 276 23.92 26.15 39.37
CA ASP E 276 22.60 26.00 39.98
C ASP E 276 21.69 25.18 39.05
N GLY E 277 21.00 24.20 39.64
CA GLY E 277 20.13 23.29 38.88
C GLY E 277 20.86 22.17 38.14
N MET E 278 22.16 22.04 38.38
CA MET E 278 22.98 21.05 37.69
C MET E 278 22.75 19.64 38.23
N TYR E 279 22.78 18.66 37.32
CA TYR E 279 22.79 17.26 37.71
C TYR E 279 24.21 16.71 37.58
N ALA E 280 24.81 16.36 38.71
CA ALA E 280 26.23 16.00 38.77
C ALA E 280 26.44 14.64 39.44
N ASN E 281 27.42 13.89 38.93
CA ASN E 281 27.78 12.59 39.48
C ASN E 281 29.17 12.62 40.10
N LEU E 282 29.29 12.06 41.32
CA LEU E 282 30.56 11.98 42.03
C LEU E 282 31.06 10.53 42.07
N GLY E 283 32.20 10.29 41.42
CA GLY E 283 32.80 8.95 41.39
C GLY E 283 33.49 8.58 42.71
N ILE E 284 34.06 7.37 42.75
CA ILE E 284 34.72 6.87 43.97
C ILE E 284 36.06 7.58 44.17
N GLY E 285 36.37 7.88 45.43
CA GLY E 285 37.63 8.52 45.80
C GLY E 285 37.44 9.97 46.22
N ILE E 286 38.22 10.85 45.60
CA ILE E 286 38.22 12.27 45.97
C ILE E 286 36.86 12.97 45.74
N PRO E 287 36.21 12.71 44.58
CA PRO E 287 34.93 13.36 44.28
C PRO E 287 33.86 13.23 45.37
N LEU E 288 33.83 12.09 46.06
CA LEU E 288 32.80 11.80 47.07
C LEU E 288 32.64 12.89 48.13
N LEU E 289 33.73 13.56 48.48
CA LEU E 289 33.72 14.60 49.52
C LEU E 289 32.90 15.83 49.13
N ALA E 290 32.75 16.07 47.82
CA ALA E 290 32.06 17.26 47.32
C ALA E 290 30.55 17.32 47.58
N SER E 291 29.98 16.28 48.19
CA SER E 291 28.58 16.33 48.61
C SER E 291 28.42 17.16 49.88
N ASN E 292 29.53 17.39 50.57
CA ASN E 292 29.58 18.26 51.76
C ASN E 292 29.86 19.72 51.42
N PHE E 293 30.18 20.00 50.16
CA PHE E 293 30.53 21.35 49.72
C PHE E 293 29.52 21.92 48.73
N ILE E 294 28.23 21.68 48.99
CA ILE E 294 27.16 22.32 48.24
C ILE E 294 26.95 23.72 48.83
N SER E 295 27.06 24.75 47.98
CA SER E 295 26.83 26.13 48.43
C SER E 295 25.39 26.27 48.93
N PRO E 296 25.17 27.02 50.03
CA PRO E 296 23.80 27.21 50.53
C PRO E 296 22.91 27.95 49.55
N ASN E 297 23.50 28.90 48.81
CA ASN E 297 22.77 29.66 47.79
C ASN E 297 22.45 28.84 46.55
N MET E 298 23.24 27.80 46.30
CA MET E 298 23.13 27.00 45.08
C MET E 298 22.33 25.72 45.31
N THR E 299 21.61 25.28 44.29
CA THR E 299 20.91 23.99 44.31
C THR E 299 21.60 23.07 43.30
N VAL E 300 22.24 22.02 43.81
CA VAL E 300 22.92 21.03 42.96
C VAL E 300 22.36 19.64 43.27
N HIS E 301 22.03 18.90 42.21
CA HIS E 301 21.47 17.56 42.36
C HIS E 301 22.53 16.52 42.10
N LEU E 302 22.88 15.76 43.14
CA LEU E 302 23.98 14.81 43.07
C LEU E 302 23.48 13.39 42.87
N GLN E 303 23.93 12.76 41.79
CA GLN E 303 23.53 11.41 41.45
C GLN E 303 24.59 10.42 41.91
N SER E 304 24.16 9.33 42.53
CA SER E 304 25.05 8.27 42.96
C SER E 304 24.75 6.99 42.18
N GLU E 305 25.78 6.39 41.58
CA GLU E 305 25.57 5.27 40.67
C GLU E 305 24.90 4.07 41.33
N ASN E 306 25.04 3.92 42.64
CA ASN E 306 24.34 2.83 43.35
C ASN E 306 22.84 3.03 43.49
N GLY E 307 22.33 4.16 43.01
CA GLY E 307 20.90 4.36 42.83
C GLY E 307 20.30 5.45 43.68
N ILE E 308 20.96 6.61 43.72
CA ILE E 308 20.45 7.76 44.47
C ILE E 308 20.54 9.03 43.65
N LEU E 309 19.47 9.82 43.66
CA LEU E 309 19.51 11.20 43.19
C LEU E 309 19.19 12.08 44.40
N GLY E 310 20.10 12.99 44.72
CA GLY E 310 19.94 13.94 45.83
C GLY E 310 20.84 13.67 47.03
N LEU E 311 22.10 13.30 46.76
CA LEU E 311 23.07 13.06 47.83
C LEU E 311 23.32 14.31 48.66
N GLY E 312 23.22 14.16 49.98
CA GLY E 312 23.58 15.23 50.92
C GLY E 312 24.98 15.02 51.47
N PRO E 313 25.33 15.75 52.54
CA PRO E 313 26.61 15.61 53.21
C PRO E 313 26.66 14.37 54.10
N TYR E 314 27.84 14.08 54.67
CA TYR E 314 27.99 12.93 55.56
C TYR E 314 27.08 13.11 56.77
N PRO E 315 26.56 12.00 57.32
CA PRO E 315 25.59 12.08 58.39
C PRO E 315 26.21 12.44 59.75
N LEU E 316 25.36 12.87 60.68
CA LEU E 316 25.71 12.96 62.09
C LEU E 316 25.65 11.56 62.67
N GLN E 317 26.09 11.39 63.91
CA GLN E 317 26.12 10.09 64.57
C GLN E 317 24.72 9.42 64.58
N ASN E 318 23.69 10.18 64.92
CA ASN E 318 22.33 9.64 64.98
C ASN E 318 21.71 9.43 63.60
N GLU E 319 22.23 10.10 62.58
CA GLU E 319 21.74 9.96 61.21
C GLU E 319 22.26 8.71 60.49
N VAL E 320 23.34 8.12 61.00
CA VAL E 320 24.03 7.00 60.32
C VAL E 320 23.09 5.84 59.98
N ASP E 321 23.15 5.40 58.72
CA ASP E 321 22.29 4.33 58.22
C ASP E 321 23.03 3.43 57.22
N ALA E 322 23.00 2.13 57.47
CA ALA E 322 23.74 1.15 56.65
C ALA E 322 23.15 0.99 55.24
N ASP E 323 21.86 1.28 55.09
CA ASP E 323 21.18 1.22 53.79
C ASP E 323 21.36 2.48 52.93
N LEU E 324 22.24 3.38 53.35
CA LEU E 324 22.44 4.63 52.63
C LEU E 324 23.92 4.95 52.53
N ILE E 325 24.50 4.67 51.36
CA ILE E 325 25.91 4.90 51.12
C ILE E 325 26.13 5.50 49.73
N ASN E 326 27.24 6.23 49.58
CA ASN E 326 27.62 6.78 48.27
C ASN E 326 28.38 5.71 47.47
N ALA E 327 28.90 6.09 46.30
CA ALA E 327 29.59 5.15 45.42
C ALA E 327 30.81 4.52 46.08
N GLY E 328 31.56 5.31 46.86
CA GLY E 328 32.74 4.79 47.56
C GLY E 328 32.42 4.05 48.85
N LYS E 329 31.14 3.79 49.10
CA LYS E 329 30.69 2.95 50.21
C LYS E 329 30.72 3.67 51.57
N GLU E 330 30.77 5.00 51.54
CA GLU E 330 30.76 5.83 52.74
C GLU E 330 29.31 6.11 53.15
N THR E 331 29.04 6.13 54.45
CA THR E 331 27.72 6.54 54.96
C THR E 331 27.41 7.99 54.56
N VAL E 332 26.19 8.22 54.09
CA VAL E 332 25.79 9.52 53.58
C VAL E 332 24.36 9.84 54.00
N THR E 333 23.92 11.05 53.69
CA THR E 333 22.52 11.44 53.84
C THR E 333 21.97 11.81 52.47
N VAL E 334 20.65 12.00 52.42
CA VAL E 334 19.99 12.53 51.23
C VAL E 334 19.29 13.83 51.58
N LEU E 335 19.28 14.76 50.62
CA LEU E 335 18.58 16.03 50.78
C LEU E 335 17.09 15.85 50.50
N PRO E 336 16.26 16.83 50.88
CA PRO E 336 14.83 16.74 50.58
C PRO E 336 14.54 16.65 49.09
N GLY E 337 13.56 15.85 48.71
CA GLY E 337 13.20 15.66 47.31
C GLY E 337 14.09 14.68 46.57
N ALA E 338 14.79 13.83 47.31
CA ALA E 338 15.68 12.82 46.74
C ALA E 338 14.89 11.59 46.36
N SER E 339 15.48 10.73 45.54
CA SER E 339 14.82 9.50 45.10
C SER E 339 15.78 8.34 45.03
N TYR E 340 15.25 7.12 45.18
CA TYR E 340 16.02 5.89 45.09
C TYR E 340 15.58 5.09 43.88
N PHE E 341 16.52 4.38 43.26
CA PHE E 341 16.20 3.57 42.08
C PHE E 341 17.22 2.46 41.89
N SER E 342 16.88 1.47 41.06
CA SER E 342 17.73 0.31 40.85
C SER E 342 18.96 0.68 40.04
N SER E 343 19.91 -0.25 39.94
CA SER E 343 21.18 -0.02 39.25
C SER E 343 21.03 0.02 37.72
N ASP E 344 20.10 -0.77 37.18
CA ASP E 344 19.79 -0.71 35.75
C ASP E 344 19.17 0.63 35.38
N GLU E 345 18.37 1.19 36.30
CA GLU E 345 17.79 2.51 36.13
C GLU E 345 18.82 3.62 36.35
N SER E 346 19.73 3.41 37.28
CA SER E 346 20.78 4.39 37.53
C SER E 346 21.65 4.61 36.30
N PHE E 347 21.95 3.54 35.56
CA PHE E 347 22.80 3.64 34.38
C PHE E 347 22.07 3.85 33.08
N ALA E 348 20.74 3.65 33.08
CA ALA E 348 19.91 4.16 32.00
C ALA E 348 20.00 5.69 32.04
N MET E 349 19.91 6.22 33.26
CA MET E 349 20.05 7.64 33.53
C MET E 349 21.41 8.17 33.05
N ILE E 350 22.48 7.49 33.46
CA ILE E 350 23.82 7.91 33.12
C ILE E 350 24.10 7.74 31.61
N ARG E 351 23.85 6.55 31.11
CA ARG E 351 24.15 6.23 29.71
C ARG E 351 23.31 7.07 28.72
N GLY E 352 22.13 7.51 29.16
CA GLY E 352 21.22 8.30 28.33
C GLY E 352 21.58 9.76 28.24
N GLY E 353 22.57 10.19 29.00
CA GLY E 353 23.05 11.59 28.95
C GLY E 353 22.29 12.55 29.84
N HIS E 354 21.53 12.04 30.79
CA HIS E 354 20.66 12.88 31.62
C HIS E 354 21.43 13.60 32.70
N VAL E 355 22.61 13.09 33.03
CA VAL E 355 23.50 13.73 33.99
C VAL E 355 24.40 14.75 33.27
N ASN E 356 24.48 15.95 33.82
CA ASN E 356 25.18 17.06 33.17
C ASN E 356 26.69 17.00 33.31
N LEU E 357 27.15 16.53 34.46
CA LEU E 357 28.56 16.57 34.81
C LEU E 357 28.96 15.39 35.66
N THR E 358 30.09 14.76 35.34
CA THR E 358 30.64 13.71 36.19
C THR E 358 32.00 14.12 36.76
N MET E 359 32.16 13.90 38.06
CA MET E 359 33.40 14.18 38.77
C MET E 359 34.05 12.83 39.07
N LEU E 360 35.20 12.58 38.44
CA LEU E 360 35.86 11.28 38.50
C LEU E 360 37.27 11.33 39.10
N GLY E 361 37.56 10.40 40.01
CA GLY E 361 38.93 10.16 40.47
C GLY E 361 39.74 9.50 39.36
N ALA E 362 41.06 9.61 39.41
CA ALA E 362 41.91 9.09 38.34
C ALA E 362 43.26 8.58 38.82
N MET E 363 43.88 7.74 37.98
CA MET E 363 45.26 7.28 38.18
C MET E 363 46.18 7.93 37.15
N GLN E 364 45.68 8.07 35.92
CA GLN E 364 46.40 8.79 34.88
C GLN E 364 45.43 9.53 33.96
N VAL E 365 45.93 10.57 33.30
CA VAL E 365 45.19 11.30 32.27
C VAL E 365 46.12 11.66 31.12
N SER E 366 45.59 11.60 29.89
CA SER E 366 46.40 11.82 28.70
C SER E 366 46.42 13.29 28.28
N LYS E 367 47.30 13.60 27.33
CA LYS E 367 47.42 14.93 26.72
C LYS E 367 46.10 15.36 26.07
N TYR E 368 45.47 14.44 25.34
CA TYR E 368 44.23 14.73 24.62
C TYR E 368 42.97 14.23 25.36
N GLY E 369 43.12 13.90 26.64
CA GLY E 369 41.97 13.61 27.50
C GLY E 369 41.58 12.16 27.68
N ASP E 370 42.43 11.22 27.25
CA ASP E 370 42.19 9.80 27.56
C ASP E 370 42.27 9.61 29.07
N LEU E 371 41.36 8.79 29.61
CA LEU E 371 41.34 8.52 31.05
C LEU E 371 41.81 7.09 31.31
N ALA E 372 42.45 6.90 32.45
CA ALA E 372 42.82 5.57 32.93
C ALA E 372 42.69 5.60 34.44
N ASN E 373 41.82 4.78 35.00
CA ASN E 373 41.61 4.80 36.45
C ASN E 373 41.10 3.50 37.08
N TRP E 374 41.27 2.37 36.39
CA TRP E 374 40.68 1.12 36.88
C TRP E 374 41.67 -0.01 37.23
N MET E 375 42.85 -0.01 36.60
CA MET E 375 43.83 -1.07 36.88
C MET E 375 45.29 -0.65 36.64
N ILE E 376 46.15 -1.00 37.59
CA ILE E 376 47.59 -0.99 37.39
C ILE E 376 47.97 -2.47 37.23
N PRO E 377 48.28 -2.90 35.99
CA PRO E 377 48.48 -4.32 35.67
C PRO E 377 49.48 -5.05 36.58
N GLY E 378 49.01 -6.10 37.24
CA GLY E 378 49.82 -6.92 38.14
C GLY E 378 50.06 -6.33 39.52
N LYS E 379 49.50 -5.15 39.79
CA LYS E 379 49.82 -4.41 41.02
C LYS E 379 48.56 -4.03 41.78
N LEU E 380 47.71 -3.22 41.15
CA LEU E 380 46.50 -2.73 41.79
C LEU E 380 45.30 -2.95 40.87
N VAL E 381 44.36 -3.79 41.33
CA VAL E 381 43.14 -4.08 40.59
C VAL E 381 41.95 -3.47 41.31
N LYS E 382 41.51 -2.33 40.79
CA LYS E 382 40.34 -1.63 41.32
C LYS E 382 39.08 -2.05 40.57
N GLY E 383 39.15 -2.04 39.24
CA GLY E 383 37.98 -2.27 38.39
C GLY E 383 37.38 -0.94 38.02
N MET E 384 36.69 -0.90 36.89
CA MET E 384 36.20 0.37 36.34
C MET E 384 34.95 0.90 37.04
N GLY E 385 34.17 0.03 37.68
CA GLY E 385 32.90 0.44 38.27
C GLY E 385 32.03 1.05 37.20
N GLY E 386 31.40 2.18 37.52
CA GLY E 386 30.59 2.93 36.54
C GLY E 386 31.35 3.93 35.68
N ALA E 387 32.67 4.00 35.86
CA ALA E 387 33.48 5.06 35.23
C ALA E 387 33.49 5.01 33.71
N MET E 388 33.39 3.82 33.13
CA MET E 388 33.33 3.69 31.66
C MET E 388 31.97 4.17 31.14
N ASP E 389 30.92 3.99 31.93
CA ASP E 389 29.58 4.47 31.56
C ASP E 389 29.44 5.99 31.66
N LEU E 390 30.05 6.58 32.68
CA LEU E 390 29.99 8.02 32.91
C LEU E 390 30.73 8.84 31.84
N VAL E 391 31.82 8.29 31.32
CA VAL E 391 32.57 8.95 30.24
C VAL E 391 32.03 8.60 28.84
N SER E 392 31.05 7.71 28.77
CA SER E 392 30.49 7.26 27.49
C SER E 392 29.54 8.28 26.85
N SER E 393 28.87 9.06 27.69
CA SER E 393 27.85 10.00 27.21
C SER E 393 28.46 11.31 26.70
N ALA E 394 28.20 11.62 25.42
CA ALA E 394 28.65 12.87 24.82
C ALA E 394 28.02 14.10 25.47
N LYS E 395 26.81 13.93 26.02
CA LYS E 395 26.11 15.04 26.68
C LYS E 395 26.62 15.35 28.09
N THR E 396 27.53 14.53 28.60
CA THR E 396 28.02 14.67 29.96
C THR E 396 29.46 15.17 29.98
N LYS E 397 29.68 16.28 30.68
CA LYS E 397 31.02 16.85 30.84
C LYS E 397 31.79 16.06 31.90
N VAL E 398 33.09 15.86 31.67
CA VAL E 398 33.92 15.08 32.57
C VAL E 398 35.00 15.93 33.23
N VAL E 399 35.00 15.95 34.56
CA VAL E 399 36.00 16.66 35.34
C VAL E 399 36.76 15.69 36.24
N VAL E 400 38.09 15.68 36.11
CA VAL E 400 38.95 14.77 36.89
C VAL E 400 39.55 15.48 38.10
N THR E 401 39.27 14.95 39.30
CA THR E 401 39.82 15.47 40.55
C THR E 401 40.82 14.47 41.17
N MET E 402 42.10 14.67 40.90
CA MET E 402 43.16 13.75 41.34
C MET E 402 44.38 14.50 41.88
N GLU E 403 45.19 13.80 42.68
CA GLU E 403 46.52 14.31 43.05
C GLU E 403 47.36 14.45 41.78
N HIS E 404 48.25 15.43 41.75
CA HIS E 404 48.99 15.76 40.52
C HIS E 404 50.02 14.69 40.16
N SER E 405 50.72 14.17 41.18
CA SER E 405 51.77 13.18 40.98
C SER E 405 51.54 11.95 41.87
N ALA E 406 51.93 10.79 41.34
CA ALA E 406 51.77 9.52 42.04
C ALA E 406 52.93 9.29 43.02
N LYS E 407 52.95 8.13 43.67
CA LYS E 407 54.03 7.77 44.59
C LYS E 407 55.42 7.96 43.97
N GLY E 408 56.37 8.42 44.78
CA GLY E 408 57.74 8.67 44.34
C GLY E 408 57.86 9.82 43.36
N ASN E 409 56.97 10.79 43.46
CA ASN E 409 56.89 11.92 42.53
C ASN E 409 56.82 11.45 41.06
N ALA E 410 56.06 10.38 40.83
CA ALA E 410 55.86 9.85 39.49
C ALA E 410 54.72 10.60 38.81
N HIS E 411 54.85 10.82 37.51
CA HIS E 411 53.85 11.58 36.75
C HIS E 411 52.52 10.82 36.64
N LYS E 412 51.42 11.57 36.62
CA LYS E 412 50.09 11.03 36.35
C LYS E 412 49.50 11.65 35.07
N ILE E 413 49.76 12.93 34.87
CA ILE E 413 49.41 13.62 33.63
C ILE E 413 50.55 13.39 32.63
N MET E 414 50.24 13.05 31.39
CA MET E 414 51.27 12.65 30.43
C MET E 414 50.81 12.61 28.96
N GLU E 415 51.77 12.38 28.07
CA GLU E 415 51.54 12.34 26.61
C GLU E 415 50.56 11.26 26.21
N LYS E 416 50.79 10.06 26.74
CA LYS E 416 49.89 8.92 26.54
C LYS E 416 49.85 8.08 27.81
N CYS E 417 48.74 7.40 28.04
CA CYS E 417 48.58 6.58 29.23
C CYS E 417 49.27 5.24 29.05
N THR E 418 50.00 4.81 30.07
CA THR E 418 50.64 3.50 30.07
C THR E 418 49.71 2.45 30.69
N LEU E 419 48.81 2.89 31.57
CA LEU E 419 47.82 2.00 32.17
C LEU E 419 46.65 1.80 31.19
N PRO E 420 45.82 0.76 31.41
CA PRO E 420 44.64 0.51 30.58
C PRO E 420 43.63 1.66 30.63
N LEU E 421 43.07 2.02 29.47
CA LEU E 421 42.17 3.16 29.37
C LEU E 421 40.77 2.90 29.92
N THR E 422 40.21 3.91 30.56
CA THR E 422 38.79 3.94 30.91
C THR E 422 37.98 4.44 29.72
N GLY E 423 38.49 5.47 29.05
CA GLY E 423 37.88 5.99 27.84
C GLY E 423 38.84 6.89 27.07
N LYS E 424 38.63 7.00 25.76
CA LYS E 424 39.51 7.78 24.89
C LYS E 424 38.96 9.18 24.63
N GLN E 425 39.81 10.20 24.85
CA GLN E 425 39.44 11.59 24.62
C GLN E 425 38.07 11.91 25.21
N CYS E 426 37.97 11.75 26.52
CA CYS E 426 36.70 11.90 27.22
C CYS E 426 36.76 12.91 28.38
N VAL E 427 37.95 13.21 28.88
CA VAL E 427 38.12 14.17 29.97
C VAL E 427 38.13 15.58 29.40
N ASN E 428 37.37 16.48 30.04
CA ASN E 428 37.24 17.86 29.61
C ASN E 428 38.05 18.82 30.46
N ARG E 429 38.18 18.52 31.74
CA ARG E 429 38.97 19.35 32.66
C ARG E 429 39.72 18.48 33.68
N ILE E 430 40.87 18.97 34.14
CA ILE E 430 41.67 18.29 35.15
C ILE E 430 41.98 19.24 36.31
N ILE E 431 41.49 18.91 37.50
CA ILE E 431 41.75 19.68 38.72
C ILE E 431 42.65 18.88 39.65
N THR E 432 43.80 19.45 39.98
CA THR E 432 44.72 18.85 40.96
C THR E 432 44.95 19.81 42.13
N GLU E 433 45.79 19.42 43.08
CA GLU E 433 46.18 20.29 44.19
C GLU E 433 47.25 21.32 43.76
N LYS E 434 47.83 21.11 42.58
CA LYS E 434 48.86 22.00 42.02
C LYS E 434 48.36 22.96 40.95
N ALA E 435 47.42 22.50 40.12
CA ALA E 435 46.96 23.29 38.97
C ALA E 435 45.62 22.83 38.41
N VAL E 436 45.09 23.59 37.47
CA VAL E 436 43.85 23.24 36.77
C VAL E 436 44.08 23.36 35.25
N PHE E 437 43.68 22.32 34.52
CA PHE E 437 43.94 22.23 33.08
C PHE E 437 42.65 22.13 32.28
N ASP E 438 42.56 22.93 31.21
CA ASP E 438 41.52 22.76 30.18
C ASP E 438 42.03 21.76 29.15
N VAL E 439 41.25 20.71 28.92
CA VAL E 439 41.64 19.63 28.02
C VAL E 439 40.85 19.69 26.73
N ASP E 440 41.55 19.96 25.62
CA ASP E 440 40.96 19.86 24.29
C ASP E 440 41.44 18.58 23.63
N ARG E 441 40.55 17.94 22.88
CA ARG E 441 40.83 16.66 22.23
C ARG E 441 41.84 16.77 21.08
N LYS E 442 41.86 17.93 20.41
CA LYS E 442 42.77 18.17 19.28
C LYS E 442 43.98 19.01 19.68
N LYS E 443 43.74 20.10 20.41
CA LYS E 443 44.81 21.03 20.79
C LYS E 443 45.58 20.61 22.06
N GLY E 444 45.07 19.60 22.77
CA GLY E 444 45.75 19.11 23.98
C GLY E 444 45.46 19.99 25.19
N LEU E 445 46.37 19.95 26.16
CA LEU E 445 46.18 20.64 27.45
C LEU E 445 46.37 22.15 27.37
N THR E 446 45.72 22.86 28.29
CA THR E 446 45.88 24.30 28.45
C THR E 446 45.72 24.66 29.93
N LEU E 447 46.78 25.23 30.52
CA LEU E 447 46.74 25.64 31.93
C LEU E 447 45.92 26.92 32.07
N ILE E 448 44.79 26.83 32.75
CA ILE E 448 43.85 27.96 32.88
C ILE E 448 43.87 28.60 34.27
N GLU E 449 44.08 27.79 35.30
CA GLU E 449 44.33 28.29 36.66
C GLU E 449 45.64 27.69 37.18
N LEU E 450 46.08 28.17 38.35
CA LEU E 450 47.38 27.76 38.89
C LEU E 450 47.49 28.08 40.39
N TRP E 451 47.72 27.06 41.22
CA TRP E 451 47.86 27.26 42.66
C TRP E 451 49.08 28.13 42.96
N GLU E 452 48.97 28.92 44.03
CA GLU E 452 50.01 29.86 44.42
C GLU E 452 51.30 29.17 44.89
N GLY E 453 52.44 29.76 44.55
CA GLY E 453 53.75 29.24 44.93
C GLY E 453 54.40 28.51 43.78
N LEU E 454 53.74 27.45 43.32
CA LEU E 454 54.21 26.70 42.17
C LEU E 454 54.02 27.48 40.86
N THR E 455 55.11 27.70 40.13
CA THR E 455 55.08 28.43 38.86
C THR E 455 54.88 27.49 37.68
N VAL E 456 54.91 28.03 36.46
CA VAL E 456 54.83 27.25 35.23
C VAL E 456 56.02 26.26 35.08
N ASP E 457 57.11 26.50 35.81
CA ASP E 457 58.26 25.59 35.82
C ASP E 457 58.04 24.36 36.72
N ASP E 458 57.43 24.57 37.88
CA ASP E 458 57.11 23.47 38.81
C ASP E 458 56.12 22.48 38.22
N ILE E 459 55.16 23.00 37.47
CA ILE E 459 54.18 22.17 36.76
C ILE E 459 54.83 21.44 35.58
N LYS E 460 55.80 22.09 34.94
CA LYS E 460 56.52 21.51 33.79
C LYS E 460 57.21 20.20 34.15
N LYS E 461 57.82 20.16 35.34
CA LYS E 461 58.56 18.98 35.80
C LYS E 461 57.75 18.07 36.75
N SER E 462 56.47 18.38 36.90
CA SER E 462 55.52 17.47 37.58
C SER E 462 54.49 16.90 36.59
N THR E 463 54.49 17.40 35.35
CA THR E 463 53.61 16.93 34.29
C THR E 463 54.47 16.30 33.19
N GLY E 464 54.18 15.05 32.86
CA GLY E 464 54.95 14.29 31.87
C GLY E 464 54.73 14.68 30.42
N CYS E 465 53.98 15.76 30.18
CA CYS E 465 53.79 16.32 28.84
C CYS E 465 53.85 17.84 28.91
N ASP E 466 54.13 18.46 27.77
CA ASP E 466 54.13 19.91 27.67
C ASP E 466 52.69 20.42 27.63
N PHE E 467 52.51 21.67 28.02
CA PHE E 467 51.18 22.29 28.06
C PHE E 467 51.23 23.77 27.67
N ALA E 468 50.19 24.24 26.98
CA ALA E 468 50.06 25.65 26.64
C ALA E 468 49.56 26.43 27.88
N VAL E 469 50.10 27.64 28.07
CA VAL E 469 49.67 28.51 29.16
C VAL E 469 48.72 29.58 28.60
N SER E 470 47.54 29.68 29.18
CA SER E 470 46.49 30.57 28.68
C SER E 470 46.81 32.03 29.00
N PRO E 471 46.54 32.95 28.05
CA PRO E 471 46.66 34.38 28.34
C PRO E 471 45.83 34.82 29.54
N LYS E 472 44.65 34.21 29.71
CA LYS E 472 43.77 34.51 30.84
C LYS E 472 44.15 33.81 32.16
N LEU E 473 45.34 33.19 32.21
CA LEU E 473 45.78 32.45 33.39
C LEU E 473 45.56 33.23 34.70
N ILE E 474 45.13 32.52 35.73
CA ILE E 474 44.82 33.12 37.03
C ILE E 474 45.26 32.18 38.15
N PRO E 475 45.16 32.63 39.42
CA PRO E 475 45.41 31.71 40.53
C PRO E 475 44.26 30.71 40.69
N MET E 476 44.52 29.60 41.39
CA MET E 476 43.49 28.58 41.61
C MET E 476 42.50 29.05 42.65
N GLN E 477 41.21 28.84 42.36
CA GLN E 477 40.13 29.32 43.22
C GLN E 477 39.82 28.34 44.34
N GLN E 478 39.12 28.84 45.36
CA GLN E 478 38.71 28.04 46.51
C GLN E 478 37.31 28.43 46.95
N LEU E 479 36.48 27.44 47.26
CA LEU E 479 35.10 27.67 47.71
C LEU E 479 35.09 28.09 49.18
N GLU E 480 34.63 29.31 49.44
CA GLU E 480 34.27 29.81 50.78
C GLU E 480 34.02 31.31 50.76
N THR F 1 13.44 21.35 36.61
CA THR F 1 12.03 21.35 36.12
C THR F 1 11.47 22.77 36.13
N LYS F 2 11.08 23.26 34.95
CA LYS F 2 10.45 24.56 34.83
C LYS F 2 8.94 24.39 34.94
N PHE F 3 8.33 25.12 35.89
CA PHE F 3 6.88 25.05 36.10
C PHE F 3 6.13 26.05 35.21
N TYR F 4 4.99 25.60 34.69
CA TYR F 4 4.12 26.43 33.86
C TYR F 4 2.72 26.48 34.44
N THR F 5 2.04 27.61 34.24
CA THR F 5 0.63 27.75 34.60
C THR F 5 -0.26 27.57 33.37
N ASP F 6 0.31 27.78 32.18
CA ASP F 6 -0.43 27.70 30.92
C ASP F 6 0.17 26.62 30.02
N ALA F 7 -0.67 25.68 29.58
CA ALA F 7 -0.24 24.53 28.80
C ALA F 7 0.26 24.89 27.39
N VAL F 8 -0.37 25.89 26.78
CA VAL F 8 0.03 26.37 25.46
C VAL F 8 1.46 26.93 25.50
N GLU F 9 1.78 27.64 26.58
CA GLU F 9 3.12 28.19 26.79
C GLU F 9 4.16 27.07 26.89
N ALA F 10 3.75 25.94 27.48
CA ALA F 10 4.64 24.80 27.66
C ALA F 10 4.95 24.06 26.36
N VAL F 11 4.10 24.19 25.34
CA VAL F 11 4.26 23.44 24.10
C VAL F 11 4.36 24.29 22.83
N LYS F 12 4.40 25.62 22.99
CA LYS F 12 4.32 26.51 21.82
C LYS F 12 5.52 26.45 20.89
N ASP F 13 6.63 25.88 21.36
CA ASP F 13 7.87 25.84 20.58
C ASP F 13 8.10 24.52 19.83
N ILE F 14 7.08 23.67 19.75
CA ILE F 14 7.20 22.44 18.99
C ILE F 14 7.16 22.77 17.51
N PRO F 15 8.23 22.41 16.76
CA PRO F 15 8.26 22.70 15.33
C PRO F 15 7.40 21.77 14.49
N ASN F 16 7.00 22.24 13.31
CA ASN F 16 6.34 21.39 12.34
C ASN F 16 7.29 20.25 11.95
N GLY F 17 6.74 19.05 11.75
CA GLY F 17 7.56 17.89 11.41
C GLY F 17 8.28 17.23 12.59
N ALA F 18 8.02 17.73 13.81
CA ALA F 18 8.64 17.17 15.01
C ALA F 18 8.12 15.75 15.28
N THR F 19 8.96 14.95 15.94
CA THR F 19 8.54 13.65 16.46
C THR F 19 8.09 13.84 17.90
N VAL F 20 6.84 13.51 18.20
CA VAL F 20 6.29 13.74 19.54
C VAL F 20 5.77 12.43 20.13
N LEU F 21 6.34 12.03 21.26
CA LEU F 21 5.86 10.87 22.00
C LEU F 21 4.62 11.32 22.79
N VAL F 22 3.56 10.52 22.77
CA VAL F 22 2.33 10.85 23.48
C VAL F 22 1.91 9.72 24.39
N GLY F 23 1.84 10.01 25.69
CA GLY F 23 1.51 8.98 26.68
C GLY F 23 0.10 8.47 26.50
N GLY F 24 -0.16 7.26 26.96
CA GLY F 24 -1.52 6.78 27.08
C GLY F 24 -1.74 5.38 26.58
N PHE F 25 -2.65 4.67 27.26
CA PHE F 25 -3.19 3.41 26.79
C PHE F 25 -4.69 3.64 26.59
N GLY F 26 -5.13 3.62 25.34
CA GLY F 26 -6.48 4.06 24.98
C GLY F 26 -6.72 5.48 25.43
N LEU F 27 -7.66 5.65 26.38
CA LEU F 27 -7.92 6.95 27.00
C LEU F 27 -7.44 6.97 28.45
N CYS F 28 -6.73 5.92 28.86
CA CYS F 28 -6.17 5.83 30.20
C CYS F 28 -4.76 6.42 30.24
N GLY F 29 -4.60 7.49 31.00
CA GLY F 29 -3.33 8.17 31.13
C GLY F 29 -2.92 8.94 29.88
N ILE F 30 -3.88 9.64 29.28
CA ILE F 30 -3.57 10.49 28.13
C ILE F 30 -3.37 11.94 28.58
N PRO F 31 -2.44 12.66 27.94
CA PRO F 31 -2.23 14.07 28.24
C PRO F 31 -3.25 14.96 27.52
N GLU F 32 -4.47 15.01 28.05
CA GLU F 32 -5.58 15.68 27.35
C GLU F 32 -5.45 17.21 27.27
N ASN F 33 -4.82 17.83 28.28
CA ASN F 33 -4.61 19.28 28.26
C ASN F 33 -3.50 19.69 27.30
N LEU F 34 -2.48 18.85 27.17
CA LEU F 34 -1.35 19.12 26.25
C LEU F 34 -1.79 18.88 24.80
N ILE F 35 -2.56 17.82 24.58
CA ILE F 35 -3.16 17.58 23.27
C ILE F 35 -4.07 18.75 22.91
N GLY F 36 -4.82 19.25 23.91
CA GLY F 36 -5.68 20.41 23.75
C GLY F 36 -4.90 21.67 23.38
N ALA F 37 -3.74 21.85 24.01
CA ALA F 37 -2.86 22.97 23.67
C ALA F 37 -2.30 22.84 22.25
N LEU F 38 -2.08 21.62 21.78
CA LEU F 38 -1.57 21.42 20.41
C LEU F 38 -2.61 21.76 19.35
N LEU F 39 -3.89 21.66 19.70
CA LEU F 39 -4.94 22.10 18.79
C LEU F 39 -4.85 23.61 18.59
N LYS F 40 -4.59 24.34 19.68
CA LYS F 40 -4.50 25.80 19.64
C LYS F 40 -3.27 26.30 18.89
N THR F 41 -2.11 25.70 19.13
CA THR F 41 -0.88 26.09 18.44
C THR F 41 -0.98 25.76 16.95
N GLY F 42 -1.58 24.61 16.64
CA GLY F 42 -1.77 24.20 15.27
C GLY F 42 -0.54 23.63 14.59
N VAL F 43 0.44 23.20 15.39
CA VAL F 43 1.65 22.56 14.85
C VAL F 43 1.25 21.35 14.01
N LYS F 44 1.95 21.14 12.90
CA LYS F 44 1.51 20.16 11.89
C LYS F 44 2.64 19.28 11.36
N GLU F 45 2.28 18.28 10.56
CA GLU F 45 3.21 17.30 9.99
C GLU F 45 3.94 16.44 11.04
N LEU F 46 3.33 16.29 12.21
CA LEU F 46 3.93 15.58 13.33
C LEU F 46 4.09 14.08 13.04
N THR F 47 5.19 13.51 13.53
CA THR F 47 5.29 12.07 13.69
C THR F 47 4.96 11.78 15.14
N ALA F 48 3.76 11.26 15.38
CA ALA F 48 3.27 11.03 16.73
C ALA F 48 3.50 9.58 17.13
N VAL F 49 4.40 9.38 18.09
CA VAL F 49 4.62 8.07 18.68
C VAL F 49 3.69 7.91 19.88
N SER F 50 2.73 7.00 19.73
CA SER F 50 1.66 6.82 20.71
C SER F 50 1.16 5.40 20.54
N ASN F 51 0.81 4.76 21.66
CA ASN F 51 0.41 3.35 21.59
C ASN F 51 -0.85 3.18 20.74
N ASN F 52 -1.85 4.01 21.01
CA ASN F 52 -3.12 4.00 20.29
C ASN F 52 -3.44 5.39 19.74
N ALA F 53 -4.54 5.47 19.01
CA ALA F 53 -4.99 6.71 18.42
C ALA F 53 -6.19 7.28 19.17
N GLY F 54 -6.28 7.01 20.46
CA GLY F 54 -7.41 7.46 21.28
C GLY F 54 -8.72 6.96 20.70
N VAL F 55 -9.74 7.81 20.72
CA VAL F 55 -11.01 7.54 20.02
C VAL F 55 -11.22 8.60 18.94
N ASP F 56 -12.29 8.45 18.16
CA ASP F 56 -12.57 9.37 17.06
C ASP F 56 -12.52 10.84 17.46
N ASN F 57 -13.12 11.18 18.60
CA ASN F 57 -13.30 12.56 19.04
C ASN F 57 -12.53 12.95 20.32
N PHE F 58 -11.56 12.15 20.72
CA PHE F 58 -10.82 12.42 21.96
C PHE F 58 -9.43 11.80 21.94
N GLY F 59 -8.56 12.32 22.80
CA GLY F 59 -7.18 11.89 22.86
C GLY F 59 -6.46 12.28 21.58
N LEU F 60 -5.65 11.37 21.05
CA LEU F 60 -4.85 11.63 19.86
C LEU F 60 -5.71 11.77 18.61
N GLY F 61 -6.91 11.20 18.62
CA GLY F 61 -7.85 11.32 17.51
C GLY F 61 -8.21 12.74 17.15
N LEU F 62 -8.25 13.62 18.15
CA LEU F 62 -8.48 15.05 17.94
C LEU F 62 -7.46 15.68 16.98
N LEU F 63 -6.20 15.28 17.11
CA LEU F 63 -5.13 15.80 16.26
C LEU F 63 -5.17 15.15 14.88
N LEU F 64 -5.76 13.96 14.78
CA LEU F 64 -6.03 13.33 13.49
C LEU F 64 -7.21 14.04 12.81
N GLN F 65 -8.16 14.49 13.63
CA GLN F 65 -9.32 15.22 13.14
C GLN F 65 -8.88 16.56 12.52
N SER F 66 -7.88 17.20 13.13
CA SER F 66 -7.35 18.47 12.64
C SER F 66 -6.19 18.29 11.65
N LYS F 67 -5.89 17.04 11.30
CA LYS F 67 -4.84 16.69 10.33
C LYS F 67 -3.46 17.25 10.65
N GLN F 68 -3.16 17.35 11.94
CA GLN F 68 -1.87 17.82 12.43
C GLN F 68 -0.82 16.71 12.48
N ILE F 69 -1.24 15.46 12.29
CA ILE F 69 -0.33 14.32 12.35
C ILE F 69 -0.09 13.73 10.96
N LYS F 70 1.19 13.60 10.60
CA LYS F 70 1.60 13.03 9.31
C LYS F 70 1.82 11.53 9.41
N ARG F 71 2.56 11.11 10.43
CA ARG F 71 2.83 9.70 10.67
C ARG F 71 2.49 9.30 12.10
N MET F 72 1.89 8.11 12.25
CA MET F 72 1.61 7.50 13.54
C MET F 72 2.54 6.31 13.69
N ILE F 73 3.19 6.20 14.85
CA ILE F 73 3.91 4.99 15.22
C ILE F 73 3.20 4.41 16.45
N SER F 74 2.51 3.27 16.24
CA SER F 74 1.52 2.76 17.17
C SER F 74 1.44 1.25 17.09
N SER F 75 0.82 0.64 18.10
CA SER F 75 0.65 -0.81 18.13
C SER F 75 -0.77 -1.28 17.83
N TYR F 76 -1.76 -0.45 18.17
CA TYR F 76 -3.16 -0.83 18.00
C TYR F 76 -4.05 0.37 17.69
N VAL F 77 -4.81 0.28 16.61
CA VAL F 77 -5.69 1.36 16.14
C VAL F 77 -6.96 1.43 16.97
N GLY F 78 -7.62 0.30 17.10
CA GLY F 78 -8.77 0.17 17.98
C GLY F 78 -10.01 0.83 17.43
N GLU F 79 -10.73 1.53 18.31
CA GLU F 79 -12.04 2.08 17.97
C GLU F 79 -11.91 3.54 17.56
N ASN F 80 -11.14 3.77 16.50
CA ASN F 80 -11.03 5.08 15.87
C ASN F 80 -11.25 4.96 14.36
N ALA F 81 -12.49 5.19 13.95
CA ALA F 81 -12.89 5.09 12.55
C ALA F 81 -12.17 6.11 11.67
N GLU F 82 -11.94 7.31 12.22
CA GLU F 82 -11.22 8.36 11.51
C GLU F 82 -9.79 7.95 11.20
N PHE F 83 -9.11 7.32 12.16
CA PHE F 83 -7.77 6.80 11.89
C PHE F 83 -7.86 5.84 10.73
N GLU F 84 -8.68 4.81 10.89
CA GLU F 84 -8.77 3.75 9.91
C GLU F 84 -9.04 4.34 8.52
N ARG F 85 -9.91 5.34 8.49
CA ARG F 85 -10.25 6.02 7.25
C ARG F 85 -9.03 6.71 6.64
N GLN F 86 -8.38 7.57 7.41
CA GLN F 86 -7.22 8.32 6.93
C GLN F 86 -6.09 7.40 6.48
N TYR F 87 -5.88 6.30 7.22
CA TYR F 87 -4.85 5.33 6.91
C TYR F 87 -5.16 4.60 5.61
N LEU F 88 -6.38 4.08 5.50
CA LEU F 88 -6.83 3.39 4.30
C LEU F 88 -6.94 4.34 3.09
N ALA F 89 -7.27 5.60 3.35
CA ALA F 89 -7.44 6.60 2.27
C ALA F 89 -6.11 7.06 1.66
N GLY F 90 -5.01 6.88 2.39
CA GLY F 90 -3.69 7.35 1.94
C GLY F 90 -3.31 8.73 2.46
N GLU F 91 -4.05 9.21 3.46
CA GLU F 91 -3.82 10.52 4.07
C GLU F 91 -2.86 10.47 5.24
N LEU F 92 -2.79 9.31 5.90
CA LEU F 92 -1.99 9.14 7.12
C LEU F 92 -0.99 8.00 6.96
N GLU F 93 0.25 8.24 7.37
CA GLU F 93 1.27 7.20 7.42
C GLU F 93 1.20 6.49 8.77
N VAL F 94 1.36 5.16 8.77
CA VAL F 94 1.24 4.39 10.01
C VAL F 94 2.23 3.23 10.07
N GLU F 95 3.17 3.31 11.01
CA GLU F 95 4.06 2.19 11.33
C GLU F 95 3.42 1.38 12.44
N LEU F 96 2.76 0.28 12.09
CA LEU F 96 2.23 -0.65 13.08
C LEU F 96 3.38 -1.41 13.74
N THR F 97 3.55 -1.20 15.05
CA THR F 97 4.72 -1.69 15.80
C THR F 97 4.27 -2.53 17.00
N PRO F 98 4.84 -3.74 17.17
CA PRO F 98 4.46 -4.55 18.33
C PRO F 98 4.58 -3.76 19.65
N GLN F 99 3.54 -3.83 20.49
CA GLN F 99 3.45 -2.96 21.67
C GLN F 99 4.71 -3.04 22.55
N GLY F 100 5.11 -4.25 22.91
CA GLY F 100 6.34 -4.43 23.68
C GLY F 100 7.59 -3.96 22.99
N THR F 101 7.65 -4.11 21.66
CA THR F 101 8.78 -3.56 20.89
C THR F 101 8.77 -2.03 20.94
N LEU F 102 7.60 -1.44 20.77
CA LEU F 102 7.44 0.01 20.91
C LEU F 102 7.92 0.49 22.27
N ALA F 103 7.56 -0.27 23.31
CA ALA F 103 7.93 0.12 24.69
C ALA F 103 9.43 0.01 24.93
N GLU F 104 10.04 -1.05 24.40
CA GLU F 104 11.47 -1.29 24.61
C GLU F 104 12.31 -0.33 23.79
N ARG F 105 11.82 0.02 22.59
CA ARG F 105 12.53 0.96 21.74
C ARG F 105 12.51 2.36 22.33
N ILE F 106 11.39 2.73 22.95
CA ILE F 106 11.32 4.01 23.66
C ILE F 106 12.30 3.99 24.83
N ARG F 107 12.33 2.89 25.56
CA ARG F 107 13.24 2.77 26.68
C ARG F 107 14.69 2.88 26.21
N ALA F 108 15.03 2.10 25.19
CA ALA F 108 16.37 2.15 24.60
C ALA F 108 16.76 3.58 24.25
N GLY F 109 15.80 4.32 23.70
CA GLY F 109 16.03 5.71 23.29
C GLY F 109 16.32 6.67 24.44
N GLY F 110 15.85 6.32 25.64
CA GLY F 110 16.17 7.11 26.83
C GLY F 110 17.35 6.55 27.61
N ALA F 111 17.70 5.29 27.38
CA ALA F 111 18.73 4.60 28.15
C ALA F 111 20.08 4.47 27.41
N GLY F 112 20.25 5.17 26.29
CA GLY F 112 21.53 5.17 25.58
C GLY F 112 21.82 3.91 24.78
N VAL F 113 20.79 3.11 24.52
CA VAL F 113 20.92 1.90 23.73
C VAL F 113 20.37 2.19 22.33
N PRO F 114 21.23 2.11 21.30
CA PRO F 114 20.78 2.42 19.94
C PRO F 114 19.97 1.29 19.32
N ALA F 115 20.25 0.06 19.70
CA ALA F 115 19.53 -1.07 19.13
C ALA F 115 19.66 -2.28 20.05
N PHE F 116 18.75 -3.23 19.85
CA PHE F 116 18.72 -4.43 20.68
C PHE F 116 17.96 -5.50 19.91
N TYR F 117 18.01 -6.73 20.40
CA TYR F 117 17.38 -7.86 19.74
C TYR F 117 16.16 -8.36 20.50
N THR F 118 15.18 -8.83 19.74
CA THR F 118 13.95 -9.38 20.29
C THR F 118 13.39 -10.40 19.32
N SER F 119 12.73 -11.43 19.82
CA SER F 119 12.10 -12.44 18.96
C SER F 119 10.71 -11.98 18.49
N THR F 120 10.15 -10.94 19.13
CA THR F 120 8.87 -10.39 18.76
C THR F 120 8.83 -9.89 17.33
N GLY F 121 7.93 -10.47 16.53
CA GLY F 121 7.80 -10.09 15.12
C GLY F 121 8.61 -10.94 14.15
N TYR F 122 9.39 -11.89 14.65
CA TYR F 122 10.13 -12.79 13.76
C TYR F 122 9.15 -13.69 13.00
N GLY F 123 9.42 -13.88 11.71
CA GLY F 123 8.56 -14.68 10.84
C GLY F 123 7.26 -13.97 10.46
N THR F 124 7.22 -12.65 10.65
CA THR F 124 6.05 -11.85 10.32
C THR F 124 6.48 -10.67 9.46
N LEU F 125 5.52 -9.83 9.09
CA LEU F 125 5.80 -8.66 8.24
C LEU F 125 6.73 -7.65 8.91
N VAL F 126 6.79 -7.66 10.23
CA VAL F 126 7.71 -6.77 10.94
C VAL F 126 9.14 -7.15 10.59
N GLN F 127 9.44 -8.44 10.65
CA GLN F 127 10.77 -8.95 10.31
C GLN F 127 11.00 -8.96 8.80
N GLU F 128 10.03 -9.52 8.07
CA GLU F 128 10.18 -9.74 6.63
C GLU F 128 10.06 -8.44 5.82
N GLY F 129 9.39 -7.44 6.38
CA GLY F 129 9.12 -6.19 5.68
C GLY F 129 7.84 -6.30 4.86
N GLY F 130 7.44 -5.21 4.24
CA GLY F 130 6.23 -5.19 3.41
C GLY F 130 4.96 -4.82 4.14
N SER F 131 5.07 -4.40 5.40
CA SER F 131 3.91 -3.94 6.16
C SER F 131 3.53 -2.56 5.62
N PRO F 132 2.26 -2.37 5.23
CA PRO F 132 1.89 -1.08 4.65
C PRO F 132 2.03 0.08 5.64
N ILE F 133 2.91 1.03 5.29
CA ILE F 133 3.09 2.25 6.06
C ILE F 133 2.22 3.36 5.48
N LYS F 134 2.19 3.45 4.15
CA LYS F 134 1.32 4.40 3.46
C LYS F 134 0.63 3.76 2.25
N TYR F 135 -0.64 4.11 2.06
CA TYR F 135 -1.41 3.69 0.89
C TYR F 135 -1.50 4.83 -0.12
N ASN F 136 -1.56 4.47 -1.40
CA ASN F 136 -1.90 5.42 -2.47
C ASN F 136 -3.41 5.57 -2.52
N LYS F 137 -3.88 6.55 -3.28
CA LYS F 137 -5.33 6.75 -3.42
C LYS F 137 -6.01 5.58 -4.14
N ASP F 138 -5.25 4.85 -4.96
CA ASP F 138 -5.80 3.81 -5.83
C ASP F 138 -5.82 2.39 -5.24
N GLY F 139 -5.46 2.24 -3.97
CA GLY F 139 -5.49 0.92 -3.30
C GLY F 139 -4.17 0.18 -3.24
N SER F 140 -3.24 0.50 -4.14
CA SER F 140 -1.89 -0.06 -4.10
C SER F 140 -1.07 0.68 -3.04
N ILE F 141 0.08 0.11 -2.66
CA ILE F 141 0.82 0.58 -1.50
C ILE F 141 1.85 1.64 -1.88
N ALA F 142 1.83 2.78 -1.18
CA ALA F 142 2.79 3.86 -1.45
C ALA F 142 4.13 3.62 -0.73
N ILE F 143 4.07 3.40 0.59
CA ILE F 143 5.27 3.08 1.38
C ILE F 143 5.08 1.76 2.12
N ALA F 144 6.08 0.90 2.05
CA ALA F 144 6.07 -0.38 2.77
C ALA F 144 7.20 -0.38 3.80
N SER F 145 7.05 -1.20 4.84
CA SER F 145 8.05 -1.28 5.89
C SER F 145 9.29 -2.04 5.39
N LYS F 146 10.46 -1.62 5.86
CA LYS F 146 11.71 -2.30 5.53
C LYS F 146 11.95 -3.48 6.46
N PRO F 147 12.68 -4.50 5.98
CA PRO F 147 12.94 -5.66 6.82
C PRO F 147 13.81 -5.35 8.02
N ARG F 148 13.72 -6.20 9.04
CA ARG F 148 14.60 -6.11 10.20
C ARG F 148 15.65 -7.22 10.08
N GLU F 149 16.89 -6.90 10.42
CA GLU F 149 17.98 -7.87 10.37
C GLU F 149 17.71 -9.01 11.34
N VAL F 150 17.89 -10.24 10.88
CA VAL F 150 17.71 -11.41 11.71
C VAL F 150 19.06 -11.89 12.20
N ARG F 151 19.11 -12.37 13.44
CA ARG F 151 20.32 -12.96 14.00
C ARG F 151 19.98 -14.05 15.00
N GLU F 152 20.79 -15.12 15.00
CA GLU F 152 20.56 -16.25 15.88
C GLU F 152 21.36 -16.09 17.18
N PHE F 153 20.68 -16.29 18.30
CA PHE F 153 21.31 -16.35 19.62
C PHE F 153 20.82 -17.61 20.33
N ASN F 154 21.74 -18.45 20.77
CA ASN F 154 21.41 -19.64 21.56
C ASN F 154 20.33 -20.51 20.90
N GLY F 155 20.51 -20.78 19.62
CA GLY F 155 19.62 -21.67 18.88
C GLY F 155 18.24 -21.10 18.56
N GLN F 156 18.12 -19.77 18.59
CA GLN F 156 16.85 -19.12 18.35
C GLN F 156 17.03 -17.84 17.55
N HIS F 157 16.02 -17.49 16.74
CA HIS F 157 16.08 -16.33 15.86
C HIS F 157 15.45 -15.08 16.46
N PHE F 158 16.19 -13.97 16.35
CA PHE F 158 15.79 -12.67 16.88
C PHE F 158 15.96 -11.61 15.79
N ILE F 159 15.25 -10.49 15.93
CA ILE F 159 15.39 -9.38 14.99
C ILE F 159 15.92 -8.12 15.68
N LEU F 160 16.65 -7.31 14.94
CA LEU F 160 17.26 -6.09 15.49
C LEU F 160 16.29 -4.93 15.42
N GLU F 161 16.04 -4.29 16.57
CA GLU F 161 15.16 -3.13 16.64
C GLU F 161 15.95 -1.93 17.13
N GLU F 162 15.68 -0.76 16.56
CA GLU F 162 16.42 0.45 16.87
C GLU F 162 15.65 1.36 17.82
N ALA F 163 16.41 2.13 18.61
CA ALA F 163 15.83 3.05 19.59
C ALA F 163 14.91 4.07 18.94
N ILE F 164 13.88 4.46 19.70
CA ILE F 164 12.98 5.53 19.32
C ILE F 164 13.19 6.67 20.29
N ARG F 165 13.48 7.85 19.76
CA ARG F 165 13.68 9.03 20.58
C ARG F 165 12.89 10.21 19.99
N GLY F 166 12.28 11.00 20.86
CA GLY F 166 11.45 12.12 20.41
C GLY F 166 12.14 13.46 20.53
N ASP F 167 11.64 14.43 19.77
CA ASP F 167 11.99 15.85 19.99
C ASP F 167 11.23 16.31 21.23
N PHE F 168 10.00 15.85 21.39
CA PHE F 168 9.17 16.17 22.54
C PHE F 168 8.45 14.95 23.07
N ALA F 169 8.12 14.97 24.35
CA ALA F 169 7.26 13.97 24.97
C ALA F 169 6.12 14.65 25.71
N LEU F 170 4.89 14.24 25.42
CA LEU F 170 3.72 14.76 26.10
C LEU F 170 3.22 13.70 27.04
N VAL F 171 3.29 13.98 28.34
CA VAL F 171 3.15 12.96 29.36
C VAL F 171 2.08 13.34 30.37
N LYS F 172 1.26 12.36 30.75
CA LYS F 172 0.23 12.55 31.79
C LYS F 172 0.66 11.79 33.04
N ALA F 173 0.53 12.43 34.19
CA ALA F 173 0.87 11.81 35.47
C ALA F 173 -0.12 12.26 36.54
N TRP F 174 -0.14 11.55 37.67
CA TRP F 174 -1.09 11.83 38.74
C TRP F 174 -0.67 13.05 39.54
N LYS F 175 0.46 12.93 40.24
CA LYS F 175 0.96 13.99 41.10
C LYS F 175 2.41 14.33 40.79
N ALA F 176 2.77 15.58 41.04
CA ALA F 176 4.16 16.03 41.01
C ALA F 176 4.41 16.86 42.26
N ASP F 177 5.60 16.75 42.83
CA ASP F 177 5.98 17.63 43.95
C ASP F 177 6.61 18.89 43.37
N GLN F 178 6.92 19.88 44.22
CA GLN F 178 7.42 21.16 43.71
C GLN F 178 8.86 21.05 43.21
N ALA F 179 9.53 19.94 43.53
CA ALA F 179 10.87 19.67 43.03
C ALA F 179 10.84 19.15 41.58
N GLY F 180 9.69 18.61 41.16
CA GLY F 180 9.55 18.07 39.80
C GLY F 180 9.43 16.57 39.73
N ASN F 181 9.51 15.90 40.88
CA ASN F 181 9.31 14.44 40.93
C ASN F 181 7.87 14.12 40.62
N VAL F 182 7.63 12.96 40.03
CA VAL F 182 6.30 12.61 39.51
C VAL F 182 5.88 11.18 39.87
N THR F 183 4.58 10.97 40.03
CA THR F 183 4.01 9.64 40.23
C THR F 183 2.80 9.43 39.33
N PHE F 184 2.37 8.17 39.21
CA PHE F 184 1.26 7.79 38.35
C PHE F 184 0.26 6.98 39.15
N ARG F 185 -1.01 7.01 38.70
CA ARG F 185 -2.09 6.33 39.41
C ARG F 185 -2.61 5.13 38.63
N LYS F 186 -2.52 3.96 39.26
CA LYS F 186 -3.06 2.71 38.73
C LYS F 186 -2.53 2.43 37.31
N SER F 187 -3.39 2.04 36.38
CA SER F 187 -2.95 1.67 35.04
C SER F 187 -2.76 2.86 34.10
N ALA F 188 -2.88 4.08 34.63
CA ALA F 188 -2.63 5.31 33.86
C ALA F 188 -1.14 5.57 33.61
N ARG F 189 -0.28 4.74 34.18
CA ARG F 189 1.16 4.85 33.98
C ARG F 189 1.56 4.42 32.57
N ASN F 190 1.24 3.18 32.22
CA ASN F 190 1.56 2.59 30.89
C ASN F 190 2.79 3.20 30.19
N PHE F 191 2.59 3.92 29.08
CA PHE F 191 3.69 4.40 28.25
C PHE F 191 4.24 5.74 28.71
N ASN F 192 3.56 6.36 29.66
CA ASN F 192 3.98 7.66 30.18
C ASN F 192 5.34 7.61 30.86
N LEU F 193 5.62 6.52 31.56
CA LEU F 193 6.92 6.39 32.24
C LEU F 193 8.12 6.32 31.28
N PRO F 194 8.16 5.30 30.40
CA PRO F 194 9.32 5.27 29.47
C PRO F 194 9.45 6.51 28.58
N MET F 195 8.34 6.98 28.01
CA MET F 195 8.33 8.16 27.13
C MET F 195 8.93 9.40 27.78
N CYS F 196 8.82 9.47 29.10
CA CYS F 196 9.34 10.59 29.89
C CYS F 196 10.87 10.68 29.84
N LYS F 197 11.51 9.58 29.43
CA LYS F 197 12.96 9.47 29.43
C LYS F 197 13.56 9.54 28.03
N ALA F 198 12.72 9.44 26.99
CA ALA F 198 13.19 9.24 25.62
C ALA F 198 13.02 10.45 24.71
N ALA F 199 12.93 11.65 25.26
CA ALA F 199 12.75 12.83 24.43
C ALA F 199 13.68 13.97 24.83
N GLU F 200 13.99 14.83 23.86
CA GLU F 200 14.84 16.00 24.10
C GLU F 200 14.20 16.94 25.12
N THR F 201 12.91 17.25 24.92
CA THR F 201 12.14 18.02 25.89
C THR F 201 10.91 17.22 26.33
N THR F 202 10.78 17.00 27.63
CA THR F 202 9.63 16.27 28.17
C THR F 202 8.71 17.23 28.89
N VAL F 203 7.43 17.21 28.51
CA VAL F 203 6.42 18.06 29.10
C VAL F 203 5.41 17.16 29.80
N VAL F 204 5.26 17.36 31.10
CA VAL F 204 4.37 16.54 31.91
C VAL F 204 3.22 17.39 32.44
N GLU F 205 2.00 16.88 32.33
CA GLU F 205 0.85 17.50 32.97
C GLU F 205 0.40 16.61 34.11
N VAL F 206 0.02 17.23 35.23
CA VAL F 206 -0.39 16.50 36.43
C VAL F 206 -1.72 17.02 36.99
N GLU F 207 -2.42 16.13 37.70
CA GLU F 207 -3.71 16.49 38.30
C GLU F 207 -3.53 17.33 39.56
N GLU F 208 -2.44 17.10 40.28
CA GLU F 208 -2.21 17.77 41.54
C GLU F 208 -0.72 18.06 41.74
N ILE F 209 -0.41 19.19 42.36
CA ILE F 209 0.96 19.53 42.72
C ILE F 209 1.06 19.57 44.26
N VAL F 210 1.86 18.66 44.81
CA VAL F 210 2.01 18.53 46.26
C VAL F 210 3.35 19.08 46.71
N ASP F 211 3.57 19.06 48.02
CA ASP F 211 4.79 19.60 48.61
C ASP F 211 5.97 18.66 48.35
N ILE F 212 7.17 19.21 48.39
CA ILE F 212 8.37 18.39 48.48
C ILE F 212 8.37 17.68 49.84
N GLY F 213 8.63 16.38 49.82
CA GLY F 213 8.54 15.55 51.02
C GLY F 213 7.28 14.71 51.10
N SER F 214 6.28 15.04 50.26
CA SER F 214 5.00 14.32 50.25
C SER F 214 5.18 12.87 49.80
N PHE F 215 6.09 12.65 48.84
CA PHE F 215 6.40 11.31 48.35
C PHE F 215 7.46 10.67 49.23
N ALA F 216 7.30 9.38 49.50
CA ALA F 216 8.41 8.59 50.02
C ALA F 216 9.40 8.49 48.86
N PRO F 217 10.69 8.75 49.12
CA PRO F 217 11.68 8.83 48.03
C PRO F 217 11.83 7.51 47.25
N GLU F 218 11.54 6.39 47.89
CA GLU F 218 11.54 5.09 47.21
C GLU F 218 10.40 4.96 46.19
N ASP F 219 9.33 5.71 46.41
CA ASP F 219 8.10 5.54 45.64
C ASP F 219 7.89 6.63 44.60
N ILE F 220 8.97 7.34 44.23
CA ILE F 220 8.94 8.29 43.13
C ILE F 220 9.11 7.51 41.83
N HIS F 221 8.11 7.55 40.96
CA HIS F 221 8.12 6.73 39.74
C HIS F 221 9.01 7.31 38.66
N ILE F 222 8.94 8.63 38.46
CA ILE F 222 9.82 9.33 37.55
C ILE F 222 10.53 10.44 38.34
N PRO F 223 11.85 10.29 38.56
CA PRO F 223 12.64 11.33 39.21
C PRO F 223 12.72 12.62 38.41
N LYS F 224 12.83 13.73 39.12
CA LYS F 224 12.83 15.08 38.50
C LYS F 224 13.81 15.28 37.34
N ILE F 225 14.92 14.54 37.33
CA ILE F 225 15.91 14.66 36.24
C ILE F 225 15.29 14.48 34.84
N TYR F 226 14.26 13.65 34.75
CA TYR F 226 13.57 13.39 33.50
C TYR F 226 12.49 14.41 33.14
N VAL F 227 12.00 15.16 34.13
CA VAL F 227 10.90 16.10 33.93
C VAL F 227 11.44 17.51 33.66
N HIS F 228 11.30 17.96 32.41
CA HIS F 228 11.86 19.25 31.98
C HIS F 228 10.86 20.39 32.13
N ARG F 229 9.60 20.13 31.79
CA ARG F 229 8.53 21.12 31.95
C ARG F 229 7.35 20.45 32.62
N LEU F 230 6.80 21.14 33.62
CA LEU F 230 5.67 20.63 34.40
C LEU F 230 4.52 21.62 34.39
N VAL F 231 3.31 21.13 34.15
CA VAL F 231 2.11 21.96 34.15
C VAL F 231 1.01 21.26 34.93
N LYS F 232 0.24 22.02 35.70
CA LYS F 232 -0.95 21.47 36.36
C LYS F 232 -2.12 21.57 35.39
N GLY F 233 -2.73 20.43 35.08
CA GLY F 233 -3.80 20.39 34.09
C GLY F 233 -5.04 21.12 34.56
N GLU F 234 -5.61 21.93 33.67
CA GLU F 234 -6.77 22.75 33.99
C GLU F 234 -8.04 21.90 34.08
N LYS F 235 -8.24 21.04 33.10
CA LYS F 235 -9.47 20.24 32.99
C LYS F 235 -9.15 18.75 32.84
N TYR F 236 -9.81 17.93 33.66
CA TYR F 236 -9.70 16.47 33.55
C TYR F 236 -11.08 15.83 33.48
N GLU F 237 -11.42 15.33 32.29
CA GLU F 237 -12.77 14.85 32.01
C GLU F 237 -13.04 13.43 32.46
N LYS F 238 -12.01 12.72 32.93
CA LYS F 238 -12.16 11.36 33.45
C LYS F 238 -12.95 10.47 32.47
N ARG F 239 -12.65 10.57 31.19
CA ARG F 239 -13.41 9.87 30.16
C ARG F 239 -13.17 8.37 30.19
N ILE F 240 -14.25 7.62 30.02
CA ILE F 240 -14.21 6.17 29.98
C ILE F 240 -14.67 5.69 28.62
N GLU F 241 -13.83 4.92 27.92
CA GLU F 241 -14.13 4.44 26.59
C GLU F 241 -15.19 3.35 26.60
N ARG F 242 -14.97 2.30 27.40
CA ARG F 242 -15.89 1.17 27.51
C ARG F 242 -16.29 0.95 28.96
N LEU F 243 -17.46 1.45 29.36
CA LEU F 243 -17.96 1.25 30.72
C LEU F 243 -18.44 -0.19 30.89
N SER F 244 -17.85 -0.90 31.84
CA SER F 244 -18.23 -2.28 32.16
C SER F 244 -18.46 -2.35 33.66
N VAL F 245 -19.63 -2.86 34.04
CA VAL F 245 -20.02 -2.97 35.45
C VAL F 245 -20.63 -4.34 35.72
N ARG F 246 -20.55 -4.81 36.97
CA ARG F 246 -21.14 -6.10 37.34
C ARG F 246 -22.34 -5.88 38.28
N GLU F 264 -20.21 -15.69 26.37
CA GLU F 264 -20.15 -16.23 27.73
C GLU F 264 -19.83 -17.71 27.73
N ARG F 265 -20.30 -18.42 26.71
CA ARG F 265 -20.06 -19.86 26.61
C ARG F 265 -18.60 -20.19 26.32
N ILE F 266 -17.93 -19.33 25.54
CA ILE F 266 -16.51 -19.52 25.24
C ILE F 266 -15.67 -19.26 26.50
N ILE F 267 -16.09 -18.29 27.31
CA ILE F 267 -15.36 -17.88 28.52
C ILE F 267 -15.50 -18.92 29.63
N LYS F 268 -16.64 -19.59 29.69
CA LYS F 268 -16.88 -20.66 30.68
C LYS F 268 -16.08 -21.93 30.36
N ARG F 269 -15.72 -22.12 29.09
CA ARG F 269 -14.80 -23.21 28.75
C ARG F 269 -13.34 -22.75 28.88
N ALA F 270 -13.07 -21.52 28.47
CA ALA F 270 -11.72 -20.95 28.54
C ALA F 270 -11.22 -20.87 29.97
N ALA F 271 -12.10 -20.48 30.89
CA ALA F 271 -11.77 -20.36 32.31
C ALA F 271 -11.28 -21.67 32.94
N LEU F 272 -11.66 -22.80 32.36
CA LEU F 272 -11.19 -24.12 32.82
C LEU F 272 -9.73 -24.41 32.48
N GLU F 273 -9.13 -23.57 31.64
CA GLU F 273 -7.70 -23.70 31.32
C GLU F 273 -6.81 -23.19 32.45
N PHE F 274 -7.39 -22.37 33.34
CA PHE F 274 -6.66 -21.85 34.49
C PHE F 274 -6.31 -22.95 35.50
N GLU F 275 -5.09 -22.90 36.01
CA GLU F 275 -4.66 -23.76 37.11
C GLU F 275 -4.36 -22.88 38.32
N ASP F 276 -4.31 -23.51 39.49
CA ASP F 276 -4.03 -22.77 40.73
C ASP F 276 -2.59 -22.26 40.73
N GLY F 277 -2.41 -21.00 41.07
CA GLY F 277 -1.09 -20.36 41.08
C GLY F 277 -0.58 -19.93 39.71
N MET F 278 -1.42 -20.03 38.68
CA MET F 278 -1.03 -19.73 37.30
C MET F 278 -0.95 -18.22 37.07
N TYR F 279 0.04 -17.81 36.27
CA TYR F 279 0.12 -16.45 35.78
C TYR F 279 -0.38 -16.41 34.34
N ALA F 280 -1.52 -15.74 34.13
CA ALA F 280 -2.21 -15.75 32.84
C ALA F 280 -2.48 -14.34 32.31
N ASN F 281 -2.39 -14.18 30.99
CA ASN F 281 -2.66 -12.90 30.33
C ASN F 281 -3.91 -12.99 29.47
N LEU F 282 -4.79 -11.99 29.59
CA LEU F 282 -6.02 -11.91 28.78
C LEU F 282 -5.92 -10.79 27.74
N GLY F 283 -5.94 -11.16 26.47
CA GLY F 283 -5.86 -10.20 25.37
C GLY F 283 -7.18 -9.46 25.14
N ILE F 284 -7.19 -8.55 24.16
CA ILE F 284 -8.36 -7.72 23.88
C ILE F 284 -9.44 -8.57 23.19
N GLY F 285 -10.69 -8.31 23.55
CA GLY F 285 -11.83 -9.00 22.96
C GLY F 285 -12.47 -9.98 23.92
N ILE F 286 -12.64 -11.22 23.47
CA ILE F 286 -13.33 -12.25 24.25
C ILE F 286 -12.63 -12.61 25.56
N PRO F 287 -11.29 -12.77 25.53
CA PRO F 287 -10.54 -13.13 26.74
C PRO F 287 -10.79 -12.24 27.97
N LEU F 288 -11.00 -10.95 27.75
CA LEU F 288 -11.17 -9.97 28.83
C LEU F 288 -12.23 -10.39 29.86
N LEU F 289 -13.28 -11.06 29.41
CA LEU F 289 -14.40 -11.44 30.28
C LEU F 289 -14.02 -12.47 31.35
N ALA F 290 -12.96 -13.23 31.08
CA ALA F 290 -12.52 -14.31 31.98
C ALA F 290 -11.93 -13.85 33.33
N SER F 291 -11.80 -12.54 33.55
CA SER F 291 -11.40 -12.02 34.87
C SER F 291 -12.58 -12.09 35.85
N ASN F 292 -13.78 -12.24 35.32
CA ASN F 292 -14.99 -12.44 36.13
C ASN F 292 -15.29 -13.92 36.43
N PHE F 293 -14.53 -14.83 35.81
CA PHE F 293 -14.75 -16.26 35.97
C PHE F 293 -13.58 -16.95 36.67
N ILE F 294 -13.03 -16.31 37.70
CA ILE F 294 -12.03 -16.93 38.56
C ILE F 294 -12.78 -17.79 39.58
N SER F 295 -12.45 -19.08 39.63
CA SER F 295 -13.06 -19.99 40.60
C SER F 295 -12.73 -19.51 42.03
N PRO F 296 -13.71 -19.58 42.95
CA PRO F 296 -13.43 -19.17 44.33
C PRO F 296 -12.37 -20.04 45.01
N ASN F 297 -12.36 -21.33 44.69
CA ASN F 297 -11.38 -22.26 45.22
C ASN F 297 -9.99 -22.07 44.63
N MET F 298 -9.91 -21.51 43.43
CA MET F 298 -8.66 -21.36 42.70
C MET F 298 -8.07 -19.97 42.86
N THR F 299 -6.74 -19.89 42.86
CA THR F 299 -6.02 -18.62 42.85
C THR F 299 -5.32 -18.45 41.50
N VAL F 300 -5.79 -17.51 40.69
CA VAL F 300 -5.20 -17.23 39.38
C VAL F 300 -4.76 -15.77 39.32
N HIS F 301 -3.54 -15.56 38.85
CA HIS F 301 -2.98 -14.21 38.77
C HIS F 301 -3.04 -13.71 37.33
N LEU F 302 -3.84 -12.68 37.10
CA LEU F 302 -4.11 -12.18 35.77
C LEU F 302 -3.28 -10.94 35.48
N GLN F 303 -2.48 -11.02 34.41
CA GLN F 303 -1.62 -9.93 33.98
C GLN F 303 -2.27 -9.16 32.84
N SER F 304 -2.24 -7.83 32.94
CA SER F 304 -2.77 -6.95 31.90
C SER F 304 -1.63 -6.15 31.29
N GLU F 305 -1.53 -6.19 29.96
CA GLU F 305 -0.38 -5.62 29.26
C GLU F 305 -0.19 -4.12 29.49
N ASN F 306 -1.26 -3.41 29.83
CA ASN F 306 -1.16 -1.98 30.15
C ASN F 306 -0.51 -1.71 31.50
N GLY F 307 -0.19 -2.76 32.26
CA GLY F 307 0.66 -2.64 33.45
C GLY F 307 0.01 -3.03 34.76
N ILE F 308 -0.70 -4.15 34.77
CA ILE F 308 -1.35 -4.65 35.98
C ILE F 308 -1.10 -6.14 36.15
N LEU F 309 -0.77 -6.54 37.38
CA LEU F 309 -0.81 -7.92 37.80
C LEU F 309 -1.84 -8.06 38.92
N GLY F 310 -2.83 -8.92 38.71
CA GLY F 310 -3.90 -9.15 39.68
C GLY F 310 -5.26 -8.60 39.28
N LEU F 311 -5.63 -8.73 38.01
CA LEU F 311 -6.93 -8.25 37.53
C LEU F 311 -8.08 -8.98 38.19
N GLY F 312 -9.03 -8.21 38.72
CA GLY F 312 -10.27 -8.76 39.28
C GLY F 312 -11.39 -8.67 38.28
N PRO F 313 -12.64 -8.87 38.74
CA PRO F 313 -13.82 -8.77 37.87
C PRO F 313 -14.22 -7.32 37.61
N TYR F 314 -15.20 -7.11 36.74
CA TYR F 314 -15.69 -5.76 36.45
C TYR F 314 -16.21 -5.12 37.73
N PRO F 315 -16.06 -3.79 37.86
CA PRO F 315 -16.43 -3.13 39.10
C PRO F 315 -17.94 -2.95 39.29
N LEU F 316 -18.33 -2.66 40.52
CA LEU F 316 -19.67 -2.16 40.82
C LEU F 316 -19.70 -0.68 40.45
N GLN F 317 -20.88 -0.08 40.51
CA GLN F 317 -21.05 1.33 40.16
C GLN F 317 -20.14 2.25 40.98
N ASN F 318 -20.07 2.02 42.29
CA ASN F 318 -19.24 2.85 43.17
C ASN F 318 -17.75 2.55 43.03
N GLU F 319 -17.41 1.37 42.50
CA GLU F 319 -16.01 0.96 42.32
C GLU F 319 -15.36 1.56 41.06
N VAL F 320 -16.18 2.03 40.13
CA VAL F 320 -15.70 2.47 38.81
C VAL F 320 -14.61 3.54 38.91
N ASP F 321 -13.51 3.32 38.19
CA ASP F 321 -12.35 4.22 38.22
C ASP F 321 -11.72 4.32 36.82
N ALA F 322 -11.52 5.54 36.36
CA ALA F 322 -11.00 5.78 35.01
C ALA F 322 -9.51 5.41 34.86
N ASP F 323 -8.79 5.42 35.98
CA ASP F 323 -7.37 5.06 35.99
C ASP F 323 -7.12 3.55 36.04
N LEU F 324 -8.19 2.76 35.97
CA LEU F 324 -8.08 1.30 36.09
C LEU F 324 -8.87 0.61 34.98
N ILE F 325 -8.16 0.15 33.95
CA ILE F 325 -8.79 -0.51 32.82
C ILE F 325 -7.98 -1.73 32.37
N ASN F 326 -8.65 -2.70 31.76
CA ASN F 326 -7.96 -3.86 31.20
C ASN F 326 -7.46 -3.53 29.79
N ALA F 327 -6.89 -4.52 29.11
CA ALA F 327 -6.30 -4.30 27.78
C ALA F 327 -7.31 -3.74 26.78
N GLY F 328 -8.52 -4.26 26.79
CA GLY F 328 -9.58 -3.79 25.90
C GLY F 328 -10.24 -2.49 26.31
N LYS F 329 -9.68 -1.83 27.32
CA LYS F 329 -10.09 -0.48 27.73
C LYS F 329 -11.38 -0.47 28.53
N GLU F 330 -11.76 -1.63 29.08
CA GLU F 330 -12.93 -1.76 29.96
C GLU F 330 -12.57 -1.45 31.40
N THR F 331 -13.47 -0.77 32.12
CA THR F 331 -13.28 -0.54 33.56
C THR F 331 -13.20 -1.88 34.31
N VAL F 332 -12.22 -2.00 35.21
CA VAL F 332 -11.97 -3.24 35.94
C VAL F 332 -11.66 -2.96 37.40
N THR F 333 -11.49 -4.02 38.17
CA THR F 333 -10.97 -3.94 39.54
C THR F 333 -9.69 -4.75 39.63
N VAL F 334 -8.99 -4.60 40.75
CA VAL F 334 -7.83 -5.43 41.08
C VAL F 334 -8.11 -6.20 42.36
N LEU F 335 -7.60 -7.43 42.42
CA LEU F 335 -7.72 -8.26 43.62
C LEU F 335 -6.66 -7.85 44.63
N PRO F 336 -6.78 -8.30 45.89
CA PRO F 336 -5.74 -7.99 46.88
C PRO F 336 -4.38 -8.56 46.50
N GLY F 337 -3.32 -7.81 46.79
CA GLY F 337 -1.94 -8.21 46.46
C GLY F 337 -1.56 -7.92 45.02
N ALA F 338 -2.31 -7.03 44.37
CA ALA F 338 -2.04 -6.67 42.98
C ALA F 338 -0.98 -5.59 42.92
N SER F 339 -0.39 -5.40 41.74
CA SER F 339 0.66 -4.41 41.55
C SER F 339 0.54 -3.71 40.19
N TYR F 340 1.05 -2.49 40.13
CA TYR F 340 1.04 -1.69 38.92
C TYR F 340 2.46 -1.45 38.45
N PHE F 341 2.64 -1.36 37.14
CA PHE F 341 3.98 -1.15 36.58
C PHE F 341 3.90 -0.54 35.18
N SER F 342 5.01 0.02 34.72
CA SER F 342 5.05 0.69 33.42
C SER F 342 4.92 -0.33 32.29
N SER F 343 4.76 0.17 31.06
CA SER F 343 4.59 -0.66 29.87
C SER F 343 5.88 -1.37 29.45
N ASP F 344 7.02 -0.72 29.64
CA ASP F 344 8.32 -1.36 29.35
C ASP F 344 8.58 -2.52 30.30
N GLU F 345 8.13 -2.37 31.54
CA GLU F 345 8.20 -3.43 32.54
C GLU F 345 7.17 -4.52 32.31
N SER F 346 5.99 -4.14 31.82
CA SER F 346 4.94 -5.12 31.52
C SER F 346 5.40 -6.11 30.43
N PHE F 347 6.12 -5.60 29.44
CA PHE F 347 6.58 -6.47 28.33
C PHE F 347 7.96 -7.08 28.55
N ALA F 348 8.71 -6.57 29.51
CA ALA F 348 9.88 -7.30 30.02
C ALA F 348 9.37 -8.59 30.65
N MET F 349 8.30 -8.45 31.42
CA MET F 349 7.61 -9.57 32.06
C MET F 349 7.14 -10.57 31.01
N ILE F 350 6.40 -10.09 30.02
CA ILE F 350 5.83 -10.94 28.98
C ILE F 350 6.96 -11.56 28.13
N ARG F 351 7.81 -10.72 27.58
CA ARG F 351 8.88 -11.17 26.66
C ARG F 351 9.88 -12.11 27.35
N GLY F 352 10.03 -11.97 28.67
CA GLY F 352 10.95 -12.81 29.45
C GLY F 352 10.42 -14.19 29.79
N GLY F 353 9.16 -14.46 29.46
CA GLY F 353 8.57 -15.78 29.67
C GLY F 353 8.04 -16.03 31.07
N HIS F 354 7.81 -14.95 31.81
CA HIS F 354 7.35 -15.05 33.19
C HIS F 354 5.86 -15.35 33.30
N VAL F 355 5.11 -15.06 32.23
CA VAL F 355 3.68 -15.38 32.17
C VAL F 355 3.50 -16.80 31.62
N ASN F 356 2.68 -17.59 32.31
CA ASN F 356 2.52 -19.00 32.00
C ASN F 356 1.63 -19.25 30.79
N LEU F 357 0.57 -18.44 30.67
CA LEU F 357 -0.48 -18.68 29.68
C LEU F 357 -1.04 -17.37 29.16
N THR F 358 -1.21 -17.28 27.84
CA THR F 358 -1.88 -16.12 27.25
C THR F 358 -3.19 -16.53 26.55
N MET F 359 -4.25 -15.79 26.83
CA MET F 359 -5.56 -16.01 26.23
C MET F 359 -5.79 -14.90 25.20
N LEU F 360 -5.81 -15.27 23.93
CA LEU F 360 -5.84 -14.29 22.83
C LEU F 360 -7.07 -14.40 21.93
N GLY F 361 -7.71 -13.27 21.64
CA GLY F 361 -8.74 -13.21 20.61
C GLY F 361 -8.10 -13.38 19.24
N ALA F 362 -8.89 -13.77 18.25
CA ALA F 362 -8.35 -14.04 16.91
C ALA F 362 -9.31 -13.72 15.77
N MET F 363 -8.74 -13.56 14.57
CA MET F 363 -9.50 -13.42 13.34
C MET F 363 -9.35 -14.68 12.49
N GLN F 364 -8.14 -15.26 12.49
CA GLN F 364 -7.88 -16.53 11.83
C GLN F 364 -6.86 -17.34 12.60
N VAL F 365 -6.89 -18.65 12.41
CA VAL F 365 -5.87 -19.57 12.94
C VAL F 365 -5.56 -20.65 11.90
N SER F 366 -4.29 -21.03 11.82
CA SER F 366 -3.83 -21.98 10.81
C SER F 366 -3.93 -23.42 11.30
N LYS F 367 -3.72 -24.35 10.37
CA LYS F 367 -3.67 -25.78 10.64
C LYS F 367 -2.57 -26.13 11.65
N TYR F 368 -1.39 -25.54 11.46
CA TYR F 368 -0.23 -25.79 12.31
C TYR F 368 -0.01 -24.72 13.37
N GLY F 369 -1.02 -23.88 13.61
CA GLY F 369 -1.01 -22.95 14.73
C GLY F 369 -0.52 -21.53 14.47
N ASP F 370 -0.38 -21.14 13.19
CA ASP F 370 -0.10 -19.74 12.86
C ASP F 370 -1.29 -18.89 13.29
N LEU F 371 -1.01 -17.72 13.86
CA LEU F 371 -2.06 -16.82 14.31
C LEU F 371 -2.11 -15.58 13.41
N ALA F 372 -3.31 -15.04 13.22
CA ALA F 372 -3.54 -13.79 12.52
C ALA F 372 -4.69 -13.08 13.21
N ASN F 373 -4.44 -11.90 13.77
CA ASN F 373 -5.48 -11.19 14.49
C ASN F 373 -5.33 -9.67 14.56
N TRP F 374 -4.56 -9.08 13.64
CA TRP F 374 -4.28 -7.64 13.74
C TRP F 374 -4.76 -6.79 12.57
N MET F 375 -4.91 -7.37 11.39
CA MET F 375 -5.36 -6.59 10.23
C MET F 375 -6.07 -7.41 9.15
N ILE F 376 -7.18 -6.88 8.66
CA ILE F 376 -7.80 -7.34 7.43
C ILE F 376 -7.47 -6.26 6.38
N PRO F 377 -6.52 -6.57 5.47
CA PRO F 377 -5.98 -5.56 4.55
C PRO F 377 -7.04 -4.77 3.77
N GLY F 378 -7.01 -3.45 3.93
CA GLY F 378 -7.94 -2.55 3.24
C GLY F 378 -9.33 -2.46 3.84
N LYS F 379 -9.59 -3.20 4.91
CA LYS F 379 -10.93 -3.33 5.48
C LYS F 379 -10.98 -2.98 6.96
N LEU F 380 -10.24 -3.74 7.76
CA LEU F 380 -10.23 -3.57 9.21
C LEU F 380 -8.80 -3.50 9.74
N VAL F 381 -8.42 -2.34 10.28
CA VAL F 381 -7.10 -2.12 10.84
C VAL F 381 -7.22 -2.01 12.36
N LYS F 382 -6.88 -3.11 13.03
CA LYS F 382 -6.86 -3.18 14.49
C LYS F 382 -5.47 -2.87 15.02
N GLY F 383 -4.46 -3.51 14.46
CA GLY F 383 -3.10 -3.42 14.97
C GLY F 383 -2.84 -4.57 15.92
N MET F 384 -1.58 -4.96 16.07
CA MET F 384 -1.24 -6.16 16.83
C MET F 384 -1.27 -5.97 18.34
N GLY F 385 -1.12 -4.74 18.82
CA GLY F 385 -1.03 -4.51 20.25
C GLY F 385 0.11 -5.34 20.82
N GLY F 386 -0.12 -5.97 21.96
CA GLY F 386 0.88 -6.84 22.57
C GLY F 386 0.88 -8.28 22.08
N ALA F 387 0.01 -8.59 21.13
CA ALA F 387 -0.21 -9.97 20.70
C ALA F 387 1.04 -10.63 20.09
N MET F 388 1.88 -9.84 19.41
CA MET F 388 3.11 -10.39 18.84
C MET F 388 4.13 -10.75 19.94
N ASP F 389 4.13 -9.97 21.02
CA ASP F 389 5.00 -10.21 22.17
C ASP F 389 4.54 -11.43 23.00
N LEU F 390 3.24 -11.58 23.18
CA LEU F 390 2.67 -12.67 23.97
C LEU F 390 2.90 -14.05 23.34
N VAL F 391 2.90 -14.11 22.01
CA VAL F 391 3.16 -15.36 21.30
C VAL F 391 4.65 -15.59 21.03
N SER F 392 5.49 -14.61 21.38
CA SER F 392 6.94 -14.68 21.12
C SER F 392 7.67 -15.59 22.11
N SER F 393 7.13 -15.71 23.33
CA SER F 393 7.80 -16.47 24.38
C SER F 393 7.52 -17.97 24.27
N ALA F 394 8.58 -18.75 24.13
CA ALA F 394 8.49 -20.21 24.10
C ALA F 394 7.96 -20.78 25.41
N LYS F 395 8.22 -20.10 26.53
CA LYS F 395 7.75 -20.55 27.85
C LYS F 395 6.27 -20.29 28.12
N THR F 396 5.61 -19.57 27.20
CA THR F 396 4.22 -19.20 27.40
C THR F 396 3.29 -19.98 26.47
N LYS F 397 2.30 -20.64 27.06
CA LYS F 397 1.30 -21.39 26.30
C LYS F 397 0.27 -20.41 25.74
N VAL F 398 -0.19 -20.68 24.52
CA VAL F 398 -1.13 -19.79 23.84
C VAL F 398 -2.48 -20.48 23.59
N VAL F 399 -3.55 -19.88 24.12
CA VAL F 399 -4.92 -20.37 23.93
C VAL F 399 -5.76 -19.32 23.21
N VAL F 400 -6.36 -19.70 22.09
CA VAL F 400 -7.19 -18.79 21.30
C VAL F 400 -8.68 -18.97 21.61
N THR F 401 -9.33 -17.89 22.04
CA THR F 401 -10.78 -17.89 22.31
C THR F 401 -11.53 -16.99 21.30
N MET F 402 -12.05 -17.62 20.25
CA MET F 402 -12.71 -16.91 19.15
C MET F 402 -14.00 -17.59 18.71
N GLU F 403 -14.87 -16.83 18.05
CA GLU F 403 -16.01 -17.42 17.35
C GLU F 403 -15.49 -18.34 16.24
N HIS F 404 -16.23 -19.41 15.96
CA HIS F 404 -15.74 -20.44 15.03
C HIS F 404 -15.70 -19.97 13.58
N SER F 405 -16.73 -19.24 13.17
CA SER F 405 -16.86 -18.75 11.80
C SER F 405 -17.09 -17.24 11.77
N ALA F 406 -16.56 -16.59 10.73
CA ALA F 406 -16.69 -15.15 10.57
C ALA F 406 -18.04 -14.79 9.93
N LYS F 407 -18.22 -13.51 9.61
CA LYS F 407 -19.43 -13.05 8.93
C LYS F 407 -19.74 -13.84 7.65
N GLY F 408 -21.02 -14.10 7.42
CA GLY F 408 -21.48 -14.85 6.25
C GLY F 408 -21.08 -16.32 6.29
N ASN F 409 -20.97 -16.87 7.50
CA ASN F 409 -20.49 -18.24 7.70
C ASN F 409 -19.16 -18.51 6.99
N ALA F 410 -18.26 -17.52 7.04
CA ALA F 410 -16.93 -17.64 6.44
C ALA F 410 -15.99 -18.30 7.44
N HIS F 411 -15.09 -19.14 6.93
CA HIS F 411 -14.16 -19.88 7.79
C HIS F 411 -13.15 -18.95 8.49
N LYS F 412 -12.77 -19.33 9.70
CA LYS F 412 -11.69 -18.66 10.43
C LYS F 412 -10.52 -19.63 10.69
N ILE F 413 -10.85 -20.88 10.98
CA ILE F 413 -9.87 -21.97 11.09
C ILE F 413 -9.63 -22.52 9.69
N MET F 414 -8.36 -22.73 9.31
CA MET F 414 -8.03 -23.09 7.92
C MET F 414 -6.60 -23.59 7.71
N GLU F 415 -6.35 -24.08 6.48
CA GLU F 415 -5.06 -24.67 6.10
C GLU F 415 -3.92 -23.68 6.27
N LYS F 416 -4.12 -22.48 5.74
CA LYS F 416 -3.17 -21.40 5.86
C LYS F 416 -3.92 -20.09 6.00
N CYS F 417 -3.31 -19.13 6.70
CA CYS F 417 -3.95 -17.83 6.91
C CYS F 417 -3.79 -16.96 5.67
N THR F 418 -4.88 -16.30 5.29
CA THR F 418 -4.86 -15.34 4.18
C THR F 418 -4.59 -13.92 4.68
N LEU F 419 -4.92 -13.66 5.95
CA LEU F 419 -4.60 -12.40 6.60
C LEU F 419 -3.16 -12.38 7.11
N PRO F 420 -2.60 -11.18 7.38
CA PRO F 420 -1.22 -11.07 7.89
C PRO F 420 -1.03 -11.76 9.23
N LEU F 421 0.09 -12.46 9.40
CA LEU F 421 0.33 -13.26 10.59
C LEU F 421 0.72 -12.43 11.82
N THR F 422 0.21 -12.83 12.97
CA THR F 422 0.69 -12.34 14.26
C THR F 422 1.93 -13.12 14.67
N GLY F 423 1.91 -14.45 14.47
CA GLY F 423 3.06 -15.30 14.72
C GLY F 423 2.90 -16.65 14.05
N LYS F 424 4.01 -17.31 13.76
CA LYS F 424 4.01 -18.59 13.08
C LYS F 424 4.11 -19.76 14.08
N GLN F 425 3.21 -20.73 13.93
CA GLN F 425 3.20 -21.94 14.75
C GLN F 425 3.38 -21.59 16.23
N CYS F 426 2.44 -20.81 16.74
CA CYS F 426 2.50 -20.29 18.10
C CYS F 426 1.28 -20.61 18.96
N VAL F 427 0.15 -20.94 18.31
CA VAL F 427 -1.07 -21.29 19.04
C VAL F 427 -1.01 -22.76 19.45
N ASN F 428 -1.36 -23.01 20.72
CA ASN F 428 -1.33 -24.36 21.27
C ASN F 428 -2.73 -24.99 21.36
N ARG F 429 -3.73 -24.17 21.63
CA ARG F 429 -5.11 -24.65 21.73
C ARG F 429 -6.08 -23.63 21.13
N ILE F 430 -7.20 -24.12 20.59
CA ILE F 430 -8.25 -23.26 20.03
C ILE F 430 -9.60 -23.60 20.65
N ILE F 431 -10.19 -22.63 21.34
CA ILE F 431 -11.51 -22.78 21.95
C ILE F 431 -12.53 -21.90 21.22
N THR F 432 -13.57 -22.52 20.67
CA THR F 432 -14.68 -21.80 20.04
C THR F 432 -15.99 -22.12 20.74
N GLU F 433 -17.09 -21.55 20.24
CA GLU F 433 -18.43 -21.88 20.75
C GLU F 433 -18.95 -23.21 20.19
N LYS F 434 -18.26 -23.74 19.17
CA LYS F 434 -18.63 -25.01 18.53
C LYS F 434 -17.76 -26.19 18.98
N ALA F 435 -16.48 -25.95 19.19
CA ALA F 435 -15.53 -27.04 19.47
C ALA F 435 -14.23 -26.57 20.13
N VAL F 436 -13.40 -27.52 20.53
CA VAL F 436 -12.09 -27.25 21.11
C VAL F 436 -11.04 -28.11 20.38
N PHE F 437 -9.94 -27.48 19.96
CA PHE F 437 -8.92 -28.15 19.17
C PHE F 437 -7.55 -28.11 19.86
N ASP F 438 -6.87 -29.26 19.87
CA ASP F 438 -5.46 -29.33 20.24
C ASP F 438 -4.63 -29.08 18.97
N VAL F 439 -3.73 -28.12 19.05
CA VAL F 439 -2.92 -27.72 17.90
C VAL F 439 -1.49 -28.18 18.07
N ASP F 440 -1.06 -29.10 17.20
CA ASP F 440 0.34 -29.49 17.12
C ASP F 440 0.98 -28.83 15.91
N ARG F 441 2.23 -28.41 16.05
CA ARG F 441 2.96 -27.71 14.99
C ARG F 441 3.29 -28.60 13.79
N LYS F 442 3.50 -29.89 14.04
CA LYS F 442 3.84 -30.84 12.98
C LYS F 442 2.64 -31.67 12.53
N LYS F 443 1.88 -32.19 13.49
CA LYS F 443 0.74 -33.07 13.21
C LYS F 443 -0.55 -32.32 12.87
N GLY F 444 -0.57 -31.01 13.11
CA GLY F 444 -1.75 -30.20 12.81
C GLY F 444 -2.82 -30.31 13.90
N LEU F 445 -4.07 -30.05 13.51
CA LEU F 445 -5.18 -29.98 14.47
C LEU F 445 -5.64 -31.35 14.97
N THR F 446 -6.22 -31.35 16.17
CA THR F 446 -6.85 -32.54 16.75
C THR F 446 -8.04 -32.12 17.61
N LEU F 447 -9.24 -32.58 17.24
CA LEU F 447 -10.45 -32.27 18.00
C LEU F 447 -10.49 -33.09 19.28
N ILE F 448 -10.40 -32.41 20.42
CA ILE F 448 -10.31 -33.08 21.74
C ILE F 448 -11.61 -32.95 22.54
N GLU F 449 -12.32 -31.85 22.41
CA GLU F 449 -13.67 -31.71 22.95
C GLU F 449 -14.62 -31.30 21.83
N LEU F 450 -15.91 -31.25 22.13
CA LEU F 450 -16.94 -30.97 21.12
C LEU F 450 -18.28 -30.57 21.74
N TRP F 451 -18.78 -29.37 21.39
CA TRP F 451 -20.05 -28.85 21.97
C TRP F 451 -21.24 -29.73 21.60
N GLU F 452 -22.29 -29.70 22.44
CA GLU F 452 -23.52 -30.46 22.19
C GLU F 452 -24.29 -29.99 20.95
N GLY F 453 -23.73 -29.03 20.22
CA GLY F 453 -24.31 -28.55 18.98
C GLY F 453 -23.81 -29.40 17.84
N LEU F 454 -24.35 -30.61 17.74
CA LEU F 454 -24.11 -31.51 16.60
C LEU F 454 -22.66 -32.05 16.54
N THR F 455 -22.19 -32.41 15.33
CA THR F 455 -21.23 -33.50 15.18
C THR F 455 -19.92 -33.19 14.45
N VAL F 456 -19.11 -34.23 14.22
CA VAL F 456 -17.86 -34.12 13.46
C VAL F 456 -18.11 -33.66 12.01
N ASP F 457 -19.33 -33.79 11.52
CA ASP F 457 -19.71 -33.30 10.18
C ASP F 457 -19.96 -31.79 10.14
N ASP F 458 -20.61 -31.28 11.18
CA ASP F 458 -20.88 -29.83 11.30
C ASP F 458 -19.59 -29.02 11.42
N ILE F 459 -18.63 -29.56 12.16
CA ILE F 459 -17.31 -28.94 12.30
C ILE F 459 -16.52 -29.03 10.98
N LYS F 460 -16.71 -30.13 10.25
CA LYS F 460 -16.02 -30.36 8.97
C LYS F 460 -16.31 -29.26 7.96
N LYS F 461 -17.57 -28.82 7.90
CA LYS F 461 -18.00 -27.79 6.95
C LYS F 461 -18.06 -26.39 7.56
N SER F 462 -17.58 -26.24 8.80
CA SER F 462 -17.36 -24.92 9.41
C SER F 462 -15.87 -24.63 9.61
N THR F 463 -15.03 -25.63 9.36
CA THR F 463 -13.59 -25.50 9.44
C THR F 463 -12.98 -25.71 8.05
N GLY F 464 -12.20 -24.72 7.59
CA GLY F 464 -11.62 -24.74 6.25
C GLY F 464 -10.45 -25.71 6.04
N CYS F 465 -10.17 -26.53 7.04
CA CYS F 465 -9.16 -27.58 6.93
C CYS F 465 -9.66 -28.86 7.60
N ASP F 466 -9.08 -29.99 7.21
CA ASP F 466 -9.40 -31.26 7.83
C ASP F 466 -8.74 -31.36 9.21
N PHE F 467 -9.31 -32.18 10.08
CA PHE F 467 -8.80 -32.36 11.43
C PHE F 467 -8.94 -33.81 11.90
N ALA F 468 -7.97 -34.27 12.68
CA ALA F 468 -8.03 -35.59 13.30
C ALA F 468 -8.97 -35.54 14.51
N VAL F 469 -9.74 -36.61 14.71
CA VAL F 469 -10.62 -36.74 15.87
C VAL F 469 -9.95 -37.65 16.89
N SER F 470 -9.81 -37.17 18.11
CA SER F 470 -9.10 -37.91 19.17
C SER F 470 -9.95 -39.07 19.70
N PRO F 471 -9.31 -40.23 19.94
CA PRO F 471 -10.00 -41.35 20.61
C PRO F 471 -10.63 -40.95 21.94
N LYS F 472 -9.97 -40.05 22.69
CA LYS F 472 -10.48 -39.56 23.97
C LYS F 472 -11.54 -38.47 23.85
N LEU F 473 -12.04 -38.21 22.64
CA LEU F 473 -13.01 -37.12 22.40
C LEU F 473 -14.15 -37.13 23.41
N ILE F 474 -14.55 -35.93 23.84
CA ILE F 474 -15.58 -35.77 24.86
C ILE F 474 -16.46 -34.56 24.52
N PRO F 475 -17.53 -34.32 25.29
CA PRO F 475 -18.30 -33.08 25.11
C PRO F 475 -17.53 -31.87 25.64
N MET F 476 -17.90 -30.67 25.21
CA MET F 476 -17.23 -29.44 25.65
C MET F 476 -17.67 -29.10 27.06
N GLN F 477 -16.70 -28.74 27.90
CA GLN F 477 -16.95 -28.48 29.32
C GLN F 477 -17.38 -27.03 29.56
N GLN F 478 -17.97 -26.81 30.74
CA GLN F 478 -18.44 -25.49 31.15
C GLN F 478 -18.15 -25.26 32.63
N LEU F 479 -17.67 -24.07 32.98
CA LEU F 479 -17.36 -23.72 34.36
C LEU F 479 -18.63 -23.38 35.12
N GLU F 480 -18.94 -24.18 36.14
CA GLU F 480 -19.96 -23.88 37.17
C GLU F 480 -20.23 -25.10 38.05
N THR G 1 34.28 -37.93 7.95
CA THR G 1 35.26 -37.68 9.04
C THR G 1 35.00 -38.62 10.21
N LYS G 2 35.97 -39.46 10.52
CA LYS G 2 35.88 -40.36 11.67
C LYS G 2 36.45 -39.66 12.90
N PHE G 3 35.64 -39.59 13.96
CA PHE G 3 36.05 -38.94 15.20
C PHE G 3 36.77 -39.92 16.13
N TYR G 4 37.81 -39.42 16.80
CA TYR G 4 38.58 -40.21 17.76
C TYR G 4 38.63 -39.49 19.10
N THR G 5 38.68 -40.27 20.17
CA THR G 5 38.88 -39.73 21.52
C THR G 5 40.34 -39.87 21.96
N ASP G 6 41.06 -40.80 21.34
CA ASP G 6 42.45 -41.11 21.67
C ASP G 6 43.36 -40.88 20.45
N ALA G 7 44.38 -40.03 20.64
CA ALA G 7 45.27 -39.62 19.55
C ALA G 7 46.13 -40.74 19.01
N VAL G 8 46.55 -41.64 19.90
CA VAL G 8 47.36 -42.80 19.51
C VAL G 8 46.58 -43.71 18.56
N GLU G 9 45.30 -43.87 18.85
CA GLU G 9 44.40 -44.67 18.01
C GLU G 9 44.29 -44.06 16.61
N ALA G 10 44.32 -42.74 16.54
CA ALA G 10 44.21 -42.01 15.29
C ALA G 10 45.44 -42.16 14.39
N VAL G 11 46.60 -42.46 14.97
CA VAL G 11 47.87 -42.50 14.23
C VAL G 11 48.63 -43.83 14.29
N LYS G 12 48.03 -44.85 14.91
CA LYS G 12 48.76 -46.10 15.17
C LYS G 12 49.09 -46.91 13.92
N ASP G 13 48.45 -46.59 12.79
CA ASP G 13 48.63 -47.36 11.55
C ASP G 13 49.62 -46.72 10.57
N ILE G 14 50.38 -45.73 11.01
CA ILE G 14 51.40 -45.13 10.17
C ILE G 14 52.58 -46.09 10.06
N PRO G 15 52.91 -46.52 8.84
CA PRO G 15 54.02 -47.46 8.66
C PRO G 15 55.39 -46.80 8.78
N ASN G 16 56.40 -47.61 9.10
CA ASN G 16 57.79 -47.16 9.05
C ASN G 16 58.11 -46.74 7.63
N GLY G 17 58.91 -45.69 7.47
CA GLY G 17 59.28 -45.18 6.15
C GLY G 17 58.22 -44.31 5.47
N ALA G 18 57.11 -44.06 6.16
CA ALA G 18 56.04 -43.24 5.63
C ALA G 18 56.48 -41.80 5.44
N THR G 19 55.88 -41.11 4.47
CA THR G 19 56.04 -39.67 4.32
C THR G 19 54.89 -38.98 5.09
N VAL G 20 55.25 -38.16 6.06
CA VAL G 20 54.25 -37.51 6.91
C VAL G 20 54.40 -36.00 6.84
N LEU G 21 53.34 -35.31 6.41
CA LEU G 21 53.32 -33.86 6.42
C LEU G 21 52.96 -33.42 7.83
N VAL G 22 53.67 -32.42 8.36
CA VAL G 22 53.42 -31.94 9.72
C VAL G 22 53.20 -30.45 9.71
N GLY G 23 52.03 -30.03 10.16
CA GLY G 23 51.68 -28.62 10.18
C GLY G 23 52.54 -27.82 11.14
N GLY G 24 52.65 -26.53 10.90
CA GLY G 24 53.27 -25.61 11.84
C GLY G 24 54.26 -24.65 11.25
N PHE G 25 54.29 -23.46 11.83
CA PHE G 25 55.33 -22.48 11.60
C PHE G 25 56.02 -22.26 12.94
N GLY G 26 57.28 -22.69 13.05
CA GLY G 26 57.97 -22.74 14.33
C GLY G 26 57.18 -23.60 15.31
N LEU G 27 56.69 -22.97 16.39
CA LEU G 27 55.81 -23.63 17.35
C LEU G 27 54.38 -23.13 17.23
N CYS G 28 54.11 -22.33 16.22
CA CYS G 28 52.78 -21.80 15.99
C CYS G 28 52.00 -22.74 15.07
N GLY G 29 50.90 -23.29 15.60
CA GLY G 29 50.06 -24.21 14.86
C GLY G 29 50.69 -25.58 14.64
N ILE G 30 51.36 -26.10 15.66
CA ILE G 30 51.94 -27.44 15.57
C ILE G 30 50.99 -28.47 16.18
N PRO G 31 50.93 -29.68 15.59
CA PRO G 31 50.08 -30.73 16.14
C PRO G 31 50.74 -31.47 17.30
N GLU G 32 50.81 -30.82 18.46
CA GLU G 32 51.61 -31.33 19.58
C GLU G 32 51.11 -32.64 20.21
N ASN G 33 49.80 -32.87 20.18
CA ASN G 33 49.24 -34.14 20.68
C ASN G 33 49.48 -35.31 19.70
N LEU G 34 49.46 -35.03 18.40
CA LEU G 34 49.72 -36.06 17.39
C LEU G 34 51.21 -36.43 17.36
N ILE G 35 52.07 -35.42 17.46
CA ILE G 35 53.50 -35.65 17.59
C ILE G 35 53.76 -36.46 18.85
N GLY G 36 53.05 -36.12 19.94
CA GLY G 36 53.14 -36.86 21.19
C GLY G 36 52.70 -38.31 21.06
N ALA G 37 51.65 -38.56 20.29
CA ALA G 37 51.21 -39.92 19.98
C ALA G 37 52.23 -40.70 19.13
N LEU G 38 52.98 -40.00 18.28
CA LEU G 38 54.01 -40.66 17.47
C LEU G 38 55.20 -41.09 18.31
N LEU G 39 55.43 -40.41 19.43
CA LEU G 39 56.48 -40.84 20.36
C LEU G 39 56.10 -42.19 20.96
N LYS G 40 54.82 -42.35 21.31
CA LYS G 40 54.33 -43.59 21.92
C LYS G 40 54.31 -44.77 20.95
N THR G 41 53.84 -44.55 19.72
CA THR G 41 53.82 -45.62 18.71
C THR G 41 55.25 -46.04 18.34
N GLY G 42 56.14 -45.06 18.25
CA GLY G 42 57.53 -45.31 17.93
C GLY G 42 57.81 -45.59 16.46
N VAL G 43 56.89 -45.19 15.59
CA VAL G 43 57.08 -45.34 14.15
C VAL G 43 58.38 -44.62 13.74
N LYS G 44 59.13 -45.22 12.82
CA LYS G 44 60.49 -44.76 12.52
C LYS G 44 60.78 -44.67 11.02
N GLU G 45 61.95 -44.12 10.69
CA GLU G 45 62.41 -43.92 9.30
C GLU G 45 61.52 -42.98 8.47
N LEU G 46 60.81 -42.09 9.16
CA LEU G 46 59.85 -41.19 8.52
C LEU G 46 60.55 -40.17 7.62
N THR G 47 59.90 -39.84 6.50
CA THR G 47 60.22 -38.61 5.77
C THR G 47 59.22 -37.57 6.21
N ALA G 48 59.67 -36.62 7.03
CA ALA G 48 58.78 -35.63 7.63
C ALA G 48 58.82 -34.34 6.84
N VAL G 49 57.73 -34.03 6.15
CA VAL G 49 57.58 -32.75 5.46
C VAL G 49 56.97 -31.73 6.43
N SER G 50 57.78 -30.75 6.78
CA SER G 50 57.44 -29.78 7.80
C SER G 50 58.26 -28.53 7.51
N ASN G 51 57.68 -27.35 7.73
CA ASN G 51 58.39 -26.13 7.40
C ASN G 51 59.66 -25.97 8.23
N ASN G 52 59.52 -26.19 9.54
CA ASN G 52 60.64 -26.10 10.47
C ASN G 52 60.78 -27.37 11.29
N ALA G 53 61.81 -27.41 12.13
CA ALA G 53 62.08 -28.55 12.98
C ALA G 53 61.70 -28.27 14.44
N GLY G 54 60.73 -27.37 14.65
CA GLY G 54 60.34 -26.96 16.00
C GLY G 54 61.51 -26.40 16.78
N VAL G 55 61.60 -26.75 18.06
CA VAL G 55 62.78 -26.42 18.86
C VAL G 55 63.41 -27.72 19.34
N ASP G 56 64.57 -27.62 20.00
CA ASP G 56 65.32 -28.79 20.46
C ASP G 56 64.45 -29.82 21.20
N ASN G 57 63.62 -29.36 22.12
CA ASN G 57 62.84 -30.28 22.95
C ASN G 57 61.32 -30.19 22.77
N PHE G 58 60.85 -29.64 21.65
CA PHE G 58 59.41 -29.51 21.42
C PHE G 58 59.08 -29.47 19.93
N GLY G 59 57.84 -29.78 19.61
CA GLY G 59 57.39 -29.87 18.22
C GLY G 59 58.05 -31.04 17.54
N LEU G 60 58.49 -30.83 16.31
CA LEU G 60 59.09 -31.89 15.50
C LEU G 60 60.46 -32.31 16.05
N GLY G 61 61.10 -31.43 16.81
CA GLY G 61 62.38 -31.74 17.43
C GLY G 61 62.37 -32.94 18.36
N LEU G 62 61.22 -33.19 18.99
CA LEU G 62 61.01 -34.37 19.84
C LEU G 62 61.21 -35.67 19.06
N LEU G 63 60.73 -35.70 17.83
CA LEU G 63 60.87 -36.88 16.98
C LEU G 63 62.28 -37.02 16.40
N LEU G 64 63.01 -35.91 16.33
CA LEU G 64 64.43 -35.93 16.00
C LEU G 64 65.22 -36.43 17.21
N GLN G 65 64.75 -36.08 18.40
CA GLN G 65 65.37 -36.51 19.66
C GLN G 65 65.28 -38.03 19.79
N SER G 66 64.16 -38.60 19.36
CA SER G 66 63.93 -40.04 19.41
C SER G 66 64.37 -40.76 18.13
N LYS G 67 64.98 -40.02 17.20
CA LYS G 67 65.51 -40.56 15.95
C LYS G 67 64.49 -41.33 15.10
N GLN G 68 63.24 -40.89 15.15
CA GLN G 68 62.15 -41.48 14.38
C GLN G 68 62.06 -40.90 12.96
N ILE G 69 62.83 -39.84 12.68
CA ILE G 69 62.81 -39.20 11.37
C ILE G 69 64.10 -39.47 10.60
N LYS G 70 63.95 -39.96 9.37
CA LYS G 70 65.08 -40.27 8.50
C LYS G 70 65.43 -39.06 7.63
N ARG G 71 64.40 -38.49 7.00
CA ARG G 71 64.57 -37.31 6.16
C ARG G 71 63.61 -36.18 6.54
N MET G 72 64.13 -34.96 6.52
CA MET G 72 63.35 -33.75 6.72
C MET G 72 63.25 -33.00 5.39
N ILE G 73 62.04 -32.62 5.01
CA ILE G 73 61.85 -31.69 3.89
C ILE G 73 61.29 -30.39 4.48
N SER G 74 62.13 -29.36 4.49
CA SER G 74 61.92 -28.15 5.27
C SER G 74 62.53 -26.92 4.60
N SER G 75 62.12 -25.74 5.05
CA SER G 75 62.65 -24.49 4.50
C SER G 75 63.63 -23.80 5.42
N TYR G 76 63.46 -23.97 6.73
CA TYR G 76 64.29 -23.26 7.71
C TYR G 76 64.48 -24.09 8.98
N VAL G 77 65.74 -24.25 9.39
CA VAL G 77 66.12 -25.05 10.55
C VAL G 77 65.88 -24.30 11.84
N GLY G 78 66.42 -23.09 11.89
CA GLY G 78 66.16 -22.18 13.00
C GLY G 78 66.89 -22.57 14.26
N GLU G 79 66.20 -22.47 15.39
CA GLU G 79 66.80 -22.62 16.70
C GLU G 79 66.60 -24.05 17.21
N ASN G 80 67.11 -25.00 16.44
CA ASN G 80 67.16 -26.40 16.83
C ASN G 80 68.58 -26.93 16.64
N ALA G 81 69.34 -26.91 17.74
CA ALA G 81 70.73 -27.37 17.73
C ALA G 81 70.84 -28.85 17.43
N GLU G 82 69.88 -29.63 17.93
CA GLU G 82 69.85 -31.06 17.67
C GLU G 82 69.68 -31.34 16.19
N PHE G 83 68.84 -30.54 15.52
CA PHE G 83 68.65 -30.69 14.09
C PHE G 83 69.97 -30.47 13.38
N GLU G 84 70.57 -29.33 13.67
CA GLU G 84 71.83 -28.94 13.04
C GLU G 84 72.90 -30.00 13.27
N ARG G 85 72.94 -30.53 14.50
CA ARG G 85 73.92 -31.55 14.85
C ARG G 85 73.72 -32.81 14.01
N GLN G 86 72.51 -33.36 14.03
CA GLN G 86 72.20 -34.60 13.29
C GLN G 86 72.45 -34.44 11.79
N TYR G 87 72.11 -33.27 11.26
CA TYR G 87 72.30 -32.97 9.84
C TYR G 87 73.78 -32.90 9.50
N LEU G 88 74.53 -32.12 10.27
CA LEU G 88 75.97 -32.00 10.08
C LEU G 88 76.73 -33.30 10.38
N ALA G 89 76.21 -34.09 11.32
CA ALA G 89 76.83 -35.35 11.72
C ALA G 89 76.66 -36.49 10.71
N GLY G 90 75.68 -36.37 9.80
CA GLY G 90 75.40 -37.40 8.80
C GLY G 90 74.33 -38.40 9.25
N GLU G 91 73.60 -38.05 10.31
CA GLU G 91 72.55 -38.91 10.87
C GLU G 91 71.18 -38.61 10.25
N LEU G 92 70.98 -37.38 9.76
CA LEU G 92 69.69 -36.94 9.27
C LEU G 92 69.81 -36.41 7.84
N GLU G 93 68.89 -36.84 6.97
CA GLU G 93 68.81 -36.30 5.60
C GLU G 93 67.91 -35.06 5.59
N VAL G 94 68.31 -34.05 4.83
CA VAL G 94 67.58 -32.79 4.82
C VAL G 94 67.52 -32.17 3.42
N GLU G 95 66.32 -32.11 2.86
CA GLU G 95 66.08 -31.33 1.63
C GLU G 95 65.65 -29.91 1.98
N LEU G 96 66.59 -28.97 1.97
CA LEU G 96 66.27 -27.57 2.19
C LEU G 96 65.51 -27.01 0.98
N THR G 97 64.26 -26.63 1.20
CA THR G 97 63.34 -26.26 0.13
C THR G 97 62.80 -24.85 0.37
N PRO G 98 62.82 -23.99 -0.66
CA PRO G 98 62.24 -22.65 -0.48
C PRO G 98 60.80 -22.71 0.06
N GLN G 99 60.51 -21.90 1.08
CA GLN G 99 59.24 -22.00 1.81
C GLN G 99 58.02 -21.93 0.88
N GLY G 100 58.00 -20.93 0.01
CA GLY G 100 56.92 -20.82 -0.97
C GLY G 100 56.84 -21.97 -1.95
N THR G 101 57.99 -22.52 -2.32
CA THR G 101 58.02 -23.70 -3.19
C THR G 101 57.47 -24.91 -2.45
N LEU G 102 57.87 -25.07 -1.19
CA LEU G 102 57.33 -26.13 -0.34
C LEU G 102 55.80 -26.02 -0.24
N ALA G 103 55.31 -24.79 -0.10
CA ALA G 103 53.88 -24.55 0.06
C ALA G 103 53.12 -24.85 -1.23
N GLU G 104 53.68 -24.44 -2.35
CA GLU G 104 53.02 -24.63 -3.64
C GLU G 104 53.06 -26.09 -4.08
N ARG G 105 54.14 -26.78 -3.74
CA ARG G 105 54.27 -28.20 -4.08
C ARG G 105 53.30 -29.05 -3.26
N ILE G 106 53.09 -28.68 -2.00
CA ILE G 106 52.09 -29.36 -1.18
C ILE G 106 50.70 -29.11 -1.78
N ARG G 107 50.46 -27.87 -2.19
CA ARG G 107 49.19 -27.54 -2.79
C ARG G 107 48.98 -28.36 -4.06
N ALA G 108 49.97 -28.33 -4.95
CA ALA G 108 49.92 -29.10 -6.20
C ALA G 108 49.57 -30.55 -5.92
N GLY G 109 50.18 -31.10 -4.86
CA GLY G 109 49.96 -32.49 -4.47
C GLY G 109 48.54 -32.81 -4.05
N GLY G 110 47.80 -31.81 -3.57
CA GLY G 110 46.40 -31.99 -3.21
C GLY G 110 45.45 -31.56 -4.33
N ALA G 111 45.96 -30.76 -5.27
CA ALA G 111 45.13 -30.19 -6.32
C ALA G 111 45.26 -30.86 -7.68
N GLY G 112 45.92 -32.02 -7.73
CA GLY G 112 46.01 -32.79 -8.97
C GLY G 112 47.00 -32.26 -9.99
N VAL G 113 47.90 -31.39 -9.55
CA VAL G 113 48.95 -30.83 -10.39
C VAL G 113 50.26 -31.55 -10.06
N PRO G 114 50.84 -32.28 -11.04
CA PRO G 114 52.07 -33.04 -10.80
C PRO G 114 53.31 -32.17 -10.79
N ALA G 115 53.29 -31.07 -11.53
CA ALA G 115 54.44 -30.18 -11.59
C ALA G 115 54.02 -28.81 -12.07
N PHE G 116 54.85 -27.82 -11.80
CA PHE G 116 54.58 -26.44 -12.16
C PHE G 116 55.89 -25.70 -12.20
N TYR G 117 55.86 -24.47 -12.70
CA TYR G 117 57.07 -23.66 -12.83
C TYR G 117 57.07 -22.48 -11.88
N THR G 118 58.26 -22.12 -11.41
CA THR G 118 58.47 -21.00 -10.52
C THR G 118 59.88 -20.45 -10.74
N SER G 119 60.06 -19.15 -10.52
CA SER G 119 61.39 -18.54 -10.64
C SER G 119 62.19 -18.66 -9.35
N THR G 120 61.51 -19.00 -8.26
CA THR G 120 62.13 -19.20 -6.96
C THR G 120 63.21 -20.28 -7.02
N GLY G 121 64.43 -19.91 -6.68
CA GLY G 121 65.55 -20.84 -6.68
C GLY G 121 66.35 -20.89 -7.97
N TYR G 122 65.94 -20.14 -8.98
CA TYR G 122 66.71 -20.08 -10.22
C TYR G 122 68.05 -19.39 -9.97
N GLY G 123 69.12 -19.93 -10.56
CA GLY G 123 70.47 -19.41 -10.35
C GLY G 123 71.05 -19.73 -8.98
N THR G 124 70.46 -20.70 -8.29
CA THR G 124 70.93 -21.12 -6.97
C THR G 124 71.11 -22.64 -6.96
N LEU G 125 71.52 -23.17 -5.82
CA LEU G 125 71.73 -24.61 -5.67
C LEU G 125 70.46 -25.42 -5.83
N VAL G 126 69.30 -24.81 -5.60
CA VAL G 126 68.03 -25.49 -5.84
C VAL G 126 67.91 -25.84 -7.31
N GLN G 127 68.17 -24.87 -8.18
CA GLN G 127 68.10 -25.07 -9.63
C GLN G 127 69.31 -25.84 -10.13
N GLU G 128 70.50 -25.39 -9.74
CA GLU G 128 71.76 -25.94 -10.24
C GLU G 128 72.07 -27.33 -9.69
N GLY G 129 71.50 -27.67 -8.54
CA GLY G 129 71.79 -28.95 -7.86
C GLY G 129 73.03 -28.82 -7.01
N GLY G 130 73.33 -29.86 -6.24
CA GLY G 130 74.50 -29.85 -5.36
C GLY G 130 74.24 -29.36 -3.94
N SER G 131 72.98 -29.16 -3.59
CA SER G 131 72.63 -28.79 -2.22
C SER G 131 72.76 -30.03 -1.35
N PRO G 132 73.53 -29.95 -0.25
CA PRO G 132 73.73 -31.14 0.57
C PRO G 132 72.44 -31.67 1.19
N ILE G 133 72.07 -32.89 0.82
CA ILE G 133 70.93 -33.58 1.41
C ILE G 133 71.40 -34.45 2.58
N LYS G 134 72.51 -35.16 2.37
CA LYS G 134 73.13 -35.97 3.43
C LYS G 134 74.65 -35.81 3.47
N TYR G 135 75.19 -35.75 4.68
CA TYR G 135 76.62 -35.72 4.90
C TYR G 135 77.12 -37.11 5.32
N ASN G 136 78.36 -37.42 4.95
CA ASN G 136 79.08 -38.59 5.46
C ASN G 136 79.63 -38.27 6.85
N LYS G 137 79.97 -39.31 7.61
CA LYS G 137 80.46 -39.11 8.97
C LYS G 137 81.91 -38.61 9.01
N ASP G 138 82.58 -38.62 7.86
CA ASP G 138 83.89 -37.97 7.73
C ASP G 138 83.76 -36.51 7.29
N GLY G 139 82.53 -36.00 7.28
CA GLY G 139 82.28 -34.59 7.02
C GLY G 139 81.98 -34.29 5.56
N SER G 140 81.99 -35.32 4.73
CA SER G 140 81.79 -35.12 3.31
C SER G 140 80.35 -35.34 2.93
N ILE G 141 79.94 -34.82 1.78
CA ILE G 141 78.54 -34.86 1.36
C ILE G 141 78.24 -36.21 0.72
N ALA G 142 77.37 -36.99 1.35
CA ALA G 142 76.92 -38.34 0.92
C ALA G 142 75.89 -38.26 -0.20
N ILE G 143 74.85 -37.45 0.00
CA ILE G 143 73.80 -37.24 -1.00
C ILE G 143 73.69 -35.75 -1.31
N ALA G 144 73.66 -35.40 -2.60
CA ALA G 144 73.48 -34.02 -3.05
C ALA G 144 72.17 -33.91 -3.81
N SER G 145 71.61 -32.70 -3.86
CA SER G 145 70.34 -32.47 -4.55
C SER G 145 70.54 -32.50 -6.08
N LYS G 146 69.54 -33.03 -6.79
CA LYS G 146 69.56 -33.06 -8.24
C LYS G 146 69.07 -31.74 -8.81
N PRO G 147 69.52 -31.38 -10.03
CA PRO G 147 69.11 -30.13 -10.63
C PRO G 147 67.63 -30.09 -10.98
N ARG G 148 67.09 -28.90 -11.10
CA ARG G 148 65.72 -28.70 -11.58
C ARG G 148 65.80 -28.22 -13.02
N GLU G 149 64.89 -28.72 -13.85
CA GLU G 149 64.85 -28.33 -15.26
C GLU G 149 64.49 -26.86 -15.39
N VAL G 150 65.26 -26.15 -16.21
CA VAL G 150 65.02 -24.73 -16.46
C VAL G 150 64.23 -24.55 -17.75
N ARG G 151 63.32 -23.59 -17.76
CA ARG G 151 62.55 -23.26 -18.96
C ARG G 151 62.20 -21.79 -18.99
N GLU G 152 62.24 -21.20 -20.18
CA GLU G 152 61.97 -19.77 -20.34
C GLU G 152 60.50 -19.54 -20.72
N PHE G 153 59.86 -18.62 -19.98
CA PHE G 153 58.51 -18.16 -20.29
C PHE G 153 58.53 -16.64 -20.30
N ASN G 154 58.06 -16.06 -21.41
CA ASN G 154 57.94 -14.59 -21.53
C ASN G 154 59.22 -13.83 -21.16
N GLY G 155 60.34 -14.30 -21.70
CA GLY G 155 61.63 -13.63 -21.51
C GLY G 155 62.27 -13.81 -20.14
N GLN G 156 61.83 -14.81 -19.39
CA GLN G 156 62.30 -15.03 -18.03
C GLN G 156 62.49 -16.51 -17.74
N HIS G 157 63.46 -16.83 -16.89
CA HIS G 157 63.78 -18.21 -16.56
C HIS G 157 63.07 -18.72 -15.31
N PHE G 158 62.51 -19.93 -15.43
CA PHE G 158 61.78 -20.60 -14.36
C PHE G 158 62.30 -22.02 -14.23
N ILE G 159 62.08 -22.63 -13.07
CA ILE G 159 62.44 -24.04 -12.85
C ILE G 159 61.20 -24.89 -12.55
N LEU G 160 61.26 -26.15 -12.94
CA LEU G 160 60.14 -27.08 -12.75
C LEU G 160 60.19 -27.72 -11.38
N GLU G 161 59.09 -27.61 -10.63
CA GLU G 161 58.98 -28.23 -9.32
C GLU G 161 57.83 -29.22 -9.29
N GLU G 162 58.05 -30.35 -8.64
CA GLU G 162 57.07 -31.45 -8.62
C GLU G 162 56.24 -31.45 -7.36
N ALA G 163 55.02 -31.97 -7.46
CA ALA G 163 54.09 -32.04 -6.35
C ALA G 163 54.67 -32.86 -5.20
N ILE G 164 54.31 -32.49 -3.98
CA ILE G 164 54.62 -33.23 -2.78
C ILE G 164 53.31 -33.77 -2.22
N ARG G 165 53.24 -35.07 -2.03
CA ARG G 165 52.07 -35.71 -1.44
C ARG G 165 52.49 -36.66 -0.33
N GLY G 166 51.71 -36.69 0.75
CA GLY G 166 52.04 -37.54 1.90
C GLY G 166 51.18 -38.78 2.01
N ASP G 167 51.70 -39.78 2.71
CA ASP G 167 50.90 -40.92 3.14
C ASP G 167 49.97 -40.45 4.26
N PHE G 168 50.50 -39.60 5.14
CA PHE G 168 49.73 -39.02 6.23
C PHE G 168 49.98 -37.52 6.37
N ALA G 169 49.00 -36.81 6.89
CA ALA G 169 49.18 -35.42 7.28
C ALA G 169 48.76 -35.25 8.73
N LEU G 170 49.63 -34.65 9.54
CA LEU G 170 49.33 -34.36 10.94
C LEU G 170 49.09 -32.86 11.03
N VAL G 171 47.86 -32.49 11.39
CA VAL G 171 47.38 -31.12 11.25
C VAL G 171 46.82 -30.57 12.56
N LYS G 172 47.17 -29.32 12.87
CA LYS G 172 46.61 -28.62 14.04
C LYS G 172 45.65 -27.54 13.57
N ALA G 173 44.48 -27.49 14.21
CA ALA G 173 43.46 -26.49 13.89
C ALA G 173 42.78 -26.01 15.18
N TRP G 174 42.08 -24.89 15.08
CA TRP G 174 41.45 -24.28 16.25
C TRP G 174 40.17 -25.02 16.64
N LYS G 175 39.18 -24.99 15.75
CA LYS G 175 37.88 -25.59 16.02
C LYS G 175 37.45 -26.50 14.88
N ALA G 176 36.67 -27.52 15.22
CA ALA G 176 36.00 -28.36 14.25
C ALA G 176 34.55 -28.54 14.68
N ASP G 177 33.62 -28.57 13.72
CA ASP G 177 32.23 -28.86 14.05
C ASP G 177 32.03 -30.37 14.01
N GLN G 178 30.84 -30.83 14.38
CA GLN G 178 30.57 -32.27 14.47
C GLN G 178 30.41 -32.93 13.09
N ALA G 179 30.38 -32.12 12.03
CA ALA G 179 30.39 -32.60 10.66
C ALA G 179 31.82 -32.88 10.14
N GLY G 180 32.81 -32.26 10.75
CA GLY G 180 34.21 -32.42 10.36
C GLY G 180 34.83 -31.17 9.72
N ASN G 181 34.04 -30.11 9.57
CA ASN G 181 34.57 -28.85 9.06
C ASN G 181 35.52 -28.25 10.07
N VAL G 182 36.51 -27.51 9.60
CA VAL G 182 37.60 -27.03 10.46
C VAL G 182 37.96 -25.56 10.20
N THR G 183 38.42 -24.87 11.25
CA THR G 183 38.91 -23.50 11.15
C THR G 183 40.22 -23.35 11.90
N PHE G 184 40.93 -22.26 11.64
CA PHE G 184 42.23 -21.99 12.24
C PHE G 184 42.23 -20.61 12.87
N ARG G 185 43.09 -20.41 13.87
CA ARG G 185 43.14 -19.17 14.62
C ARG G 185 44.42 -18.39 14.35
N LYS G 186 44.25 -17.17 13.85
CA LYS G 186 45.34 -16.23 13.61
C LYS G 186 46.42 -16.86 12.70
N SER G 187 47.71 -16.70 13.06
CA SER G 187 48.81 -17.19 12.22
C SER G 187 49.12 -18.69 12.43
N ALA G 188 48.31 -19.37 13.23
CA ALA G 188 48.44 -20.81 13.45
C ALA G 188 47.96 -21.65 12.27
N ARG G 189 47.44 -20.99 11.24
CA ARG G 189 47.00 -21.66 10.02
C ARG G 189 48.19 -22.13 9.18
N ASN G 190 49.04 -21.18 8.79
CA ASN G 190 50.25 -21.44 7.99
C ASN G 190 50.16 -22.68 7.06
N PHE G 191 50.94 -23.72 7.35
CA PHE G 191 51.05 -24.88 6.45
C PHE G 191 49.96 -25.93 6.70
N ASN G 192 49.22 -25.76 7.80
CA ASN G 192 48.19 -26.70 8.17
C ASN G 192 47.08 -26.82 7.12
N LEU G 193 46.75 -25.70 6.49
CA LEU G 193 45.68 -25.70 5.50
C LEU G 193 46.07 -26.51 4.24
N PRO G 194 47.14 -26.13 3.52
CA PRO G 194 47.49 -26.92 2.33
C PRO G 194 47.79 -28.40 2.61
N MET G 195 48.54 -28.68 3.67
CA MET G 195 48.88 -30.05 4.06
C MET G 195 47.66 -30.94 4.29
N CYS G 196 46.56 -30.33 4.68
CA CYS G 196 45.30 -31.03 4.93
C CYS G 196 44.71 -31.62 3.65
N LYS G 197 45.17 -31.15 2.50
CA LYS G 197 44.64 -31.56 1.20
C LYS G 197 45.58 -32.51 0.46
N ALA G 198 46.83 -32.63 0.90
CA ALA G 198 47.89 -33.27 0.12
C ALA G 198 48.32 -34.64 0.64
N ALA G 199 47.48 -35.32 1.40
CA ALA G 199 47.86 -36.62 1.95
C ALA G 199 46.75 -37.66 1.80
N GLU G 200 47.16 -38.93 1.74
CA GLU G 200 46.23 -40.05 1.62
C GLU G 200 45.29 -40.10 2.84
N THR G 201 45.86 -40.00 4.04
CA THR G 201 45.07 -39.90 5.27
C THR G 201 45.45 -38.63 6.03
N THR G 202 44.48 -37.77 6.30
CA THR G 202 44.72 -36.54 7.04
C THR G 202 44.14 -36.68 8.44
N VAL G 203 44.97 -36.40 9.44
CA VAL G 203 44.59 -36.47 10.83
C VAL G 203 44.70 -35.08 11.41
N VAL G 204 43.57 -34.56 11.90
CA VAL G 204 43.50 -33.20 12.43
C VAL G 204 43.21 -33.24 13.92
N GLU G 205 43.97 -32.48 14.70
CA GLU G 205 43.67 -32.28 16.10
C GLU G 205 43.18 -30.86 16.31
N VAL G 206 42.16 -30.70 17.15
CA VAL G 206 41.55 -29.39 17.40
C VAL G 206 41.42 -29.10 18.90
N GLU G 207 41.38 -27.82 19.24
CA GLU G 207 41.27 -27.38 20.63
C GLU G 207 39.84 -27.51 21.14
N GLU G 208 38.87 -27.36 20.24
CA GLU G 208 37.47 -27.37 20.61
C GLU G 208 36.62 -28.00 19.51
N ILE G 209 35.58 -28.74 19.92
CA ILE G 209 34.60 -29.29 18.99
C ILE G 209 33.25 -28.62 19.24
N VAL G 210 32.77 -27.89 18.23
CA VAL G 210 31.51 -27.14 18.34
C VAL G 210 30.40 -27.85 17.56
N ASP G 211 29.18 -27.36 17.68
CA ASP G 211 28.04 -27.99 17.00
C ASP G 211 27.96 -27.55 15.54
N ILE G 212 27.39 -28.42 14.72
CA ILE G 212 27.15 -28.11 13.30
C ILE G 212 26.24 -26.89 13.23
N GLY G 213 26.60 -25.93 12.39
CA GLY G 213 25.89 -24.66 12.31
C GLY G 213 26.62 -23.52 12.99
N SER G 214 27.60 -23.84 13.84
CA SER G 214 28.37 -22.84 14.57
C SER G 214 29.19 -21.94 13.65
N PHE G 215 29.71 -22.52 12.57
CA PHE G 215 30.45 -21.77 11.57
C PHE G 215 29.51 -21.20 10.52
N ALA G 216 29.78 -19.96 10.10
CA ALA G 216 29.18 -19.45 8.89
C ALA G 216 29.81 -20.26 7.75
N PRO G 217 28.97 -20.80 6.85
CA PRO G 217 29.50 -21.71 5.81
C PRO G 217 30.55 -21.07 4.91
N GLU G 218 30.51 -19.75 4.75
CA GLU G 218 31.52 -19.02 3.98
C GLU G 218 32.89 -19.01 4.67
N ASP G 219 32.87 -19.14 6.00
CA ASP G 219 34.07 -18.97 6.81
C ASP G 219 34.66 -20.30 7.31
N ILE G 220 34.33 -21.40 6.64
CA ILE G 220 34.95 -22.69 6.90
C ILE G 220 36.25 -22.77 6.11
N HIS G 221 37.38 -22.86 6.81
CA HIS G 221 38.70 -22.79 6.16
C HIS G 221 39.09 -24.08 5.46
N ILE G 222 38.81 -25.20 6.10
CA ILE G 222 39.00 -26.51 5.49
C ILE G 222 37.68 -27.27 5.57
N PRO G 223 37.02 -27.47 4.42
CA PRO G 223 35.80 -28.28 4.38
C PRO G 223 36.02 -29.73 4.80
N LYS G 224 34.99 -30.35 5.35
CA LYS G 224 35.05 -31.73 5.86
C LYS G 224 35.58 -32.78 4.87
N ILE G 225 35.41 -32.55 3.57
CA ILE G 225 35.91 -33.49 2.55
C ILE G 225 37.41 -33.81 2.71
N TYR G 226 38.17 -32.82 3.19
CA TYR G 226 39.60 -32.99 3.41
C TYR G 226 39.99 -33.63 4.74
N VAL G 227 39.08 -33.59 5.73
CA VAL G 227 39.35 -34.08 7.08
C VAL G 227 38.92 -35.54 7.25
N HIS G 228 39.88 -36.46 7.30
CA HIS G 228 39.58 -37.90 7.35
C HIS G 228 39.46 -38.43 8.77
N ARG G 229 40.34 -37.94 9.66
CA ARG G 229 40.29 -38.31 11.07
C ARG G 229 40.40 -37.06 11.92
N LEU G 230 39.54 -36.95 12.92
CA LEU G 230 39.49 -35.77 13.78
C LEU G 230 39.60 -36.20 15.24
N VAL G 231 40.47 -35.51 15.99
CA VAL G 231 40.64 -35.77 17.40
C VAL G 231 40.65 -34.46 18.18
N LYS G 232 40.04 -34.44 19.36
CA LYS G 232 40.13 -33.28 20.24
C LYS G 232 41.39 -33.44 21.08
N GLY G 233 42.29 -32.45 21.00
CA GLY G 233 43.56 -32.53 21.69
C GLY G 233 43.41 -32.47 23.19
N GLU G 234 44.12 -33.36 23.88
CA GLU G 234 44.03 -33.49 25.34
C GLU G 234 44.73 -32.32 26.04
N LYS G 235 45.95 -32.01 25.59
CA LYS G 235 46.79 -31.01 26.24
C LYS G 235 47.30 -29.99 25.24
N TYR G 236 47.15 -28.70 25.57
CA TYR G 236 47.69 -27.62 24.75
C TYR G 236 48.52 -26.68 25.61
N GLU G 237 49.83 -26.72 25.42
CA GLU G 237 50.78 -26.01 26.28
C GLU G 237 51.00 -24.55 25.92
N LYS G 238 50.42 -24.11 24.80
CA LYS G 238 50.49 -22.70 24.39
C LYS G 238 51.93 -22.17 24.45
N ARG G 239 52.88 -22.99 23.97
CA ARG G 239 54.30 -22.65 24.08
C ARG G 239 54.72 -21.52 23.15
N ILE G 240 55.53 -20.62 23.68
CA ILE G 240 56.03 -19.47 22.96
C ILE G 240 57.55 -19.59 22.85
N GLU G 241 58.06 -19.57 21.62
CA GLU G 241 59.48 -19.73 21.38
C GLU G 241 60.26 -18.46 21.75
N ARG G 242 59.84 -17.32 21.22
CA ARG G 242 60.50 -16.04 21.50
C ARG G 242 59.51 -15.02 22.05
N LEU G 243 59.50 -14.88 23.38
CA LEU G 243 58.66 -13.92 24.07
C LEU G 243 59.27 -12.52 23.94
N SER G 244 58.63 -11.68 23.12
CA SER G 244 59.08 -10.31 22.91
C SER G 244 57.95 -9.35 23.30
N VAL G 245 58.05 -8.75 24.49
CA VAL G 245 57.03 -7.84 24.99
C VAL G 245 57.28 -6.40 24.55
N ILE G 267 68.45 -0.08 11.71
CA ILE G 267 67.03 -0.35 11.96
C ILE G 267 66.19 0.90 11.70
N LYS G 268 66.57 2.01 12.33
CA LYS G 268 65.85 3.27 12.21
C LYS G 268 66.18 4.01 10.92
N ARG G 269 67.20 3.56 10.20
CA ARG G 269 67.45 4.02 8.84
C ARG G 269 66.61 3.22 7.85
N ALA G 270 66.44 1.92 8.12
CA ALA G 270 65.63 1.04 7.27
C ALA G 270 64.16 1.48 7.22
N ALA G 271 63.63 1.90 8.37
CA ALA G 271 62.24 2.35 8.46
C ALA G 271 61.93 3.55 7.55
N LEU G 272 62.95 4.33 7.18
CA LEU G 272 62.78 5.47 6.27
C LEU G 272 62.57 5.05 4.81
N GLU G 273 62.76 3.78 4.50
CA GLU G 273 62.49 3.25 3.17
C GLU G 273 60.99 3.06 2.92
N PHE G 274 60.21 3.01 4.01
CA PHE G 274 58.76 2.88 3.92
C PHE G 274 58.12 4.13 3.32
N GLU G 275 57.16 3.92 2.42
CA GLU G 275 56.32 4.99 1.89
C GLU G 275 54.89 4.76 2.35
N ASP G 276 54.05 5.79 2.26
CA ASP G 276 52.65 5.67 2.67
C ASP G 276 51.90 4.77 1.69
N GLY G 277 51.12 3.84 2.23
CA GLY G 277 50.36 2.87 1.43
C GLY G 277 51.18 1.71 0.89
N MET G 278 52.44 1.60 1.32
CA MET G 278 53.36 0.58 0.81
C MET G 278 53.03 -0.80 1.40
N TYR G 279 53.19 -1.84 0.59
CA TYR G 279 53.14 -3.21 1.07
C TYR G 279 54.56 -3.75 1.19
N ALA G 280 54.98 -4.00 2.43
CA ALA G 280 56.37 -4.37 2.73
C ALA G 280 56.48 -5.68 3.50
N ASN G 281 57.52 -6.46 3.19
CA ASN G 281 57.78 -7.72 3.89
C ASN G 281 59.07 -7.64 4.72
N LEU G 282 58.99 -8.10 5.96
CA LEU G 282 60.15 -8.13 6.86
C LEU G 282 60.64 -9.58 7.08
N GLY G 283 61.86 -9.87 6.63
CA GLY G 283 62.45 -11.18 6.78
C GLY G 283 62.96 -11.46 8.19
N ILE G 284 63.50 -12.66 8.41
CA ILE G 284 63.96 -13.07 9.74
C ILE G 284 65.26 -12.36 10.09
N GLY G 285 65.39 -11.97 11.35
CA GLY G 285 66.59 -11.29 11.85
C GLY G 285 66.35 -9.82 12.17
N ILE G 286 67.20 -8.97 11.60
CA ILE G 286 67.16 -7.52 11.86
C ILE G 286 65.85 -6.86 11.38
N PRO G 287 65.38 -7.19 10.16
CA PRO G 287 64.16 -6.58 9.62
C PRO G 287 62.93 -6.64 10.53
N LEU G 288 62.80 -7.73 11.30
CA LEU G 288 61.62 -7.95 12.16
C LEU G 288 61.32 -6.77 13.10
N LEU G 289 62.36 -6.08 13.55
CA LEU G 289 62.20 -4.99 14.52
C LEU G 289 61.45 -3.78 13.93
N ALA G 290 61.48 -3.63 12.61
CA ALA G 290 60.89 -2.48 11.93
C ALA G 290 59.36 -2.43 11.95
N SER G 291 58.69 -3.43 12.54
CA SER G 291 57.23 -3.36 12.75
C SER G 291 56.90 -2.45 13.95
N ASN G 292 57.91 -2.16 14.77
CA ASN G 292 57.78 -1.21 15.88
C ASN G 292 58.12 0.23 15.48
N PHE G 293 58.62 0.42 14.26
CA PHE G 293 59.03 1.74 13.79
C PHE G 293 58.18 2.23 12.61
N ILE G 294 56.87 2.01 12.70
CA ILE G 294 55.92 2.60 11.76
C ILE G 294 55.64 4.03 12.21
N SER G 295 55.87 5.00 11.33
CA SER G 295 55.59 6.40 11.64
C SER G 295 54.09 6.57 11.90
N PRO G 296 53.73 7.38 12.91
CA PRO G 296 52.29 7.60 13.18
C PRO G 296 51.56 8.28 12.01
N ASN G 297 52.25 9.17 11.32
CA ASN G 297 51.69 9.86 10.16
C ASN G 297 51.56 8.95 8.94
N MET G 298 52.38 7.91 8.88
CA MET G 298 52.43 7.02 7.71
C MET G 298 51.60 5.75 7.92
N THR G 299 51.03 5.24 6.84
CA THR G 299 50.34 3.96 6.84
C THR G 299 51.15 2.97 6.01
N VAL G 300 51.73 1.97 6.67
CA VAL G 300 52.51 0.92 6.01
C VAL G 300 51.91 -0.45 6.33
N HIS G 301 51.73 -1.25 5.30
CA HIS G 301 51.15 -2.59 5.45
C HIS G 301 52.23 -3.65 5.41
N LEU G 302 52.42 -4.32 6.55
CA LEU G 302 53.52 -5.27 6.71
C LEU G 302 53.04 -6.70 6.54
N GLN G 303 53.62 -7.39 5.57
CA GLN G 303 53.28 -8.78 5.26
C GLN G 303 54.28 -9.74 5.93
N SER G 304 53.75 -10.78 6.57
CA SER G 304 54.56 -11.81 7.22
C SER G 304 54.37 -13.13 6.49
N GLU G 305 55.46 -13.76 6.10
CA GLU G 305 55.40 -14.94 5.23
C GLU G 305 54.63 -16.11 5.84
N ASN G 306 54.57 -16.17 7.18
CA ASN G 306 53.78 -17.21 7.85
C ASN G 306 52.26 -17.02 7.74
N GLY G 307 51.84 -15.92 7.13
CA GLY G 307 50.45 -15.74 6.72
C GLY G 307 49.73 -14.59 7.39
N ILE G 308 50.38 -13.43 7.47
CA ILE G 308 49.77 -12.24 8.05
C ILE G 308 50.00 -11.03 7.16
N LEU G 309 48.94 -10.24 6.95
CA LEU G 309 49.05 -8.89 6.42
C LEU G 309 48.56 -7.92 7.49
N GLY G 310 49.43 -6.99 7.88
CA GLY G 310 49.10 -5.98 8.88
C GLY G 310 49.83 -6.18 10.21
N LEU G 311 51.11 -6.52 10.16
CA LEU G 311 51.91 -6.70 11.38
C LEU G 311 52.05 -5.39 12.15
N GLY G 312 51.75 -5.45 13.45
CA GLY G 312 51.96 -4.32 14.36
C GLY G 312 53.25 -4.49 15.14
N PRO G 313 53.43 -3.69 16.21
CA PRO G 313 54.62 -3.77 17.05
C PRO G 313 54.53 -4.95 18.02
N TYR G 314 55.62 -5.20 18.76
CA TYR G 314 55.63 -6.27 19.75
C TYR G 314 54.56 -6.01 20.80
N PRO G 315 53.95 -7.08 21.33
CA PRO G 315 52.83 -6.93 22.25
C PRO G 315 53.24 -6.46 23.66
N LEU G 316 52.27 -5.98 24.41
CA LEU G 316 52.41 -5.80 25.84
C LEU G 316 52.24 -7.16 26.51
N GLN G 317 52.49 -7.23 27.81
CA GLN G 317 52.41 -8.49 28.56
C GLN G 317 51.04 -9.16 28.41
N ASN G 318 49.98 -8.38 28.55
CA ASN G 318 48.62 -8.92 28.44
C ASN G 318 48.20 -9.25 27.00
N GLU G 319 48.88 -8.66 26.02
CA GLU G 319 48.60 -8.88 24.60
C GLU G 319 49.21 -10.18 24.05
N VAL G 320 50.20 -10.72 24.76
CA VAL G 320 50.98 -11.87 24.26
C VAL G 320 50.10 -13.05 23.87
N ASP G 321 50.35 -13.59 22.68
CA ASP G 321 49.55 -14.70 22.14
C ASP G 321 50.44 -15.65 21.33
N ALA G 322 50.37 -16.94 21.64
CA ALA G 322 51.22 -17.95 21.02
C ALA G 322 50.84 -18.23 19.56
N ASP G 323 49.58 -17.95 19.20
CA ASP G 323 49.10 -18.11 17.82
C ASP G 323 49.42 -16.93 16.91
N LEU G 324 50.21 -15.97 17.41
CA LEU G 324 50.53 -14.77 16.62
C LEU G 324 52.02 -14.47 16.73
N ILE G 325 52.76 -14.82 15.67
CA ILE G 325 54.20 -14.59 15.62
C ILE G 325 54.62 -14.09 14.25
N ASN G 326 55.73 -13.35 14.21
CA ASN G 326 56.30 -12.91 12.93
C ASN G 326 57.17 -14.02 12.33
N ALA G 327 57.85 -13.73 11.23
CA ALA G 327 58.67 -14.71 10.53
C ALA G 327 59.76 -15.30 11.43
N GLY G 328 60.41 -14.46 12.23
CA GLY G 328 61.47 -14.91 13.13
C GLY G 328 60.96 -15.57 14.40
N LYS G 329 59.67 -15.82 14.47
CA LYS G 329 59.04 -16.58 15.55
C LYS G 329 58.85 -15.78 16.85
N GLU G 330 58.94 -14.44 16.74
CA GLU G 330 58.74 -13.53 17.87
C GLU G 330 57.26 -13.22 18.03
N THR G 331 56.80 -13.11 19.28
CA THR G 331 55.42 -12.70 19.56
C THR G 331 55.19 -11.28 19.02
N VAL G 332 54.05 -11.08 18.35
CA VAL G 332 53.73 -9.81 17.70
C VAL G 332 52.26 -9.47 17.90
N THR G 333 51.88 -8.28 17.44
CA THR G 333 50.47 -7.89 17.35
C THR G 333 50.12 -7.61 15.90
N VAL G 334 48.84 -7.47 15.63
CA VAL G 334 48.36 -7.03 14.32
C VAL G 334 47.62 -5.70 14.47
N LEU G 335 47.76 -4.82 13.46
CA LEU G 335 47.05 -3.54 13.44
C LEU G 335 45.61 -3.76 12.95
N PRO G 336 44.73 -2.76 13.14
CA PRO G 336 43.36 -2.90 12.65
C PRO G 336 43.31 -3.06 11.13
N GLY G 337 42.38 -3.90 10.66
CA GLY G 337 42.23 -4.19 9.23
C GLY G 337 43.19 -5.23 8.70
N ALA G 338 43.79 -6.01 9.61
CA ALA G 338 44.74 -7.05 9.24
C ALA G 338 44.00 -8.31 8.84
N SER G 339 44.70 -9.22 8.16
CA SER G 339 44.12 -10.49 7.72
C SER G 339 45.08 -11.65 7.85
N TYR G 340 44.53 -12.85 8.01
CA TYR G 340 45.31 -14.07 8.12
C TYR G 340 45.04 -14.97 6.94
N PHE G 341 46.06 -15.71 6.51
CA PHE G 341 45.93 -16.60 5.35
C PHE G 341 46.96 -17.73 5.41
N SER G 342 46.73 -18.78 4.60
CA SER G 342 47.60 -19.94 4.60
C SER G 342 48.94 -19.61 3.95
N SER G 343 49.88 -20.54 4.06
CA SER G 343 51.24 -20.35 3.53
C SER G 343 51.31 -20.43 2.00
N ASP G 344 50.46 -21.25 1.40
CA ASP G 344 50.37 -21.29 -0.06
C ASP G 344 49.83 -19.98 -0.61
N GLU G 345 48.92 -19.36 0.14
CA GLU G 345 48.37 -18.05 -0.22
C GLU G 345 49.36 -16.93 0.06
N SER G 346 50.13 -17.08 1.13
CA SER G 346 51.13 -16.08 1.48
C SER G 346 52.18 -15.94 0.37
N PHE G 347 52.57 -17.06 -0.22
CA PHE G 347 53.59 -17.03 -1.28
C PHE G 347 53.03 -16.91 -2.69
N ALA G 348 51.73 -17.13 -2.87
CA ALA G 348 51.07 -16.67 -4.08
C ALA G 348 51.15 -15.14 -4.13
N MET G 349 50.89 -14.53 -2.98
CA MET G 349 51.00 -13.09 -2.79
C MET G 349 52.41 -12.61 -3.12
N ILE G 350 53.40 -13.22 -2.49
CA ILE G 350 54.80 -12.82 -2.66
C ILE G 350 55.28 -13.10 -4.08
N ARG G 351 55.11 -14.33 -4.54
CA ARG G 351 55.59 -14.75 -5.86
C ARG G 351 54.92 -13.98 -7.02
N GLY G 352 53.70 -13.52 -6.79
CA GLY G 352 52.92 -12.81 -7.81
C GLY G 352 53.29 -11.33 -7.96
N GLY G 353 54.17 -10.84 -7.09
CA GLY G 353 54.65 -9.46 -7.17
C GLY G 353 53.77 -8.43 -6.49
N HIS G 354 52.87 -8.89 -5.61
CA HIS G 354 51.91 -8.01 -4.95
C HIS G 354 52.53 -7.21 -3.82
N VAL G 355 53.65 -7.70 -3.29
CA VAL G 355 54.38 -6.98 -2.24
C VAL G 355 55.38 -6.02 -2.90
N ASN G 356 55.40 -4.78 -2.42
CA ASN G 356 56.19 -3.71 -3.05
C ASN G 356 57.67 -3.76 -2.68
N LEU G 357 57.95 -4.13 -1.43
CA LEU G 357 59.30 -4.05 -0.89
C LEU G 357 59.56 -5.17 0.11
N THR G 358 60.71 -5.82 -0.02
CA THR G 358 61.12 -6.81 0.98
C THR G 358 62.38 -6.36 1.72
N MET G 359 62.35 -6.49 3.03
CA MET G 359 63.47 -6.15 3.90
C MET G 359 64.08 -7.46 4.38
N LEU G 360 65.30 -7.75 3.94
CA LEU G 360 65.93 -9.06 4.19
C LEU G 360 67.25 -8.98 4.97
N GLY G 361 67.37 -9.81 6.00
CA GLY G 361 68.66 -10.01 6.67
C GLY G 361 69.61 -10.72 5.74
N ALA G 362 70.91 -10.61 5.97
CA ALA G 362 71.91 -11.19 5.08
C ALA G 362 73.17 -11.66 5.79
N MET G 363 73.91 -12.56 5.11
CA MET G 363 75.24 -13.00 5.54
C MET G 363 76.31 -12.43 4.61
N GLN G 364 76.00 -12.37 3.32
CA GLN G 364 76.86 -11.73 2.34
C GLN G 364 76.04 -11.06 1.24
N VAL G 365 76.64 -10.07 0.59
CA VAL G 365 76.06 -9.40 -0.58
C VAL G 365 77.16 -9.10 -1.61
N SER G 366 76.83 -9.26 -2.89
CA SER G 366 77.80 -9.11 -3.97
C SER G 366 77.89 -7.68 -4.46
N LYS G 367 78.89 -7.43 -5.31
CA LYS G 367 79.11 -6.15 -5.98
C LYS G 367 77.90 -5.77 -6.85
N TYR G 368 77.39 -6.73 -7.60
CA TYR G 368 76.27 -6.51 -8.51
C TYR G 368 74.92 -6.96 -7.93
N GLY G 369 74.87 -7.20 -6.63
CA GLY G 369 73.61 -7.45 -5.91
C GLY G 369 73.18 -8.90 -5.73
N ASP G 370 74.09 -9.85 -5.93
CA ASP G 370 73.80 -11.24 -5.56
C ASP G 370 73.65 -11.33 -4.05
N LEU G 371 72.68 -12.11 -3.59
CA LEU G 371 72.45 -12.28 -2.16
C LEU G 371 72.85 -13.70 -1.73
N ALA G 372 73.31 -13.81 -0.48
CA ALA G 372 73.59 -15.09 0.14
C ALA G 372 73.24 -14.94 1.61
N ASN G 373 72.30 -15.74 2.09
CA ASN G 373 71.87 -15.63 3.49
C ASN G 373 71.26 -16.87 4.11
N TRP G 374 71.53 -18.05 3.53
CA TRP G 374 70.88 -19.27 4.02
C TRP G 374 71.80 -20.35 4.59
N MET G 375 73.06 -20.39 4.14
CA MET G 375 73.99 -21.42 4.63
C MET G 375 75.47 -21.03 4.57
N ILE G 376 76.17 -21.31 5.66
CA ILE G 376 77.63 -21.30 5.68
C ILE G 376 78.03 -22.77 5.68
N PRO G 377 78.49 -23.30 4.53
CA PRO G 377 78.74 -24.74 4.35
C PRO G 377 79.58 -25.39 5.44
N GLY G 378 79.01 -26.41 6.09
CA GLY G 378 79.68 -27.15 7.16
C GLY G 378 79.71 -26.47 8.52
N LYS G 379 79.15 -25.27 8.62
CA LYS G 379 79.29 -24.44 9.83
C LYS G 379 77.92 -24.00 10.37
N LEU G 380 77.19 -23.25 9.56
CA LEU G 380 75.89 -22.73 9.99
C LEU G 380 74.82 -23.01 8.93
N VAL G 381 73.83 -23.82 9.30
CA VAL G 381 72.74 -24.19 8.41
C VAL G 381 71.46 -23.52 8.89
N LYS G 382 71.10 -22.44 8.23
CA LYS G 382 69.88 -21.70 8.52
C LYS G 382 68.73 -22.16 7.64
N GLY G 383 68.99 -22.25 6.33
CA GLY G 383 67.96 -22.55 5.34
C GLY G 383 67.41 -21.25 4.80
N MET G 384 66.92 -21.28 3.56
CA MET G 384 66.52 -20.07 2.87
C MET G 384 65.18 -19.50 3.33
N GLY G 385 64.32 -20.33 3.91
CA GLY G 385 62.99 -19.88 4.27
C GLY G 385 62.28 -19.33 3.04
N GLY G 386 61.59 -18.20 3.18
CA GLY G 386 60.95 -17.53 2.05
C GLY G 386 61.84 -16.59 1.25
N ALA G 387 63.11 -16.48 1.62
CA ALA G 387 64.01 -15.48 1.05
C ALA G 387 64.24 -15.64 -0.46
N MET G 388 64.22 -16.87 -0.96
CA MET G 388 64.39 -17.11 -2.41
C MET G 388 63.14 -16.66 -3.18
N ASP G 389 61.97 -16.79 -2.56
CA ASP G 389 60.71 -16.35 -3.15
C ASP G 389 60.59 -14.83 -3.20
N LEU G 390 61.01 -14.17 -2.11
CA LEU G 390 60.92 -12.71 -1.98
C LEU G 390 61.82 -11.96 -2.98
N VAL G 391 62.97 -12.54 -3.30
CA VAL G 391 63.87 -11.95 -4.28
C VAL G 391 63.56 -12.39 -5.71
N SER G 392 62.60 -13.31 -5.87
CA SER G 392 62.23 -13.84 -7.18
C SER G 392 61.37 -12.89 -8.01
N SER G 393 60.59 -12.03 -7.34
CA SER G 393 59.68 -11.14 -8.03
C SER G 393 60.35 -9.87 -8.55
N ALA G 394 60.29 -9.66 -9.86
CA ALA G 394 60.83 -8.45 -10.49
C ALA G 394 60.11 -7.18 -10.02
N LYS G 395 58.84 -7.30 -9.65
CA LYS G 395 58.05 -6.16 -9.18
C LYS G 395 58.36 -5.75 -7.74
N THR G 396 59.15 -6.54 -7.03
CA THR G 396 59.44 -6.29 -5.62
C THR G 396 60.87 -5.80 -5.42
N LYS G 397 61.00 -4.63 -4.78
CA LYS G 397 62.30 -4.04 -4.48
C LYS G 397 62.89 -4.76 -3.27
N VAL G 398 64.21 -4.95 -3.28
CA VAL G 398 64.89 -5.68 -2.20
C VAL G 398 65.87 -4.77 -1.45
N VAL G 399 65.68 -4.66 -0.14
CA VAL G 399 66.56 -3.89 0.73
C VAL G 399 67.18 -4.80 1.79
N VAL G 400 68.52 -4.81 1.85
CA VAL G 400 69.24 -5.65 2.82
C VAL G 400 69.65 -4.85 4.07
N THR G 401 69.20 -5.31 5.23
CA THR G 401 69.56 -4.70 6.51
C THR G 401 70.45 -5.65 7.34
N MET G 402 71.77 -5.46 7.25
CA MET G 402 72.74 -6.34 7.89
C MET G 402 73.88 -5.56 8.55
N GLU G 403 74.56 -6.19 9.51
CA GLU G 403 75.81 -5.65 10.04
C GLU G 403 76.83 -5.60 8.90
N HIS G 404 77.72 -4.62 8.95
CA HIS G 404 78.64 -4.37 7.83
C HIS G 404 79.71 -5.45 7.69
N SER G 405 80.25 -5.89 8.84
CA SER G 405 81.31 -6.89 8.86
C SER G 405 80.94 -8.06 9.78
N ALA G 406 81.39 -9.26 9.40
CA ALA G 406 81.12 -10.48 10.16
C ALA G 406 82.12 -10.61 11.32
N LYS G 407 82.05 -11.73 12.03
CA LYS G 407 82.98 -12.03 13.13
C LYS G 407 84.44 -11.88 12.70
N GLY G 408 85.26 -11.35 13.61
CA GLY G 408 86.70 -11.13 13.37
C GLY G 408 86.98 -10.06 12.33
N ASN G 409 86.08 -9.08 12.25
CA ASN G 409 86.14 -8.02 11.23
C ASN G 409 86.28 -8.58 9.81
N ALA G 410 85.55 -9.66 9.54
CA ALA G 410 85.55 -10.30 8.23
C ALA G 410 84.52 -9.59 7.34
N HIS G 411 84.84 -9.46 6.05
CA HIS G 411 83.98 -8.77 5.11
C HIS G 411 82.68 -9.54 4.87
N LYS G 412 81.60 -8.80 4.63
CA LYS G 412 80.31 -9.36 4.19
C LYS G 412 79.93 -8.84 2.81
N ILE G 413 80.21 -7.56 2.55
CA ILE G 413 80.06 -6.97 1.23
C ILE G 413 81.33 -7.26 0.43
N MET G 414 81.20 -7.69 -0.83
CA MET G 414 82.36 -8.16 -1.60
C MET G 414 82.13 -8.31 -3.10
N GLU G 415 83.21 -8.59 -3.83
CA GLU G 415 83.19 -8.73 -5.29
C GLU G 415 82.28 -9.85 -5.75
N LYS G 416 82.43 -11.00 -5.12
CA LYS G 416 81.57 -12.15 -5.37
C LYS G 416 81.33 -12.90 -4.06
N CYS G 417 80.19 -13.56 -3.96
CA CYS G 417 79.85 -14.31 -2.74
C CYS G 417 80.55 -15.65 -2.74
N THR G 418 81.13 -16.00 -1.59
CA THR G 418 81.75 -17.30 -1.39
C THR G 418 80.75 -18.31 -0.83
N LEU G 419 79.74 -17.83 -0.13
CA LEU G 419 78.65 -18.67 0.37
C LEU G 419 77.63 -18.94 -0.75
N PRO G 420 76.77 -19.97 -0.58
CA PRO G 420 75.73 -20.28 -1.56
C PRO G 420 74.73 -19.13 -1.76
N LEU G 421 74.35 -18.87 -3.00
CA LEU G 421 73.47 -17.74 -3.32
C LEU G 421 72.00 -17.98 -2.96
N THR G 422 71.36 -16.93 -2.46
CA THR G 422 69.91 -16.88 -2.33
C THR G 422 69.30 -16.46 -3.68
N GLY G 423 69.91 -15.49 -4.33
CA GLY G 423 69.49 -15.05 -5.67
C GLY G 423 70.57 -14.22 -6.34
N LYS G 424 70.55 -14.19 -7.68
CA LYS G 424 71.54 -13.45 -8.45
C LYS G 424 71.04 -12.09 -8.88
N GLN G 425 71.84 -11.06 -8.61
CA GLN G 425 71.54 -9.67 -8.99
C GLN G 425 70.10 -9.31 -8.64
N CYS G 426 69.79 -9.39 -7.35
CA CYS G 426 68.43 -9.20 -6.84
C CYS G 426 68.33 -8.12 -5.77
N VAL G 427 69.44 -7.77 -5.13
CA VAL G 427 69.44 -6.74 -4.09
C VAL G 427 69.54 -5.37 -4.74
N ASN G 428 68.69 -4.45 -4.28
CA ASN G 428 68.63 -3.09 -4.84
C ASN G 428 69.32 -2.07 -3.94
N ARG G 429 69.25 -2.27 -2.63
CA ARG G 429 69.89 -1.38 -1.67
C ARG G 429 70.47 -2.16 -0.49
N ILE G 430 71.56 -1.64 0.09
CA ILE G 430 72.19 -2.25 1.27
C ILE G 430 72.33 -1.21 2.38
N ILE G 431 71.67 -1.47 3.51
CA ILE G 431 71.75 -0.61 4.69
C ILE G 431 72.50 -1.33 5.81
N THR G 432 73.60 -0.74 6.28
CA THR G 432 74.36 -1.27 7.41
C THR G 432 74.41 -0.23 8.53
N GLU G 433 75.10 -0.56 9.62
CA GLU G 433 75.35 0.40 10.71
C GLU G 433 76.46 1.39 10.39
N LYS G 434 77.21 1.12 9.31
CA LYS G 434 78.33 1.97 8.86
C LYS G 434 77.97 2.84 7.65
N ALA G 435 77.17 2.33 6.73
CA ALA G 435 76.89 3.03 5.47
C ALA G 435 75.63 2.54 4.76
N VAL G 436 75.26 3.22 3.68
CA VAL G 436 74.14 2.81 2.83
C VAL G 436 74.58 2.82 1.37
N PHE G 437 74.30 1.73 0.65
CA PHE G 437 74.77 1.55 -0.72
C PHE G 437 73.62 1.38 -1.70
N ASP G 438 73.70 2.10 -2.83
CA ASP G 438 72.81 1.86 -3.97
C ASP G 438 73.47 0.79 -4.84
N VAL G 439 72.72 -0.28 -5.11
CA VAL G 439 73.23 -1.41 -5.87
C VAL G 439 72.65 -1.45 -7.28
N ASP G 440 73.51 -1.25 -8.27
CA ASP G 440 73.11 -1.43 -9.66
C ASP G 440 73.68 -2.76 -10.17
N ARG G 441 72.90 -3.45 -10.98
CA ARG G 441 73.28 -4.76 -11.50
C ARG G 441 74.45 -4.72 -12.48
N LYS G 442 74.57 -3.63 -13.22
CA LYS G 442 75.64 -3.47 -14.22
C LYS G 442 76.78 -2.60 -13.70
N LYS G 443 76.44 -1.46 -13.09
CA LYS G 443 77.44 -0.50 -12.62
C LYS G 443 78.01 -0.83 -11.24
N GLY G 444 77.40 -1.79 -10.54
CA GLY G 444 77.89 -2.18 -9.22
C GLY G 444 77.45 -1.22 -8.12
N LEU G 445 78.20 -1.19 -7.02
CA LEU G 445 77.82 -0.42 -5.83
C LEU G 445 78.01 1.08 -6.00
N THR G 446 77.23 1.86 -5.22
CA THR G 446 77.38 3.31 -5.13
C THR G 446 77.01 3.76 -3.73
N LEU G 447 77.97 4.37 -3.02
CA LEU G 447 77.72 4.89 -1.68
C LEU G 447 76.91 6.17 -1.76
N ILE G 448 75.69 6.12 -1.24
CA ILE G 448 74.75 7.25 -1.33
C ILE G 448 74.56 7.98 0.00
N GLU G 449 74.61 7.24 1.11
CA GLU G 449 74.66 7.84 2.44
C GLU G 449 75.87 7.30 3.19
N LEU G 450 76.14 7.85 4.36
CA LEU G 450 77.34 7.47 5.12
C LEU G 450 77.23 7.87 6.59
N TRP G 451 77.33 6.87 7.47
CA TRP G 451 77.32 7.14 8.90
C TRP G 451 78.54 7.98 9.26
N GLU G 452 78.35 8.83 10.26
CA GLU G 452 79.40 9.76 10.71
C GLU G 452 80.58 9.03 11.33
N GLY G 453 81.78 9.57 11.09
CA GLY G 453 83.03 9.02 11.65
C GLY G 453 83.76 8.20 10.62
N LEU G 454 83.11 7.13 10.19
CA LEU G 454 83.67 6.28 9.15
C LEU G 454 83.65 7.06 7.85
N THR G 455 84.83 7.50 7.44
CA THR G 455 84.98 8.21 6.18
C THR G 455 84.94 7.17 5.05
N VAL G 456 85.15 7.64 3.82
CA VAL G 456 85.25 6.76 2.66
C VAL G 456 86.44 5.77 2.74
N ASP G 457 87.41 6.06 3.63
CA ASP G 457 88.54 5.15 3.87
C ASP G 457 88.18 4.00 4.81
N ASP G 458 87.40 4.28 5.85
CA ASP G 458 86.96 3.26 6.80
C ASP G 458 86.05 2.22 6.14
N ILE G 459 85.21 2.68 5.22
CA ILE G 459 84.35 1.80 4.43
C ILE G 459 85.17 0.99 3.42
N LYS G 460 86.23 1.61 2.88
CA LYS G 460 87.10 0.96 1.90
C LYS G 460 87.73 -0.33 2.44
N LYS G 461 88.17 -0.29 3.70
CA LYS G 461 88.82 -1.43 4.34
C LYS G 461 87.87 -2.27 5.22
N SER G 462 86.57 -1.96 5.18
CA SER G 462 85.53 -2.82 5.75
C SER G 462 84.66 -3.47 4.68
N THR G 463 84.84 -3.05 3.42
CA THR G 463 84.13 -3.61 2.29
C THR G 463 85.14 -4.30 1.36
N GLY G 464 84.89 -5.58 1.07
CA GLY G 464 85.81 -6.39 0.26
C GLY G 464 85.80 -6.11 -1.23
N CYS G 465 85.10 -5.05 -1.64
CA CYS G 465 85.11 -4.58 -3.03
C CYS G 465 85.17 -3.06 -3.06
N ASP G 466 85.62 -2.53 -4.19
CA ASP G 466 85.64 -1.08 -4.40
C ASP G 466 84.22 -0.57 -4.70
N PHE G 467 83.98 0.71 -4.40
CA PHE G 467 82.67 1.31 -4.60
C PHE G 467 82.79 2.76 -5.07
N ALA G 468 81.88 3.17 -5.95
CA ALA G 468 81.80 4.56 -6.39
C ALA G 468 81.13 5.42 -5.31
N VAL G 469 81.63 6.63 -5.12
CA VAL G 469 81.05 7.58 -4.17
C VAL G 469 80.20 8.60 -4.94
N SER G 470 78.93 8.72 -4.55
CA SER G 470 77.99 9.57 -5.27
C SER G 470 78.25 11.06 -4.99
N PRO G 471 78.15 11.90 -6.04
CA PRO G 471 78.23 13.36 -5.84
C PRO G 471 77.21 13.87 -4.80
N LYS G 472 76.03 13.26 -4.77
CA LYS G 472 74.99 13.64 -3.81
C LYS G 472 75.18 13.04 -2.40
N LEU G 473 76.34 12.43 -2.14
CA LEU G 473 76.59 11.77 -0.85
C LEU G 473 76.18 12.63 0.34
N ILE G 474 75.61 12.00 1.36
CA ILE G 474 75.11 12.70 2.55
C ILE G 474 75.38 11.85 3.80
N PRO G 475 75.08 12.38 5.00
CA PRO G 475 75.16 11.53 6.19
C PRO G 475 74.00 10.54 6.25
N MET G 476 74.15 9.48 7.05
CA MET G 476 73.10 8.47 7.18
C MET G 476 71.96 9.00 8.04
N GLN G 477 70.73 8.77 7.58
CA GLN G 477 69.55 9.31 8.24
C GLN G 477 69.07 8.41 9.36
N GLN G 478 68.22 8.97 10.23
CA GLN G 478 67.65 8.24 11.35
C GLN G 478 66.19 8.66 11.57
N LEU G 479 65.32 7.69 11.81
CA LEU G 479 63.90 7.95 12.03
C LEU G 479 63.66 8.46 13.45
N GLU G 480 63.18 9.70 13.56
CA GLU G 480 62.62 10.27 14.80
C GLU G 480 62.38 11.77 14.64
N THR H 1 44.06 0.77 -1.29
CA THR H 1 42.74 0.71 -1.97
C THR H 1 42.16 2.11 -2.10
N LYS H 2 41.94 2.55 -3.34
CA LYS H 2 41.31 3.83 -3.61
C LYS H 2 39.80 3.66 -3.69
N PHE H 3 39.07 4.43 -2.87
CA PHE H 3 37.61 4.34 -2.84
C PHE H 3 36.97 5.27 -3.86
N TYR H 4 35.91 4.79 -4.52
CA TYR H 4 35.16 5.57 -5.49
C TYR H 4 33.69 5.63 -5.10
N THR H 5 33.03 6.73 -5.44
CA THR H 5 31.59 6.88 -5.29
C THR H 5 30.87 6.64 -6.60
N ASP H 6 31.58 6.78 -7.72
CA ASP H 6 31.02 6.63 -9.05
C ASP H 6 31.73 5.51 -9.80
N ALA H 7 30.96 4.55 -10.30
CA ALA H 7 31.50 3.36 -10.97
C ALA H 7 32.17 3.66 -12.30
N VAL H 8 31.62 4.62 -13.05
CA VAL H 8 32.21 5.03 -14.34
C VAL H 8 33.61 5.61 -14.14
N GLU H 9 33.77 6.39 -13.07
CA GLU H 9 35.07 6.96 -12.72
C GLU H 9 36.10 5.85 -12.43
N ALA H 10 35.62 4.75 -11.83
CA ALA H 10 36.47 3.63 -11.47
C ALA H 10 36.96 2.82 -12.69
N VAL H 11 36.25 2.90 -13.81
CA VAL H 11 36.58 2.07 -14.99
C VAL H 11 36.84 2.87 -16.27
N LYS H 12 36.85 4.20 -16.19
CA LYS H 12 36.91 5.04 -17.39
C LYS H 12 38.23 4.94 -18.17
N ASP H 13 39.27 4.41 -17.53
CA ASP H 13 40.60 4.36 -18.12
C ASP H 13 40.95 3.01 -18.77
N ILE H 14 39.95 2.14 -18.94
CA ILE H 14 40.18 0.86 -19.61
C ILE H 14 40.33 1.11 -21.11
N PRO H 15 41.47 0.73 -21.68
CA PRO H 15 41.69 0.96 -23.11
C PRO H 15 40.95 -0.03 -24.00
N ASN H 16 40.72 0.37 -25.24
CA ASN H 16 40.17 -0.55 -26.25
C ASN H 16 41.17 -1.69 -26.45
N GLY H 17 40.67 -2.89 -26.65
CA GLY H 17 41.54 -4.07 -26.82
C GLY H 17 42.08 -4.67 -25.53
N ALA H 18 41.69 -4.11 -24.38
CA ALA H 18 42.15 -4.60 -23.09
C ALA H 18 41.62 -6.00 -22.82
N THR H 19 42.36 -6.75 -22.00
CA THR H 19 41.87 -8.03 -21.48
C THR H 19 41.26 -7.77 -20.11
N VAL H 20 39.97 -8.09 -19.97
CA VAL H 20 39.25 -7.82 -18.72
C VAL H 20 38.67 -9.10 -18.14
N LEU H 21 39.08 -9.42 -16.92
CA LEU H 21 38.51 -10.56 -16.20
C LEU H 21 37.19 -10.08 -15.59
N VAL H 22 36.14 -10.90 -15.72
CA VAL H 22 34.83 -10.54 -15.18
C VAL H 22 34.31 -11.64 -14.27
N GLY H 23 34.06 -11.29 -13.02
CA GLY H 23 33.60 -12.25 -12.03
C GLY H 23 32.21 -12.77 -12.34
N GLY H 24 31.91 -13.97 -11.86
CA GLY H 24 30.56 -14.47 -11.90
C GLY H 24 30.39 -15.90 -12.39
N PHE H 25 29.42 -16.57 -11.78
CA PHE H 25 28.95 -17.88 -12.24
C PHE H 25 27.48 -17.67 -12.64
N GLY H 26 27.21 -17.78 -13.93
CA GLY H 26 25.92 -17.37 -14.48
C GLY H 26 25.62 -15.92 -14.14
N LEU H 27 24.58 -15.71 -13.34
CA LEU H 27 24.24 -14.39 -12.82
C LEU H 27 24.52 -14.29 -11.32
N CYS H 28 25.19 -15.31 -10.78
CA CYS H 28 25.55 -15.33 -9.38
C CYS H 28 26.93 -14.71 -9.20
N GLY H 29 27.00 -13.60 -8.47
CA GLY H 29 28.25 -12.90 -8.21
C GLY H 29 28.81 -12.18 -9.42
N ILE H 30 27.93 -11.53 -10.19
CA ILE H 30 28.36 -10.73 -11.34
C ILE H 30 28.49 -9.27 -10.94
N PRO H 31 29.50 -8.57 -11.50
CA PRO H 31 29.67 -7.14 -11.22
C PRO H 31 28.75 -6.29 -12.10
N GLU H 32 27.47 -6.24 -11.76
CA GLU H 32 26.45 -5.62 -12.63
C GLU H 32 26.58 -4.09 -12.77
N ASN H 33 27.04 -3.41 -11.73
CA ASN H 33 27.26 -1.95 -11.79
C ASN H 33 28.50 -1.58 -12.62
N LEU H 34 29.54 -2.41 -12.57
CA LEU H 34 30.76 -2.18 -13.34
C LEU H 34 30.53 -2.49 -14.82
N ILE H 35 29.80 -3.57 -15.09
CA ILE H 35 29.37 -3.89 -16.46
C ILE H 35 28.50 -2.76 -16.99
N GLY H 36 27.64 -2.24 -16.13
CA GLY H 36 26.79 -1.08 -16.46
C GLY H 36 27.59 0.16 -16.78
N ALA H 37 28.66 0.40 -16.02
CA ALA H 37 29.59 1.50 -16.30
C ALA H 37 30.34 1.32 -17.61
N LEU H 38 30.61 0.06 -18.00
CA LEU H 38 31.29 -0.21 -19.28
C LEU H 38 30.40 0.07 -20.48
N LEU H 39 29.09 -0.02 -20.30
CA LEU H 39 28.16 0.36 -21.35
C LEU H 39 28.25 1.86 -21.62
N LYS H 40 28.37 2.64 -20.55
CA LYS H 40 28.45 4.09 -20.65
C LYS H 40 29.77 4.56 -21.26
N THR H 41 30.90 3.99 -20.83
CA THR H 41 32.20 4.37 -21.39
C THR H 41 32.29 3.97 -22.86
N GLY H 42 31.75 2.80 -23.19
CA GLY H 42 31.73 2.32 -24.56
C GLY H 42 33.05 1.72 -25.03
N VAL H 43 33.92 1.35 -24.08
CA VAL H 43 35.18 0.71 -24.42
C VAL H 43 34.90 -0.54 -25.25
N LYS H 44 35.74 -0.82 -26.25
CA LYS H 44 35.45 -1.85 -27.26
C LYS H 44 36.65 -2.74 -27.57
N GLU H 45 36.39 -3.78 -28.37
CA GLU H 45 37.40 -4.79 -28.77
C GLU H 45 38.00 -5.58 -27.60
N LEU H 46 37.24 -5.67 -26.49
CA LEU H 46 37.70 -6.32 -25.27
C LEU H 46 37.89 -7.82 -25.45
N THR H 47 38.93 -8.36 -24.81
CA THR H 47 39.02 -9.80 -24.55
C THR H 47 38.49 -10.02 -23.13
N ALA H 48 37.27 -10.54 -23.04
CA ALA H 48 36.61 -10.70 -21.75
C ALA H 48 36.81 -12.11 -21.24
N VAL H 49 37.57 -12.25 -20.17
CA VAL H 49 37.73 -13.53 -19.50
C VAL H 49 36.65 -13.63 -18.42
N SER H 50 35.72 -14.57 -18.64
CA SER H 50 34.55 -14.72 -17.80
C SER H 50 34.09 -16.15 -17.96
N ASN H 51 33.59 -16.75 -16.88
CA ASN H 51 33.21 -18.16 -16.93
C ASN H 51 32.07 -18.38 -17.92
N ASN H 52 31.04 -17.55 -17.81
CA ASN H 52 29.88 -17.60 -18.69
C ASN H 52 29.61 -16.24 -19.34
N ALA H 53 28.62 -16.21 -20.22
CA ALA H 53 28.24 -15.00 -20.93
C ALA H 53 26.96 -14.39 -20.36
N GLY H 54 26.69 -14.62 -19.08
CA GLY H 54 25.45 -14.16 -18.45
C GLY H 54 24.23 -14.71 -19.17
N VAL H 55 23.22 -13.88 -19.33
CA VAL H 55 22.07 -14.19 -20.16
C VAL H 55 21.98 -13.18 -21.31
N ASP H 56 21.05 -13.39 -22.22
CA ASP H 56 20.90 -12.54 -23.40
C ASP H 56 20.89 -11.04 -23.06
N ASN H 57 20.13 -10.67 -22.03
CA ASN H 57 19.86 -9.27 -21.68
C ASN H 57 20.36 -8.88 -20.29
N PHE H 58 21.38 -9.58 -19.78
CA PHE H 58 21.96 -9.22 -18.49
C PHE H 58 23.34 -9.82 -18.29
N GLY H 59 24.09 -9.25 -17.36
CA GLY H 59 25.46 -9.67 -17.10
C GLY H 59 26.33 -9.32 -18.28
N LEU H 60 27.21 -10.25 -18.65
CA LEU H 60 28.17 -10.03 -19.74
C LEU H 60 27.47 -9.97 -21.11
N GLY H 61 26.29 -10.55 -21.21
CA GLY H 61 25.51 -10.51 -22.44
C GLY H 61 25.18 -9.11 -22.93
N LEU H 62 25.01 -8.18 -21.99
CA LEU H 62 24.80 -6.76 -22.31
C LEU H 62 25.93 -6.16 -23.16
N LEU H 63 27.16 -6.56 -22.84
CA LEU H 63 28.34 -6.08 -23.57
C LEU H 63 28.50 -6.80 -24.91
N LEU H 64 27.92 -7.99 -25.02
CA LEU H 64 27.82 -8.69 -26.29
C LEU H 64 26.74 -8.03 -27.15
N GLN H 65 25.69 -7.54 -26.49
CA GLN H 65 24.60 -6.85 -27.16
C GLN H 65 25.09 -5.55 -27.79
N SER H 66 26.00 -4.87 -27.09
CA SER H 66 26.59 -3.62 -27.57
C SER H 66 27.86 -3.83 -28.39
N LYS H 67 28.22 -5.09 -28.62
CA LYS H 67 29.38 -5.47 -29.44
C LYS H 67 30.71 -4.87 -28.95
N GLN H 68 30.83 -4.72 -27.65
CA GLN H 68 32.05 -4.19 -27.04
C GLN H 68 33.09 -5.29 -26.79
N ILE H 69 32.71 -6.56 -26.96
CA ILE H 69 33.61 -7.70 -26.74
C ILE H 69 34.05 -8.34 -28.05
N LYS H 70 35.36 -8.47 -28.23
CA LYS H 70 35.94 -9.08 -29.43
C LYS H 70 36.15 -10.58 -29.22
N ARG H 71 36.76 -10.94 -28.08
CA ARG H 71 36.98 -12.34 -27.74
C ARG H 71 36.45 -12.67 -26.34
N MET H 72 35.85 -13.85 -26.21
CA MET H 72 35.41 -14.40 -24.94
C MET H 72 36.30 -15.58 -24.60
N ILE H 73 36.82 -15.61 -23.38
CA ILE H 73 37.50 -16.79 -22.85
C ILE H 73 36.63 -17.31 -21.71
N SER H 74 36.00 -18.46 -21.96
CA SER H 74 34.89 -18.96 -21.13
C SER H 74 34.84 -20.47 -21.13
N SER H 75 34.09 -21.04 -20.20
CA SER H 75 33.93 -22.49 -20.09
C SER H 75 32.57 -22.98 -20.58
N TYR H 76 31.53 -22.15 -20.40
CA TYR H 76 30.18 -22.56 -20.73
C TYR H 76 29.32 -21.39 -21.21
N VAL H 77 28.71 -21.55 -22.39
CA VAL H 77 27.89 -20.51 -23.01
C VAL H 77 26.52 -20.41 -22.35
N GLY H 78 25.85 -21.55 -22.24
CA GLY H 78 24.59 -21.64 -21.52
C GLY H 78 23.41 -21.04 -22.24
N GLU H 79 22.60 -20.29 -21.50
CA GLU H 79 21.34 -19.76 -22.03
C GLU H 79 21.51 -18.32 -22.50
N ASN H 80 22.42 -18.14 -23.46
CA ASN H 80 22.61 -16.87 -24.13
C ASN H 80 22.58 -17.10 -25.65
N ALA H 81 21.40 -16.88 -26.23
CA ALA H 81 21.19 -17.06 -27.67
C ALA H 81 22.02 -16.07 -28.49
N GLU H 82 22.15 -14.85 -27.99
CA GLU H 82 22.96 -13.83 -28.65
C GLU H 82 24.43 -14.25 -28.71
N PHE H 83 24.92 -14.86 -27.64
CA PHE H 83 26.29 -15.37 -27.63
C PHE H 83 26.46 -16.39 -28.74
N GLU H 84 25.59 -17.39 -28.73
CA GLU H 84 25.64 -18.48 -29.68
C GLU H 84 25.55 -17.96 -31.10
N ARG H 85 24.66 -16.99 -31.31
CA ARG H 85 24.50 -16.37 -32.63
C ARG H 85 25.78 -15.71 -33.11
N GLN H 86 26.32 -14.79 -32.30
CA GLN H 86 27.53 -14.05 -32.67
C GLN H 86 28.72 -14.98 -32.93
N TYR H 87 28.82 -16.02 -32.10
CA TYR H 87 29.89 -17.01 -32.23
C TYR H 87 29.76 -17.81 -33.52
N LEU H 88 28.57 -18.34 -33.75
CA LEU H 88 28.28 -19.10 -34.99
C LEU H 88 28.31 -18.22 -36.24
N ALA H 89 27.94 -16.95 -36.10
CA ALA H 89 27.91 -16.00 -37.22
C ALA H 89 29.31 -15.53 -37.68
N GLY H 90 30.31 -15.67 -36.82
CA GLY H 90 31.67 -15.22 -37.12
C GLY H 90 31.97 -13.81 -36.62
N GLU H 91 31.10 -13.30 -35.74
CA GLU H 91 31.24 -11.95 -35.19
C GLU H 91 32.04 -11.94 -33.89
N LEU H 92 32.04 -13.06 -33.16
CA LEU H 92 32.66 -13.15 -31.85
C LEU H 92 33.67 -14.29 -31.81
N GLU H 93 34.85 -14.01 -31.25
CA GLU H 93 35.87 -15.04 -31.03
C GLU H 93 35.63 -15.68 -29.67
N VAL H 94 35.80 -16.99 -29.58
CA VAL H 94 35.53 -17.72 -28.34
C VAL H 94 36.51 -18.85 -28.08
N GLU H 95 37.34 -18.71 -27.04
CA GLU H 95 38.18 -19.80 -26.55
C GLU H 95 37.41 -20.58 -25.46
N LEU H 96 36.81 -21.69 -25.84
CA LEU H 96 36.14 -22.57 -24.88
C LEU H 96 37.19 -23.29 -24.04
N THR H 97 37.20 -23.00 -22.74
CA THR H 97 38.26 -23.44 -21.82
C THR H 97 37.66 -24.23 -20.67
N PRO H 98 38.21 -25.41 -20.34
CA PRO H 98 37.68 -26.16 -19.20
C PRO H 98 37.62 -25.30 -17.94
N GLN H 99 36.49 -25.35 -17.23
CA GLN H 99 36.25 -24.42 -16.12
C GLN H 99 37.39 -24.45 -15.09
N GLY H 100 37.76 -25.63 -14.63
CA GLY H 100 38.87 -25.76 -13.68
C GLY H 100 40.21 -25.29 -14.21
N THR H 101 40.45 -25.49 -15.50
CA THR H 101 41.66 -24.98 -16.15
C THR H 101 41.64 -23.45 -16.19
N LEU H 102 40.50 -22.89 -16.56
CA LEU H 102 40.31 -21.45 -16.52
C LEU H 102 40.59 -20.90 -15.11
N ALA H 103 40.10 -21.60 -14.10
CA ALA H 103 40.27 -21.15 -12.72
C ALA H 103 41.74 -21.21 -12.27
N GLU H 104 42.42 -22.30 -12.65
CA GLU H 104 43.80 -22.51 -12.25
C GLU H 104 44.75 -21.58 -13.00
N ARG H 105 44.42 -21.29 -14.26
CA ARG H 105 45.23 -20.39 -15.08
C ARG H 105 45.10 -18.97 -14.57
N ILE H 106 43.91 -18.56 -14.13
CA ILE H 106 43.75 -17.25 -13.50
C ILE H 106 44.55 -17.18 -12.20
N ARG H 107 44.50 -18.25 -11.42
CA ARG H 107 45.27 -18.32 -10.18
C ARG H 107 46.77 -18.22 -10.46
N ALA H 108 47.26 -19.04 -11.40
CA ALA H 108 48.65 -19.01 -11.80
C ALA H 108 49.07 -17.59 -12.17
N GLY H 109 48.20 -16.89 -12.89
CA GLY H 109 48.46 -15.53 -13.32
C GLY H 109 48.58 -14.50 -12.22
N GLY H 110 47.98 -14.79 -11.06
CA GLY H 110 48.12 -13.94 -9.89
C GLY H 110 49.18 -14.44 -8.92
N ALA H 111 49.57 -15.71 -9.06
CA ALA H 111 50.50 -16.35 -8.13
C ALA H 111 51.94 -16.52 -8.68
N GLY H 112 52.27 -15.85 -9.78
CA GLY H 112 53.63 -15.88 -10.31
C GLY H 112 54.05 -17.19 -10.97
N VAL H 113 53.06 -18.00 -11.35
CA VAL H 113 53.29 -19.24 -12.05
C VAL H 113 52.92 -19.03 -13.52
N PRO H 114 53.90 -19.15 -14.44
CA PRO H 114 53.65 -18.91 -15.85
C PRO H 114 52.94 -20.08 -16.54
N ALA H 115 53.16 -21.29 -16.04
CA ALA H 115 52.56 -22.47 -16.63
C ALA H 115 52.57 -23.61 -15.65
N PHE H 116 51.70 -24.59 -15.90
CA PHE H 116 51.55 -25.75 -15.04
C PHE H 116 50.92 -26.87 -15.84
N TYR H 117 50.92 -28.08 -15.27
CA TYR H 117 50.37 -29.25 -15.95
C TYR H 117 49.05 -29.72 -15.34
N THR H 118 48.17 -30.24 -16.18
CA THR H 118 46.89 -30.77 -15.76
C THR H 118 46.47 -31.84 -16.75
N SER H 119 45.72 -32.84 -16.29
CA SER H 119 45.23 -33.91 -17.17
C SER H 119 43.91 -33.50 -17.83
N THR H 120 43.27 -32.45 -17.31
CA THR H 120 42.04 -31.92 -17.89
C THR H 120 42.23 -31.52 -19.35
N GLY H 121 41.44 -32.14 -20.22
CA GLY H 121 41.48 -31.83 -21.64
C GLY H 121 42.42 -32.69 -22.46
N TYR H 122 43.13 -33.62 -21.81
CA TYR H 122 43.98 -34.55 -22.55
C TYR H 122 43.12 -35.51 -23.39
N GLY H 123 43.56 -35.77 -24.63
CA GLY H 123 42.81 -36.60 -25.56
C GLY H 123 41.57 -35.93 -26.13
N THR H 124 41.50 -34.60 -26.01
CA THR H 124 40.38 -33.83 -26.52
C THR H 124 40.91 -32.70 -27.40
N LEU H 125 40.00 -31.89 -27.94
CA LEU H 125 40.37 -30.77 -28.81
C LEU H 125 41.20 -29.70 -28.08
N VAL H 126 41.08 -29.64 -26.76
CA VAL H 126 41.90 -28.71 -25.97
C VAL H 126 43.37 -29.09 -26.13
N GLN H 127 43.66 -30.38 -25.97
CA GLN H 127 45.03 -30.88 -26.11
C GLN H 127 45.47 -30.96 -27.57
N GLU H 128 44.64 -31.56 -28.41
CA GLU H 128 45.05 -31.83 -29.80
C GLU H 128 44.90 -30.61 -30.71
N GLY H 129 44.17 -29.60 -30.25
CA GLY H 129 43.97 -28.40 -31.04
C GLY H 129 42.81 -28.58 -32.01
N GLY H 130 42.47 -27.52 -32.74
CA GLY H 130 41.38 -27.56 -33.70
C GLY H 130 40.02 -27.17 -33.16
N SER H 131 39.97 -26.68 -31.92
CA SER H 131 38.72 -26.18 -31.35
C SER H 131 38.41 -24.83 -32.00
N PRO H 132 37.21 -24.68 -32.57
CA PRO H 132 36.90 -23.43 -33.26
C PRO H 132 36.92 -22.21 -32.34
N ILE H 133 37.83 -21.28 -32.61
CA ILE H 133 37.91 -20.01 -31.88
C ILE H 133 37.11 -18.95 -32.63
N LYS H 134 37.26 -18.91 -33.95
CA LYS H 134 36.47 -18.01 -34.80
C LYS H 134 35.95 -18.72 -36.05
N TYR H 135 34.71 -18.40 -36.42
CA TYR H 135 34.10 -18.89 -37.66
C TYR H 135 34.14 -17.80 -38.73
N ASN H 136 34.24 -18.23 -39.98
CA ASN H 136 34.03 -17.33 -41.12
C ASN H 136 32.54 -17.14 -41.34
N LYS H 137 32.16 -16.09 -42.07
CA LYS H 137 30.74 -15.77 -42.27
C LYS H 137 30.00 -16.86 -43.06
N ASP H 138 30.70 -17.55 -43.94
CA ASP H 138 30.13 -18.68 -44.69
C ASP H 138 29.83 -19.88 -43.79
N GLY H 139 30.74 -20.18 -42.86
CA GLY H 139 30.60 -21.34 -41.98
C GLY H 139 31.88 -22.10 -41.68
N SER H 140 32.93 -21.87 -42.46
CA SER H 140 34.24 -22.50 -42.22
C SER H 140 34.92 -21.88 -41.01
N ILE H 141 35.98 -22.53 -40.54
CA ILE H 141 36.67 -22.10 -39.32
C ILE H 141 37.76 -21.10 -39.66
N ALA H 142 37.59 -19.86 -39.18
CA ALA H 142 38.55 -18.78 -39.42
C ALA H 142 39.79 -18.97 -38.54
N ILE H 143 39.57 -19.12 -37.23
CA ILE H 143 40.66 -19.38 -36.28
C ILE H 143 40.37 -20.66 -35.48
N ALA H 144 41.38 -21.52 -35.39
CA ALA H 144 41.30 -22.76 -34.63
C ALA H 144 42.28 -22.70 -33.45
N SER H 145 42.00 -23.47 -32.40
CA SER H 145 42.86 -23.49 -31.21
C SER H 145 44.14 -24.26 -31.50
N LYS H 146 45.24 -23.81 -30.91
CA LYS H 146 46.53 -24.48 -31.05
C LYS H 146 46.66 -25.62 -30.04
N PRO H 147 47.46 -26.64 -30.36
CA PRO H 147 47.61 -27.75 -29.44
C PRO H 147 48.32 -27.38 -28.15
N ARG H 148 48.10 -28.16 -27.11
CA ARG H 148 48.83 -28.02 -25.85
C ARG H 148 49.88 -29.12 -25.79
N GLU H 149 51.06 -28.77 -25.29
CA GLU H 149 52.15 -29.72 -25.16
C GLU H 149 51.77 -30.81 -24.16
N VAL H 150 52.02 -32.05 -24.53
CA VAL H 150 51.73 -33.20 -23.67
C VAL H 150 53.02 -33.63 -22.98
N ARG H 151 52.90 -34.06 -21.72
CA ARG H 151 54.04 -34.59 -20.99
C ARG H 151 53.59 -35.63 -19.98
N GLU H 152 54.38 -36.68 -19.82
CA GLU H 152 54.06 -37.77 -18.92
C GLU H 152 54.69 -37.57 -17.54
N PHE H 153 53.86 -37.69 -16.51
CA PHE H 153 54.31 -37.67 -15.11
C PHE H 153 53.73 -38.88 -14.39
N ASN H 154 54.60 -39.70 -13.79
CA ASN H 154 54.18 -40.86 -12.99
C ASN H 154 53.21 -41.78 -13.73
N GLY H 155 53.55 -42.10 -14.99
CA GLY H 155 52.75 -43.05 -15.78
C GLY H 155 51.44 -42.50 -16.32
N GLN H 156 51.31 -41.18 -16.36
CA GLN H 156 50.07 -40.55 -16.80
C GLN H 156 50.35 -39.32 -17.64
N HIS H 157 49.45 -39.03 -18.58
CA HIS H 157 49.62 -37.91 -19.51
C HIS H 157 48.92 -36.63 -19.04
N PHE H 158 49.65 -35.53 -19.13
CA PHE H 158 49.18 -34.20 -18.73
C PHE H 158 49.48 -33.21 -19.83
N ILE H 159 48.76 -32.09 -19.86
CA ILE H 159 49.02 -31.02 -20.83
C ILE H 159 49.44 -29.73 -20.13
N LEU H 160 50.26 -28.95 -20.82
CA LEU H 160 50.78 -27.69 -20.26
C LEU H 160 49.81 -26.55 -20.52
N GLU H 161 49.41 -25.85 -19.45
CA GLU H 161 48.53 -24.70 -19.57
C GLU H 161 49.24 -23.47 -19.04
N GLU H 162 49.04 -22.34 -19.71
CA GLU H 162 49.72 -21.09 -19.36
C GLU H 162 48.83 -20.16 -18.55
N ALA H 163 49.48 -19.33 -17.74
CA ALA H 163 48.77 -18.39 -16.88
C ALA H 163 47.91 -17.42 -17.69
N ILE H 164 46.80 -16.99 -17.09
CA ILE H 164 45.96 -15.94 -17.64
C ILE H 164 46.04 -14.74 -16.72
N ARG H 165 46.40 -13.59 -17.26
CA ARG H 165 46.48 -12.37 -16.49
C ARG H 165 45.76 -11.24 -17.24
N GLY H 166 45.04 -10.40 -16.50
CA GLY H 166 44.27 -9.31 -17.11
C GLY H 166 44.90 -7.95 -16.96
N ASP H 167 44.51 -7.03 -17.83
CA ASP H 167 44.82 -5.61 -17.65
C ASP H 167 43.92 -5.08 -16.54
N PHE H 168 42.67 -5.54 -16.54
CA PHE H 168 41.70 -5.18 -15.51
C PHE H 168 40.93 -6.41 -15.03
N ALA H 169 40.44 -6.32 -13.80
CA ALA H 169 39.51 -7.30 -13.25
C ALA H 169 38.29 -6.58 -12.69
N LEU H 170 37.11 -7.03 -13.13
CA LEU H 170 35.85 -6.49 -12.62
C LEU H 170 35.24 -7.53 -11.71
N VAL H 171 35.12 -7.17 -10.43
CA VAL H 171 34.85 -8.14 -9.38
C VAL H 171 33.66 -7.71 -8.53
N LYS H 172 32.79 -8.68 -8.22
CA LYS H 172 31.65 -8.46 -7.32
C LYS H 172 31.93 -9.14 -6.00
N ALA H 173 31.63 -8.44 -4.90
CA ALA H 173 31.80 -8.98 -3.55
C ALA H 173 30.68 -8.49 -2.64
N TRP H 174 30.53 -9.14 -1.49
CA TRP H 174 29.44 -8.83 -0.57
C TRP H 174 29.74 -7.56 0.22
N LYS H 175 30.78 -7.62 1.06
CA LYS H 175 31.14 -6.51 1.92
C LYS H 175 32.62 -6.17 1.80
N ALA H 176 32.94 -4.89 2.02
CA ALA H 176 34.32 -4.43 2.15
C ALA H 176 34.39 -3.54 3.37
N ASP H 177 35.50 -3.62 4.10
CA ASP H 177 35.71 -2.68 5.20
C ASP H 177 36.39 -1.43 4.65
N GLN H 178 36.57 -0.39 5.47
CA GLN H 178 37.13 0.85 4.96
C GLN H 178 38.65 0.78 4.75
N ALA H 179 39.27 -0.34 5.14
CA ALA H 179 40.68 -0.62 4.81
C ALA H 179 40.85 -1.21 3.40
N GLY H 180 39.78 -1.79 2.86
CA GLY H 180 39.81 -2.40 1.53
C GLY H 180 39.69 -3.91 1.52
N ASN H 181 39.63 -4.53 2.71
CA ASN H 181 39.44 -5.97 2.81
C ASN H 181 38.05 -6.33 2.33
N VAL H 182 37.90 -7.53 1.78
CA VAL H 182 36.65 -7.90 1.12
C VAL H 182 36.21 -9.33 1.49
N THR H 183 34.89 -9.55 1.47
CA THR H 183 34.31 -10.88 1.68
C THR H 183 33.22 -11.15 0.65
N PHE H 184 32.83 -12.41 0.52
CA PHE H 184 31.83 -12.85 -0.45
C PHE H 184 30.74 -13.64 0.26
N ARG H 185 29.55 -13.66 -0.35
CA ARG H 185 28.39 -14.30 0.25
C ARG H 185 27.99 -15.54 -0.52
N LYS H 186 28.00 -16.68 0.17
CA LYS H 186 27.54 -17.96 -0.37
C LYS H 186 28.24 -18.28 -1.69
N SER H 187 27.52 -18.75 -2.70
CA SER H 187 28.15 -19.19 -3.95
C SER H 187 28.46 -18.05 -4.91
N ALA H 188 28.26 -16.80 -4.47
CA ALA H 188 28.59 -15.62 -5.27
C ALA H 188 30.09 -15.35 -5.35
N ARG H 189 30.88 -16.14 -4.63
CA ARG H 189 32.34 -16.01 -4.62
C ARG H 189 32.95 -16.52 -5.94
N ASN H 190 32.67 -17.77 -6.28
CA ASN H 190 33.14 -18.42 -7.51
C ASN H 190 34.45 -17.84 -8.09
N PHE H 191 34.38 -17.19 -9.26
CA PHE H 191 35.58 -16.73 -9.96
C PHE H 191 36.06 -15.37 -9.49
N ASN H 192 35.25 -14.70 -8.68
CA ASN H 192 35.60 -13.37 -8.20
C ASN H 192 36.88 -13.37 -7.37
N LEU H 193 37.09 -14.42 -6.57
CA LEU H 193 38.27 -14.48 -5.70
C LEU H 193 39.58 -14.58 -6.50
N PRO H 194 39.76 -15.65 -7.30
CA PRO H 194 41.00 -15.72 -8.07
C PRO H 194 41.24 -14.53 -9.00
N MET H 195 40.20 -14.10 -9.72
CA MET H 195 40.31 -12.97 -10.65
C MET H 195 40.81 -11.69 -9.99
N CYS H 196 40.54 -11.54 -8.70
CA CYS H 196 40.94 -10.38 -7.92
C CYS H 196 42.46 -10.28 -7.77
N LYS H 197 43.16 -11.38 -8.04
CA LYS H 197 44.61 -11.48 -7.86
C LYS H 197 45.38 -11.48 -9.18
N ALA H 198 44.67 -11.66 -10.30
CA ALA H 198 45.32 -11.91 -11.59
C ALA H 198 45.26 -10.76 -12.58
N ALA H 199 45.11 -9.53 -12.11
CA ALA H 199 45.03 -8.40 -13.02
C ALA H 199 45.88 -7.22 -12.57
N GLU H 200 46.31 -6.41 -13.52
CA GLU H 200 47.11 -5.21 -13.22
C GLU H 200 46.33 -4.22 -12.35
N THR H 201 45.09 -3.94 -12.73
CA THR H 201 44.18 -3.14 -11.90
C THR H 201 42.93 -3.93 -11.59
N THR H 202 42.61 -4.07 -10.31
CA THR H 202 41.42 -4.80 -9.88
C THR H 202 40.40 -3.81 -9.34
N VAL H 203 39.19 -3.88 -9.88
CA VAL H 203 38.09 -3.00 -9.48
C VAL H 203 36.99 -3.86 -8.87
N VAL H 204 36.69 -3.60 -7.61
CA VAL H 204 35.72 -4.39 -6.87
C VAL H 204 34.51 -3.54 -6.53
N GLU H 205 33.32 -4.08 -6.79
CA GLU H 205 32.08 -3.45 -6.33
C GLU H 205 31.49 -4.28 -5.20
N VAL H 206 30.97 -3.60 -4.18
CA VAL H 206 30.41 -4.27 -3.01
C VAL H 206 29.02 -3.74 -2.65
N GLU H 207 28.22 -4.58 -1.99
CA GLU H 207 26.86 -4.23 -1.59
C GLU H 207 26.87 -3.33 -0.37
N GLU H 208 27.86 -3.50 0.50
CA GLU H 208 27.93 -2.76 1.74
C GLU H 208 29.39 -2.45 2.10
N ILE H 209 29.60 -1.28 2.71
CA ILE H 209 30.91 -0.91 3.24
C ILE H 209 30.81 -0.80 4.76
N VAL H 210 31.54 -1.66 5.47
CA VAL H 210 31.50 -1.70 6.92
C VAL H 210 32.76 -1.09 7.51
N ASP H 211 32.78 -0.94 8.83
CA ASP H 211 33.91 -0.35 9.53
C ASP H 211 35.08 -1.34 9.61
N ILE H 212 36.30 -0.82 9.70
CA ILE H 212 37.49 -1.63 9.96
C ILE H 212 37.33 -2.28 11.34
N GLY H 213 37.59 -3.59 11.42
CA GLY H 213 37.37 -4.35 12.65
C GLY H 213 36.10 -5.19 12.61
N SER H 214 35.23 -4.92 11.63
CA SER H 214 33.97 -5.67 11.48
C SER H 214 34.21 -7.14 11.13
N PHE H 215 35.23 -7.39 10.31
CA PHE H 215 35.61 -8.75 9.95
C PHE H 215 36.55 -9.33 11.01
N ALA H 216 36.37 -10.61 11.32
CA ALA H 216 37.40 -11.37 11.99
C ALA H 216 38.55 -11.52 10.98
N PRO H 217 39.79 -11.18 11.39
CA PRO H 217 40.90 -11.17 10.45
C PRO H 217 41.15 -12.52 9.75
N GLU H 218 40.79 -13.61 10.41
CA GLU H 218 40.89 -14.95 9.81
C GLU H 218 39.90 -15.16 8.66
N ASP H 219 38.80 -14.42 8.69
CA ASP H 219 37.68 -14.63 7.78
C ASP H 219 37.60 -13.60 6.64
N ILE H 220 38.71 -12.90 6.40
CA ILE H 220 38.82 -12.00 5.26
C ILE H 220 39.18 -12.83 4.03
N HIS H 221 38.28 -12.87 3.04
CA HIS H 221 38.46 -13.74 1.88
C HIS H 221 39.47 -13.20 0.88
N ILE H 222 39.42 -11.90 0.62
CA ILE H 222 40.42 -11.23 -0.20
C ILE H 222 41.02 -10.08 0.60
N PRO H 223 42.29 -10.21 1.00
CA PRO H 223 42.99 -9.12 1.69
C PRO H 223 43.14 -7.88 0.83
N LYS H 224 43.16 -6.72 1.50
CA LYS H 224 43.23 -5.41 0.82
C LYS H 224 44.36 -5.26 -0.21
N ILE H 225 45.47 -5.98 -0.05
CA ILE H 225 46.59 -5.92 -1.00
C ILE H 225 46.17 -6.18 -2.45
N TYR H 226 45.15 -7.01 -2.62
CA TYR H 226 44.63 -7.35 -3.94
C TYR H 226 43.62 -6.36 -4.50
N VAL H 227 43.00 -5.56 -3.62
CA VAL H 227 41.92 -4.66 -4.00
C VAL H 227 42.46 -3.25 -4.29
N HIS H 228 42.50 -2.87 -5.56
CA HIS H 228 43.10 -1.60 -5.97
C HIS H 228 42.09 -0.45 -6.01
N ARG H 229 40.89 -0.75 -6.51
CA ARG H 229 39.80 0.23 -6.54
C ARG H 229 38.53 -0.40 -6.00
N LEU H 230 37.87 0.32 -5.11
CA LEU H 230 36.66 -0.17 -4.46
C LEU H 230 35.51 0.81 -4.66
N VAL H 231 34.35 0.29 -5.04
CA VAL H 231 33.14 1.10 -5.23
C VAL H 231 31.95 0.42 -4.58
N LYS H 232 31.09 1.20 -3.94
CA LYS H 232 29.83 0.69 -3.41
C LYS H 232 28.81 0.72 -4.52
N GLY H 233 28.24 -0.43 -4.86
CA GLY H 233 27.31 -0.55 -5.97
C GLY H 233 26.01 0.18 -5.71
N GLU H 234 25.56 0.94 -6.71
CA GLU H 234 24.36 1.76 -6.59
C GLU H 234 23.11 0.88 -6.61
N LYS H 235 23.04 -0.02 -7.57
CA LYS H 235 21.84 -0.83 -7.80
C LYS H 235 22.17 -2.32 -7.82
N TYR H 236 21.43 -3.11 -7.06
CA TYR H 236 21.56 -4.57 -7.07
C TYR H 236 20.21 -5.23 -7.29
N GLU H 237 20.03 -5.80 -8.48
CA GLU H 237 18.73 -6.31 -8.91
C GLU H 237 18.40 -7.72 -8.43
N LYS H 238 19.37 -8.37 -7.79
CA LYS H 238 19.16 -9.71 -7.22
C LYS H 238 18.51 -10.67 -8.24
N ARG H 239 19.00 -10.62 -9.48
CA ARG H 239 18.37 -11.38 -10.57
C ARG H 239 18.62 -12.87 -10.45
N ILE H 240 17.57 -13.65 -10.70
CA ILE H 240 17.62 -15.11 -10.65
C ILE H 240 17.35 -15.65 -12.05
N GLU H 241 18.28 -16.45 -12.57
CA GLU H 241 18.16 -17.00 -13.92
C GLU H 241 17.11 -18.11 -13.99
N ARG H 242 17.24 -19.10 -13.11
CA ARG H 242 16.31 -20.24 -13.06
C ARG H 242 15.73 -20.42 -11.68
N LEU H 243 14.46 -20.03 -11.50
CA LEU H 243 13.74 -20.42 -10.30
C LEU H 243 13.49 -21.92 -10.36
N SER H 244 13.78 -22.59 -9.25
CA SER H 244 13.43 -24.00 -9.07
C SER H 244 13.00 -24.16 -7.62
N VAL H 245 11.72 -24.44 -7.41
CA VAL H 245 11.16 -24.68 -6.08
C VAL H 245 10.41 -26.01 -6.11
N ARG H 246 10.22 -26.62 -4.94
CA ARG H 246 9.52 -27.91 -4.83
C ARG H 246 8.15 -27.73 -4.18
N ARG H 269 16.68 -43.80 -10.32
CA ARG H 269 17.67 -44.87 -10.44
C ARG H 269 19.09 -44.36 -10.14
N ALA H 270 19.39 -43.14 -10.59
CA ALA H 270 20.70 -42.53 -10.36
C ALA H 270 20.99 -42.34 -8.88
N ALA H 271 19.97 -41.93 -8.13
CA ALA H 271 20.09 -41.71 -6.68
C ALA H 271 20.53 -42.97 -5.90
N LEU H 272 20.27 -44.16 -6.46
CA LEU H 272 20.69 -45.43 -5.85
C LEU H 272 22.19 -45.70 -5.96
N GLU H 273 22.89 -44.90 -6.76
CA GLU H 273 24.35 -45.00 -6.87
C GLU H 273 25.05 -44.38 -5.65
N PHE H 274 24.34 -43.54 -4.91
CA PHE H 274 24.87 -42.92 -3.70
C PHE H 274 25.10 -43.95 -2.60
N GLU H 275 26.24 -43.83 -1.91
CA GLU H 275 26.53 -44.61 -0.71
C GLU H 275 26.62 -43.66 0.46
N ASP H 276 26.54 -44.20 1.67
CA ASP H 276 26.62 -43.37 2.88
C ASP H 276 28.04 -42.82 3.05
N GLY H 277 28.13 -41.53 3.34
CA GLY H 277 29.43 -40.85 3.48
C GLY H 277 30.11 -40.49 2.16
N MET H 278 29.43 -40.69 1.05
CA MET H 278 30.00 -40.46 -0.28
C MET H 278 30.08 -38.97 -0.62
N TYR H 279 31.17 -38.59 -1.30
CA TYR H 279 31.29 -37.24 -1.86
C TYR H 279 31.00 -37.30 -3.35
N ALA H 280 29.90 -36.68 -3.75
CA ALA H 280 29.40 -36.80 -5.13
C ALA H 280 29.17 -35.43 -5.78
N ASN H 281 29.44 -35.37 -7.08
CA ASN H 281 29.24 -34.14 -7.85
C ASN H 281 28.12 -34.31 -8.89
N LEU H 282 27.22 -33.34 -8.95
CA LEU H 282 26.13 -33.34 -9.91
C LEU H 282 26.35 -32.28 -10.99
N GLY H 283 26.52 -32.73 -12.23
CA GLY H 283 26.73 -31.83 -13.37
C GLY H 283 25.45 -31.14 -13.83
N ILE H 284 25.56 -30.29 -14.86
CA ILE H 284 24.41 -29.53 -15.36
C ILE H 284 23.46 -30.45 -16.14
N GLY H 285 22.16 -30.20 -15.96
CA GLY H 285 21.12 -30.96 -16.66
C GLY H 285 20.37 -31.89 -15.74
N ILE H 286 20.30 -33.16 -16.13
CA ILE H 286 19.52 -34.17 -15.40
C ILE H 286 20.05 -34.41 -13.97
N PRO H 287 21.39 -34.55 -13.80
CA PRO H 287 21.96 -34.82 -12.48
C PRO H 287 21.52 -33.86 -11.37
N LEU H 288 21.32 -32.59 -11.70
CA LEU H 288 20.97 -31.55 -10.72
C LEU H 288 19.78 -31.92 -9.82
N LEU H 289 18.82 -32.66 -10.37
CA LEU H 289 17.60 -33.01 -9.64
C LEU H 289 17.87 -33.96 -8.46
N ALA H 290 18.96 -34.73 -8.53
CA ALA H 290 19.28 -35.72 -7.51
C ALA H 290 19.66 -35.16 -6.13
N SER H 291 19.73 -33.84 -5.97
CA SER H 291 19.92 -33.24 -4.65
C SER H 291 18.62 -33.27 -3.84
N ASN H 292 17.51 -33.51 -4.53
CA ASN H 292 16.20 -33.69 -3.88
C ASN H 292 15.90 -35.14 -3.52
N PHE H 293 16.75 -36.07 -3.97
CA PHE H 293 16.56 -37.50 -3.75
C PHE H 293 17.63 -38.12 -2.86
N ILE H 294 18.01 -37.39 -1.80
CA ILE H 294 18.89 -37.93 -0.76
C ILE H 294 18.02 -38.74 0.20
N SER H 295 18.35 -40.01 0.37
CA SER H 295 17.63 -40.87 1.31
C SER H 295 17.75 -40.29 2.73
N PRO H 296 16.65 -40.34 3.52
CA PRO H 296 16.73 -39.83 4.90
C PRO H 296 17.71 -40.62 5.77
N ASN H 297 17.78 -41.93 5.54
CA ASN H 297 18.69 -42.81 6.27
C ASN H 297 20.15 -42.60 5.86
N MET H 298 20.38 -42.12 4.64
CA MET H 298 21.73 -41.99 4.09
C MET H 298 22.26 -40.56 4.23
N THR H 299 23.57 -40.44 4.40
CA THR H 299 24.25 -39.15 4.41
C THR H 299 25.14 -39.07 3.17
N VAL H 300 24.77 -38.19 2.24
CA VAL H 300 25.54 -37.98 1.01
C VAL H 300 25.95 -36.51 0.94
N HIS H 301 27.22 -36.28 0.62
CA HIS H 301 27.76 -34.93 0.52
C HIS H 301 27.88 -34.53 -0.95
N LEU H 302 27.11 -33.53 -1.34
CA LEU H 302 27.03 -33.12 -2.75
C LEU H 302 27.88 -31.88 -3.00
N GLN H 303 28.81 -32.01 -3.94
CA GLN H 303 29.70 -30.92 -4.31
C GLN H 303 29.20 -30.24 -5.57
N SER H 304 29.18 -28.90 -5.54
CA SER H 304 28.78 -28.10 -6.70
C SER H 304 29.99 -27.30 -7.21
N GLU H 305 30.28 -27.42 -8.50
CA GLU H 305 31.50 -26.86 -9.06
C GLU H 305 31.62 -25.34 -8.89
N ASN H 306 30.49 -24.64 -8.78
CA ASN H 306 30.53 -23.20 -8.53
C ASN H 306 30.98 -22.82 -7.12
N GLY H 307 31.21 -23.81 -6.26
CA GLY H 307 31.87 -23.60 -4.98
C GLY H 307 31.03 -23.91 -3.77
N ILE H 308 30.36 -25.07 -3.78
CA ILE H 308 29.56 -25.52 -2.64
C ILE H 308 29.81 -26.98 -2.32
N LEU H 309 29.98 -27.29 -1.04
CA LEU H 309 29.91 -28.66 -0.55
C LEU H 309 28.74 -28.72 0.42
N GLY H 310 27.79 -29.62 0.14
CA GLY H 310 26.60 -29.82 0.97
C GLY H 310 25.30 -29.34 0.33
N LEU H 311 25.13 -29.58 -0.96
CA LEU H 311 23.91 -29.18 -1.66
C LEU H 311 22.68 -29.90 -1.11
N GLY H 312 21.66 -29.13 -0.75
CA GLY H 312 20.36 -29.67 -0.34
C GLY H 312 19.38 -29.69 -1.50
N PRO H 313 18.09 -29.90 -1.21
CA PRO H 313 17.04 -29.89 -2.22
C PRO H 313 16.68 -28.46 -2.64
N TYR H 314 15.81 -28.34 -3.65
CA TYR H 314 15.33 -27.02 -4.09
C TYR H 314 14.61 -26.31 -2.95
N PRO H 315 14.72 -24.97 -2.89
CA PRO H 315 14.16 -24.24 -1.75
C PRO H 315 12.65 -24.11 -1.78
N LEU H 316 12.08 -23.76 -0.64
CA LEU H 316 10.70 -23.28 -0.57
C LEU H 316 10.70 -21.82 -1.02
N GLN H 317 9.51 -21.25 -1.18
CA GLN H 317 9.35 -19.88 -1.65
C GLN H 317 10.12 -18.89 -0.77
N ASN H 318 10.00 -19.03 0.55
CA ASN H 318 10.69 -18.12 1.47
C ASN H 318 12.20 -18.38 1.58
N GLU H 319 12.63 -19.57 1.18
CA GLU H 319 14.04 -19.95 1.22
C GLU H 319 14.84 -19.42 0.04
N VAL H 320 14.15 -19.04 -1.03
CA VAL H 320 14.81 -18.67 -2.30
C VAL H 320 15.87 -17.57 -2.10
N ASP H 321 17.06 -17.79 -2.66
CA ASP H 321 18.18 -16.85 -2.53
C ASP H 321 19.00 -16.82 -3.82
N ALA H 322 19.24 -15.62 -4.34
CA ALA H 322 19.94 -15.44 -5.61
C ALA H 322 21.44 -15.77 -5.52
N ASP H 323 21.99 -15.67 -4.32
CA ASP H 323 23.41 -15.99 -4.07
C ASP H 323 23.68 -17.50 -3.88
N LEU H 324 22.65 -18.33 -4.07
CA LEU H 324 22.78 -19.76 -3.85
C LEU H 324 22.15 -20.52 -5.01
N ILE H 325 23.01 -21.04 -5.90
CA ILE H 325 22.57 -21.79 -7.06
C ILE H 325 23.47 -23.00 -7.30
N ASN H 326 22.92 -24.03 -7.92
CA ASN H 326 23.70 -25.21 -8.32
C ASN H 326 24.40 -24.95 -9.65
N ALA H 327 25.07 -25.96 -10.19
CA ALA H 327 25.83 -25.82 -11.43
C ALA H 327 24.97 -25.34 -12.60
N GLY H 328 23.76 -25.88 -12.71
CA GLY H 328 22.84 -25.51 -13.78
C GLY H 328 22.11 -24.20 -13.56
N LYS H 329 22.50 -23.47 -12.52
CA LYS H 329 22.03 -22.12 -12.25
C LYS H 329 20.62 -22.09 -11.63
N GLU H 330 20.20 -23.22 -11.06
CA GLU H 330 18.90 -23.34 -10.38
C GLU H 330 19.03 -22.94 -8.91
N THR H 331 18.03 -22.25 -8.38
CA THR H 331 18.02 -21.92 -6.94
C THR H 331 18.02 -23.21 -6.12
N VAL H 332 18.87 -23.24 -5.08
CA VAL H 332 19.04 -24.43 -4.24
C VAL H 332 19.15 -24.06 -2.77
N THR H 333 19.21 -25.07 -1.91
CA THR H 333 19.52 -24.88 -0.50
C THR H 333 20.80 -25.64 -0.17
N VAL H 334 21.34 -25.39 1.02
CA VAL H 334 22.45 -26.16 1.56
C VAL H 334 22.03 -26.85 2.84
N LEU H 335 22.52 -28.08 3.03
CA LEU H 335 22.25 -28.84 4.26
C LEU H 335 23.16 -28.34 5.38
N PRO H 336 22.86 -28.70 6.64
CA PRO H 336 23.74 -28.29 7.74
C PRO H 336 25.16 -28.84 7.58
N GLY H 337 26.15 -28.04 7.99
CA GLY H 337 27.56 -28.44 7.88
C GLY H 337 28.13 -28.23 6.49
N ALA H 338 27.47 -27.42 5.67
CA ALA H 338 27.94 -27.13 4.31
C ALA H 338 28.97 -26.02 4.34
N SER H 339 29.71 -25.88 3.24
CA SER H 339 30.76 -24.86 3.15
C SER H 339 30.82 -24.25 1.76
N TYR H 340 31.30 -23.01 1.69
CA TYR H 340 31.46 -22.29 0.43
C TYR H 340 32.92 -22.03 0.15
N PHE H 341 33.30 -22.04 -1.12
CA PHE H 341 34.69 -21.82 -1.50
C PHE H 341 34.80 -21.32 -2.94
N SER H 342 35.96 -20.77 -3.28
CA SER H 342 36.17 -20.18 -4.60
C SER H 342 36.24 -21.26 -5.68
N SER H 343 36.24 -20.83 -6.94
CA SER H 343 36.24 -21.75 -8.09
C SER H 343 37.59 -22.43 -8.32
N ASP H 344 38.68 -21.74 -7.99
CA ASP H 344 40.00 -22.36 -8.04
C ASP H 344 40.13 -23.46 -6.98
N GLU H 345 39.51 -23.23 -5.82
CA GLU H 345 39.48 -24.22 -4.75
C GLU H 345 38.52 -25.36 -5.06
N SER H 346 37.41 -25.04 -5.72
CA SER H 346 36.44 -26.05 -6.11
C SER H 346 37.04 -27.10 -7.05
N PHE H 347 37.90 -26.65 -7.96
CA PHE H 347 38.52 -27.56 -8.94
C PHE H 347 39.87 -28.11 -8.50
N ALA H 348 40.48 -27.52 -7.48
CA ALA H 348 41.57 -28.19 -6.78
C ALA H 348 40.99 -29.47 -6.14
N MET H 349 39.84 -29.30 -5.52
CA MET H 349 39.09 -30.39 -4.92
C MET H 349 38.78 -31.48 -5.95
N ILE H 350 38.19 -31.07 -7.08
CA ILE H 350 37.80 -32.00 -8.13
C ILE H 350 39.03 -32.64 -8.77
N ARG H 351 39.94 -31.81 -9.26
CA ARG H 351 41.12 -32.29 -9.97
C ARG H 351 42.03 -33.19 -9.10
N GLY H 352 42.00 -32.95 -7.80
CA GLY H 352 42.83 -33.71 -6.85
C GLY H 352 42.30 -35.09 -6.50
N GLY H 353 41.09 -35.41 -6.96
CA GLY H 353 40.50 -36.72 -6.76
C GLY H 353 39.76 -36.89 -5.44
N HIS H 354 39.42 -35.77 -4.80
CA HIS H 354 38.79 -35.80 -3.49
C HIS H 354 37.31 -36.14 -3.57
N VAL H 355 36.71 -35.94 -4.74
CA VAL H 355 35.31 -36.30 -4.97
C VAL H 355 35.24 -37.76 -5.44
N ASN H 356 34.35 -38.53 -4.83
CA ASN H 356 34.27 -39.97 -5.07
C ASN H 356 33.55 -40.32 -6.36
N LEU H 357 32.52 -39.55 -6.69
CA LEU H 357 31.63 -39.88 -7.80
C LEU H 357 31.11 -38.62 -8.48
N THR H 358 31.13 -38.61 -9.81
CA THR H 358 30.51 -37.51 -10.57
C THR H 358 29.34 -38.01 -11.41
N MET H 359 28.23 -37.28 -11.33
CA MET H 359 27.04 -37.56 -12.10
C MET H 359 26.93 -36.53 -13.21
N LEU H 360 27.09 -36.97 -14.46
CA LEU H 360 27.19 -36.06 -15.61
C LEU H 360 26.11 -36.28 -16.66
N GLY H 361 25.49 -35.19 -17.10
CA GLY H 361 24.61 -35.22 -18.28
C GLY H 361 25.45 -35.45 -19.53
N ALA H 362 24.82 -35.92 -20.60
CA ALA H 362 25.55 -36.26 -21.82
C ALA H 362 24.74 -36.04 -23.09
N MET H 363 25.47 -35.94 -24.21
CA MET H 363 24.89 -35.90 -25.56
C MET H 363 25.19 -37.21 -26.29
N GLN H 364 26.39 -37.74 -26.09
CA GLN H 364 26.77 -39.04 -26.63
C GLN H 364 27.70 -39.77 -25.66
N VAL H 365 27.73 -41.10 -25.77
CA VAL H 365 28.68 -41.95 -25.04
C VAL H 365 29.17 -43.08 -25.95
N SER H 366 30.44 -43.43 -25.83
CA SER H 366 31.06 -44.43 -26.69
C SER H 366 30.92 -45.85 -26.13
N LYS H 367 31.28 -46.82 -26.96
CA LYS H 367 31.32 -48.24 -26.59
C LYS H 367 32.28 -48.48 -25.42
N TYR H 368 33.45 -47.86 -25.49
CA TYR H 368 34.49 -48.04 -24.47
C TYR H 368 34.54 -46.89 -23.46
N GLY H 369 33.48 -46.08 -23.41
CA GLY H 369 33.31 -45.06 -22.36
C GLY H 369 33.80 -43.66 -22.64
N ASP H 370 34.11 -43.34 -23.90
CA ASP H 370 34.41 -41.95 -24.28
C ASP H 370 33.16 -41.12 -24.09
N LEU H 371 33.33 -39.91 -23.55
CA LEU H 371 32.20 -39.00 -23.32
C LEU H 371 32.25 -37.82 -24.30
N ALA H 372 31.06 -37.34 -24.68
CA ALA H 372 30.92 -36.14 -25.50
C ALA H 372 29.67 -35.44 -25.04
N ASN H 373 29.82 -34.22 -24.53
CA ASN H 373 28.66 -33.49 -24.00
C ASN H 373 28.76 -31.97 -24.00
N TRP H 374 29.64 -31.41 -24.84
CA TRP H 374 29.86 -29.95 -24.80
C TRP H 374 29.54 -29.19 -26.08
N MET H 375 29.60 -29.84 -27.24
CA MET H 375 29.29 -29.15 -28.49
C MET H 375 28.78 -30.07 -29.61
N ILE H 376 27.72 -29.61 -30.27
CA ILE H 376 27.29 -30.17 -31.56
C ILE H 376 27.75 -29.15 -32.61
N PRO H 377 28.83 -29.46 -33.36
CA PRO H 377 29.47 -28.50 -34.25
C PRO H 377 28.50 -27.79 -35.21
N GLY H 378 28.49 -26.46 -35.15
CA GLY H 378 27.65 -25.63 -36.01
C GLY H 378 26.19 -25.55 -35.63
N LYS H 379 25.80 -26.22 -34.55
CA LYS H 379 24.38 -26.36 -34.18
C LYS H 379 24.13 -25.92 -32.75
N LEU H 380 24.75 -26.61 -31.80
CA LEU H 380 24.55 -26.34 -30.39
C LEU H 380 25.90 -26.19 -29.68
N VAL H 381 26.15 -24.99 -29.15
CA VAL H 381 27.38 -24.70 -28.43
C VAL H 381 27.05 -24.51 -26.95
N LYS H 382 27.32 -25.56 -26.17
CA LYS H 382 27.12 -25.53 -24.71
C LYS H 382 28.41 -25.13 -24.01
N GLY H 383 29.52 -25.78 -24.38
CA GLY H 383 30.79 -25.60 -23.68
C GLY H 383 30.92 -26.69 -22.63
N MET H 384 32.17 -27.04 -22.30
CA MET H 384 32.43 -28.18 -21.43
C MET H 384 32.18 -27.92 -19.95
N GLY H 385 32.23 -26.65 -19.54
CA GLY H 385 32.11 -26.30 -18.12
C GLY H 385 33.18 -27.04 -17.34
N GLY H 386 32.81 -27.62 -16.21
CA GLY H 386 33.74 -28.43 -15.40
C GLY H 386 33.82 -29.91 -15.79
N ALA H 387 33.10 -30.30 -16.84
CA ALA H 387 32.98 -31.71 -17.21
C ALA H 387 34.29 -32.38 -17.59
N MET H 388 35.21 -31.63 -18.20
CA MET H 388 36.53 -32.18 -18.55
C MET H 388 37.38 -32.41 -17.30
N ASP H 389 37.21 -31.56 -16.29
CA ASP H 389 37.90 -31.71 -15.02
C ASP H 389 37.38 -32.89 -14.19
N LEU H 390 36.07 -33.07 -14.18
CA LEU H 390 35.42 -34.14 -13.41
C LEU H 390 35.76 -35.55 -13.91
N VAL H 391 35.94 -35.69 -15.22
CA VAL H 391 36.34 -36.97 -15.80
C VAL H 391 37.87 -37.17 -15.84
N SER H 392 38.62 -36.14 -15.44
CA SER H 392 40.09 -36.20 -15.48
C SER H 392 40.69 -37.03 -14.34
N SER H 393 40.00 -37.07 -13.21
CA SER H 393 40.51 -37.75 -12.02
C SER H 393 40.28 -39.26 -12.06
N ALA H 394 41.37 -40.02 -12.01
CA ALA H 394 41.31 -41.48 -11.96
C ALA H 394 40.63 -41.99 -10.69
N LYS H 395 40.70 -41.23 -9.61
CA LYS H 395 40.07 -41.62 -8.33
C LYS H 395 38.55 -41.39 -8.31
N THR H 396 38.01 -40.74 -9.34
CA THR H 396 36.60 -40.38 -9.36
C THR H 396 35.84 -41.24 -10.35
N LYS H 397 34.78 -41.91 -9.88
CA LYS H 397 33.92 -42.73 -10.71
C LYS H 397 32.96 -41.82 -11.47
N VAL H 398 32.68 -42.17 -12.74
CA VAL H 398 31.82 -41.37 -13.59
C VAL H 398 30.54 -42.11 -13.98
N VAL H 399 29.40 -41.51 -13.64
CA VAL H 399 28.08 -42.05 -13.98
C VAL H 399 27.33 -41.05 -14.88
N VAL H 400 26.89 -41.53 -16.05
CA VAL H 400 26.17 -40.69 -17.01
C VAL H 400 24.66 -40.90 -16.91
N THR H 401 23.93 -39.82 -16.64
CA THR H 401 22.46 -39.84 -16.58
C THR H 401 21.85 -39.04 -17.74
N MET H 402 21.49 -39.74 -18.81
CA MET H 402 20.98 -39.11 -20.04
C MET H 402 19.78 -39.87 -20.61
N GLU H 403 18.99 -39.18 -21.44
CA GLU H 403 17.97 -39.85 -22.25
C GLU H 403 18.67 -40.82 -23.21
N HIS H 404 18.00 -41.92 -23.52
CA HIS H 404 18.64 -43.00 -24.30
C HIS H 404 18.86 -42.62 -25.76
N SER H 405 17.87 -41.94 -26.36
CA SER H 405 17.93 -41.54 -27.76
C SER H 405 17.68 -40.04 -27.93
N ALA H 406 18.34 -39.44 -28.91
CA ALA H 406 18.22 -38.01 -29.20
C ALA H 406 16.98 -37.74 -30.05
N LYS H 407 16.80 -36.49 -30.46
CA LYS H 407 15.69 -36.10 -31.33
C LYS H 407 15.58 -36.98 -32.58
N GLY H 408 14.35 -37.29 -32.98
CA GLY H 408 14.08 -38.13 -34.15
C GLY H 408 14.50 -39.58 -33.96
N ASN H 409 14.44 -40.06 -32.72
CA ASN H 409 14.92 -41.40 -32.35
C ASN H 409 16.35 -41.67 -32.84
N ALA H 410 17.21 -40.65 -32.74
CA ALA H 410 18.60 -40.76 -33.13
C ALA H 410 19.42 -41.34 -31.97
N HIS H 411 20.39 -42.17 -32.29
CA HIS H 411 21.22 -42.84 -31.27
C HIS H 411 22.08 -41.84 -30.49
N LYS H 412 22.30 -42.13 -29.21
CA LYS H 412 23.26 -41.38 -28.39
C LYS H 412 24.40 -42.30 -27.91
N ILE H 413 24.06 -43.54 -27.59
CA ILE H 413 25.04 -44.58 -27.27
C ILE H 413 25.49 -45.21 -28.59
N MET H 414 26.80 -45.41 -28.77
CA MET H 414 27.31 -45.85 -30.07
C MET H 414 28.76 -46.35 -30.04
N GLU H 415 29.21 -46.88 -31.18
CA GLU H 415 30.55 -47.46 -31.33
C GLU H 415 31.64 -46.42 -31.09
N LYS H 416 31.49 -45.27 -31.72
CA LYS H 416 32.40 -44.15 -31.54
C LYS H 416 31.60 -42.85 -31.57
N CYS H 417 32.08 -41.83 -30.87
CA CYS H 417 31.40 -40.53 -30.83
C CYS H 417 31.72 -39.72 -32.09
N THR H 418 30.68 -39.13 -32.67
CA THR H 418 30.83 -38.26 -33.83
C THR H 418 31.01 -36.80 -33.39
N LEU H 419 30.50 -36.47 -32.21
CA LEU H 419 30.69 -35.14 -31.61
C LEU H 419 32.06 -35.05 -30.93
N PRO H 420 32.53 -33.82 -30.64
CA PRO H 420 33.82 -33.64 -29.94
C PRO H 420 33.82 -34.24 -28.53
N LEU H 421 34.93 -34.90 -28.18
CA LEU H 421 35.02 -35.61 -26.91
C LEU H 421 35.20 -34.68 -25.70
N THR H 422 34.54 -35.05 -24.60
CA THR H 422 34.82 -34.46 -23.29
C THR H 422 36.02 -35.18 -22.66
N GLY H 423 36.04 -36.51 -22.78
CA GLY H 423 37.17 -37.31 -22.31
C GLY H 423 37.15 -38.70 -22.91
N LYS H 424 38.31 -39.34 -22.98
CA LYS H 424 38.43 -40.69 -23.57
C LYS H 424 38.43 -41.78 -22.50
N GLN H 425 37.57 -42.79 -22.70
CA GLN H 425 37.45 -43.94 -21.82
C GLN H 425 37.42 -43.49 -20.36
N CYS H 426 36.40 -42.70 -20.03
CA CYS H 426 36.26 -42.10 -18.71
C CYS H 426 34.93 -42.43 -18.03
N VAL H 427 33.91 -42.81 -18.80
CA VAL H 427 32.61 -43.16 -18.23
C VAL H 427 32.64 -44.59 -17.72
N ASN H 428 32.11 -44.78 -16.51
CA ASN H 428 32.09 -46.09 -15.86
C ASN H 428 30.73 -46.76 -15.91
N ARG H 429 29.67 -45.95 -15.83
CA ARG H 429 28.29 -46.45 -15.92
C ARG H 429 27.40 -45.50 -16.72
N ILE H 430 26.38 -46.06 -17.37
CA ILE H 430 25.40 -45.27 -18.13
C ILE H 430 23.99 -45.62 -17.68
N ILE H 431 23.28 -44.64 -17.13
CA ILE H 431 21.88 -44.80 -16.72
C ILE H 431 20.96 -43.99 -17.63
N THR H 432 20.02 -44.67 -18.28
CA THR H 432 19.01 -44.01 -19.12
C THR H 432 17.61 -44.35 -18.59
N GLU H 433 16.58 -43.83 -19.26
CA GLU H 433 15.19 -44.16 -18.94
C GLU H 433 14.78 -45.55 -19.48
N LYS H 434 15.62 -46.11 -20.36
CA LYS H 434 15.37 -47.42 -20.96
C LYS H 434 16.19 -48.55 -20.33
N ALA H 435 17.44 -48.27 -19.95
CA ALA H 435 18.36 -49.31 -19.47
C ALA H 435 19.53 -48.76 -18.65
N VAL H 436 20.31 -49.66 -18.07
CA VAL H 436 21.53 -49.32 -17.34
C VAL H 436 22.69 -50.17 -17.85
N PHE H 437 23.82 -49.52 -18.16
CA PHE H 437 24.96 -50.22 -18.76
C PHE H 437 26.22 -50.11 -17.90
N ASP H 438 26.91 -51.23 -17.71
CA ASP H 438 28.25 -51.24 -17.14
C ASP H 438 29.25 -51.04 -18.28
N VAL H 439 30.11 -50.04 -18.14
CA VAL H 439 31.06 -49.69 -19.19
C VAL H 439 32.47 -50.10 -18.79
N ASP H 440 33.04 -51.06 -19.52
CA ASP H 440 34.45 -51.40 -19.37
C ASP H 440 35.23 -50.81 -20.52
N ARG H 441 36.44 -50.34 -20.23
CA ARG H 441 37.29 -49.68 -21.22
C ARG H 441 37.81 -50.63 -22.31
N LYS H 442 38.01 -51.90 -21.96
CA LYS H 442 38.52 -52.91 -22.90
C LYS H 442 37.41 -53.80 -23.45
N LYS H 443 36.54 -54.28 -22.57
CA LYS H 443 35.47 -55.21 -22.95
C LYS H 443 34.22 -54.52 -23.50
N GLY H 444 34.14 -53.20 -23.37
CA GLY H 444 33.00 -52.45 -23.89
C GLY H 444 31.79 -52.52 -22.96
N LEU H 445 30.60 -52.32 -23.53
CA LEU H 445 29.36 -52.22 -22.75
C LEU H 445 28.86 -53.57 -22.22
N THR H 446 28.12 -53.52 -21.12
CA THR H 446 27.44 -54.69 -20.55
C THR H 446 26.13 -54.25 -19.91
N LEU H 447 25.01 -54.77 -20.41
CA LEU H 447 23.69 -54.45 -19.85
C LEU H 447 23.51 -55.20 -18.53
N ILE H 448 23.42 -54.45 -17.44
CA ILE H 448 23.32 -55.03 -16.08
C ILE H 448 21.91 -54.90 -15.48
N GLU H 449 21.23 -53.81 -15.79
CA GLU H 449 19.81 -53.68 -15.45
C GLU H 449 19.01 -53.36 -16.70
N LEU H 450 17.69 -53.35 -16.60
CA LEU H 450 16.82 -53.17 -17.77
C LEU H 450 15.40 -52.75 -17.37
N TRP H 451 14.97 -51.59 -17.85
CA TRP H 451 13.61 -51.12 -17.60
C TRP H 451 12.60 -52.08 -18.24
N GLU H 452 11.45 -52.20 -17.59
CA GLU H 452 10.39 -53.12 -18.03
C GLU H 452 9.77 -52.71 -19.37
N GLY H 453 9.44 -53.70 -20.20
CA GLY H 453 8.79 -53.48 -21.49
C GLY H 453 9.80 -53.61 -22.60
N LEU H 454 10.79 -52.73 -22.58
CA LEU H 454 11.87 -52.77 -23.54
C LEU H 454 12.74 -53.99 -23.27
N THR H 455 12.66 -54.97 -24.16
CA THR H 455 13.48 -56.19 -24.06
C THR H 455 14.86 -55.89 -24.62
N VAL H 456 15.71 -56.92 -24.67
CA VAL H 456 17.05 -56.81 -25.25
C VAL H 456 17.01 -56.45 -26.75
N ASP H 457 15.86 -56.64 -27.41
CA ASP H 457 15.67 -56.24 -28.81
C ASP H 457 15.40 -54.75 -28.97
N ASP H 458 14.59 -54.18 -28.07
CA ASP H 458 14.27 -52.75 -28.09
C ASP H 458 15.51 -51.87 -27.83
N ILE H 459 16.38 -52.35 -26.94
CA ILE H 459 17.65 -51.69 -26.66
C ILE H 459 18.62 -51.85 -27.83
N LYS H 460 18.56 -52.99 -28.52
CA LYS H 460 19.43 -53.27 -29.67
C LYS H 460 19.27 -52.24 -30.79
N LYS H 461 18.02 -51.84 -31.05
CA LYS H 461 17.70 -50.89 -32.12
C LYS H 461 17.52 -49.45 -31.62
N SER H 462 17.81 -49.21 -30.34
CA SER H 462 17.92 -47.86 -29.78
C SER H 462 19.36 -47.51 -29.40
N THR H 463 20.25 -48.49 -29.46
CA THR H 463 21.68 -48.31 -29.18
C THR H 463 22.47 -48.58 -30.46
N GLY H 464 23.28 -47.62 -30.88
CA GLY H 464 24.05 -47.71 -32.12
C GLY H 464 25.26 -48.63 -32.10
N CYS H 465 25.41 -49.39 -31.01
CA CYS H 465 26.44 -50.42 -30.91
C CYS H 465 25.88 -51.67 -30.24
N ASP H 466 26.53 -52.80 -30.47
CA ASP H 466 26.15 -54.05 -29.83
C ASP H 466 26.60 -54.04 -28.37
N PHE H 467 25.94 -54.83 -27.53
CA PHE H 467 26.25 -54.90 -26.10
C PHE H 467 26.07 -56.31 -25.56
N ALA H 468 26.94 -56.70 -24.63
CA ALA H 468 26.83 -57.97 -23.93
C ALA H 468 25.74 -57.89 -22.87
N VAL H 469 24.96 -58.96 -22.72
CA VAL H 469 23.93 -59.04 -21.68
C VAL H 469 24.46 -59.88 -20.52
N SER H 470 24.42 -59.32 -19.32
CA SER H 470 24.99 -59.97 -18.14
C SER H 470 24.10 -61.13 -17.67
N PRO H 471 24.72 -62.25 -17.24
CA PRO H 471 23.97 -63.33 -16.61
C PRO H 471 23.15 -62.87 -15.40
N LYS H 472 23.68 -61.91 -14.64
CA LYS H 472 22.98 -61.36 -13.47
C LYS H 472 21.91 -60.30 -13.82
N LEU H 473 21.60 -60.13 -15.11
CA LEU H 473 20.65 -59.11 -15.55
C LEU H 473 19.38 -59.08 -14.69
N ILE H 474 18.89 -57.87 -14.41
CA ILE H 474 17.72 -57.67 -13.55
C ILE H 474 16.88 -56.50 -14.09
N PRO H 475 15.69 -56.26 -13.50
CA PRO H 475 14.95 -55.05 -13.87
C PRO H 475 15.60 -53.79 -13.31
N MET H 476 15.27 -52.63 -13.89
CA MET H 476 15.84 -51.35 -13.44
C MET H 476 15.19 -50.95 -12.11
N GLN H 477 16.03 -50.50 -11.18
CA GLN H 477 15.58 -50.16 -9.83
C GLN H 477 15.08 -48.73 -9.75
N GLN H 478 14.33 -48.44 -8.68
CA GLN H 478 13.78 -47.11 -8.44
C GLN H 478 13.85 -46.78 -6.94
N LEU H 479 14.25 -45.56 -6.62
CA LEU H 479 14.35 -45.11 -5.23
C LEU H 479 12.98 -44.77 -4.66
N GLU H 480 12.54 -45.51 -3.65
CA GLU H 480 11.38 -45.18 -2.80
C GLU H 480 11.02 -46.35 -1.88
#